data_8EAV
#
_entry.id   8EAV
#
loop_
_entity.id
_entity.type
_entity.pdbx_description
1 polymer 'YAR027W or YAR028W'
2 polymer 'YAR027W or YAR028W'
3 polymer 'YAR027W or YAR028W'
4 polymer 'YAR027W or YAR028W'
5 polymer 'subunit from the c ring of yeast VO complex'
6 polymer 'subunit from the c ring of yeast VO complex'
7 polymer 'YAR027W or YAR028W'
8 polymer 'YAR027W or YAR028W'
9 polymer 'YAR027W or YAR028W'
10 polymer 'YAR027W or YAR028W'
11 polymer 'YAR027W or YAR028W'
#
loop_
_entity_poly.entity_id
_entity_poly.type
_entity_poly.pdbx_seq_one_letter_code
_entity_poly.pdbx_strand_id
1 'polypeptide(L)'
;(UNK)(UNK)(UNK)(UNK)(UNK)(UNK)(UNK)(UNK)(UNK)(UNK)(UNK)(UNK)(UNK)(UNK)(UNK)(UNK)
(UNK)(UNK)(UNK)(UNK)(UNK)(UNK)(UNK)(UNK)(UNK)(UNK)(UNK)(UNK)(UNK)(UNK)(UNK)(UNK)
(UNK)(UNK)(UNK)(UNK)(UNK)(UNK)(UNK)(UNK)(UNK)(UNK)(UNK)(UNK)(UNK)(UNK)(UNK)(UNK)
(UNK)(UNK)(UNK)(UNK)(UNK)(UNK)(UNK)(UNK)(UNK)(UNK)(UNK)(UNK)(UNK)(UNK)(UNK)(UNK)
(UNK)(UNK)(UNK)(UNK)(UNK)(UNK)(UNK)(UNK)(UNK)(UNK)(UNK)(UNK)(UNK)(UNK)(UNK)(UNK)
(UNK)(UNK)(UNK)(UNK)(UNK)(UNK)(UNK)(UNK)(UNK)(UNK)(UNK)(UNK)(UNK)(UNK)(UNK)(UNK)
(UNK)(UNK)(UNK)(UNK)(UNK)(UNK)(UNK)(UNK)(UNK)(UNK)(UNK)(UNK)(UNK)(UNK)(UNK)(UNK)
(UNK)(UNK)(UNK)(UNK)(UNK)(UNK)(UNK)(UNK)(UNK)(UNK)(UNK)(UNK)(UNK)(UNK)(UNK)(UNK)
(UNK)(UNK)(UNK)(UNK)(UNK)(UNK)(UNK)(UNK)(UNK)(UNK)
;
A
2 'polypeptide(L)'
;(UNK)(UNK)(UNK)(UNK)(UNK)(UNK)(UNK)(UNK)(UNK)(UNK)(UNK)(UNK)(UNK)(UNK)(UNK)(UNK)
(UNK)(UNK)(UNK)(UNK)(UNK)(UNK)(UNK)(UNK)(UNK)(UNK)(UNK)(UNK)(UNK)(UNK)(UNK)(UNK)
(UNK)(UNK)(UNK)(UNK)(UNK)(UNK)(UNK)(UNK)(UNK)(UNK)(UNK)(UNK)(UNK)(UNK)(UNK)(UNK)
(UNK)(UNK)(UNK)(UNK)(UNK)(UNK)(UNK)(UNK)(UNK)(UNK)(UNK)(UNK)(UNK)(UNK)(UNK)(UNK)
(UNK)(UNK)(UNK)(UNK)(UNK)(UNK)(UNK)(UNK)(UNK)(UNK)(UNK)(UNK)(UNK)(UNK)(UNK)(UNK)
(UNK)(UNK)(UNK)(UNK)(UNK)(UNK)(UNK)(UNK)(UNK)(UNK)(UNK)(UNK)(UNK)(UNK)(UNK)(UNK)
(UNK)(UNK)(UNK)(UNK)(UNK)(UNK)(UNK)(UNK)(UNK)(UNK)(UNK)(UNK)(UNK)(UNK)(UNK)(UNK)
(UNK)(UNK)(UNK)(UNK)(UNK)(UNK)(UNK)(UNK)(UNK)(UNK)(UNK)(UNK)(UNK)(UNK)(UNK)(UNK)
(UNK)(UNK)(UNK)(UNK)(UNK)(UNK)(UNK)(UNK)(UNK)(UNK)(UNK)(UNK)(UNK)(UNK)(UNK)(UNK)
(UNK)(UNK)(UNK)(UNK)(UNK)(UNK)(UNK)(UNK)(UNK)(UNK)(UNK)(UNK)(UNK)(UNK)(UNK)(UNK)
(UNK)(UNK)(UNK)(UNK)(UNK)(UNK)(UNK)(UNK)(UNK)(UNK)(UNK)(UNK)(UNK)(UNK)(UNK)(UNK)
(UNK)(UNK)
;
Q
3 'polypeptide(L)'
;(UNK)(UNK)(UNK)(UNK)(UNK)(UNK)(UNK)(UNK)(UNK)(UNK)(UNK)(UNK)(UNK)(UNK)(UNK)(UNK)
(UNK)(UNK)(UNK)(UNK)(UNK)(UNK)(UNK)(UNK)(UNK)(UNK)(UNK)(UNK)(UNK)(UNK)(UNK)(UNK)
(UNK)(UNK)(UNK)(UNK)(UNK)(UNK)(UNK)(UNK)(UNK)(UNK)(UNK)(UNK)(UNK)(UNK)(UNK)(UNK)
(UNK)(UNK)(UNK)(UNK)(UNK)(UNK)(UNK)(UNK)(UNK)(UNK)(UNK)(UNK)(UNK)(UNK)(UNK)(UNK)
(UNK)(UNK)(UNK)(UNK)(UNK)(UNK)(UNK)(UNK)(UNK)(UNK)(UNK)(UNK)(UNK)(UNK)(UNK)(UNK)
(UNK)(UNK)(UNK)(UNK)(UNK)(UNK)(UNK)(UNK)(UNK)(UNK)(UNK)(UNK)(UNK)(UNK)(UNK)(UNK)
(UNK)(UNK)(UNK)(UNK)(UNK)(UNK)(UNK)(UNK)(UNK)(UNK)(UNK)(UNK)(UNK)(UNK)(UNK)(UNK)
(UNK)(UNK)(UNK)(UNK)(UNK)(UNK)(UNK)(UNK)(UNK)(UNK)(UNK)(UNK)(UNK)(UNK)(UNK)(UNK)
(UNK)(UNK)(UNK)(UNK)(UNK)(UNK)(UNK)(UNK)(UNK)(UNK)(UNK)(UNK)(UNK)(UNK)(UNK)(UNK)
(UNK)(UNK)(UNK)(UNK)(UNK)(UNK)(UNK)(UNK)(UNK)(UNK)(UNK)(UNK)(UNK)(UNK)(UNK)(UNK)
(UNK)(UNK)(UNK)(UNK)(UNK)(UNK)(UNK)(UNK)(UNK)(UNK)(UNK)(UNK)
;
K
4 'polypeptide(L)'
;(UNK)(UNK)(UNK)(UNK)(UNK)(UNK)(UNK)(UNK)(UNK)(UNK)(UNK)(UNK)(UNK)(UNK)(UNK)(UNK)
(UNK)(UNK)(UNK)(UNK)(UNK)(UNK)(UNK)(UNK)(UNK)(UNK)(UNK)(UNK)(UNK)(UNK)(UNK)(UNK)
(UNK)(UNK)(UNK)(UNK)(UNK)(UNK)(UNK)(UNK)(UNK)(UNK)(UNK)(UNK)(UNK)(UNK)(UNK)(UNK)
(UNK)(UNK)(UNK)(UNK)(UNK)(UNK)(UNK)(UNK)(UNK)(UNK)(UNK)(UNK)(UNK)(UNK)(UNK)(UNK)
(UNK)(UNK)(UNK)(UNK)(UNK)(UNK)(UNK)(UNK)(UNK)(UNK)(UNK)(UNK)(UNK)(UNK)(UNK)(UNK)
(UNK)(UNK)(UNK)(UNK)(UNK)(UNK)(UNK)(UNK)(UNK)(UNK)(UNK)(UNK)(UNK)(UNK)(UNK)(UNK)
(UNK)(UNK)(UNK)(UNK)(UNK)(UNK)(UNK)(UNK)(UNK)(UNK)(UNK)(UNK)(UNK)(UNK)(UNK)(UNK)
(UNK)(UNK)(UNK)(UNK)(UNK)(UNK)(UNK)(UNK)(UNK)(UNK)(UNK)(UNK)(UNK)(UNK)(UNK)(UNK)
(UNK)(UNK)(UNK)(UNK)(UNK)(UNK)(UNK)(UNK)(UNK)(UNK)(UNK)(UNK)(UNK)(UNK)(UNK)(UNK)
(UNK)(UNK)(UNK)(UNK)(UNK)(UNK)(UNK)(UNK)(UNK)(UNK)(UNK)(UNK)(UNK)(UNK)(UNK)(UNK)
(UNK)(UNK)(UNK)(UNK)(UNK)(UNK)(UNK)(UNK)
;
L
5 'polypeptide(L)'
;(UNK)(UNK)(UNK)(UNK)(UNK)(UNK)(UNK)(UNK)(UNK)(UNK)(UNK)(UNK)(UNK)(UNK)(UNK)(UNK)
(UNK)(UNK)(UNK)(UNK)(UNK)(UNK)(UNK)(UNK)(UNK)(UNK)(UNK)(UNK)(UNK)(UNK)(UNK)(UNK)
(UNK)(UNK)(UNK)(UNK)(UNK)(UNK)(UNK)(UNK)(UNK)(UNK)(UNK)(UNK)(UNK)(UNK)(UNK)(UNK)
(UNK)(UNK)(UNK)(UNK)(UNK)(UNK)(UNK)(UNK)(UNK)(UNK)(UNK)(UNK)(UNK)(UNK)(UNK)(UNK)
(UNK)(UNK)(UNK)(UNK)(UNK)(UNK)(UNK)(UNK)(UNK)(UNK)(UNK)(UNK)(UNK)(UNK)(UNK)(UNK)
(UNK)(UNK)(UNK)(UNK)(UNK)(UNK)(UNK)(UNK)(UNK)(UNK)(UNK)(UNK)(UNK)(UNK)(UNK)(UNK)
(UNK)(UNK)(UNK)(UNK)(UNK)(UNK)(UNK)(UNK)(UNK)(UNK)(UNK)(UNK)(UNK)(UNK)(UNK)(UNK)
(UNK)(UNK)(UNK)(UNK)(UNK)(UNK)(UNK)(UNK)(UNK)(UNK)(UNK)(UNK)(UNK)(UNK)(UNK)(UNK)
(UNK)(UNK)(UNK)(UNK)(UNK)(UNK)(UNK)(UNK)(UNK)(UNK)(UNK)(UNK)(UNK)(UNK)(UNK)(UNK)
(UNK)
;
k
6 'polypeptide(L)'
;(UNK)(UNK)(UNK)(UNK)(UNK)(UNK)(UNK)(UNK)(UNK)(UNK)(UNK)(UNK)(UNK)(UNK)(UNK)(UNK)
(UNK)(UNK)(UNK)(UNK)(UNK)(UNK)(UNK)(UNK)(UNK)(UNK)(UNK)(UNK)(UNK)(UNK)(UNK)(UNK)
(UNK)(UNK)(UNK)(UNK)(UNK)(UNK)(UNK)(UNK)(UNK)(UNK)(UNK)(UNK)(UNK)(UNK)(UNK)(UNK)
(UNK)(UNK)(UNK)(UNK)(UNK)(UNK)(UNK)(UNK)(UNK)(UNK)(UNK)(UNK)(UNK)(UNK)(UNK)(UNK)
(UNK)(UNK)(UNK)(UNK)(UNK)(UNK)(UNK)(UNK)(UNK)(UNK)(UNK)(UNK)(UNK)(UNK)(UNK)(UNK)
(UNK)(UNK)(UNK)(UNK)(UNK)(UNK)(UNK)(UNK)(UNK)(UNK)(UNK)(UNK)(UNK)(UNK)(UNK)(UNK)
(UNK)(UNK)(UNK)(UNK)(UNK)(UNK)(UNK)(UNK)(UNK)(UNK)(UNK)(UNK)(UNK)(UNK)(UNK)(UNK)
(UNK)(UNK)(UNK)(UNK)(UNK)(UNK)(UNK)(UNK)(UNK)(UNK)(UNK)(UNK)(UNK)(UNK)(UNK)(UNK)
(UNK)(UNK)(UNK)(UNK)(UNK)(UNK)(UNK)(UNK)(UNK)(UNK)(UNK)(UNK)(UNK)(UNK)(UNK)(UNK)
(UNK)(UNK)(UNK)(UNK)(UNK)(UNK)(UNK)(UNK)(UNK)(UNK)(UNK)(UNK)(UNK)(UNK)(UNK)
;
M,B,C,D,E,F,G,H
7 'polypeptide(L)'
;(UNK)(UNK)(UNK)(UNK)(UNK)(UNK)(UNK)(UNK)(UNK)(UNK)(UNK)(UNK)(UNK)(UNK)(UNK)(UNK)
(UNK)(UNK)(UNK)(UNK)(UNK)(UNK)(UNK)(UNK)(UNK)(UNK)(UNK)(UNK)(UNK)(UNK)(UNK)(UNK)
(UNK)(UNK)(UNK)(UNK)(UNK)(UNK)(UNK)(UNK)(UNK)(UNK)(UNK)(UNK)(UNK)(UNK)(UNK)(UNK)
(UNK)(UNK)(UNK)(UNK)(UNK)(UNK)(UNK)(UNK)(UNK)(UNK)(UNK)(UNK)(UNK)(UNK)(UNK)(UNK)
(UNK)(UNK)(UNK)(UNK)(UNK)(UNK)(UNK)(UNK)(UNK)(UNK)(UNK)(UNK)(UNK)(UNK)(UNK)(UNK)
(UNK)(UNK)(UNK)(UNK)(UNK)(UNK)(UNK)(UNK)(UNK)(UNK)(UNK)(UNK)(UNK)(UNK)(UNK)(UNK)
(UNK)(UNK)(UNK)(UNK)(UNK)(UNK)(UNK)(UNK)(UNK)(UNK)(UNK)(UNK)(UNK)(UNK)(UNK)(UNK)
(UNK)(UNK)(UNK)(UNK)(UNK)(UNK)(UNK)(UNK)(UNK)(UNK)(UNK)(UNK)(UNK)(UNK)(UNK)(UNK)
(UNK)(UNK)(UNK)(UNK)(UNK)(UNK)(UNK)(UNK)(UNK)(UNK)(UNK)(UNK)(UNK)(UNK)(UNK)(UNK)
(UNK)(UNK)(UNK)(UNK)(UNK)(UNK)(UNK)(UNK)(UNK)(UNK)(UNK)(UNK)(UNK)(UNK)(UNK)(UNK)
(UNK)(UNK)(UNK)(UNK)(UNK)(UNK)(UNK)(UNK)(UNK)(UNK)(UNK)(UNK)(UNK)(UNK)(UNK)(UNK)
(UNK)(UNK)(UNK)(UNK)(UNK)(UNK)(UNK)(UNK)(UNK)(UNK)(UNK)
;
I
8 'polypeptide(L)'
;(UNK)(UNK)(UNK)(UNK)(UNK)(UNK)(UNK)(UNK)(UNK)(UNK)(UNK)(UNK)(UNK)(UNK)(UNK)(UNK)
(UNK)(UNK)(UNK)(UNK)(UNK)(UNK)(UNK)(UNK)(UNK)(UNK)(UNK)(UNK)(UNK)(UNK)(UNK)(UNK)
(UNK)(UNK)(UNK)(UNK)(UNK)(UNK)(UNK)(UNK)(UNK)(UNK)(UNK)(UNK)(UNK)(UNK)(UNK)(UNK)
(UNK)(UNK)(UNK)(UNK)(UNK)(UNK)(UNK)(UNK)(UNK)(UNK)(UNK)(UNK)(UNK)(UNK)(UNK)(UNK)
(UNK)(UNK)(UNK)(UNK)(UNK)(UNK)(UNK)(UNK)(UNK)(UNK)(UNK)(UNK)(UNK)(UNK)(UNK)(UNK)
(UNK)(UNK)(UNK)(UNK)(UNK)(UNK)(UNK)(UNK)(UNK)(UNK)(UNK)(UNK)(UNK)(UNK)(UNK)(UNK)
(UNK)(UNK)(UNK)(UNK)(UNK)(UNK)(UNK)(UNK)(UNK)(UNK)(UNK)(UNK)(UNK)(UNK)(UNK)(UNK)
(UNK)(UNK)(UNK)(UNK)(UNK)(UNK)(UNK)(UNK)(UNK)(UNK)(UNK)(UNK)(UNK)(UNK)(UNK)(UNK)
(UNK)(UNK)(UNK)(UNK)(UNK)(UNK)(UNK)(UNK)(UNK)(UNK)(UNK)(UNK)(UNK)(UNK)(UNK)(UNK)
(UNK)(UNK)(UNK)(UNK)(UNK)(UNK)(UNK)(UNK)(UNK)(UNK)(UNK)(UNK)(UNK)(UNK)(UNK)(UNK)
(UNK)(UNK)
;
J
9 'polypeptide(L)'
;(UNK)(UNK)(UNK)(UNK)(UNK)(UNK)(UNK)(UNK)(UNK)(UNK)(UNK)(UNK)(UNK)(UNK)(UNK)(UNK)
(UNK)(UNK)(UNK)(UNK)(UNK)(UNK)(UNK)(UNK)(UNK)(UNK)(UNK)(UNK)(UNK)(UNK)(UNK)(UNK)
(UNK)(UNK)(UNK)(UNK)(UNK)(UNK)(UNK)(UNK)(UNK)(UNK)(UNK)(UNK)(UNK)(UNK)(UNK)(UNK)
(UNK)(UNK)(UNK)(UNK)(UNK)(UNK)(UNK)(UNK)(UNK)(UNK)(UNK)(UNK)(UNK)(UNK)(UNK)(UNK)
(UNK)(UNK)(UNK)(UNK)(UNK)(UNK)(UNK)(UNK)(UNK)(UNK)(UNK)(UNK)(UNK)(UNK)(UNK)(UNK)
(UNK)(UNK)(UNK)(UNK)(UNK)(UNK)(UNK)(UNK)(UNK)(UNK)(UNK)(UNK)(UNK)(UNK)(UNK)(UNK)
(UNK)(UNK)(UNK)(UNK)(UNK)(UNK)(UNK)(UNK)(UNK)(UNK)(UNK)(UNK)(UNK)(UNK)(UNK)(UNK)
(UNK)(UNK)(UNK)(UNK)(UNK)(UNK)(UNK)(UNK)(UNK)(UNK)(UNK)(UNK)(UNK)(UNK)(UNK)(UNK)
(UNK)(UNK)(UNK)(UNK)(UNK)(UNK)(UNK)(UNK)(UNK)(UNK)(UNK)(UNK)(UNK)(UNK)(UNK)(UNK)
(UNK)(UNK)(UNK)(UNK)(UNK)(UNK)(UNK)(UNK)(UNK)(UNK)(UNK)(UNK)(UNK)(UNK)(UNK)(UNK)
(UNK)(UNK)(UNK)(UNK)(UNK)(UNK)(UNK)(UNK)(UNK)(UNK)(UNK)(UNK)(UNK)(UNK)(UNK)(UNK)
(UNK)
;
N
10 'polypeptide(L)'
;(UNK)(UNK)(UNK)(UNK)(UNK)(UNK)(UNK)(UNK)(UNK)(UNK)(UNK)(UNK)(UNK)(UNK)(UNK)(UNK)
(UNK)(UNK)(UNK)(UNK)(UNK)(UNK)(UNK)(UNK)(UNK)(UNK)(UNK)(UNK)(UNK)(UNK)(UNK)(UNK)
(UNK)(UNK)(UNK)(UNK)(UNK)(UNK)(UNK)(UNK)(UNK)(UNK)(UNK)(UNK)(UNK)(UNK)(UNK)(UNK)
(UNK)(UNK)(UNK)(UNK)(UNK)(UNK)(UNK)(UNK)(UNK)(UNK)(UNK)(UNK)(UNK)(UNK)(UNK)(UNK)
(UNK)(UNK)(UNK)(UNK)(UNK)(UNK)(UNK)(UNK)(UNK)(UNK)(UNK)(UNK)(UNK)(UNK)(UNK)(UNK)
(UNK)(UNK)(UNK)(UNK)(UNK)(UNK)(UNK)(UNK)(UNK)(UNK)(UNK)(UNK)(UNK)(UNK)(UNK)(UNK)
(UNK)(UNK)(UNK)(UNK)(UNK)(UNK)(UNK)(UNK)(UNK)(UNK)(UNK)(UNK)(UNK)(UNK)(UNK)(UNK)
(UNK)(UNK)(UNK)(UNK)(UNK)(UNK)(UNK)(UNK)(UNK)(UNK)(UNK)(UNK)(UNK)(UNK)(UNK)(UNK)
(UNK)(UNK)(UNK)(UNK)(UNK)(UNK)(UNK)(UNK)(UNK)(UNK)(UNK)(UNK)(UNK)(UNK)(UNK)(UNK)
(UNK)(UNK)(UNK)(UNK)(UNK)(UNK)(UNK)(UNK)(UNK)(UNK)(UNK)(UNK)
;
O
11 'polypeptide(L)'
;(UNK)(UNK)(UNK)(UNK)(UNK)(UNK)(UNK)(UNK)(UNK)(UNK)(UNK)(UNK)(UNK)(UNK)(UNK)(UNK)
(UNK)(UNK)(UNK)(UNK)(UNK)(UNK)(UNK)(UNK)(UNK)(UNK)(UNK)(UNK)(UNK)(UNK)(UNK)(UNK)
(UNK)(UNK)(UNK)(UNK)(UNK)(UNK)(UNK)(UNK)(UNK)(UNK)(UNK)(UNK)(UNK)(UNK)(UNK)(UNK)
(UNK)(UNK)(UNK)(UNK)(UNK)(UNK)(UNK)(UNK)(UNK)(UNK)(UNK)(UNK)(UNK)(UNK)(UNK)(UNK)
(UNK)(UNK)(UNK)(UNK)(UNK)(UNK)(UNK)(UNK)(UNK)(UNK)(UNK)(UNK)(UNK)(UNK)(UNK)(UNK)
(UNK)(UNK)(UNK)(UNK)(UNK)(UNK)(UNK)(UNK)(UNK)(UNK)(UNK)(UNK)(UNK)(UNK)(UNK)(UNK)
(UNK)(UNK)(UNK)(UNK)(UNK)(UNK)(UNK)(UNK)(UNK)(UNK)(UNK)(UNK)(UNK)(UNK)(UNK)(UNK)
(UNK)(UNK)(UNK)(UNK)(UNK)(UNK)(UNK)(UNK)(UNK)(UNK)(UNK)(UNK)(UNK)(UNK)(UNK)(UNK)
(UNK)(UNK)(UNK)(UNK)(UNK)(UNK)(UNK)
;
P
#
# COMPACT_ATOMS: atom_id res chain seq x y z
N UNK A 1 37.39 17.66 39.62
CA UNK A 1 36.47 16.96 38.68
C UNK A 1 35.47 16.07 39.43
N UNK A 2 34.43 15.63 38.72
CA UNK A 2 33.33 14.77 39.18
C UNK A 2 32.44 15.35 40.31
N UNK A 3 31.30 14.69 40.56
CA UNK A 3 30.24 15.17 41.46
C UNK A 3 30.68 15.36 42.92
N UNK A 4 31.67 14.60 43.39
CA UNK A 4 32.17 14.69 44.76
C UNK A 4 32.75 16.06 45.11
N UNK A 5 33.54 16.65 44.19
CA UNK A 5 34.07 18.01 44.36
C UNK A 5 33.03 19.08 44.02
N UNK A 6 32.19 18.84 43.01
CA UNK A 6 31.17 19.79 42.55
C UNK A 6 29.95 19.95 43.49
N UNK A 7 29.86 19.17 44.58
CA UNK A 7 28.71 19.12 45.49
C UNK A 7 28.26 20.46 46.08
N UNK A 8 29.14 21.48 46.12
CA UNK A 8 28.81 22.85 46.50
C UNK A 8 27.70 23.48 45.63
N UNK A 9 27.54 23.04 44.38
CA UNK A 9 26.48 23.51 43.49
C UNK A 9 25.07 23.24 44.06
N UNK A 10 24.88 22.16 44.83
CA UNK A 10 23.60 21.84 45.46
C UNK A 10 23.15 22.88 46.50
N UNK A 11 24.09 23.59 47.13
CA UNK A 11 23.79 24.76 47.97
C UNK A 11 23.75 26.05 47.14
N UNK A 12 24.72 26.27 46.24
CA UNK A 12 24.83 27.52 45.48
C UNK A 12 23.64 27.78 44.54
N UNK A 13 23.06 26.75 43.93
CA UNK A 13 21.91 26.86 43.02
C UNK A 13 20.54 26.94 43.73
N UNK A 14 20.48 26.79 45.06
CA UNK A 14 19.24 26.51 45.80
C UNK A 14 18.14 27.59 45.68
N UNK A 15 18.51 28.84 45.43
CA UNK A 15 17.56 29.95 45.24
C UNK A 15 16.85 29.95 43.87
N UNK A 16 17.35 29.20 42.88
CA UNK A 16 16.81 29.18 41.51
C UNK A 16 15.39 28.61 41.45
N UNK A 17 -12.93 16.34 52.97
CA UNK A 17 -11.58 15.80 52.96
C UNK A 17 -11.08 15.40 51.55
N UNK A 18 -11.98 15.38 50.55
CA UNK A 18 -11.68 14.97 49.17
C UNK A 18 -10.62 15.84 48.47
N UNK A 19 -10.36 17.06 48.96
CA UNK A 19 -9.26 17.91 48.52
C UNK A 19 -7.87 17.25 48.65
N UNK A 20 -7.73 16.19 49.46
CA UNK A 20 -6.52 15.37 49.52
C UNK A 20 -6.11 14.77 48.14
N UNK A 21 -7.05 14.57 47.21
CA UNK A 21 -6.74 14.17 45.84
C UNK A 21 -5.96 15.26 45.08
N UNK A 22 -6.44 16.51 45.13
CA UNK A 22 -5.72 17.65 44.58
C UNK A 22 -4.37 17.90 45.29
N UNK A 23 -4.31 17.64 46.61
CA UNK A 23 -3.05 17.70 47.36
C UNK A 23 -2.02 16.67 46.86
N UNK A 24 -2.45 15.43 46.56
CA UNK A 24 -1.58 14.44 45.91
C UNK A 24 -1.21 14.88 44.47
N UNK A 25 -2.14 15.48 43.73
CA UNK A 25 -1.90 15.98 42.37
C UNK A 25 -0.87 17.12 42.31
N UNK A 26 -0.59 17.84 43.40
CA UNK A 26 0.47 18.85 43.44
C UNK A 26 1.88 18.30 43.11
N UNK A 27 2.10 17.00 43.27
CA UNK A 27 3.33 16.34 42.82
C UNK A 27 3.53 16.41 41.30
N UNK A 28 2.46 16.42 40.50
CA UNK A 28 2.54 16.65 39.05
C UNK A 28 2.86 18.11 38.73
N UNK A 29 2.32 19.08 39.48
CA UNK A 29 2.72 20.48 39.36
C UNK A 29 4.21 20.67 39.70
N UNK A 30 4.71 19.97 40.73
CA UNK A 30 6.13 19.93 41.05
C UNK A 30 6.97 19.28 39.93
N UNK A 31 6.51 18.19 39.32
CA UNK A 31 7.17 17.57 38.18
C UNK A 31 7.26 18.51 36.97
N UNK A 32 6.18 19.22 36.64
CA UNK A 32 6.19 20.25 35.61
C UNK A 32 7.13 21.43 35.96
N UNK A 33 7.14 21.88 37.21
CA UNK A 33 8.06 22.93 37.68
C UNK A 33 9.53 22.49 37.59
N UNK A 34 9.81 21.21 37.88
CA UNK A 34 11.13 20.61 37.69
C UNK A 34 11.52 20.49 36.20
N UNK A 35 10.55 20.26 35.31
CA UNK A 35 10.76 20.22 33.87
C UNK A 35 10.98 21.62 33.23
N UNK A 36 10.47 22.67 33.85
CA UNK A 36 10.54 24.04 33.33
C UNK A 36 11.95 24.65 33.42
N UNK A 37 12.72 24.59 32.33
CA UNK A 37 14.00 25.29 32.14
C UNK A 37 15.02 25.10 33.29
N UNK A 38 15.22 23.85 33.74
CA UNK A 38 16.04 23.52 34.91
C UNK A 38 17.51 24.00 34.85
N UNK A 39 18.05 24.16 33.64
CA UNK A 39 19.43 24.61 33.42
C UNK A 39 19.65 26.13 33.61
N UNK A 40 18.61 26.93 33.82
CA UNK A 40 18.66 28.40 33.75
C UNK A 40 19.66 29.11 34.69
N UNK A 41 20.07 28.48 35.79
CA UNK A 41 21.11 29.00 36.70
C UNK A 41 22.56 28.79 36.20
N UNK A 42 22.78 27.78 35.35
CA UNK A 42 24.09 27.47 34.78
C UNK A 42 24.48 28.43 33.64
N UNK A 43 25.71 28.31 33.14
CA UNK A 43 26.18 29.09 31.99
C UNK A 43 25.30 28.89 30.73
N UNK A 44 24.93 30.00 30.09
CA UNK A 44 24.02 30.07 28.93
C UNK A 44 24.48 31.15 27.93
N UNK A 45 23.61 31.60 27.01
CA UNK A 45 23.97 32.49 25.89
C UNK A 45 24.70 33.79 26.29
N UNK A 46 24.39 34.38 27.45
CA UNK A 46 25.12 35.54 27.97
C UNK A 46 26.56 35.21 28.40
N UNK A 47 26.78 34.05 29.01
CA UNK A 47 28.12 33.54 29.31
C UNK A 47 28.87 33.13 28.03
N UNK A 48 28.16 32.59 27.02
CA UNK A 48 28.73 32.36 25.71
C UNK A 48 29.16 33.67 25.03
N UNK A 49 28.39 34.75 25.17
CA UNK A 49 28.81 36.09 24.73
C UNK A 49 30.04 36.60 25.51
N UNK A 50 30.10 36.42 26.82
CA UNK A 50 31.28 36.74 27.62
C UNK A 50 32.53 35.94 27.16
N UNK A 51 32.36 34.66 26.85
CA UNK A 51 33.42 33.83 26.27
C UNK A 51 33.84 34.32 24.87
N UNK A 52 32.87 34.62 23.99
CA UNK A 52 33.13 35.14 22.66
C UNK A 52 33.86 36.50 22.68
N UNK A 53 33.56 37.38 23.64
CA UNK A 53 34.23 38.66 23.79
C UNK A 53 35.75 38.54 24.04
N UNK A 54 36.21 37.46 24.67
CA UNK A 54 37.64 37.13 24.76
C UNK A 54 38.12 36.32 23.53
N UNK A 55 37.47 35.19 23.25
CA UNK A 55 37.92 34.23 22.26
C UNK A 55 37.91 34.76 20.81
N UNK A 56 36.88 35.51 20.40
CA UNK A 56 36.78 36.02 19.03
C UNK A 56 37.79 37.15 18.75
N UNK A 57 38.14 37.93 19.77
CA UNK A 57 39.21 38.93 19.70
C UNK A 57 40.61 38.27 19.71
N UNK A 58 40.82 37.23 20.54
CA UNK A 58 42.09 36.54 20.66
C UNK A 58 42.42 35.64 19.46
N UNK A 59 41.45 34.85 18.99
CA UNK A 59 41.60 33.82 17.95
C UNK A 59 42.80 32.87 18.19
N UNK A 60 43.12 32.60 19.46
CA UNK A 60 44.31 31.85 19.89
C UNK A 60 44.22 30.34 19.55
N UNK A 61 45.36 29.65 19.57
CA UNK A 61 45.45 28.21 19.32
C UNK A 61 44.60 27.39 20.32
N UNK A 62 43.58 26.68 19.83
CA UNK A 62 42.72 25.84 20.66
C UNK A 62 43.44 24.67 21.35
N UNK A 63 44.59 24.24 20.82
CA UNK A 63 45.48 23.22 21.42
C UNK A 63 46.36 23.75 22.57
N UNK A 64 46.53 25.08 22.70
CA UNK A 64 47.38 25.70 23.70
C UNK A 64 46.61 26.03 25.01
N UNK A 65 47.35 26.25 26.10
CA UNK A 65 46.81 26.61 27.40
C UNK A 65 45.98 27.92 27.39
N UNK A 66 46.18 28.79 26.38
CA UNK A 66 45.39 29.99 26.15
C UNK A 66 43.87 29.70 26.04
N UNK A 67 43.48 28.53 25.50
CA UNK A 67 42.08 28.12 25.45
C UNK A 67 41.48 27.92 26.85
N UNK A 68 42.15 27.14 27.70
CA UNK A 68 41.73 26.90 29.09
C UNK A 68 41.81 28.17 29.96
N UNK A 69 42.83 29.02 29.77
CA UNK A 69 42.95 30.29 30.47
C UNK A 69 41.83 31.28 30.08
N UNK A 70 41.53 31.42 28.79
CA UNK A 70 40.40 32.23 28.31
C UNK A 70 39.07 31.68 28.84
N UNK A 71 38.89 30.36 28.87
CA UNK A 71 37.71 29.73 29.46
C UNK A 71 37.59 29.98 30.98
N UNK A 72 38.70 29.92 31.74
CA UNK A 72 38.72 30.25 33.16
C UNK A 72 38.34 31.73 33.43
N UNK A 73 38.92 32.65 32.66
CA UNK A 73 38.55 34.07 32.73
C UNK A 73 37.07 34.29 32.37
N UNK A 74 36.58 33.66 31.30
CA UNK A 74 35.19 33.76 30.87
C UNK A 74 34.20 33.20 31.91
N UNK A 75 34.50 32.05 32.51
CA UNK A 75 33.66 31.46 33.57
C UNK A 75 33.60 32.37 34.81
N UNK A 76 34.74 32.91 35.25
CA UNK A 76 34.79 33.86 36.35
C UNK A 76 34.00 35.15 36.04
N UNK A 77 34.17 35.70 34.83
CA UNK A 77 33.40 36.86 34.36
C UNK A 77 31.90 36.57 34.29
N UNK A 78 31.50 35.39 33.81
CA UNK A 78 30.10 34.98 33.76
C UNK A 78 29.47 34.84 35.16
N UNK A 79 30.19 34.25 36.12
CA UNK A 79 29.76 34.16 37.51
C UNK A 79 29.60 35.54 38.17
N UNK A 80 30.56 36.45 37.93
CA UNK A 80 30.52 37.83 38.44
C UNK A 80 29.38 38.65 37.81
N UNK A 81 29.13 38.50 36.51
CA UNK A 81 28.03 39.15 35.78
C UNK A 81 26.64 38.56 36.08
N UNK A 82 26.55 37.50 36.89
CA UNK A 82 25.37 36.66 37.08
C UNK A 82 24.83 36.00 35.79
N UNK A 83 25.65 35.95 34.72
CA UNK A 83 25.37 35.18 33.51
C UNK A 83 25.46 33.65 33.76
N UNK A 84 26.19 33.26 34.80
CA UNK A 84 25.95 32.04 35.57
C UNK A 84 25.71 32.46 37.03
N UNK A 85 24.82 31.78 37.76
CA UNK A 85 24.36 32.22 39.08
C UNK A 85 25.47 32.27 40.16
N UNK A 86 26.54 31.49 39.99
CA UNK A 86 27.72 31.39 40.85
C UNK A 86 28.88 30.74 40.05
N UNK A 87 30.11 30.79 40.57
CA UNK A 87 31.24 30.07 39.99
C UNK A 87 31.08 28.54 40.03
N UNK A 88 30.26 28.02 40.95
CA UNK A 88 29.82 26.62 40.95
C UNK A 88 28.80 26.28 39.84
N UNK A 89 28.04 27.25 39.35
CA UNK A 89 27.06 27.08 38.26
C UNK A 89 27.70 27.23 36.87
N UNK A 90 28.78 28.00 36.74
CA UNK A 90 29.67 27.93 35.59
C UNK A 90 30.45 26.60 35.56
N UNK A 91 30.90 26.16 34.38
CA UNK A 91 31.72 24.95 34.22
C UNK A 91 33.18 25.15 34.68
N UNK A 92 33.88 24.06 35.01
CA UNK A 92 35.32 24.07 35.25
C UNK A 92 36.09 24.51 33.98
N UNK A 93 37.31 25.05 34.11
CA UNK A 93 38.02 25.71 33.01
C UNK A 93 38.21 24.82 31.76
N UNK A 94 38.69 23.59 31.93
CA UNK A 94 38.86 22.65 30.81
C UNK A 94 37.50 22.26 30.18
N UNK A 95 36.48 22.03 31.01
CA UNK A 95 35.11 21.74 30.56
C UNK A 95 34.49 22.92 29.80
N UNK A 96 34.72 24.16 30.22
CA UNK A 96 34.28 25.37 29.55
C UNK A 96 35.00 25.56 28.19
N UNK A 97 36.31 25.30 28.12
CA UNK A 97 37.04 25.31 26.85
C UNK A 97 36.47 24.25 25.88
N UNK A 98 36.17 23.05 26.38
CA UNK A 98 35.51 21.99 25.61
C UNK A 98 34.08 22.40 25.18
N UNK A 99 33.31 23.08 26.02
CA UNK A 99 31.97 23.57 25.68
C UNK A 99 32.00 24.65 24.59
N UNK A 100 32.96 25.57 24.64
CA UNK A 100 33.17 26.55 23.56
C UNK A 100 33.55 25.85 22.24
N UNK A 101 34.46 24.86 22.27
CA UNK A 101 34.79 24.06 21.10
C UNK A 101 33.59 23.27 20.56
N UNK A 102 32.75 22.70 21.42
CA UNK A 102 31.53 22.00 21.03
C UNK A 102 30.52 22.96 20.37
N UNK A 103 30.29 24.14 20.94
CA UNK A 103 29.45 25.17 20.33
C UNK A 103 29.98 25.62 18.96
N UNK A 104 31.31 25.72 18.83
CA UNK A 104 31.99 26.08 17.59
C UNK A 104 32.02 24.96 16.52
N UNK A 105 31.74 23.70 16.87
CA UNK A 105 32.08 22.52 16.07
C UNK A 105 31.52 22.50 14.64
N UNK A 106 30.42 23.20 14.39
CA UNK A 106 29.82 23.40 13.07
C UNK A 106 29.46 24.87 12.77
N UNK A 107 30.02 25.84 13.49
CA UNK A 107 29.60 27.24 13.43
C UNK A 107 29.82 27.91 12.06
N UNK A 108 30.82 27.46 11.29
CA UNK A 108 31.06 27.93 9.93
C UNK A 108 29.88 27.68 8.98
N UNK A 109 29.00 26.72 9.28
CA UNK A 109 27.83 26.40 8.45
C UNK A 109 26.83 27.58 8.31
N UNK A 110 26.89 28.60 9.18
CA UNK A 110 26.13 29.83 9.02
C UNK A 110 26.45 30.58 7.71
N UNK A 111 27.67 30.44 7.17
CA UNK A 111 28.04 30.98 5.85
C UNK A 111 27.42 30.19 4.67
N UNK A 112 26.87 29.01 4.94
CA UNK A 112 26.30 28.08 3.96
C UNK A 112 24.79 27.79 4.18
N UNK A 113 24.10 28.63 4.96
CA UNK A 113 22.71 28.42 5.36
C UNK A 113 21.70 28.51 4.19
N UNK A 114 22.06 29.18 3.09
CA UNK A 114 21.26 29.33 1.86
C UNK A 114 19.80 29.74 2.14
N UNK A 115 22.95 37.42 13.67
CA UNK A 115 23.93 37.23 12.61
C UNK A 115 25.38 37.43 13.07
N UNK A 116 25.59 38.07 14.23
CA UNK A 116 26.90 38.43 14.76
C UNK A 116 27.82 37.24 15.06
N UNK A 117 27.25 36.04 15.26
CA UNK A 117 28.01 34.80 15.42
C UNK A 117 28.94 34.47 14.23
N UNK A 118 28.71 35.03 13.04
CA UNK A 118 29.60 34.88 11.89
C UNK A 118 31.03 35.39 12.18
N UNK A 119 31.18 36.46 12.97
CA UNK A 119 32.49 36.95 13.39
C UNK A 119 33.20 35.94 14.32
N UNK A 120 32.49 35.37 15.30
CA UNK A 120 33.03 34.33 16.16
C UNK A 120 33.38 33.05 15.38
N UNK A 121 32.58 32.66 14.39
CA UNK A 121 32.90 31.53 13.51
C UNK A 121 34.17 31.79 12.68
N UNK A 122 34.35 33.00 12.15
CA UNK A 122 35.57 33.39 11.45
C UNK A 122 36.81 33.34 12.37
N UNK A 123 36.68 33.82 13.60
CA UNK A 123 37.73 33.70 14.61
C UNK A 123 38.01 32.24 15.01
N UNK A 124 36.98 31.38 15.06
CA UNK A 124 37.15 29.94 15.33
C UNK A 124 37.96 29.23 14.23
N UNK A 125 37.78 29.60 12.96
CA UNK A 125 38.60 29.08 11.87
C UNK A 125 40.08 29.48 12.00
N UNK A 126 40.36 30.74 12.38
CA UNK A 126 41.71 31.20 12.70
C UNK A 126 42.30 30.49 13.94
N UNK A 127 41.50 30.30 14.99
CA UNK A 127 41.88 29.54 16.18
C UNK A 127 42.22 28.07 15.86
N UNK A 128 41.50 27.45 14.94
CA UNK A 128 41.77 26.09 14.46
C UNK A 128 43.07 26.00 13.62
N UNK A 129 43.33 26.98 12.75
CA UNK A 129 44.61 27.10 12.06
C UNK A 129 45.78 27.26 13.03
N UNK A 130 45.61 28.08 14.07
CA UNK A 130 46.58 28.22 15.15
C UNK A 130 46.72 26.94 16.00
N UNK A 131 45.65 26.16 16.21
CA UNK A 131 45.71 24.88 16.92
C UNK A 131 46.61 23.88 16.20
N UNK A 132 46.47 23.74 14.88
CA UNK A 132 47.34 22.92 14.06
C UNK A 132 48.82 23.36 14.18
N UNK A 133 49.11 24.66 14.11
CA UNK A 133 50.47 25.18 14.26
C UNK A 133 51.06 24.91 15.66
N UNK A 134 50.28 25.13 16.73
CA UNK A 134 50.71 24.85 18.10
C UNK A 134 50.98 23.35 18.34
N UNK A 135 50.19 22.47 17.73
CA UNK A 135 50.49 21.03 17.74
C UNK A 135 51.76 20.71 16.94
N UNK A 136 51.89 21.25 15.72
CA UNK A 136 53.03 21.03 14.82
C UNK A 136 54.38 21.53 15.37
N UNK A 137 54.35 22.51 16.27
CA UNK A 137 55.53 23.00 16.98
C UNK A 137 56.21 21.94 17.89
N UNK A 138 55.52 20.86 18.27
CA UNK A 138 56.07 19.80 19.13
C UNK A 138 57.27 19.08 18.49
N UNK B 1 4.96 57.86 30.49
CA UNK B 1 6.36 57.42 30.45
C UNK B 1 6.49 55.91 30.68
N UNK B 2 6.26 55.42 31.90
CA UNK B 2 6.42 54.00 32.24
C UNK B 2 5.44 53.08 31.47
N UNK B 3 5.91 51.88 31.12
CA UNK B 3 5.09 50.83 30.51
C UNK B 3 4.13 50.18 31.53
N UNK B 4 3.05 49.52 31.08
CA UNK B 4 1.96 49.05 31.94
C UNK B 4 2.40 48.18 33.14
N UNK B 5 3.25 47.17 32.89
CA UNK B 5 3.76 46.28 33.93
C UNK B 5 4.81 46.95 34.85
N UNK B 6 5.47 48.02 34.39
CA UNK B 6 6.36 48.84 35.21
C UNK B 6 5.59 49.83 36.11
N UNK B 7 4.44 50.33 35.66
CA UNK B 7 3.57 51.23 36.42
C UNK B 7 2.68 50.48 37.44
N UNK B 8 2.11 49.33 37.08
CA UNK B 8 1.31 48.49 37.96
C UNK B 8 2.15 47.77 39.04
N UNK B 9 1.50 47.18 40.04
CA UNK B 9 2.15 46.38 41.08
C UNK B 9 2.81 45.09 40.55
N UNK B 10 2.27 44.51 39.48
CA UNK B 10 2.79 43.32 38.81
C UNK B 10 2.28 43.23 37.36
N UNK B 11 2.96 42.46 36.51
CA UNK B 11 2.49 42.17 35.15
C UNK B 11 1.14 41.44 35.13
N UNK B 12 0.89 40.55 36.11
CA UNK B 12 -0.40 39.91 36.31
C UNK B 12 -1.50 40.94 36.64
N UNK B 13 -1.23 41.93 37.49
CA UNK B 13 -2.16 43.01 37.78
C UNK B 13 -2.45 43.89 36.54
N UNK B 14 -1.42 44.20 35.74
CA UNK B 14 -1.59 44.91 34.47
C UNK B 14 -2.47 44.13 33.48
N UNK B 15 -2.26 42.82 33.35
CA UNK B 15 -3.10 41.95 32.54
C UNK B 15 -4.54 41.91 33.07
N UNK B 16 -4.74 41.83 34.39
CA UNK B 16 -6.07 41.88 35.00
C UNK B 16 -6.78 43.22 34.72
N UNK B 17 -6.08 44.34 34.84
CA UNK B 17 -6.61 45.65 34.50
C UNK B 17 -7.00 45.74 33.02
N UNK B 18 -6.15 45.27 32.11
CA UNK B 18 -6.43 45.23 30.68
C UNK B 18 -7.65 44.33 30.35
N UNK B 19 -7.74 43.15 30.96
CA UNK B 19 -8.88 42.26 30.79
C UNK B 19 -10.18 42.86 31.35
N UNK B 20 -10.13 43.62 32.45
CA UNK B 20 -11.27 44.36 32.96
C UNK B 20 -11.66 45.56 32.07
N UNK B 21 -10.70 46.17 31.39
CA UNK B 21 -10.91 47.31 30.50
C UNK B 21 -11.52 46.91 29.14
N UNK B 22 -10.97 45.90 28.46
CA UNK B 22 -11.44 45.46 27.14
C UNK B 22 -12.80 44.73 27.26
N UNK B 23 -13.84 45.24 26.60
CA UNK B 23 -15.23 44.84 26.85
C UNK B 23 -15.47 43.34 26.66
N UNK B 24 -14.89 42.75 25.61
CA UNK B 24 -14.98 41.32 25.34
C UNK B 24 -14.27 40.49 26.42
N UNK B 25 -13.03 40.87 26.78
CA UNK B 25 -12.27 40.19 27.82
C UNK B 25 -12.97 40.27 29.19
N UNK B 26 -13.58 41.41 29.51
CA UNK B 26 -14.37 41.59 30.72
C UNK B 26 -15.60 40.67 30.74
N UNK B 27 -16.36 40.59 29.64
CA UNK B 27 -17.51 39.69 29.53
C UNK B 27 -17.11 38.22 29.69
N UNK B 28 -15.99 37.82 29.08
CA UNK B 28 -15.44 36.47 29.22
C UNK B 28 -14.98 36.16 30.66
N UNK B 29 -14.23 37.06 31.29
CA UNK B 29 -13.76 36.88 32.66
C UNK B 29 -14.92 36.81 33.67
N UNK B 30 -15.96 37.62 33.46
CA UNK B 30 -17.18 37.58 34.26
C UNK B 30 -17.89 36.22 34.14
N UNK B 31 -18.09 35.71 32.93
CA UNK B 31 -18.67 34.38 32.71
C UNK B 31 -17.83 33.27 33.36
N UNK B 32 -16.50 33.33 33.22
CA UNK B 32 -15.57 32.38 33.83
C UNK B 32 -15.63 32.40 35.36
N UNK B 33 -15.77 33.57 35.97
CA UNK B 33 -15.99 33.70 37.41
C UNK B 33 -17.39 33.19 37.84
N UNK B 34 -18.43 33.46 37.04
CA UNK B 34 -19.82 33.12 37.36
C UNK B 34 -20.14 31.62 37.23
N UNK B 35 -19.39 30.87 36.42
CA UNK B 35 -19.70 29.47 36.09
C UNK B 35 -19.85 28.56 37.34
N UNK B 36 -19.01 28.74 38.36
CA UNK B 36 -19.10 27.99 39.62
C UNK B 36 -20.38 28.31 40.41
N UNK B 37 -20.74 29.58 40.53
CA UNK B 37 -21.98 30.01 41.21
C UNK B 37 -23.24 29.51 40.47
N UNK B 38 -23.26 29.61 39.13
CA UNK B 38 -24.34 29.07 38.31
C UNK B 38 -24.46 27.53 38.44
N UNK B 39 -23.35 26.79 38.44
CA UNK B 39 -23.35 25.35 38.66
C UNK B 39 -23.85 24.97 40.07
N UNK B 40 -23.44 25.70 41.10
CA UNK B 40 -23.94 25.54 42.47
C UNK B 40 -25.44 25.83 42.60
N UNK B 41 -25.97 26.82 41.86
CA UNK B 41 -27.41 27.06 41.75
C UNK B 41 -28.15 25.92 41.03
N UNK B 42 -27.55 25.35 39.98
CA UNK B 42 -28.12 24.23 39.22
C UNK B 42 -28.09 22.89 39.95
N UNK B 43 -27.17 22.70 40.91
CA UNK B 43 -26.95 21.42 41.61
C UNK B 43 -28.15 20.87 42.41
N UNK B 44 -29.20 21.67 42.60
CA UNK B 44 -30.42 21.28 43.34
C UNK B 44 -31.23 20.14 42.67
N UNK B 45 -31.06 19.89 41.37
CA UNK B 45 -31.74 18.81 40.64
C UNK B 45 -30.83 18.21 39.55
N UNK B 46 -30.96 16.90 39.30
CA UNK B 46 -30.04 16.14 38.43
C UNK B 46 -30.05 16.63 36.97
N UNK B 47 -31.23 16.86 36.39
CA UNK B 47 -31.36 17.36 35.03
C UNK B 47 -30.81 18.79 34.85
N UNK B 48 -31.05 19.67 35.82
CA UNK B 48 -30.51 21.02 35.85
C UNK B 48 -28.98 21.02 35.96
N UNK B 49 -28.41 20.21 36.86
CA UNK B 49 -26.97 20.07 37.01
C UNK B 49 -26.31 19.58 35.72
N UNK B 50 -26.91 18.61 35.03
CA UNK B 50 -26.45 18.14 33.73
C UNK B 50 -26.50 19.24 32.65
N UNK B 51 -27.60 19.99 32.56
CA UNK B 51 -27.74 21.08 31.62
C UNK B 51 -26.71 22.20 31.87
N UNK B 52 -26.43 22.52 33.14
CA UNK B 52 -25.37 23.46 33.51
C UNK B 52 -23.97 22.92 33.15
N UNK B 53 -23.66 21.66 33.46
CA UNK B 53 -22.37 21.04 33.13
C UNK B 53 -22.12 21.02 31.61
N UNK B 54 -23.17 20.83 30.81
CA UNK B 54 -23.12 20.94 29.36
C UNK B 54 -22.86 22.38 28.87
N UNK B 55 -23.64 23.36 29.35
CA UNK B 55 -23.45 24.76 28.99
C UNK B 55 -22.07 25.32 29.40
N UNK B 56 -21.53 24.88 30.53
CA UNK B 56 -20.21 25.27 31.03
C UNK B 56 -19.07 24.93 30.04
N UNK B 57 -19.20 23.88 29.23
CA UNK B 57 -18.22 23.57 28.19
C UNK B 57 -18.19 24.64 27.09
N UNK B 58 -19.36 25.08 26.59
CA UNK B 58 -19.43 26.17 25.61
C UNK B 58 -18.90 27.50 26.20
N UNK B 59 -19.20 27.79 27.47
CA UNK B 59 -18.67 28.97 28.17
C UNK B 59 -17.14 28.92 28.33
N UNK B 60 -16.58 27.78 28.72
CA UNK B 60 -15.13 27.59 28.80
C UNK B 60 -14.47 27.73 27.41
N UNK B 61 -15.12 27.25 26.35
CA UNK B 61 -14.63 27.46 24.98
C UNK B 61 -14.60 28.95 24.61
N UNK B 62 -15.64 29.71 24.94
CA UNK B 62 -15.64 31.16 24.76
C UNK B 62 -14.54 31.85 25.58
N UNK B 63 -14.32 31.43 26.83
CA UNK B 63 -13.25 31.95 27.68
C UNK B 63 -11.85 31.65 27.10
N UNK B 64 -11.62 30.44 26.57
CA UNK B 64 -10.37 30.09 25.91
C UNK B 64 -10.16 30.88 24.60
N UNK B 65 -11.22 31.07 23.80
CA UNK B 65 -11.18 31.91 22.60
C UNK B 65 -10.83 33.37 22.92
N UNK B 66 -11.40 33.92 24.00
CA UNK B 66 -11.06 35.24 24.50
C UNK B 66 -9.61 35.30 25.03
N UNK B 67 -9.14 34.29 25.76
CA UNK B 67 -7.75 34.21 26.24
C UNK B 67 -6.74 34.21 25.08
N UNK B 68 -7.02 33.43 24.04
CA UNK B 68 -6.25 33.44 22.80
C UNK B 68 -6.27 34.82 22.14
N UNK B 69 -7.44 35.44 21.95
CA UNK B 69 -7.55 36.76 21.35
C UNK B 69 -6.80 37.85 22.14
N UNK B 70 -6.91 37.84 23.47
CA UNK B 70 -6.24 38.80 24.34
C UNK B 70 -4.71 38.67 24.30
N UNK B 71 -4.19 37.45 24.20
CA UNK B 71 -2.76 37.22 23.99
C UNK B 71 -2.30 37.62 22.57
N UNK B 72 -3.11 37.32 21.55
CA UNK B 72 -2.75 37.48 20.14
C UNK B 72 -2.87 38.90 19.56
N UNK B 73 -3.45 39.86 20.29
CA UNK B 73 -3.79 41.20 19.79
C UNK B 73 -2.61 42.00 19.19
N UNK B 74 -1.37 41.66 19.54
CA UNK B 74 -0.15 42.23 18.96
C UNK B 74 -0.02 42.01 17.43
N UNK B 75 -0.80 41.11 16.84
CA UNK B 75 -0.82 40.84 15.40
C UNK B 75 -1.29 42.02 14.52
N UNK B 76 -1.81 43.10 15.10
CA UNK B 76 -2.35 44.26 14.37
C UNK B 76 -1.31 44.94 13.45
N UNK B 77 -1.50 44.82 12.14
CA UNK B 77 -0.55 45.29 11.13
C UNK B 77 -0.33 46.82 11.18
N UNK B 78 -1.39 47.60 11.39
CA UNK B 78 -1.30 49.05 11.50
C UNK B 78 -0.39 49.48 12.67
N UNK B 79 -0.60 48.88 13.85
CA UNK B 79 0.19 49.15 15.05
C UNK B 79 1.65 48.70 14.87
N UNK B 80 1.88 47.53 14.27
CA UNK B 80 3.22 47.04 13.98
C UNK B 80 3.96 47.94 12.99
N UNK B 81 3.28 48.35 11.91
CA UNK B 81 3.84 49.29 10.94
C UNK B 81 4.16 50.65 11.58
N UNK B 82 3.26 51.18 12.41
CA UNK B 82 3.46 52.43 13.13
C UNK B 82 4.66 52.36 14.09
N UNK B 83 4.75 51.33 14.93
CA UNK B 83 5.86 51.14 15.86
C UNK B 83 7.19 50.96 15.14
N UNK B 84 7.20 50.21 14.03
CA UNK B 84 8.38 50.05 13.18
C UNK B 84 8.81 51.39 12.55
N UNK B 85 7.87 52.15 11.97
CA UNK B 85 8.16 53.45 11.36
C UNK B 85 8.69 54.45 12.40
N UNK B 86 8.11 54.46 13.61
CA UNK B 86 8.58 55.28 14.72
C UNK B 86 10.03 54.92 15.12
N UNK B 87 10.32 53.64 15.33
CA UNK B 87 11.67 53.18 15.67
C UNK B 87 12.70 53.47 14.56
N UNK B 88 12.33 53.27 13.29
CA UNK B 88 13.19 53.53 12.15
C UNK B 88 13.51 55.03 11.98
N UNK B 89 12.49 55.89 12.08
CA UNK B 89 12.70 57.35 12.05
C UNK B 89 13.51 57.84 13.27
N UNK B 90 13.38 57.19 14.43
CA UNK B 90 14.16 57.49 15.63
C UNK B 90 15.60 56.97 15.61
N UNK B 91 15.96 56.09 14.66
CA UNK B 91 17.24 55.37 14.62
C UNK B 91 17.57 54.63 15.93
N UNK B 92 16.54 54.07 16.58
CA UNK B 92 16.65 53.42 17.89
C UNK B 92 17.38 52.06 17.84
N UNK B 93 17.81 51.57 19.00
CA UNK B 93 18.35 50.22 19.18
C UNK B 93 17.94 49.63 20.55
N UNK B 94 17.71 48.31 20.60
CA UNK B 94 17.21 47.59 21.79
C UNK B 94 18.19 47.58 22.98
N UNK B 95 19.48 47.83 22.75
CA UNK B 95 20.50 47.97 23.80
C UNK B 95 20.37 49.28 24.61
N UNK B 96 19.51 50.22 24.19
CA UNK B 96 19.49 51.60 24.68
C UNK B 96 18.07 52.13 24.98
N UNK B 97 18.01 53.26 25.70
CA UNK B 97 16.77 53.93 26.10
C UNK B 97 15.89 54.38 24.90
N UNK B 98 16.44 54.50 23.70
CA UNK B 98 15.69 54.82 22.49
C UNK B 98 14.59 53.79 22.17
N UNK B 99 14.82 52.50 22.45
CA UNK B 99 13.77 51.48 22.31
C UNK B 99 12.69 51.60 23.40
N UNK B 100 13.05 52.00 24.63
CA UNK B 100 12.06 52.31 25.67
C UNK B 100 11.22 53.56 25.31
N UNK B 101 11.83 54.59 24.72
CA UNK B 101 11.10 55.73 24.17
C UNK B 101 10.15 55.32 23.03
N UNK B 102 10.61 54.46 22.11
CA UNK B 102 9.75 53.91 21.04
C UNK B 102 8.58 53.09 21.61
N UNK B 103 8.83 52.25 22.62
CA UNK B 103 7.77 51.53 23.33
C UNK B 103 6.80 52.48 24.04
N UNK B 104 7.28 53.55 24.68
CA UNK B 104 6.43 54.57 25.31
C UNK B 104 5.56 55.32 24.28
N UNK B 105 6.10 55.67 23.13
CA UNK B 105 5.32 56.22 22.03
C UNK B 105 4.26 55.23 21.52
N UNK B 106 4.61 53.94 21.37
CA UNK B 106 3.65 52.89 21.01
C UNK B 106 2.55 52.71 22.08
N UNK B 107 2.90 52.81 23.36
CA UNK B 107 1.94 52.80 24.46
C UNK B 107 0.99 54.02 24.39
N UNK B 108 1.52 55.22 24.15
CA UNK B 108 0.68 56.41 23.95
C UNK B 108 -0.25 56.25 22.73
N UNK B 109 0.26 55.66 21.65
CA UNK B 109 -0.49 55.33 20.44
C UNK B 109 -1.51 54.19 20.60
N UNK B 110 -1.59 53.49 21.74
CA UNK B 110 -2.53 52.38 21.91
C UNK B 110 -3.99 52.77 21.69
N UNK B 111 -4.37 53.98 22.10
CA UNK B 111 -5.69 54.55 21.83
C UNK B 111 -5.90 54.90 20.34
N UNK B 112 -4.86 55.39 19.65
CA UNK B 112 -4.91 55.66 18.21
C UNK B 112 -5.01 54.37 17.37
N UNK B 113 -4.34 53.30 17.82
CA UNK B 113 -4.51 51.94 17.32
C UNK B 113 -5.83 51.27 17.74
N UNK B 114 -6.60 51.91 18.64
CA UNK B 114 -7.82 51.39 19.26
C UNK B 114 -7.66 50.02 19.97
N UNK B 115 -6.44 49.67 20.37
CA UNK B 115 -6.17 48.43 21.09
C UNK B 115 -6.68 48.51 22.54
N UNK B 116 -6.30 49.58 23.24
CA UNK B 116 -6.78 49.96 24.57
C UNK B 116 -6.40 51.43 24.84
N UNK B 117 -7.05 52.08 25.80
CA UNK B 117 -6.58 53.39 26.29
C UNK B 117 -5.30 53.25 27.15
N UNK B 118 -5.19 52.16 27.92
CA UNK B 118 -4.04 51.83 28.74
C UNK B 118 -2.81 51.40 27.89
N UNK B 119 -1.62 51.43 28.50
CA UNK B 119 -0.35 51.04 27.88
C UNK B 119 -0.19 49.53 27.54
N UNK B 120 -1.27 48.74 27.59
CA UNK B 120 -1.26 47.28 27.41
C UNK B 120 -0.75 46.80 26.04
N UNK B 121 -0.85 47.62 24.99
CA UNK B 121 -0.31 47.33 23.66
C UNK B 121 1.24 47.28 23.62
N UNK B 122 1.90 47.83 24.64
CA UNK B 122 3.35 47.83 24.83
C UNK B 122 3.67 47.70 26.33
N UNK B 123 3.24 46.58 26.93
CA UNK B 123 3.14 46.42 28.39
C UNK B 123 4.48 46.50 29.16
N UNK B 124 5.62 46.18 28.54
CA UNK B 124 6.95 46.39 29.11
C UNK B 124 7.95 46.77 28.00
N UNK B 125 8.93 47.64 28.29
CA UNK B 125 9.87 48.15 27.29
C UNK B 125 10.75 47.05 26.67
N UNK B 126 11.30 46.16 27.50
CA UNK B 126 12.09 45.02 27.04
C UNK B 126 11.25 44.03 26.20
N UNK B 127 10.01 43.78 26.61
CA UNK B 127 9.07 42.95 25.85
C UNK B 127 8.71 43.57 24.49
N UNK B 128 8.50 44.89 24.44
CA UNK B 128 8.27 45.61 23.20
C UNK B 128 9.50 45.55 22.27
N UNK B 129 10.70 45.75 22.81
CA UNK B 129 11.94 45.62 22.05
C UNK B 129 12.15 44.18 21.52
N UNK B 130 11.78 43.16 22.31
CA UNK B 130 11.78 41.76 21.87
C UNK B 130 10.76 41.50 20.76
N UNK B 131 9.53 42.02 20.86
CA UNK B 131 8.52 41.91 19.81
C UNK B 131 8.94 42.63 18.52
N UNK B 132 9.58 43.79 18.63
CA UNK B 132 10.18 44.50 17.50
C UNK B 132 11.29 43.67 16.84
N UNK B 133 12.19 43.11 17.64
CA UNK B 133 13.23 42.20 17.13
C UNK B 133 12.62 40.96 16.45
N UNK B 134 11.54 40.39 17.00
CA UNK B 134 10.81 39.29 16.37
C UNK B 134 10.20 39.70 15.03
N UNK B 135 9.58 40.88 14.95
CA UNK B 135 9.06 41.41 13.69
C UNK B 135 10.18 41.63 12.66
N UNK B 136 11.34 42.17 13.08
CA UNK B 136 12.51 42.30 12.22
C UNK B 136 13.05 40.95 11.75
N UNK B 137 13.13 39.95 12.64
CA UNK B 137 13.54 38.59 12.30
C UNK B 137 12.59 37.93 11.28
N UNK B 138 11.28 38.14 11.42
CA UNK B 138 10.29 37.69 10.46
C UNK B 138 10.46 38.37 9.09
N UNK B 139 10.72 39.68 9.06
CA UNK B 139 11.01 40.44 7.85
C UNK B 139 12.35 40.07 7.19
N UNK B 140 13.30 39.51 7.94
CA UNK B 140 14.51 38.87 7.40
C UNK B 140 14.24 37.43 6.91
N UNK B 141 13.27 36.74 7.51
CA UNK B 141 12.75 35.44 7.09
C UNK B 141 11.61 35.59 6.05
N UNK B 142 10.58 34.75 6.12
CA UNK B 142 9.56 34.59 5.08
C UNK B 142 8.77 35.87 4.73
N UNK B 143 8.62 36.82 5.65
CA UNK B 143 7.95 38.09 5.38
C UNK B 143 8.75 39.02 4.43
N UNK B 144 9.99 38.66 4.05
CA UNK B 144 10.70 39.29 2.94
C UNK B 144 9.97 39.15 1.60
N UNK B 145 9.11 38.13 1.45
CA UNK B 145 8.28 37.86 0.27
C UNK B 145 9.05 37.70 -1.06
N UNK B 146 8.31 37.50 -2.16
CA UNK B 146 8.82 37.34 -3.53
C UNK B 146 9.99 36.34 -3.65
N UNK B 147 1.34 45.08 -1.70
CA UNK B 147 2.64 44.56 -1.27
C UNK B 147 3.61 45.65 -0.78
N UNK B 148 3.25 46.92 -0.93
CA UNK B 148 4.08 48.06 -0.51
C UNK B 148 4.33 48.07 1.01
N UNK B 149 3.42 47.53 1.82
CA UNK B 149 3.64 47.34 3.25
C UNK B 149 4.80 46.37 3.53
N UNK B 150 4.88 45.26 2.79
CA UNK B 150 6.01 44.33 2.87
C UNK B 150 7.31 45.00 2.40
N UNK B 151 7.26 45.82 1.34
CA UNK B 151 8.43 46.59 0.89
C UNK B 151 8.91 47.60 1.96
N UNK B 152 7.98 48.31 2.61
CA UNK B 152 8.30 49.18 3.73
C UNK B 152 8.85 48.40 4.94
N UNK B 153 8.31 47.22 5.22
CA UNK B 153 8.81 46.33 6.26
C UNK B 153 10.24 45.85 5.97
N UNK B 154 10.57 45.51 4.72
CA UNK B 154 11.93 45.15 4.33
C UNK B 154 12.92 46.31 4.47
N UNK B 155 12.51 47.53 4.08
CA UNK B 155 13.32 48.73 4.27
C UNK B 155 13.57 49.02 5.77
N UNK B 156 12.52 48.94 6.60
CA UNK B 156 12.64 49.06 8.05
C UNK B 156 13.52 47.94 8.64
N UNK B 157 13.40 46.72 8.16
CA UNK B 157 14.21 45.58 8.62
C UNK B 157 15.69 45.75 8.25
N UNK B 158 16.00 46.35 7.09
CA UNK B 158 17.37 46.70 6.74
C UNK B 158 17.95 47.74 7.72
N UNK B 159 17.19 48.76 8.08
CA UNK B 159 17.57 49.72 9.11
C UNK B 159 17.75 49.06 10.50
N UNK B 160 16.84 48.17 10.89
CA UNK B 160 16.93 47.41 12.15
C UNK B 160 18.16 46.49 12.20
N UNK B 161 18.46 45.79 11.10
CA UNK B 161 19.67 44.99 10.97
C UNK B 161 20.93 45.86 11.07
N UNK B 162 20.94 47.05 10.45
CA UNK B 162 22.03 48.00 10.59
C UNK B 162 22.21 48.48 12.05
N UNK B 163 21.12 48.80 12.76
CA UNK B 163 21.16 49.14 14.18
C UNK B 163 21.69 47.98 15.05
N UNK B 164 21.29 46.74 14.76
CA UNK B 164 21.83 45.57 15.44
C UNK B 164 23.34 45.36 15.15
N UNK B 165 23.80 45.56 13.91
CA UNK B 165 25.22 45.51 13.57
C UNK B 165 26.02 46.62 14.28
N UNK B 166 25.46 47.83 14.40
CA UNK B 166 26.06 48.90 15.19
C UNK B 166 26.12 48.56 16.69
N UNK B 167 25.06 47.92 17.24
CA UNK B 167 25.08 47.41 18.60
C UNK B 167 26.13 46.30 18.80
N UNK B 168 26.34 45.44 17.80
CA UNK B 168 27.40 44.43 17.83
C UNK B 168 28.82 45.03 17.78
N UNK B 169 29.01 46.14 17.06
CA UNK B 169 30.25 46.90 17.06
C UNK B 169 30.47 47.68 18.38
N UNK B 170 29.40 48.08 19.06
CA UNK B 170 29.40 48.65 20.42
C UNK B 170 29.55 47.56 21.51
N UNK B 171 29.08 47.84 22.73
CA UNK B 171 29.17 46.99 23.92
C UNK B 171 30.63 46.56 24.24
N UNK B 172 31.03 45.33 23.92
CA UNK B 172 32.42 44.85 23.98
C UNK B 172 33.29 45.43 22.83
N UNK B 173 33.31 46.75 22.70
CA UNK B 173 33.79 47.48 21.52
C UNK B 173 35.28 47.30 21.16
N UNK B 174 36.10 46.75 22.06
CA UNK B 174 37.48 46.38 21.77
C UNK B 174 37.59 45.18 20.81
N UNK B 175 36.58 44.30 20.77
CA UNK B 175 36.55 43.12 19.90
C UNK B 175 36.08 43.45 18.47
N UNK B 176 36.48 42.64 17.49
CA UNK B 176 35.94 42.71 16.14
C UNK B 176 34.46 42.24 16.09
N UNK B 177 33.70 42.73 15.10
CA UNK B 177 32.28 42.43 14.91
C UNK B 177 31.90 42.41 13.42
N UNK B 178 30.83 41.68 13.09
CA UNK B 178 30.26 41.51 11.74
C UNK B 178 31.30 41.16 10.65
N UNK C 1 -31.59 5.18 -55.53
CA UNK C 1 -31.63 5.96 -54.27
C UNK C 1 -31.05 5.15 -53.09
N UNK C 2 -30.72 5.84 -52.00
CA UNK C 2 -30.15 5.25 -50.79
C UNK C 2 -31.09 4.26 -50.08
N UNK C 3 -30.54 3.31 -49.32
CA UNK C 3 -31.32 2.36 -48.52
C UNK C 3 -32.24 3.06 -47.51
N UNK C 4 -31.78 4.18 -46.94
CA UNK C 4 -32.56 5.03 -46.04
C UNK C 4 -33.80 5.66 -46.72
N UNK C 5 -33.77 5.85 -48.04
CA UNK C 5 -34.95 6.23 -48.83
C UNK C 5 -35.79 5.01 -49.24
N UNK C 6 -35.15 3.89 -49.58
CA UNK C 6 -35.82 2.68 -50.03
C UNK C 6 -36.70 2.04 -48.94
N UNK C 7 -36.22 2.00 -47.70
CA UNK C 7 -37.01 1.57 -46.55
C UNK C 7 -38.09 2.61 -46.18
N UNK C 8 -39.23 2.13 -45.69
CA UNK C 8 -40.35 2.98 -45.26
C UNK C 8 -40.05 3.82 -44.00
N UNK C 9 -39.22 3.30 -43.08
CA UNK C 9 -38.88 3.91 -41.80
C UNK C 9 -37.56 3.35 -41.24
N UNK C 10 -36.95 4.03 -40.28
CA UNK C 10 -35.72 3.56 -39.63
C UNK C 10 -35.89 2.19 -38.94
N UNK C 11 -37.05 1.94 -38.34
CA UNK C 11 -37.41 0.63 -37.79
C UNK C 11 -37.52 -0.44 -38.89
N UNK C 12 -38.04 -0.11 -40.07
CA UNK C 12 -38.08 -1.03 -41.22
C UNK C 12 -36.67 -1.32 -41.75
N UNK C 13 -35.79 -0.32 -41.81
CA UNK C 13 -34.37 -0.53 -42.12
C UNK C 13 -33.69 -1.43 -41.07
N UNK C 14 -33.99 -1.24 -39.79
CA UNK C 14 -33.51 -2.10 -38.72
C UNK C 14 -34.06 -3.54 -38.83
N UNK C 15 -35.30 -3.74 -39.29
CA UNK C 15 -35.87 -5.05 -39.55
C UNK C 15 -35.20 -5.75 -40.74
N UNK C 16 -34.89 -5.01 -41.82
CA UNK C 16 -34.07 -5.51 -42.92
C UNK C 16 -32.67 -5.92 -42.40
N UNK C 17 -32.06 -5.10 -41.55
CA UNK C 17 -30.81 -5.42 -40.89
C UNK C 17 -30.92 -6.59 -39.88
N UNK C 18 -32.11 -6.89 -39.36
CA UNK C 18 -32.35 -8.10 -38.56
C UNK C 18 -32.29 -9.37 -39.41
N UNK C 19 -32.47 -9.28 -40.73
CA UNK C 19 -32.10 -10.35 -41.66
C UNK C 19 -30.62 -10.27 -42.07
N UNK C 20 -30.23 -9.17 -42.73
CA UNK C 20 -28.86 -8.89 -43.19
C UNK C 20 -28.16 -10.11 -43.84
N UNK C 21 -26.84 -10.28 -43.59
CA UNK C 21 -26.09 -11.46 -43.98
C UNK C 21 -26.59 -12.73 -43.26
N UNK C 22 -26.47 -13.89 -43.89
CA UNK C 22 -27.01 -15.14 -43.34
C UNK C 22 -26.48 -15.47 -41.93
N UNK C 23 -25.25 -15.06 -41.61
CA UNK C 23 -24.68 -15.19 -40.27
C UNK C 23 -25.44 -14.38 -39.20
N UNK C 24 -25.89 -13.18 -39.54
CA UNK C 24 -26.72 -12.36 -38.65
C UNK C 24 -28.06 -13.04 -38.37
N UNK C 25 -28.71 -13.58 -39.39
CA UNK C 25 -29.92 -14.39 -39.21
C UNK C 25 -29.64 -15.64 -38.34
N UNK C 26 -28.54 -16.35 -38.61
CA UNK C 26 -28.14 -17.53 -37.84
C UNK C 26 -27.88 -17.21 -36.36
N UNK C 27 -27.41 -16.00 -36.04
CA UNK C 27 -27.31 -15.51 -34.67
C UNK C 27 -28.68 -15.12 -34.08
N UNK C 28 -29.50 -14.38 -34.83
CA UNK C 28 -30.80 -13.90 -34.37
C UNK C 28 -31.77 -15.04 -33.99
N UNK C 29 -31.59 -16.22 -34.60
CA UNK C 29 -32.33 -17.44 -34.29
C UNK C 29 -32.31 -17.86 -32.81
N UNK C 30 -31.38 -17.35 -32.00
CA UNK C 30 -31.36 -17.58 -30.56
C UNK C 30 -32.67 -17.21 -29.85
N UNK C 31 -33.40 -16.19 -30.32
CA UNK C 31 -34.71 -15.86 -29.78
C UNK C 31 -35.74 -16.98 -30.00
N UNK C 32 -35.69 -17.65 -31.16
CA UNK C 32 -36.52 -18.82 -31.43
C UNK C 32 -36.11 -20.02 -30.56
N UNK C 33 -34.81 -20.24 -30.36
CA UNK C 33 -34.32 -21.28 -29.45
C UNK C 33 -34.81 -21.04 -28.01
N UNK C 34 -34.78 -19.79 -27.53
CA UNK C 34 -35.33 -19.42 -26.23
C UNK C 34 -36.84 -19.63 -26.15
N UNK C 35 -37.60 -19.27 -27.20
CA UNK C 35 -39.03 -19.54 -27.26
C UNK C 35 -39.34 -21.06 -27.19
N UNK C 36 -38.56 -21.89 -27.88
CA UNK C 36 -38.69 -23.34 -27.80
C UNK C 36 -38.39 -23.85 -26.37
N UNK C 37 -37.35 -23.34 -25.72
CA UNK C 37 -37.05 -23.66 -24.33
C UNK C 37 -38.19 -23.23 -23.39
N UNK C 38 -38.89 -22.13 -23.68
CA UNK C 38 -40.05 -21.65 -22.93
C UNK C 38 -41.32 -22.52 -23.12
N UNK C 39 -41.42 -23.25 -24.24
CA UNK C 39 -42.49 -24.23 -24.47
C UNK C 39 -42.21 -25.59 -23.81
N UNK C 40 -40.93 -25.98 -23.70
CA UNK C 40 -40.49 -27.20 -23.01
C UNK C 40 -40.65 -27.14 -21.48
N UNK C 41 -40.41 -28.28 -20.82
CA UNK C 41 -40.27 -28.42 -19.37
C UNK C 41 -41.37 -27.70 -18.55
N UNK C 42 -35.06 -30.41 -12.37
CA UNK C 42 -33.95 -31.35 -12.22
C UNK C 42 -32.92 -31.27 -13.36
N UNK C 43 -33.08 -30.36 -14.31
CA UNK C 43 -32.21 -30.16 -15.47
C UNK C 43 -32.11 -28.69 -15.91
N UNK C 44 -31.02 -28.33 -16.58
CA UNK C 44 -30.76 -26.96 -17.03
C UNK C 44 -31.72 -26.51 -18.16
N UNK C 45 -32.20 -25.26 -18.09
CA UNK C 45 -33.04 -24.64 -19.12
C UNK C 45 -32.92 -23.10 -19.11
N UNK C 46 -33.26 -22.43 -18.00
CA UNK C 46 -33.22 -20.98 -17.90
C UNK C 46 -31.79 -20.41 -18.05
N UNK C 47 -30.81 -21.06 -17.42
CA UNK C 47 -29.39 -20.72 -17.58
C UNK C 47 -28.86 -20.97 -19.00
N UNK C 48 -29.33 -22.01 -19.68
CA UNK C 48 -28.97 -22.26 -21.08
C UNK C 48 -29.53 -21.16 -22.01
N UNK C 49 -30.77 -20.73 -21.81
CA UNK C 49 -31.36 -19.60 -22.52
C UNK C 49 -30.60 -18.30 -22.27
N UNK C 50 -30.18 -18.05 -21.03
CA UNK C 50 -29.32 -16.92 -20.69
C UNK C 50 -27.93 -17.01 -21.39
N UNK C 51 -27.29 -18.18 -21.38
CA UNK C 51 -26.01 -18.42 -22.06
C UNK C 51 -26.12 -18.18 -23.58
N UNK C 52 -27.18 -18.70 -24.18
CA UNK C 52 -27.50 -18.45 -25.58
C UNK C 52 -27.73 -16.96 -25.86
N UNK C 53 -28.50 -16.26 -25.03
CA UNK C 53 -28.72 -14.83 -25.18
C UNK C 53 -27.41 -14.02 -25.06
N UNK C 54 -26.52 -14.39 -24.15
CA UNK C 54 -25.21 -13.75 -24.00
C UNK C 54 -24.33 -13.95 -25.24
N UNK C 55 -24.20 -15.19 -25.73
CA UNK C 55 -23.43 -15.50 -26.92
C UNK C 55 -24.01 -14.80 -28.16
N UNK C 56 -25.34 -14.82 -28.30
CA UNK C 56 -26.04 -14.11 -29.36
C UNK C 56 -25.82 -12.60 -29.28
N UNK C 57 -25.87 -11.99 -28.09
CA UNK C 57 -25.58 -10.57 -27.93
C UNK C 57 -24.14 -10.23 -28.33
N UNK C 58 -23.17 -11.06 -27.95
CA UNK C 58 -21.78 -10.88 -28.36
C UNK C 58 -21.62 -10.95 -29.89
N UNK C 59 -22.22 -11.96 -30.51
CA UNK C 59 -22.25 -12.07 -31.96
C UNK C 59 -22.95 -10.87 -32.62
N UNK C 60 -24.07 -10.43 -32.06
CA UNK C 60 -24.83 -9.30 -32.57
C UNK C 60 -24.03 -8.01 -32.50
N UNK C 61 -23.29 -7.79 -31.42
CA UNK C 61 -22.38 -6.66 -31.31
C UNK C 61 -21.30 -6.72 -32.40
N UNK C 62 -20.69 -7.89 -32.60
CA UNK C 62 -19.72 -8.08 -33.68
C UNK C 62 -20.35 -7.84 -35.07
N UNK C 63 -21.63 -8.18 -35.25
CA UNK C 63 -22.37 -7.92 -36.48
C UNK C 63 -22.75 -6.43 -36.65
N UNK C 64 -23.02 -5.72 -35.56
CA UNK C 64 -23.36 -4.31 -35.58
C UNK C 64 -22.13 -3.41 -35.78
N UNK C 65 -20.97 -3.81 -35.29
CA UNK C 65 -19.72 -3.05 -35.40
C UNK C 65 -19.21 -2.95 -36.85
N UNK C 66 -18.78 -1.76 -37.26
CA UNK C 66 -18.21 -1.54 -38.60
C UNK C 66 -16.85 -2.25 -38.76
N UNK C 67 -16.66 -2.93 -39.88
CA UNK C 67 -15.37 -3.51 -40.25
C UNK C 67 -14.38 -2.41 -40.69
N UNK C 68 -13.08 -2.68 -40.53
CA UNK C 68 -12.02 -1.88 -41.16
C UNK C 68 -11.90 -2.21 -42.67
N UNK C 69 -12.95 -1.91 -43.44
CA UNK C 69 -13.05 -2.20 -44.87
C UNK C 69 -12.18 -1.26 -45.72
N UNK C 70 -10.85 -1.38 -45.59
CA UNK C 70 -9.87 -0.40 -46.06
C UNK C 70 -10.01 -0.07 -47.56
N UNK C 71 -10.25 -1.07 -48.40
CA UNK C 71 -10.47 -0.87 -49.83
C UNK C 71 -11.68 0.04 -50.10
N UNK C 72 -12.83 -0.28 -49.50
CA UNK C 72 -14.04 0.52 -49.61
C UNK C 72 -13.84 1.94 -49.04
N UNK C 73 -13.21 2.04 -47.87
CA UNK C 73 -12.95 3.33 -47.22
C UNK C 73 -12.08 4.24 -48.10
N UNK C 74 -10.98 3.71 -48.64
CA UNK C 74 -10.10 4.45 -49.53
C UNK C 74 -10.81 4.87 -50.82
N UNK C 75 -11.58 3.98 -51.43
CA UNK C 75 -12.35 4.29 -52.64
C UNK C 75 -13.38 5.39 -52.36
N UNK C 76 -14.14 5.27 -51.26
CA UNK C 76 -15.11 6.26 -50.85
C UNK C 76 -14.45 7.62 -50.59
N UNK C 77 -13.32 7.64 -49.87
CA UNK C 77 -12.56 8.86 -49.61
C UNK C 77 -12.07 9.51 -50.92
N UNK C 78 -11.52 8.72 -51.85
CA UNK C 78 -11.07 9.22 -53.13
C UNK C 78 -12.24 9.81 -53.94
N UNK C 79 -13.36 9.10 -54.01
CA UNK C 79 -14.56 9.59 -54.68
C UNK C 79 -15.07 10.90 -54.04
N UNK C 80 -15.12 10.98 -52.71
CA UNK C 80 -15.54 12.17 -51.99
C UNK C 80 -14.61 13.36 -52.23
N UNK C 81 -13.29 13.12 -52.23
CA UNK C 81 -12.29 14.15 -52.50
C UNK C 81 -12.38 14.65 -53.95
N UNK C 82 -12.57 13.73 -54.92
CA UNK C 82 -12.79 14.08 -56.32
C UNK C 82 -14.09 14.88 -56.52
N UNK C 83 -15.17 14.48 -55.85
CA UNK C 83 -16.45 15.18 -55.86
C UNK C 83 -16.41 16.52 -55.09
N UNK C 84 -15.44 16.70 -54.20
CA UNK C 84 -15.37 17.80 -53.23
C UNK C 84 -16.69 17.97 -52.46
N UNK C 85 -17.29 16.85 -52.05
CA UNK C 85 -18.64 16.80 -51.49
C UNK C 85 -18.79 15.69 -50.43
N UNK C 86 -19.79 15.84 -49.56
CA UNK C 86 -20.09 14.93 -48.44
C UNK C 86 -21.60 14.80 -48.18
N UNK C 87 -21.99 13.82 -47.37
CA UNK C 87 -23.33 13.67 -46.82
C UNK C 87 -24.45 13.71 -47.89
N UNK C 88 -25.52 14.48 -47.69
CA UNK C 88 -26.68 14.53 -48.59
C UNK C 88 -26.34 14.98 -50.02
N UNK C 89 -25.40 15.91 -50.20
CA UNK C 89 -24.90 16.27 -51.52
C UNK C 89 -24.14 15.11 -52.19
N UNK C 90 -23.39 14.33 -51.40
CA UNK C 90 -22.71 13.12 -51.84
C UNK C 90 -23.55 11.84 -51.71
N UNK C 91 -24.89 11.92 -51.61
CA UNK C 91 -25.73 10.75 -51.40
C UNK C 91 -25.58 9.68 -52.50
N UNK C 92 -25.47 10.11 -53.76
CA UNK C 92 -25.20 9.20 -54.88
C UNK C 92 -23.85 8.48 -54.75
N UNK C 93 -22.79 9.19 -54.36
CA UNK C 93 -21.48 8.60 -54.11
C UNK C 93 -21.47 7.67 -52.89
N UNK C 94 -22.18 8.01 -51.81
CA UNK C 94 -22.32 7.16 -50.63
C UNK C 94 -23.11 5.88 -50.93
N UNK C 95 -24.20 5.98 -51.69
CA UNK C 95 -24.94 4.82 -52.18
C UNK C 95 -24.11 3.96 -53.14
N UNK C 96 -23.36 4.59 -54.05
CA UNK C 96 -22.42 3.89 -54.91
C UNK C 96 -21.34 3.17 -54.09
N UNK C 97 -20.80 3.78 -53.03
CA UNK C 97 -19.86 3.13 -52.12
C UNK C 97 -20.49 1.94 -51.39
N UNK C 98 -21.72 2.09 -50.89
CA UNK C 98 -22.44 0.97 -50.28
C UNK C 98 -22.68 -0.17 -51.29
N UNK C 99 -23.06 0.15 -52.53
CA UNK C 99 -23.19 -0.83 -53.59
C UNK C 99 -21.83 -1.48 -53.96
N UNK C 100 -20.75 -0.71 -53.99
CA UNK C 100 -19.40 -1.23 -54.23
C UNK C 100 -18.96 -2.20 -53.13
N UNK C 101 -19.28 -1.90 -51.87
CA UNK C 101 -19.06 -2.82 -50.76
C UNK C 101 -19.89 -4.11 -50.93
N UNK C 102 -21.17 -4.00 -51.28
CA UNK C 102 -22.01 -5.17 -51.55
C UNK C 102 -21.47 -6.02 -52.70
N UNK C 103 -21.02 -5.39 -53.78
CA UNK C 103 -20.40 -6.03 -54.93
C UNK C 103 -19.06 -6.71 -54.57
N UNK C 104 -18.24 -6.07 -53.74
CA UNK C 104 -16.97 -6.59 -53.25
C UNK C 104 -17.13 -7.71 -52.19
N UNK C 105 -18.35 -8.08 -51.80
CA UNK C 105 -18.69 -9.00 -50.72
C UNK C 105 -18.25 -8.52 -49.31
N UNK C 106 -18.48 -9.35 -48.28
CA UNK C 106 -18.32 -9.00 -46.87
C UNK C 106 -19.19 -7.80 -46.40
N UNK C 107 -20.35 -7.63 -47.03
CA UNK C 107 -21.41 -6.68 -46.67
C UNK C 107 -22.78 -7.28 -47.00
N UNK C 108 -23.84 -6.88 -46.31
CA UNK C 108 -25.13 -7.56 -46.38
C UNK C 108 -25.85 -7.41 -47.73
N UNK C 109 -26.22 -6.20 -48.14
CA UNK C 109 -26.99 -5.94 -49.35
C UNK C 109 -26.95 -4.48 -49.81
N UNK C 110 -27.30 -3.53 -48.94
CA UNK C 110 -27.40 -2.10 -49.27
C UNK C 110 -27.25 -1.16 -48.06
N UNK C 111 -27.82 -1.51 -46.91
CA UNK C 111 -27.90 -0.67 -45.71
C UNK C 111 -26.58 -0.52 -44.90
N UNK C 112 -25.42 -0.67 -45.54
CA UNK C 112 -24.12 -0.38 -44.92
C UNK C 112 -23.94 1.11 -44.65
N UNK C 113 -24.36 1.97 -45.59
CA UNK C 113 -24.62 3.39 -45.35
C UNK C 113 -26.03 3.61 -44.74
N UNK C 114 -26.26 4.72 -44.05
CA UNK C 114 -27.52 5.04 -43.37
C UNK C 114 -27.80 6.54 -43.25
N UNK C 115 -29.08 6.89 -43.08
CA UNK C 115 -29.61 8.25 -42.89
C UNK C 115 -29.17 9.31 -43.94
N UNK C 116 -28.63 8.87 -45.09
CA UNK C 116 -27.90 9.70 -46.05
C UNK C 116 -26.75 10.53 -45.45
N UNK C 117 -26.21 10.12 -44.29
CA UNK C 117 -25.28 10.91 -43.48
C UNK C 117 -24.28 10.08 -42.66
N UNK C 118 -24.65 8.87 -42.24
CA UNK C 118 -23.78 8.04 -41.41
C UNK C 118 -22.46 7.67 -42.11
N UNK C 119 -22.48 7.54 -43.44
CA UNK C 119 -21.26 7.34 -44.23
C UNK C 119 -20.33 8.56 -44.13
N UNK C 120 -20.86 9.78 -44.24
CA UNK C 120 -20.08 11.00 -44.07
C UNK C 120 -19.55 11.15 -42.63
N UNK C 121 -20.34 10.73 -41.64
CA UNK C 121 -19.87 10.64 -40.25
C UNK C 121 -18.71 9.64 -40.11
N UNK C 122 -18.79 8.46 -40.73
CA UNK C 122 -17.69 7.50 -40.73
C UNK C 122 -16.44 8.06 -41.45
N UNK C 123 -16.63 8.75 -42.56
CA UNK C 123 -15.54 9.44 -43.26
C UNK C 123 -14.89 10.50 -42.37
N UNK C 124 -15.69 11.30 -41.68
CA UNK C 124 -15.20 12.29 -40.72
C UNK C 124 -14.42 11.63 -39.57
N UNK C 125 -14.91 10.51 -39.02
CA UNK C 125 -14.20 9.77 -37.99
C UNK C 125 -12.85 9.26 -38.50
N UNK C 126 -12.83 8.64 -39.68
CA UNK C 126 -11.62 8.13 -40.30
C UNK C 126 -10.60 9.25 -40.59
N UNK C 127 -11.06 10.44 -40.98
CA UNK C 127 -10.20 11.61 -41.14
C UNK C 127 -9.68 12.13 -39.79
N UNK C 128 -10.55 12.26 -38.79
CA UNK C 128 -10.21 12.72 -37.45
C UNK C 128 -9.19 11.80 -36.76
N UNK C 129 -9.14 10.51 -37.12
CA UNK C 129 -8.22 9.55 -36.56
C UNK C 129 -6.74 9.98 -36.65
N UNK C 130 -6.33 10.66 -37.73
CA UNK C 130 -4.95 11.12 -37.86
C UNK C 130 -4.56 12.17 -36.81
N UNK C 131 -5.49 13.04 -36.41
CA UNK C 131 -5.29 13.94 -35.28
C UNK C 131 -5.39 13.19 -33.94
N UNK C 132 -6.37 12.29 -33.78
CA UNK C 132 -6.58 11.52 -32.56
C UNK C 132 -5.38 10.62 -32.19
N UNK C 133 -4.63 10.15 -33.19
CA UNK C 133 -3.44 9.32 -32.99
C UNK C 133 -2.32 9.99 -32.15
N UNK C 134 -2.33 11.32 -32.01
CA UNK C 134 -1.39 12.07 -31.18
C UNK C 134 -1.78 12.12 -29.67
N UNK C 135 -2.98 11.69 -29.29
CA UNK C 135 -3.50 11.79 -27.92
C UNK C 135 -2.65 11.03 -26.90
N UNK C 136 -3.16 6.30 -38.19
CA UNK C 136 -3.61 7.22 -39.23
C UNK C 136 -2.68 8.45 -39.36
N UNK C 137 -2.03 8.86 -38.27
CA UNK C 137 -0.77 9.60 -38.35
C UNK C 137 0.36 8.71 -38.91
N UNK C 138 0.29 7.41 -38.61
CA UNK C 138 1.09 6.34 -39.22
C UNK C 138 0.16 5.22 -39.71
N UNK C 139 0.33 4.81 -40.97
CA UNK C 139 -0.50 3.83 -41.67
C UNK C 139 0.20 3.33 -42.96
N UNK C 140 -0.49 2.48 -43.73
CA UNK C 140 -0.13 2.26 -45.13
C UNK C 140 -0.09 3.60 -45.89
N UNK C 141 0.99 3.84 -46.64
CA UNK C 141 1.27 5.15 -47.22
C UNK C 141 0.15 5.67 -48.14
N UNK C 142 -0.42 4.80 -48.98
CA UNK C 142 -1.53 5.16 -49.86
C UNK C 142 -2.80 5.53 -49.07
N UNK C 143 -3.07 4.85 -47.96
CA UNK C 143 -4.18 5.19 -47.08
C UNK C 143 -3.96 6.57 -46.45
N UNK C 144 -2.75 6.84 -45.94
CA UNK C 144 -2.39 8.15 -45.39
C UNK C 144 -2.50 9.27 -46.43
N UNK C 145 -2.08 9.02 -47.68
CA UNK C 145 -2.20 9.97 -48.77
C UNK C 145 -3.67 10.28 -49.10
N UNK C 146 -4.51 9.26 -49.25
CA UNK C 146 -5.93 9.43 -49.48
C UNK C 146 -6.59 10.20 -48.32
N UNK C 147 -6.22 9.88 -47.08
CA UNK C 147 -6.72 10.57 -45.90
C UNK C 147 -6.32 12.06 -45.90
N UNK C 148 -5.05 12.38 -46.21
CA UNK C 148 -4.59 13.75 -46.32
C UNK C 148 -5.38 14.51 -47.40
N UNK C 149 -5.61 13.90 -48.56
CA UNK C 149 -6.42 14.48 -49.63
C UNK C 149 -7.86 14.74 -49.17
N UNK C 150 -8.47 13.78 -48.48
CA UNK C 150 -9.80 13.93 -47.92
C UNK C 150 -9.88 15.06 -46.89
N UNK C 151 -8.89 15.19 -45.99
CA UNK C 151 -8.85 16.26 -45.01
C UNK C 151 -8.70 17.65 -45.67
N UNK C 152 -7.87 17.76 -46.71
CA UNK C 152 -7.73 19.00 -47.48
C UNK C 152 -9.04 19.36 -48.19
N UNK C 153 -9.68 18.39 -48.85
CA UNK C 153 -10.98 18.58 -49.49
C UNK C 153 -12.06 18.97 -48.47
N UNK C 154 -12.04 18.38 -47.27
CA UNK C 154 -12.96 18.73 -46.19
C UNK C 154 -12.74 20.16 -45.69
N UNK C 155 -11.50 20.63 -45.54
CA UNK C 155 -11.20 22.01 -45.16
C UNK C 155 -11.69 23.03 -46.21
N UNK C 156 -11.49 22.72 -47.50
CA UNK C 156 -12.06 23.54 -48.57
C UNK C 156 -13.60 23.51 -48.58
N UNK C 157 -14.21 22.35 -48.37
CA UNK C 157 -15.66 22.23 -48.25
C UNK C 157 -16.20 23.03 -47.05
N UNK C 158 -15.46 23.08 -45.94
CA UNK C 158 -15.81 23.92 -44.80
C UNK C 158 -15.72 25.42 -45.16
N UNK C 159 -14.68 25.84 -45.88
CA UNK C 159 -14.58 27.22 -46.37
C UNK C 159 -15.75 27.58 -47.30
N UNK C 160 -16.15 26.67 -48.19
CA UNK C 160 -17.32 26.85 -49.03
C UNK C 160 -18.62 26.91 -48.20
N UNK C 161 -18.81 26.00 -47.24
CA UNK C 161 -19.97 25.99 -46.35
C UNK C 161 -20.09 27.27 -45.50
N UNK C 162 -18.96 27.80 -45.04
CA UNK C 162 -18.92 29.08 -44.36
C UNK C 162 -19.35 30.23 -45.29
N UNK C 163 -18.85 30.27 -46.53
CA UNK C 163 -19.27 31.27 -47.51
C UNK C 163 -20.75 31.15 -47.86
N UNK C 164 -21.29 29.92 -47.91
CA UNK C 164 -22.72 29.69 -48.08
C UNK C 164 -23.54 30.18 -46.88
N UNK C 165 -23.05 29.95 -45.65
CA UNK C 165 -23.72 30.38 -44.43
C UNK C 165 -23.73 31.92 -44.28
N UNK C 166 -22.62 32.58 -44.63
CA UNK C 166 -22.49 34.03 -44.64
C UNK C 166 -21.36 34.45 -45.59
N UNK C 167 -21.70 34.86 -46.81
CA UNK C 167 -20.71 35.34 -47.77
C UNK C 167 -19.98 36.62 -47.31
N UNK C 168 -20.64 37.40 -46.45
CA UNK C 168 -20.10 38.60 -45.83
C UNK C 168 -19.05 38.34 -44.72
N UNK C 169 -18.88 37.10 -44.26
CA UNK C 169 -17.95 36.76 -43.20
C UNK C 169 -16.48 37.02 -43.58
N UNK C 170 -15.63 37.20 -42.55
CA UNK C 170 -14.17 37.22 -42.72
C UNK C 170 -13.63 35.89 -43.26
N UNK C 171 -12.41 35.91 -43.80
CA UNK C 171 -11.83 34.77 -44.49
C UNK C 171 -11.73 33.51 -43.62
N UNK C 172 -12.19 32.37 -44.15
CA UNK C 172 -12.04 31.04 -43.53
C UNK C 172 -10.59 30.55 -43.58
N UNK D 1 -0.70 -22.56 -68.67
CA UNK D 1 -0.18 -23.66 -67.82
C UNK D 1 -0.30 -23.33 -66.33
N UNK D 2 0.68 -22.65 -65.74
CA UNK D 2 0.80 -22.45 -64.28
C UNK D 2 -0.38 -21.70 -63.63
N UNK D 3 -1.11 -20.88 -64.40
CA UNK D 3 -2.31 -20.16 -63.96
C UNK D 3 -3.46 -21.09 -63.47
N UNK D 4 -3.42 -22.38 -63.80
CA UNK D 4 -4.37 -23.38 -63.30
C UNK D 4 -4.17 -23.73 -61.80
N UNK D 5 -3.01 -23.42 -61.20
CA UNK D 5 -2.72 -23.75 -59.79
C UNK D 5 -3.61 -22.99 -58.79
N UNK D 6 -3.92 -23.62 -57.67
CA UNK D 6 -4.76 -23.08 -56.60
C UNK D 6 -4.40 -23.69 -55.23
N UNK D 7 -4.80 -23.03 -54.15
CA UNK D 7 -4.60 -23.51 -52.78
C UNK D 7 -5.46 -24.74 -52.43
N UNK D 8 -5.18 -25.39 -51.30
CA UNK D 8 -5.68 -26.74 -51.02
C UNK D 8 -7.21 -26.88 -50.92
N UNK D 9 -7.98 -25.80 -50.73
CA UNK D 9 -9.44 -25.83 -50.79
C UNK D 9 -10.00 -26.14 -52.20
N UNK D 10 -9.18 -26.01 -53.26
CA UNK D 10 -9.52 -26.51 -54.59
C UNK D 10 -9.37 -28.05 -54.69
N UNK D 11 -8.48 -28.65 -53.89
CA UNK D 11 -8.22 -30.09 -53.87
C UNK D 11 -9.16 -30.85 -52.91
N UNK D 12 -9.28 -30.39 -51.65
CA UNK D 12 -10.23 -30.92 -50.68
C UNK D 12 -11.66 -30.46 -50.97
N UNK D 13 -12.67 -31.13 -50.40
CA UNK D 13 -14.06 -30.69 -50.48
C UNK D 13 -14.33 -29.40 -49.67
N UNK D 14 -13.53 -29.15 -48.63
CA UNK D 14 -13.60 -27.99 -47.72
C UNK D 14 -12.25 -27.78 -46.99
N UNK D 15 -12.00 -26.57 -46.46
CA UNK D 15 -10.83 -26.29 -45.64
C UNK D 15 -10.81 -27.08 -44.32
N UNK D 16 -11.98 -27.39 -43.74
CA UNK D 16 -12.10 -28.29 -42.60
C UNK D 16 -11.64 -29.72 -42.95
N UNK D 17 -12.01 -30.24 -44.12
CA UNK D 17 -11.54 -31.53 -44.61
C UNK D 17 -10.02 -31.52 -44.88
N UNK D 18 -9.49 -30.43 -45.45
CA UNK D 18 -8.05 -30.25 -45.59
C UNK D 18 -7.33 -30.26 -44.22
N UNK D 19 -7.89 -29.60 -43.20
CA UNK D 19 -7.35 -29.63 -41.84
C UNK D 19 -7.38 -31.04 -41.23
N UNK D 20 -8.46 -31.81 -41.44
CA UNK D 20 -8.52 -33.20 -41.01
C UNK D 20 -7.49 -34.07 -41.77
N UNK D 21 -7.27 -33.79 -43.05
CA UNK D 21 -6.27 -34.48 -43.88
C UNK D 21 -4.82 -34.15 -43.51
N UNK D 22 -4.57 -33.06 -42.76
CA UNK D 22 -3.25 -32.68 -42.28
C UNK D 22 -2.78 -33.58 -41.10
N UNK D 23 -2.45 -34.84 -41.40
CA UNK D 23 -2.05 -35.84 -40.42
C UNK D 23 -0.68 -35.56 -39.75
N UNK D 24 0.14 -34.66 -40.28
CA UNK D 24 1.48 -34.35 -39.78
C UNK D 24 1.65 -32.84 -39.52
N UNK D 25 3.18 -36.85 -37.85
CA UNK D 25 2.43 -37.78 -36.99
C UNK D 25 1.49 -37.07 -36.00
N UNK D 26 1.24 -35.78 -36.20
CA UNK D 26 0.36 -34.95 -35.38
C UNK D 26 -1.06 -35.52 -35.18
N UNK D 27 -1.52 -36.36 -36.11
CA UNK D 27 -2.75 -37.14 -35.97
C UNK D 27 -2.79 -37.97 -34.67
N UNK D 28 -1.65 -38.31 -34.08
CA UNK D 28 -1.56 -38.97 -32.78
C UNK D 28 -2.30 -38.21 -31.67
N UNK D 29 -2.37 -36.88 -31.73
CA UNK D 29 -3.13 -36.09 -30.76
C UNK D 29 -4.65 -36.32 -30.88
N UNK D 30 -5.17 -36.31 -32.12
CA UNK D 30 -6.57 -36.63 -32.37
C UNK D 30 -6.88 -38.09 -32.04
N UNK D 31 -5.96 -39.02 -32.32
CA UNK D 31 -6.08 -40.42 -31.91
C UNK D 31 -6.12 -40.58 -30.39
N UNK D 32 -5.31 -39.83 -29.64
CA UNK D 32 -5.36 -39.81 -28.18
C UNK D 32 -6.71 -39.28 -27.67
N UNK D 33 -7.24 -38.21 -28.28
CA UNK D 33 -8.57 -37.71 -27.97
C UNK D 33 -9.67 -38.76 -28.27
N UNK D 34 -9.57 -39.46 -29.41
CA UNK D 34 -10.48 -40.56 -29.75
C UNK D 34 -10.37 -41.72 -28.76
N UNK D 35 -9.17 -42.05 -28.27
CA UNK D 35 -8.96 -43.05 -27.22
C UNK D 35 -9.60 -42.61 -25.88
N UNK D 36 -9.53 -41.32 -25.54
CA UNK D 36 -10.25 -40.79 -24.38
C UNK D 36 -11.77 -40.92 -24.54
N UNK D 37 -12.30 -40.58 -25.72
CA UNK D 37 -13.72 -40.78 -26.03
C UNK D 37 -14.14 -42.27 -26.01
N UNK D 38 -13.24 -43.18 -26.42
CA UNK D 38 -13.47 -44.61 -26.30
C UNK D 38 -13.52 -45.06 -24.83
N UNK D 39 -12.58 -44.60 -24.01
CA UNK D 39 -12.61 -44.85 -22.56
C UNK D 39 -13.88 -44.26 -21.91
N UNK D 40 -14.39 -43.15 -22.43
CA UNK D 40 -15.65 -42.54 -21.99
C UNK D 40 -16.92 -43.38 -22.29
N UNK D 41 -16.83 -44.47 -23.06
CA UNK D 41 -17.93 -45.43 -23.19
C UNK D 41 -18.14 -46.30 -21.91
N UNK D 42 -17.14 -46.39 -21.04
CA UNK D 42 -17.22 -47.04 -19.73
C UNK D 42 -17.97 -46.16 -18.69
N UNK D 43 -17.96 -46.57 -17.42
CA UNK D 43 -18.56 -45.85 -16.28
C UNK D 43 -20.09 -45.62 -16.38
N UNK D 44 -20.78 -46.41 -17.22
CA UNK D 44 -22.25 -46.41 -17.32
C UNK D 44 -22.94 -46.85 -16.00
N UNK D 45 -22.24 -47.64 -15.18
CA UNK D 45 -22.64 -48.01 -13.81
C UNK D 45 -21.48 -47.91 -12.80
N UNK D 46 -20.23 -48.19 -13.23
CA UNK D 46 -19.02 -48.06 -12.43
C UNK D 46 -18.62 -46.58 -12.21
N UNK D 47 -19.36 -45.85 -11.37
CA UNK D 47 -19.21 -44.41 -11.16
C UNK D 47 -17.78 -43.98 -10.73
N UNK D 48 -17.07 -44.81 -9.96
CA UNK D 48 -15.69 -44.53 -9.52
C UNK D 48 -14.69 -44.39 -10.68
N UNK D 49 -14.93 -45.05 -11.82
CA UNK D 49 -14.05 -44.97 -12.99
C UNK D 49 -14.18 -43.64 -13.76
N UNK D 50 -15.30 -42.93 -13.63
CA UNK D 50 -15.52 -41.65 -14.32
C UNK D 50 -14.49 -40.58 -13.90
N UNK D 51 -14.00 -40.63 -12.66
CA UNK D 51 -12.96 -39.72 -12.17
C UNK D 51 -11.62 -39.91 -12.92
N UNK D 52 -11.17 -41.16 -13.07
CA UNK D 52 -10.00 -41.49 -13.87
C UNK D 52 -10.19 -41.13 -15.35
N UNK D 53 -11.39 -41.33 -15.89
CA UNK D 53 -11.72 -40.93 -17.26
C UNK D 53 -11.63 -39.40 -17.45
N UNK D 54 -12.18 -38.62 -16.53
CA UNK D 54 -12.04 -37.16 -16.54
C UNK D 54 -10.57 -36.72 -16.40
N UNK D 55 -9.78 -37.38 -15.54
CA UNK D 55 -8.35 -37.09 -15.38
C UNK D 55 -7.55 -37.34 -16.67
N UNK D 56 -7.79 -38.47 -17.34
CA UNK D 56 -7.21 -38.76 -18.65
C UNK D 56 -7.68 -37.75 -19.72
N UNK D 57 -8.96 -37.37 -19.71
CA UNK D 57 -9.50 -36.38 -20.64
C UNK D 57 -8.86 -34.99 -20.48
N UNK D 58 -8.53 -34.57 -19.25
CA UNK D 58 -7.80 -33.32 -19.01
C UNK D 58 -6.40 -33.35 -19.64
N UNK D 59 -5.65 -34.44 -19.47
CA UNK D 59 -4.36 -34.62 -20.13
C UNK D 59 -4.50 -34.63 -21.66
N UNK D 60 -5.50 -35.33 -22.19
CA UNK D 60 -5.79 -35.35 -23.62
C UNK D 60 -6.13 -33.95 -24.16
N UNK D 61 -6.93 -33.17 -23.45
CA UNK D 61 -7.23 -31.78 -23.81
C UNK D 61 -5.96 -30.92 -23.83
N UNK D 62 -5.05 -31.11 -22.86
CA UNK D 62 -3.77 -30.42 -22.86
C UNK D 62 -2.91 -30.78 -24.09
N UNK D 63 -2.83 -32.07 -24.43
CA UNK D 63 -2.12 -32.53 -25.63
C UNK D 63 -2.75 -31.95 -26.92
N UNK D 64 -4.08 -31.91 -26.99
CA UNK D 64 -4.81 -31.32 -28.10
C UNK D 64 -4.53 -29.81 -28.24
N UNK D 65 -4.50 -29.08 -27.13
CA UNK D 65 -4.12 -27.67 -27.13
C UNK D 65 -2.66 -27.48 -27.57
N UNK D 66 -1.75 -28.35 -27.10
CA UNK D 66 -0.32 -28.27 -27.39
C UNK D 66 0.04 -28.43 -28.88
N UNK D 67 -0.90 -28.86 -29.73
CA UNK D 67 -0.71 -28.90 -31.18
C UNK D 67 -0.48 -27.51 -31.82
N UNK D 68 -0.98 -26.44 -31.20
CA UNK D 68 -0.77 -25.05 -31.65
C UNK D 68 -1.08 -24.82 -33.14
N UNK D 69 -2.08 -25.54 -33.66
CA UNK D 69 -2.34 -25.69 -35.09
C UNK D 69 -1.06 -26.03 -35.89
N UNK D 70 4.33 -22.00 -36.50
CA UNK D 70 3.80 -21.38 -37.71
C UNK D 70 4.76 -20.36 -38.36
N UNK D 71 5.86 -20.02 -37.68
CA UNK D 71 6.81 -18.99 -38.10
C UNK D 71 7.60 -19.34 -39.37
N UNK D 72 7.95 -20.62 -39.54
CA UNK D 72 8.65 -21.19 -40.69
C UNK D 72 10.03 -20.58 -41.07
N UNK D 73 10.55 -19.64 -40.29
CA UNK D 73 11.95 -19.18 -40.27
C UNK D 73 12.57 -18.97 -41.67
N UNK D 74 13.64 -19.69 -42.00
CA UNK D 74 14.33 -19.57 -43.28
C UNK D 74 13.42 -19.90 -44.49
N UNK D 75 12.47 -20.83 -44.36
CA UNK D 75 11.52 -21.11 -45.43
C UNK D 75 10.55 -19.93 -45.63
N UNK D 76 10.10 -19.28 -44.57
CA UNK D 76 9.34 -18.03 -44.68
C UNK D 76 10.17 -16.91 -45.33
N UNK D 77 11.45 -16.79 -44.99
CA UNK D 77 12.35 -15.84 -45.63
C UNK D 77 12.51 -16.13 -47.14
N UNK D 78 12.63 -17.40 -47.53
CA UNK D 78 12.70 -17.80 -48.93
C UNK D 78 11.39 -17.46 -49.68
N UNK D 79 10.24 -17.72 -49.08
CA UNK D 79 8.94 -17.31 -49.62
C UNK D 79 8.85 -15.79 -49.76
N UNK D 80 9.29 -15.03 -48.75
CA UNK D 80 9.33 -13.58 -48.81
C UNK D 80 10.24 -13.07 -49.93
N UNK D 81 11.43 -13.67 -50.10
CA UNK D 81 12.34 -13.33 -51.20
C UNK D 81 11.71 -13.60 -52.58
N UNK D 82 11.05 -14.75 -52.74
CA UNK D 82 10.33 -15.08 -53.96
C UNK D 82 9.19 -14.08 -54.22
N UNK D 83 8.45 -13.67 -53.19
CA UNK D 83 7.40 -12.67 -53.31
C UNK D 83 7.95 -11.29 -53.72
N UNK D 84 9.04 -10.84 -53.11
CA UNK D 84 9.70 -9.59 -53.48
C UNK D 84 10.19 -9.61 -54.94
N UNK D 85 10.68 -10.76 -55.41
CA UNK D 85 11.03 -10.95 -56.81
C UNK D 85 9.80 -11.00 -57.74
N UNK D 86 8.70 -11.64 -57.30
CA UNK D 86 7.47 -11.75 -58.08
C UNK D 86 6.73 -10.40 -58.24
N UNK D 87 6.84 -9.53 -57.23
CA UNK D 87 6.28 -8.17 -57.19
C UNK D 87 4.75 -8.05 -57.39
N UNK D 88 3.99 -9.15 -57.32
CA UNK D 88 2.53 -9.11 -57.42
C UNK D 88 1.88 -8.56 -56.14
N UNK D 89 1.02 -7.54 -56.28
CA UNK D 89 0.31 -6.93 -55.16
C UNK D 89 -0.84 -7.82 -54.64
N UNK D 90 -1.16 -7.72 -53.35
CA UNK D 90 -2.24 -8.49 -52.71
C UNK D 90 -3.65 -8.15 -53.25
N UNK D 91 -3.80 -7.05 -54.00
CA UNK D 91 -5.01 -6.72 -54.75
C UNK D 91 -5.28 -7.64 -55.96
N UNK D 92 -4.33 -8.49 -56.37
CA UNK D 92 -4.41 -9.29 -57.59
C UNK D 92 -4.21 -10.80 -57.36
N UNK D 93 -4.88 -11.62 -58.17
CA UNK D 93 -4.80 -13.09 -58.12
C UNK D 93 -3.40 -13.65 -58.43
N UNK D 94 -2.52 -12.87 -59.07
CA UNK D 94 -1.11 -13.23 -59.25
C UNK D 94 -0.40 -13.46 -57.90
N UNK D 95 -0.69 -12.65 -56.87
CA UNK D 95 -0.17 -12.86 -55.52
C UNK D 95 -0.73 -14.15 -54.91
N UNK D 96 -2.01 -14.44 -55.11
CA UNK D 96 -2.63 -15.69 -54.67
C UNK D 96 -2.02 -16.93 -55.36
N UNK D 97 -1.71 -16.86 -56.67
CA UNK D 97 -1.04 -17.93 -57.40
C UNK D 97 0.39 -18.17 -56.89
N UNK D 98 1.18 -17.11 -56.71
CA UNK D 98 2.52 -17.21 -56.13
C UNK D 98 2.49 -17.73 -54.68
N UNK D 99 1.52 -17.29 -53.88
CA UNK D 99 1.29 -17.81 -52.53
C UNK D 99 0.92 -19.30 -52.56
N UNK D 100 0.11 -19.75 -53.52
CA UNK D 100 -0.22 -21.16 -53.68
C UNK D 100 1.05 -21.99 -53.99
N UNK D 101 1.93 -21.47 -54.86
CA UNK D 101 3.23 -22.09 -55.10
C UNK D 101 4.10 -22.14 -53.84
N UNK D 102 4.19 -21.04 -53.08
CA UNK D 102 4.92 -21.01 -51.81
C UNK D 102 4.34 -21.97 -50.77
N UNK D 103 3.01 -22.12 -50.71
CA UNK D 103 2.34 -23.07 -49.85
C UNK D 103 2.59 -24.53 -50.29
N UNK D 104 2.70 -24.80 -51.58
CA UNK D 104 3.11 -26.10 -52.11
C UNK D 104 4.60 -26.41 -51.84
N UNK D 105 5.44 -25.40 -51.60
CA UNK D 105 6.85 -25.58 -51.28
C UNK D 105 7.15 -26.15 -49.88
N UNK D 106 6.13 -26.57 -49.12
CA UNK D 106 6.30 -27.15 -47.79
C UNK D 106 7.20 -28.40 -47.77
N UNK D 107 7.19 -29.23 -48.82
CA UNK D 107 8.11 -30.35 -48.96
C UNK D 107 9.57 -29.90 -49.17
N UNK D 108 9.81 -28.86 -49.98
CA UNK D 108 11.12 -28.25 -50.13
C UNK D 108 11.61 -27.60 -48.82
N UNK D 109 10.68 -27.07 -48.02
CA UNK D 109 10.93 -26.58 -46.66
C UNK D 109 11.16 -27.71 -45.63
N UNK D 110 11.07 -28.98 -46.02
CA UNK D 110 11.11 -30.14 -45.13
C UNK D 110 10.05 -30.07 -44.00
N UNK D 111 8.86 -29.55 -44.33
CA UNK D 111 7.80 -29.19 -43.41
C UNK D 111 6.39 -29.54 -43.94
N UNK D 112 6.28 -30.56 -44.80
CA UNK D 112 5.03 -31.00 -45.43
C UNK D 112 4.08 -31.71 -44.43
N UNK D 113 3.43 -30.93 -43.58
CA UNK D 113 2.34 -31.38 -42.70
C UNK D 113 1.11 -31.89 -43.47
N UNK D 114 0.95 -31.41 -44.71
CA UNK D 114 -0.13 -31.68 -45.67
C UNK D 114 0.36 -31.46 -47.12
N UNK D 115 -0.51 -31.70 -48.11
CA UNK D 115 -0.20 -31.52 -49.54
C UNK D 115 0.19 -30.08 -49.93
N UNK D 116 -0.33 -29.08 -49.20
CA UNK D 116 0.13 -27.69 -49.23
C UNK D 116 -0.18 -26.98 -47.89
N UNK D 117 0.56 -25.93 -47.56
CA UNK D 117 0.49 -25.29 -46.24
C UNK D 117 -0.80 -24.49 -45.92
N UNK D 118 -1.62 -24.16 -46.93
CA UNK D 118 -2.78 -23.28 -46.78
C UNK D 118 -3.96 -23.67 -47.68
N UNK D 119 -5.18 -23.42 -47.22
CA UNK D 119 -6.42 -23.80 -47.89
C UNK D 119 -6.94 -22.76 -48.90
N UNK D 120 -7.06 -21.50 -48.51
CA UNK D 120 -7.61 -20.42 -49.36
C UNK D 120 -6.51 -19.47 -49.85
N UNK D 121 -6.46 -19.22 -51.16
CA UNK D 121 -5.30 -18.58 -51.80
C UNK D 121 -5.13 -17.08 -51.46
N UNK D 122 -6.22 -16.32 -51.45
CA UNK D 122 -6.20 -14.91 -51.05
C UNK D 122 -5.78 -14.75 -49.58
N UNK D 123 -6.29 -15.63 -48.70
CA UNK D 123 -5.93 -15.66 -47.29
C UNK D 123 -4.44 -16.01 -47.09
N UNK D 124 -3.88 -16.94 -47.87
CA UNK D 124 -2.46 -17.25 -47.82
C UNK D 124 -1.59 -16.05 -48.24
N UNK D 125 -1.94 -15.37 -49.34
CA UNK D 125 -1.22 -14.18 -49.78
C UNK D 125 -1.31 -13.07 -48.71
N UNK D 126 -2.48 -12.85 -48.11
CA UNK D 126 -2.66 -11.92 -47.01
C UNK D 126 -1.85 -12.33 -45.76
N UNK D 127 -1.76 -13.61 -45.42
CA UNK D 127 -0.98 -14.11 -44.30
C UNK D 127 0.53 -13.88 -44.50
N UNK D 128 1.04 -14.11 -45.70
CA UNK D 128 2.41 -13.77 -46.05
C UNK D 128 2.65 -12.25 -45.94
N UNK D 129 1.73 -11.43 -46.48
CA UNK D 129 1.79 -9.98 -46.35
C UNK D 129 1.79 -9.53 -44.88
N UNK D 130 0.98 -10.16 -44.02
CA UNK D 130 0.95 -9.90 -42.59
C UNK D 130 2.28 -10.28 -41.91
N UNK D 131 2.86 -11.44 -42.26
CA UNK D 131 4.15 -11.86 -41.74
C UNK D 131 5.27 -10.85 -42.06
N UNK D 132 5.20 -10.18 -43.21
CA UNK D 132 6.07 -9.04 -43.53
C UNK D 132 5.69 -7.76 -42.77
N UNK D 133 4.40 -7.40 -42.77
CA UNK D 133 3.88 -6.15 -42.19
C UNK D 133 4.08 -6.05 -40.67
N UNK D 134 4.19 -7.18 -39.97
CA UNK D 134 4.52 -7.25 -38.55
C UNK D 134 5.83 -6.53 -38.17
N UNK D 135 6.76 -6.33 -39.12
CA UNK D 135 7.97 -5.55 -38.91
C UNK D 135 7.71 -4.05 -38.63
N UNK D 136 6.54 -3.52 -39.01
CA UNK D 136 6.17 -2.12 -38.78
C UNK D 136 6.04 -1.81 -37.27
N UNK D 137 21.30 -11.65 -37.70
CA UNK D 137 20.19 -10.71 -37.87
C UNK D 137 20.10 -10.09 -39.28
N UNK D 138 21.01 -10.47 -40.19
CA UNK D 138 21.10 -9.92 -41.54
C UNK D 138 19.83 -10.11 -42.39
N UNK D 139 18.95 -11.06 -42.02
CA UNK D 139 17.63 -11.21 -42.61
C UNK D 139 16.78 -9.91 -42.53
N UNK D 140 17.05 -9.01 -41.58
CA UNK D 140 16.39 -7.71 -41.50
C UNK D 140 16.64 -6.85 -42.75
N UNK D 141 17.81 -6.93 -43.37
CA UNK D 141 18.09 -6.24 -44.62
C UNK D 141 17.24 -6.80 -45.78
N UNK D 142 17.09 -8.13 -45.86
CA UNK D 142 16.20 -8.76 -46.81
C UNK D 142 14.74 -8.34 -46.55
N UNK D 143 14.33 -8.23 -45.30
CA UNK D 143 13.02 -7.69 -44.94
C UNK D 143 12.86 -6.22 -45.37
N UNK D 144 13.90 -5.38 -45.29
CA UNK D 144 13.86 -4.02 -45.79
C UNK D 144 13.74 -3.97 -47.33
N UNK D 145 14.48 -4.82 -48.05
CA UNK D 145 14.31 -4.96 -49.49
C UNK D 145 12.89 -5.42 -49.86
N UNK D 146 12.35 -6.37 -49.10
CA UNK D 146 10.96 -6.81 -49.25
C UNK D 146 9.96 -5.70 -48.91
N UNK D 147 10.21 -4.86 -47.92
CA UNK D 147 9.36 -3.73 -47.59
C UNK D 147 9.37 -2.68 -48.72
N UNK D 148 10.51 -2.45 -49.36
CA UNK D 148 10.58 -1.61 -50.54
C UNK D 148 9.76 -2.21 -51.70
N UNK D 149 9.88 -3.51 -51.94
CA UNK D 149 9.04 -4.21 -52.92
C UNK D 149 7.55 -4.11 -52.57
N UNK D 150 7.18 -4.26 -51.29
CA UNK D 150 5.80 -4.10 -50.82
C UNK D 150 5.30 -2.67 -51.01
N UNK D 151 6.13 -1.66 -50.78
CA UNK D 151 5.79 -0.26 -51.04
C UNK D 151 5.55 -0.02 -52.53
N UNK D 152 6.38 -0.57 -53.41
CA UNK D 152 6.16 -0.50 -54.85
C UNK D 152 4.86 -1.21 -55.26
N UNK D 153 4.57 -2.40 -54.71
CA UNK D 153 3.34 -3.14 -54.96
C UNK D 153 2.09 -2.36 -54.50
N UNK D 154 2.14 -1.79 -53.29
CA UNK D 154 1.09 -0.93 -52.77
C UNK D 154 0.91 0.33 -53.64
N UNK D 155 2.00 0.94 -54.11
CA UNK D 155 1.94 2.07 -55.03
C UNK D 155 1.29 1.69 -56.39
N UNK D 156 1.56 0.49 -56.91
CA UNK D 156 0.91 -0.02 -58.11
C UNK D 156 -0.60 -0.25 -57.89
N UNK D 157 -1.00 -0.83 -56.76
CA UNK D 157 -2.41 -0.93 -56.38
C UNK D 157 -3.05 0.47 -56.27
N UNK D 158 -2.36 1.40 -55.62
CA UNK D 158 -2.70 2.83 -55.54
C UNK D 158 -2.47 3.61 -56.85
N UNK D 159 -2.33 2.92 -57.97
CA UNK D 159 -2.41 3.46 -59.33
C UNK D 159 -3.40 2.69 -60.22
N UNK D 160 -4.10 1.66 -59.70
CA UNK D 160 -4.92 0.77 -60.52
C UNK D 160 -6.15 0.17 -59.81
N UNK D 161 -6.00 -0.46 -58.64
CA UNK D 161 -7.00 -1.39 -58.07
C UNK D 161 -8.40 -0.79 -57.98
N UNK D 162 -8.50 0.41 -57.40
CA UNK D 162 -9.55 1.40 -57.70
C UNK D 162 -8.93 2.69 -58.28
N UNK D 163 -7.66 2.95 -57.97
CA UNK D 163 -6.91 4.14 -58.35
C UNK D 163 -6.57 4.27 -59.85
N UNK D 164 -7.13 3.42 -60.71
CA UNK D 164 -7.33 3.78 -62.11
C UNK D 164 -8.16 5.08 -62.26
N UNK D 165 -8.93 5.47 -61.23
CA UNK D 165 -9.54 6.79 -61.09
C UNK D 165 -8.55 7.96 -61.00
N UNK D 166 -7.25 7.70 -60.82
CA UNK D 166 -6.15 8.68 -60.77
C UNK D 166 -6.32 9.74 -59.66
N UNK D 167 -5.68 10.89 -59.83
CA UNK D 167 -5.59 12.02 -58.87
C UNK D 167 -4.93 11.68 -57.52
N UNK D 168 -4.18 10.57 -57.44
CA UNK D 168 -3.38 10.19 -56.28
C UNK D 168 -2.18 11.13 -56.05
N UNK E 1 -41.05 -15.79 29.51
CA UNK E 1 -41.79 -15.81 28.23
C UNK E 1 -40.86 -16.03 27.04
N UNK E 2 -41.41 -16.43 25.89
CA UNK E 2 -40.70 -16.74 24.65
C UNK E 2 -41.52 -16.28 23.44
N UNK E 3 -40.88 -16.19 22.27
CA UNK E 3 -41.24 -15.30 21.16
C UNK E 3 -41.19 -13.83 21.62
N UNK E 4 -42.03 -13.47 22.59
CA UNK E 4 -41.76 -12.40 23.54
C UNK E 4 -40.65 -12.84 24.54
N UNK E 5 -39.49 -13.24 24.01
CA UNK E 5 -38.32 -13.62 24.80
C UNK E 5 -37.69 -12.41 25.52
N UNK E 6 -37.08 -12.63 26.68
CA UNK E 6 -36.48 -11.55 27.48
C UNK E 6 -35.36 -10.80 26.72
N UNK E 7 -34.66 -11.49 25.82
CA UNK E 7 -33.65 -10.89 24.96
C UNK E 7 -34.21 -9.93 23.90
N UNK E 8 -35.49 -10.06 23.53
CA UNK E 8 -35.98 -9.58 22.24
C UNK E 8 -35.85 -8.07 22.06
N UNK E 9 -36.39 -7.28 23.00
CA UNK E 9 -36.31 -5.83 22.93
C UNK E 9 -34.86 -5.36 22.89
N UNK E 10 -33.95 -6.00 23.64
CA UNK E 10 -32.55 -5.61 23.68
C UNK E 10 -31.85 -5.76 22.32
N UNK E 11 -31.99 -6.92 21.69
CA UNK E 11 -31.44 -7.14 20.36
C UNK E 11 -32.03 -6.15 19.35
N UNK E 12 -33.35 -5.94 19.42
CA UNK E 12 -34.03 -4.99 18.54
C UNK E 12 -33.46 -3.58 18.70
N UNK E 13 -33.36 -3.09 19.93
CA UNK E 13 -32.85 -1.76 20.16
C UNK E 13 -31.41 -1.61 19.66
N UNK E 14 -30.57 -2.63 19.88
CA UNK E 14 -29.18 -2.61 19.42
C UNK E 14 -29.12 -2.33 17.91
N UNK E 15 -29.91 -3.05 17.13
CA UNK E 15 -29.99 -2.78 15.70
C UNK E 15 -30.63 -1.42 15.39
N UNK E 16 -31.66 -1.02 16.12
CA UNK E 16 -32.35 0.24 15.90
C UNK E 16 -31.39 1.42 16.01
N UNK E 17 -30.54 1.39 17.04
CA UNK E 17 -29.43 2.32 17.16
C UNK E 17 -28.43 2.15 16.02
N UNK E 18 -28.02 0.92 15.70
CA UNK E 18 -27.04 0.67 14.65
C UNK E 18 -27.47 1.28 13.31
N UNK E 19 -28.78 1.36 13.04
CA UNK E 19 -29.30 2.03 11.88
C UNK E 19 -28.96 3.53 11.90
N UNK E 20 -29.33 4.25 12.95
CA UNK E 20 -28.99 5.66 13.07
C UNK E 20 -27.47 5.86 12.94
N UNK E 21 -26.70 4.97 13.58
CA UNK E 21 -25.24 5.01 13.55
C UNK E 21 -24.68 4.91 12.13
N UNK E 22 -25.01 3.85 11.40
CA UNK E 22 -24.49 3.70 10.04
C UNK E 22 -25.01 4.82 9.15
N UNK E 23 -26.24 5.29 9.37
CA UNK E 23 -26.79 6.40 8.60
C UNK E 23 -25.96 7.67 8.83
N UNK E 24 -25.48 7.89 10.06
CA UNK E 24 -24.52 8.96 10.31
C UNK E 24 -23.18 8.68 9.61
N UNK E 25 -22.69 7.44 9.66
CA UNK E 25 -21.41 7.07 9.08
C UNK E 25 -21.31 7.43 7.59
N UNK E 26 -22.44 7.47 6.91
CA UNK E 26 -22.54 7.95 5.54
C UNK E 26 -21.93 9.35 5.32
N UNK E 27 -22.29 10.31 6.19
CA UNK E 27 -22.02 11.72 5.94
C UNK E 27 -20.53 12.05 5.85
N UNK E 28 -19.69 11.22 6.47
CA UNK E 28 -18.25 11.38 6.48
C UNK E 28 -17.70 11.46 5.06
N UNK E 29 -18.06 10.51 4.20
CA UNK E 29 -17.58 10.52 2.83
C UNK E 29 -18.08 11.77 2.10
N UNK E 30 -19.32 12.22 2.36
CA UNK E 30 -19.88 13.40 1.69
C UNK E 30 -19.04 14.64 1.99
N UNK E 31 -18.75 14.85 3.27
CA UNK E 31 -17.82 15.89 3.68
C UNK E 31 -16.43 15.67 3.06
N UNK E 32 -15.94 14.43 3.03
CA UNK E 32 -14.60 14.11 2.52
C UNK E 32 -14.42 14.55 1.06
N UNK E 33 -15.45 14.39 0.24
CA UNK E 33 -15.44 14.93 -1.11
C UNK E 33 -15.58 16.45 -1.12
N UNK E 34 -16.51 16.98 -0.32
CA UNK E 34 -16.78 18.42 -0.27
C UNK E 34 -15.53 19.26 0.06
N UNK E 35 -14.58 18.69 0.80
CA UNK E 35 -13.32 19.34 1.12
C UNK E 35 -12.54 19.79 -0.12
N UNK E 36 -12.35 18.90 -1.09
CA UNK E 36 -11.62 19.21 -2.31
C UNK E 36 -12.28 20.35 -3.12
N UNK E 37 -13.60 20.53 -3.00
CA UNK E 37 -14.36 21.55 -3.70
C UNK E 37 -14.07 23.00 -3.23
N UNK E 38 -13.31 23.20 -2.15
CA UNK E 38 -12.82 24.53 -1.82
C UNK E 38 -11.94 25.13 -2.95
N UNK E 39 -11.12 24.29 -3.59
CA UNK E 39 -10.46 24.52 -4.88
C UNK E 39 -9.91 25.96 -5.07
N UNK E 40 -10.46 26.72 -6.02
CA UNK E 40 -10.23 28.14 -6.22
C UNK E 40 -11.48 28.81 -6.81
N UNK E 41 -11.66 30.12 -6.59
CA UNK E 41 -12.75 30.94 -7.11
C UNK E 41 -14.15 30.32 -6.92
N UNK E 42 -17.73 28.03 -5.51
CA UNK E 42 -19.10 28.48 -5.76
C UNK E 42 -20.16 27.48 -5.23
N UNK E 43 -21.41 27.93 -5.12
CA UNK E 43 -22.51 27.16 -4.55
C UNK E 43 -22.81 25.83 -5.27
N UNK E 44 -22.37 25.68 -6.52
CA UNK E 44 -22.44 24.45 -7.29
C UNK E 44 -21.77 23.24 -6.59
N UNK E 45 -20.87 23.47 -5.64
CA UNK E 45 -20.27 22.42 -4.82
C UNK E 45 -21.27 21.65 -3.92
N UNK E 46 -22.46 22.18 -3.68
CA UNK E 46 -23.39 21.66 -2.67
C UNK E 46 -23.99 20.26 -2.94
N UNK E 47 -23.73 19.63 -4.09
CA UNK E 47 -24.26 18.29 -4.38
C UNK E 47 -23.90 17.26 -3.31
N UNK E 48 -22.68 17.33 -2.75
CA UNK E 48 -22.29 16.49 -1.63
C UNK E 48 -23.19 16.72 -0.41
N UNK E 49 -23.53 17.97 -0.10
CA UNK E 49 -24.44 18.29 0.99
C UNK E 49 -25.83 17.72 0.73
N UNK E 50 -26.31 17.78 -0.50
CA UNK E 50 -27.56 17.13 -0.88
C UNK E 50 -27.51 15.62 -0.63
N UNK E 51 -26.40 14.96 -0.99
CA UNK E 51 -26.24 13.54 -0.72
C UNK E 51 -26.21 13.24 0.78
N UNK E 52 -25.50 14.06 1.56
CA UNK E 52 -25.49 13.94 3.01
C UNK E 52 -26.91 14.07 3.57
N UNK E 53 -27.67 15.03 3.07
CA UNK E 53 -29.06 15.21 3.46
C UNK E 53 -29.92 13.98 3.11
N UNK E 54 -29.69 13.31 1.98
CA UNK E 54 -30.40 12.06 1.68
C UNK E 54 -30.06 10.97 2.70
N UNK E 55 -28.81 10.87 3.11
CA UNK E 55 -28.45 9.98 4.21
C UNK E 55 -29.12 10.38 5.53
N UNK E 56 -29.18 11.68 5.84
CA UNK E 56 -29.88 12.17 7.03
C UNK E 56 -31.39 11.87 6.98
N UNK E 57 -32.00 11.94 5.79
CA UNK E 57 -33.38 11.53 5.59
C UNK E 57 -33.55 10.04 5.91
N UNK E 58 -32.66 9.20 5.39
CA UNK E 58 -32.66 7.78 5.71
C UNK E 58 -32.47 7.54 7.23
N UNK E 59 -31.61 8.31 7.88
CA UNK E 59 -31.43 8.25 9.32
C UNK E 59 -32.74 8.57 10.06
N UNK E 60 -33.40 9.67 9.70
CA UNK E 60 -34.66 10.05 10.30
C UNK E 60 -35.74 8.99 10.07
N UNK E 61 -35.79 8.39 8.88
CA UNK E 61 -36.69 7.27 8.60
C UNK E 61 -36.39 6.07 9.50
N UNK E 62 -35.11 5.71 9.66
CA UNK E 62 -34.72 4.66 10.58
C UNK E 62 -35.12 5.01 12.03
N UNK E 63 -34.99 6.28 12.44
CA UNK E 63 -35.41 6.72 13.76
C UNK E 63 -36.92 6.54 13.99
N UNK E 64 -37.73 6.80 12.96
CA UNK E 64 -39.16 6.53 13.04
C UNK E 64 -39.44 5.03 13.25
N UNK E 65 -38.74 4.15 12.54
CA UNK E 65 -38.85 2.72 12.79
C UNK E 65 -38.40 2.36 14.21
N UNK E 66 -37.29 2.95 14.68
CA UNK E 66 -36.77 2.70 16.02
C UNK E 66 -37.78 3.08 17.12
N UNK E 67 -38.51 4.18 16.91
CA UNK E 67 -39.55 4.62 17.82
C UNK E 67 -40.73 3.63 17.97
N UNK E 68 -40.89 2.67 17.06
CA UNK E 68 -41.90 1.61 17.19
C UNK E 68 -41.61 0.62 18.33
N UNK E 69 -40.37 0.59 18.85
CA UNK E 69 -39.98 -0.27 19.95
C UNK E 69 -40.85 -0.05 21.21
N UNK E 70 -40.41 -11.77 18.69
CA UNK E 70 -39.03 -11.52 18.30
C UNK E 70 -38.89 -10.82 16.95
N UNK E 71 -39.98 -10.74 16.17
CA UNK E 71 -39.97 -10.17 14.83
C UNK E 71 -39.50 -8.71 14.80
N UNK E 72 -39.67 -7.98 15.91
CA UNK E 72 -39.13 -6.64 16.08
C UNK E 72 -37.61 -6.57 15.88
N UNK E 73 -36.87 -7.60 16.32
CA UNK E 73 -35.43 -7.65 16.13
C UNK E 73 -35.06 -7.73 14.64
N UNK E 74 -35.78 -8.57 13.89
CA UNK E 74 -35.60 -8.67 12.45
C UNK E 74 -35.89 -7.32 11.77
N UNK E 75 -37.01 -6.68 12.13
CA UNK E 75 -37.34 -5.36 11.59
C UNK E 75 -36.22 -4.36 11.86
N UNK E 76 -35.72 -4.31 13.08
CA UNK E 76 -34.65 -3.42 13.43
C UNK E 76 -33.36 -3.74 12.66
N UNK E 77 -32.96 -5.01 12.56
CA UNK E 77 -31.79 -5.40 11.81
C UNK E 77 -31.92 -5.05 10.32
N UNK E 78 -33.12 -5.17 9.77
CA UNK E 78 -33.40 -4.77 8.39
C UNK E 78 -33.23 -3.26 8.21
N UNK E 79 -33.71 -2.46 9.15
CA UNK E 79 -33.44 -1.03 9.13
C UNK E 79 -31.93 -0.75 9.22
N UNK E 80 -31.19 -1.53 10.01
CA UNK E 80 -29.74 -1.41 10.07
C UNK E 80 -29.10 -1.70 8.71
N UNK E 81 -29.55 -2.74 8.01
CA UNK E 81 -29.11 -2.99 6.65
C UNK E 81 -29.43 -1.82 5.72
N UNK E 82 -30.64 -1.25 5.82
CA UNK E 82 -31.03 -0.10 5.02
C UNK E 82 -30.08 1.08 5.24
N UNK E 83 -29.75 1.35 6.50
CA UNK E 83 -28.76 2.37 6.80
C UNK E 83 -27.38 2.04 6.21
N UNK E 84 -26.93 0.79 6.26
CA UNK E 84 -25.67 0.40 5.62
C UNK E 84 -25.70 0.70 4.12
N UNK E 85 -26.84 0.44 3.47
CA UNK E 85 -27.03 0.81 2.08
C UNK E 85 -26.94 2.32 1.87
N UNK E 86 -27.53 3.12 2.75
CA UNK E 86 -27.37 4.57 2.67
C UNK E 86 -25.90 4.99 2.79
N UNK E 87 -25.14 4.35 3.68
CA UNK E 87 -23.72 4.62 3.81
C UNK E 87 -22.97 4.33 2.50
N UNK E 88 -23.28 3.21 1.86
CA UNK E 88 -22.73 2.93 0.55
C UNK E 88 -23.10 4.04 -0.46
N UNK E 89 -24.35 4.45 -0.51
CA UNK E 89 -24.80 5.48 -1.45
C UNK E 89 -24.00 6.77 -1.31
N UNK E 90 -23.76 7.20 -0.07
CA UNK E 90 -22.93 8.35 0.19
C UNK E 90 -21.49 8.13 -0.27
N UNK E 91 -20.88 6.96 -0.03
CA UNK E 91 -19.50 6.69 -0.45
C UNK E 91 -19.32 6.90 -1.95
N UNK E 92 -20.31 6.54 -2.74
CA UNK E 92 -20.32 6.83 -4.16
C UNK E 92 -20.54 8.30 -4.45
N UNK E 93 -21.55 8.91 -3.82
CA UNK E 93 -21.85 10.32 -4.04
C UNK E 93 -20.62 11.19 -3.76
N UNK E 94 -19.80 10.78 -2.79
CA UNK E 94 -18.52 11.38 -2.50
C UNK E 94 -17.57 11.31 -3.70
N UNK E 95 -17.29 10.12 -4.22
CA UNK E 95 -16.43 9.98 -5.38
C UNK E 95 -16.94 10.82 -6.56
N UNK E 96 -18.26 10.85 -6.77
CA UNK E 96 -18.87 11.68 -7.81
C UNK E 96 -18.63 13.17 -7.58
N UNK E 97 -18.87 13.68 -6.38
CA UNK E 97 -18.63 15.07 -6.04
C UNK E 97 -17.14 15.42 -6.15
N UNK E 98 -16.25 14.52 -5.73
CA UNK E 98 -14.81 14.70 -5.85
C UNK E 98 -14.40 14.83 -7.31
N UNK E 99 -14.96 13.99 -8.18
CA UNK E 99 -14.73 14.11 -9.62
C UNK E 99 -15.30 15.42 -10.19
N UNK E 100 -16.50 15.82 -9.78
CA UNK E 100 -17.09 17.09 -10.21
C UNK E 100 -16.24 18.30 -9.79
N UNK E 101 -15.65 18.27 -8.59
CA UNK E 101 -14.67 19.25 -8.15
C UNK E 101 -13.37 19.19 -8.95
N UNK E 102 -12.84 17.99 -9.21
CA UNK E 102 -11.65 17.81 -10.03
C UNK E 102 -11.84 18.35 -11.48
N UNK E 103 -13.05 18.28 -12.01
CA UNK E 103 -13.44 18.79 -13.32
C UNK E 103 -14.00 20.24 -13.30
N UNK E 104 -13.76 21.03 -12.25
CA UNK E 104 -14.42 22.33 -12.06
C UNK E 104 -14.27 23.34 -13.22
N UNK E 105 -13.16 23.27 -13.98
CA UNK E 105 -12.97 24.09 -15.18
C UNK E 105 -14.05 23.84 -16.25
N UNK E 106 -14.49 22.59 -16.42
CA UNK E 106 -15.55 22.20 -17.36
C UNK E 106 -16.98 22.39 -16.80
N UNK E 107 -17.14 22.75 -15.52
CA UNK E 107 -18.43 22.71 -14.82
C UNK E 107 -19.55 23.51 -15.51
N UNK E 108 -19.20 24.62 -16.15
CA UNK E 108 -20.15 25.45 -16.93
C UNK E 108 -20.89 24.70 -18.06
N UNK E 109 -20.34 23.57 -18.53
CA UNK E 109 -20.93 22.70 -19.55
C UNK E 109 -21.14 21.24 -19.09
N UNK E 110 -20.82 20.91 -17.83
CA UNK E 110 -20.79 19.53 -17.31
C UNK E 110 -21.55 19.31 -15.98
N UNK E 111 -22.05 20.37 -15.33
CA UNK E 111 -22.80 20.25 -14.09
C UNK E 111 -24.03 19.32 -14.22
N UNK E 112 -24.66 19.27 -15.40
CA UNK E 112 -25.74 18.33 -15.68
C UNK E 112 -25.30 16.86 -15.55
N UNK E 113 -24.10 16.53 -16.06
CA UNK E 113 -23.51 15.21 -15.90
C UNK E 113 -23.20 14.91 -14.42
N UNK E 114 -22.68 15.89 -13.68
CA UNK E 114 -22.46 15.74 -12.23
C UNK E 114 -23.79 15.48 -11.49
N UNK E 115 -24.84 16.25 -11.79
CA UNK E 115 -26.17 16.04 -11.22
C UNK E 115 -26.74 14.67 -11.57
N UNK E 116 -26.55 14.19 -12.81
CA UNK E 116 -26.94 12.85 -13.21
C UNK E 116 -26.23 11.78 -12.36
N UNK E 117 -24.91 11.90 -12.18
CA UNK E 117 -24.16 10.98 -11.33
C UNK E 117 -24.67 11.02 -9.88
N UNK E 118 -24.93 12.22 -9.36
CA UNK E 118 -25.46 12.39 -8.01
C UNK E 118 -26.83 11.72 -7.86
N UNK E 119 -27.73 11.89 -8.83
CA UNK E 119 -29.00 11.20 -8.85
C UNK E 119 -28.81 9.68 -8.94
N UNK E 120 -27.87 9.20 -9.76
CA UNK E 120 -27.57 7.77 -9.85
C UNK E 120 -27.06 7.22 -8.52
N UNK E 121 -26.31 7.99 -7.75
CA UNK E 121 -25.95 7.63 -6.38
C UNK E 121 -27.19 7.60 -5.47
N UNK E 122 -28.02 8.64 -5.52
CA UNK E 122 -29.23 8.73 -4.73
C UNK E 122 -30.19 7.55 -4.97
N UNK E 123 -30.12 6.89 -6.13
CA UNK E 123 -30.92 5.69 -6.40
C UNK E 123 -30.64 4.57 -5.38
N UNK E 124 -29.39 4.39 -4.95
CA UNK E 124 -29.10 3.44 -3.89
C UNK E 124 -29.75 3.88 -2.57
N UNK E 125 -29.76 5.18 -2.26
CA UNK E 125 -30.44 5.70 -1.08
C UNK E 125 -31.96 5.52 -1.15
N UNK E 126 -32.55 5.65 -2.34
CA UNK E 126 -33.95 5.33 -2.54
C UNK E 126 -34.21 3.83 -2.29
N UNK E 127 -33.40 2.94 -2.86
CA UNK E 127 -33.51 1.51 -2.62
C UNK E 127 -33.39 1.18 -1.13
N UNK E 128 -32.49 1.85 -0.42
CA UNK E 128 -32.37 1.77 1.03
C UNK E 128 -33.67 2.20 1.73
N UNK E 129 -34.20 3.37 1.38
CA UNK E 129 -35.45 3.85 1.96
C UNK E 129 -36.61 2.87 1.72
N UNK E 130 -36.67 2.26 0.54
CA UNK E 130 -37.64 1.21 0.24
C UNK E 130 -37.45 0.00 1.15
N UNK E 131 -36.21 -0.46 1.35
CA UNK E 131 -35.93 -1.56 2.26
C UNK E 131 -36.36 -1.22 3.70
N UNK E 132 -36.07 0.00 4.14
CA UNK E 132 -36.51 0.48 5.45
C UNK E 132 -38.04 0.47 5.55
N UNK E 133 -38.73 0.98 4.52
CA UNK E 133 -40.18 0.96 4.48
C UNK E 133 -40.72 -0.48 4.54
N UNK E 134 -40.14 -1.42 3.81
CA UNK E 134 -40.56 -2.82 3.83
C UNK E 134 -40.43 -3.43 5.23
N UNK E 135 -39.34 -3.15 5.92
CA UNK E 135 -39.17 -3.57 7.31
C UNK E 135 -40.22 -2.94 8.23
N UNK E 136 -40.43 -1.63 8.13
CA UNK E 136 -41.44 -0.94 8.92
C UNK E 136 -42.84 -1.50 8.63
N UNK E 137 -43.11 -1.91 7.39
CA UNK E 137 -44.37 -2.52 6.97
C UNK E 137 -44.53 -3.97 7.46
N UNK E 138 -43.44 -4.73 7.58
CA UNK E 138 -43.50 -6.06 8.20
C UNK E 138 -43.95 -5.94 9.67
N UNK E 139 -43.48 -4.90 10.37
CA UNK E 139 -44.03 -4.43 11.65
C UNK E 139 -44.10 -5.51 12.75
N UNK E 140 -44.90 -5.22 13.78
CA UNK E 140 -45.46 -6.20 14.69
C UNK E 140 -46.73 -6.88 14.11
N UNK E 141 -46.86 -6.97 12.77
CA UNK E 141 -48.11 -7.40 12.14
C UNK E 141 -48.49 -8.83 12.56
N UNK E 142 -49.65 -8.97 13.19
CA UNK E 142 -50.12 -10.21 13.80
C UNK E 142 -49.10 -10.86 14.76
N UNK E 143 -48.27 -10.07 15.44
CA UNK E 143 -47.25 -10.58 16.37
C UNK E 143 -47.84 -11.43 17.51
N UNK E 144 -47.05 -12.37 18.00
CA UNK E 144 -47.43 -13.31 19.06
C UNK E 144 -47.76 -12.62 20.40
N UNK E 145 -48.52 -13.31 21.24
CA UNK E 145 -48.92 -12.87 22.59
C UNK E 145 -49.05 -14.05 23.56
N UNK F 1 -42.67 -26.73 18.14
CA UNK F 1 -41.67 -27.77 17.80
C UNK F 1 -40.37 -27.14 17.30
N UNK F 2 -39.24 -27.85 17.42
CA UNK F 2 -37.91 -27.36 17.00
C UNK F 2 -37.85 -26.97 15.51
N UNK F 3 -38.63 -27.63 14.66
CA UNK F 3 -38.78 -27.30 13.25
C UNK F 3 -39.30 -25.86 12.99
N UNK F 4 -39.86 -25.19 13.99
CA UNK F 4 -40.33 -23.80 13.90
C UNK F 4 -40.01 -23.00 15.19
N UNK F 5 -38.89 -23.27 15.85
CA UNK F 5 -38.48 -22.52 17.04
C UNK F 5 -38.17 -21.06 16.72
N UNK F 6 -38.74 -20.12 17.47
CA UNK F 6 -38.53 -18.70 17.26
C UNK F 6 -37.06 -18.29 17.38
N UNK F 7 -36.33 -18.95 18.28
CA UNK F 7 -34.89 -18.77 18.46
C UNK F 7 -34.12 -19.06 17.18
N UNK F 8 -34.54 -20.05 16.40
CA UNK F 8 -34.02 -20.28 15.06
C UNK F 8 -34.54 -19.22 14.08
N UNK F 9 -35.83 -18.92 14.13
CA UNK F 9 -36.47 -18.07 13.12
C UNK F 9 -35.89 -16.64 13.05
N UNK F 10 -35.69 -15.98 14.19
CA UNK F 10 -35.47 -14.54 14.22
C UNK F 10 -34.23 -14.08 13.45
N UNK F 11 -33.04 -14.60 13.78
CA UNK F 11 -31.80 -14.17 13.14
C UNK F 11 -31.74 -14.55 11.65
N UNK F 12 -32.34 -15.67 11.27
CA UNK F 12 -32.47 -16.02 9.87
C UNK F 12 -33.38 -15.00 9.17
N UNK F 13 -34.54 -14.68 9.75
CA UNK F 13 -35.42 -13.65 9.22
C UNK F 13 -34.70 -12.30 9.16
N UNK F 14 -33.80 -12.03 10.09
CA UNK F 14 -32.97 -10.82 10.06
C UNK F 14 -32.01 -10.83 8.87
N UNK F 15 -31.25 -11.90 8.68
CA UNK F 15 -30.37 -12.06 7.53
C UNK F 15 -31.13 -11.93 6.21
N UNK F 16 -32.40 -12.33 6.17
CA UNK F 16 -33.22 -12.31 4.96
C UNK F 16 -33.40 -10.91 4.34
N UNK F 17 -33.35 -9.83 5.13
CA UNK F 17 -33.41 -8.48 4.57
C UNK F 17 -32.07 -8.00 4.00
N UNK F 18 -30.96 -8.65 4.36
CA UNK F 18 -29.62 -8.07 4.27
C UNK F 18 -29.16 -7.75 2.85
N UNK F 19 -29.70 -8.42 1.83
CA UNK F 19 -29.18 -8.33 0.48
C UNK F 19 -29.17 -6.92 -0.06
N UNK F 20 -30.14 -6.08 0.32
CA UNK F 20 -30.18 -4.69 -0.07
C UNK F 20 -28.86 -3.98 0.25
N UNK F 21 -28.21 -4.31 1.37
CA UNK F 21 -26.95 -3.70 1.78
C UNK F 21 -25.84 -4.03 0.78
N UNK F 22 -25.58 -5.31 0.54
CA UNK F 22 -24.58 -5.68 -0.44
C UNK F 22 -24.94 -5.14 -1.83
N UNK F 23 -26.23 -5.10 -2.18
CA UNK F 23 -26.68 -4.58 -3.47
C UNK F 23 -26.31 -3.10 -3.62
N UNK F 24 -26.54 -2.29 -2.60
CA UNK F 24 -26.12 -0.90 -2.65
C UNK F 24 -24.60 -0.77 -2.68
N UNK F 25 -23.89 -1.58 -1.89
CA UNK F 25 -22.42 -1.61 -1.90
C UNK F 25 -21.90 -1.85 -3.32
N UNK F 26 -22.61 -2.71 -4.05
CA UNK F 26 -22.38 -2.95 -5.46
C UNK F 26 -22.53 -1.65 -6.26
N UNK F 27 -23.74 -1.10 -6.27
CA UNK F 27 -24.09 0.05 -7.09
C UNK F 27 -23.12 1.22 -6.85
N UNK F 28 -22.73 1.37 -5.58
CA UNK F 28 -21.83 2.41 -5.17
C UNK F 28 -20.49 2.33 -5.90
N UNK F 29 -19.78 1.22 -5.79
CA UNK F 29 -18.44 1.12 -6.38
C UNK F 29 -18.48 1.38 -7.88
N UNK F 30 -19.53 0.89 -8.55
CA UNK F 30 -19.73 1.14 -9.97
C UNK F 30 -19.93 2.62 -10.26
N UNK F 31 -20.91 3.25 -9.61
CA UNK F 31 -21.21 4.64 -9.82
C UNK F 31 -19.98 5.52 -9.58
N UNK F 32 -19.18 5.20 -8.57
CA UNK F 32 -17.94 5.89 -8.26
C UNK F 32 -16.95 5.81 -9.43
N UNK F 33 -16.62 4.61 -9.89
CA UNK F 33 -15.68 4.43 -10.97
C UNK F 33 -16.17 5.11 -12.26
N UNK F 34 -17.46 4.97 -12.55
CA UNK F 34 -18.07 5.60 -13.72
C UNK F 34 -17.95 7.12 -13.64
N UNK F 35 -18.32 7.73 -12.52
CA UNK F 35 -18.25 9.17 -12.35
C UNK F 35 -16.81 9.69 -12.49
N UNK F 36 -15.83 8.96 -11.96
CA UNK F 36 -14.42 9.32 -12.04
C UNK F 36 -13.95 9.47 -13.50
N UNK F 37 -14.45 8.63 -14.40
CA UNK F 37 -14.25 8.82 -15.83
C UNK F 37 -15.15 9.95 -16.39
N UNK F 38 -16.45 9.92 -16.07
CA UNK F 38 -17.46 10.76 -16.70
C UNK F 38 -17.16 12.25 -16.58
N UNK F 39 -16.76 12.72 -15.40
CA UNK F 39 -16.48 14.13 -15.15
C UNK F 39 -15.33 14.66 -16.03
N UNK F 40 -14.28 13.85 -16.25
CA UNK F 40 -13.19 14.20 -17.16
C UNK F 40 -13.61 14.08 -18.64
N UNK F 41 -14.31 13.01 -19.01
CA UNK F 41 -14.76 12.76 -20.37
C UNK F 41 -15.72 13.85 -20.91
N UNK F 42 -16.49 14.48 -20.04
CA UNK F 42 -17.40 15.57 -20.40
C UNK F 42 -16.69 16.75 -21.09
N UNK F 43 -15.39 16.97 -20.81
CA UNK F 43 -14.60 17.99 -21.49
C UNK F 43 -14.43 17.69 -22.99
N UNK F 44 -14.44 16.41 -23.39
CA UNK F 44 -14.48 15.99 -24.78
C UNK F 44 -15.91 16.00 -25.34
N UNK F 45 -16.85 15.31 -24.66
CA UNK F 45 -18.26 15.25 -25.08
C UNK F 45 -19.21 14.86 -23.93
N UNK F 46 -20.38 15.49 -23.88
CA UNK F 46 -21.44 15.10 -22.95
C UNK F 46 -21.98 13.68 -23.22
N UNK F 47 -22.04 13.26 -24.48
CA UNK F 47 -22.46 11.92 -24.86
C UNK F 47 -21.54 10.82 -24.30
N UNK F 48 -20.23 11.07 -24.18
CA UNK F 48 -19.30 10.14 -23.55
C UNK F 48 -19.60 9.96 -22.05
N UNK F 49 -19.87 11.06 -21.34
CA UNK F 49 -20.33 11.00 -19.95
C UNK F 49 -21.68 10.26 -19.84
N UNK F 50 -22.61 10.49 -20.76
CA UNK F 50 -23.86 9.72 -20.81
C UNK F 50 -23.61 8.21 -21.00
N UNK F 51 -22.65 7.82 -21.84
CA UNK F 51 -22.29 6.41 -22.01
C UNK F 51 -21.75 5.79 -20.71
N UNK F 52 -20.86 6.48 -20.00
CA UNK F 52 -20.42 6.04 -18.68
C UNK F 52 -21.61 5.91 -17.70
N UNK F 53 -22.52 6.90 -17.71
CA UNK F 53 -23.71 6.86 -16.88
C UNK F 53 -24.60 5.65 -17.20
N UNK F 54 -24.70 5.24 -18.46
CA UNK F 54 -25.44 4.03 -18.84
C UNK F 54 -24.85 2.78 -18.19
N UNK F 55 -23.52 2.64 -18.21
CA UNK F 55 -22.86 1.53 -17.54
C UNK F 55 -23.15 1.54 -16.03
N UNK F 56 -23.11 2.71 -15.39
CA UNK F 56 -23.46 2.84 -13.99
C UNK F 56 -24.91 2.44 -13.73
N UNK F 57 -25.83 2.96 -14.51
CA UNK F 57 -27.25 2.68 -14.40
C UNK F 57 -27.54 1.18 -14.59
N UNK F 58 -26.78 0.46 -15.41
CA UNK F 58 -26.92 -0.99 -15.54
C UNK F 58 -26.59 -1.71 -14.23
N UNK F 59 -25.45 -1.40 -13.61
CA UNK F 59 -25.09 -1.97 -12.31
C UNK F 59 -26.11 -1.58 -11.22
N UNK F 60 -26.62 -0.36 -11.28
CA UNK F 60 -27.68 0.08 -10.39
C UNK F 60 -28.95 -0.75 -10.58
N UNK F 61 -29.38 -1.00 -11.83
CA UNK F 61 -30.52 -1.85 -12.10
C UNK F 61 -30.28 -3.27 -11.58
N UNK F 62 -29.06 -3.80 -11.72
CA UNK F 62 -28.71 -5.09 -11.14
C UNK F 62 -28.88 -5.10 -9.61
N UNK F 63 -28.41 -4.04 -8.95
CA UNK F 63 -28.68 -3.89 -7.52
C UNK F 63 -30.19 -3.80 -7.23
N UNK F 64 -30.95 -3.05 -8.02
CA UNK F 64 -32.39 -2.96 -7.85
C UNK F 64 -33.09 -4.32 -8.00
N UNK F 65 -32.62 -5.18 -8.92
CA UNK F 65 -33.12 -6.53 -9.04
C UNK F 65 -32.87 -7.34 -7.76
N UNK F 66 -31.70 -7.19 -7.15
CA UNK F 66 -31.46 -7.78 -5.84
C UNK F 66 -32.41 -7.19 -4.78
N UNK F 67 -32.72 -5.89 -4.82
CA UNK F 67 -33.71 -5.31 -3.91
C UNK F 67 -35.10 -5.94 -4.11
N UNK F 68 -35.49 -6.25 -5.35
CA UNK F 68 -36.69 -7.02 -5.61
C UNK F 68 -36.61 -8.43 -5.02
N UNK F 69 -35.48 -9.12 -5.18
CA UNK F 69 -35.27 -10.42 -4.56
C UNK F 69 -35.42 -10.35 -3.03
N UNK F 70 -34.89 -9.29 -2.41
CA UNK F 70 -35.08 -9.04 -1.00
C UNK F 70 -36.56 -8.79 -0.69
N UNK F 71 -37.29 -8.06 -1.52
CA UNK F 71 -38.72 -7.88 -1.35
C UNK F 71 -39.47 -9.23 -1.40
N UNK F 72 -39.06 -10.14 -2.28
CA UNK F 72 -39.59 -11.48 -2.28
C UNK F 72 -39.26 -12.22 -0.96
N UNK F 73 -38.04 -12.07 -0.45
CA UNK F 73 -37.69 -12.62 0.85
C UNK F 73 -38.56 -12.01 1.96
N UNK F 74 -38.84 -10.71 1.91
CA UNK F 74 -39.71 -10.05 2.88
C UNK F 74 -41.16 -10.56 2.80
N UNK F 75 -41.67 -10.85 1.60
CA UNK F 75 -42.97 -11.46 1.43
C UNK F 75 -43.04 -12.90 2.01
N UNK F 76 -41.92 -13.64 1.96
CA UNK F 76 -41.82 -14.97 2.53
C UNK F 76 -41.62 -14.96 4.07
N UNK F 77 -41.01 -13.91 4.62
CA UNK F 77 -40.76 -13.81 6.05
C UNK F 77 -42.04 -13.69 6.89
N UNK F 78 -42.02 -14.25 8.09
CA UNK F 78 -43.15 -14.23 9.03
C UNK F 78 -42.71 -14.41 10.49
N UNK F 79 -43.55 -13.97 11.43
CA UNK F 79 -43.34 -14.11 12.87
C UNK F 79 -43.46 -15.57 13.40
N UNK F 80 -43.81 -16.52 12.54
CA UNK F 80 -43.97 -17.94 12.87
C UNK F 80 -43.43 -18.86 11.75
N UNK F 81 -42.44 -18.41 10.98
CA UNK F 81 -41.85 -19.20 9.90
C UNK F 81 -41.15 -20.47 10.40
N UNK F 82 -41.25 -21.56 9.63
CA UNK F 82 -40.47 -22.77 9.89
C UNK F 82 -38.97 -22.52 9.66
N UNK F 83 -38.10 -23.19 10.42
CA UNK F 83 -36.67 -22.92 10.40
C UNK F 83 -36.03 -23.21 9.05
N UNK F 84 -36.47 -24.27 8.36
CA UNK F 84 -36.02 -24.57 7.01
C UNK F 84 -36.37 -23.45 6.04
N UNK F 85 -37.63 -23.01 6.06
CA UNK F 85 -38.07 -21.90 5.23
C UNK F 85 -37.29 -20.62 5.54
N UNK F 86 -37.15 -20.31 6.82
CA UNK F 86 -36.38 -19.16 7.28
C UNK F 86 -34.93 -19.24 6.78
N UNK F 87 -34.28 -20.39 6.97
CA UNK F 87 -32.92 -20.60 6.48
C UNK F 87 -32.85 -20.46 4.96
N UNK F 88 -33.82 -20.96 4.21
CA UNK F 88 -33.87 -20.78 2.76
C UNK F 88 -34.02 -19.29 2.37
N UNK F 89 -34.83 -18.52 3.09
CA UNK F 89 -34.91 -17.09 2.87
C UNK F 89 -33.56 -16.42 3.15
N UNK F 90 -32.91 -16.79 4.25
CA UNK F 90 -31.58 -16.29 4.57
C UNK F 90 -30.56 -16.67 3.48
N UNK F 91 -30.70 -17.87 2.94
CA UNK F 91 -29.89 -18.32 1.82
C UNK F 91 -30.12 -17.45 0.59
N UNK F 92 -31.38 -17.21 0.21
CA UNK F 92 -31.71 -16.40 -0.95
C UNK F 92 -31.06 -15.01 -0.86
N UNK F 93 -31.12 -14.41 0.33
CA UNK F 93 -30.46 -13.14 0.58
C UNK F 93 -28.95 -13.26 0.42
N UNK F 94 -28.31 -14.17 1.17
CA UNK F 94 -26.88 -14.38 1.13
C UNK F 94 -26.40 -14.62 -0.30
N UNK F 95 -27.22 -15.33 -1.08
CA UNK F 95 -26.97 -15.61 -2.48
C UNK F 95 -26.97 -14.34 -3.32
N UNK F 96 -28.07 -13.59 -3.30
CA UNK F 96 -28.15 -12.36 -4.09
C UNK F 96 -27.00 -11.41 -3.74
N UNK F 97 -26.69 -11.31 -2.45
CA UNK F 97 -25.82 -10.30 -1.86
C UNK F 97 -24.42 -10.26 -2.48
N UNK F 98 -23.54 -11.16 -2.10
CA UNK F 98 -22.14 -11.10 -2.51
C UNK F 98 -22.03 -11.17 -4.03
N UNK F 99 -22.92 -11.92 -4.68
CA UNK F 99 -22.95 -12.02 -6.13
C UNK F 99 -23.18 -10.66 -6.78
N UNK F 100 -24.20 -9.93 -6.34
CA UNK F 100 -24.41 -8.58 -6.83
C UNK F 100 -23.18 -7.70 -6.55
N UNK F 101 -22.63 -7.77 -5.34
CA UNK F 101 -21.50 -6.94 -4.95
C UNK F 101 -20.34 -7.08 -5.94
N UNK F 102 -19.94 -8.30 -6.19
CA UNK F 102 -18.88 -8.57 -7.14
C UNK F 102 -19.29 -8.17 -8.57
N UNK F 103 -20.54 -8.40 -8.97
CA UNK F 103 -20.99 -8.07 -10.33
C UNK F 103 -20.78 -6.58 -10.62
N UNK F 104 -21.11 -5.72 -9.67
CA UNK F 104 -20.81 -4.32 -9.83
C UNK F 104 -19.31 -4.03 -9.72
N UNK F 105 -18.57 -4.74 -8.86
CA UNK F 105 -17.11 -4.56 -8.79
C UNK F 105 -16.46 -4.80 -10.15
N UNK F 106 -17.02 -5.71 -10.96
CA UNK F 106 -16.65 -5.86 -12.35
C UNK F 106 -17.09 -4.67 -13.21
N UNK F 107 -18.35 -4.27 -13.12
CA UNK F 107 -18.85 -3.12 -13.91
C UNK F 107 -18.01 -1.86 -13.67
N UNK F 108 -17.50 -1.66 -12.45
CA UNK F 108 -16.60 -0.56 -12.11
C UNK F 108 -15.30 -0.59 -12.92
N UNK F 109 -14.64 -1.75 -12.94
CA UNK F 109 -13.43 -1.93 -13.74
C UNK F 109 -13.73 -1.71 -15.23
N UNK F 110 -14.88 -2.17 -15.72
CA UNK F 110 -15.29 -1.91 -17.10
C UNK F 110 -15.43 -0.41 -17.34
N UNK F 111 -16.07 0.30 -16.42
CA UNK F 111 -16.28 1.74 -16.55
C UNK F 111 -14.97 2.54 -16.54
N UNK F 112 -13.93 2.04 -15.86
CA UNK F 112 -12.75 2.81 -15.43
C UNK F 112 -12.01 3.61 -16.53
N UNK F 113 -12.12 3.21 -17.79
CA UNK F 113 -11.65 4.01 -18.93
C UNK F 113 -12.60 3.97 -20.14
N UNK F 114 -13.85 3.54 -19.97
CA UNK F 114 -14.77 3.30 -21.09
C UNK F 114 -15.01 4.57 -21.93
N UNK F 115 -15.37 5.68 -21.29
CA UNK F 115 -15.64 6.94 -21.98
C UNK F 115 -14.37 7.52 -22.63
N UNK F 116 -13.21 7.39 -21.97
CA UNK F 116 -11.93 7.81 -22.55
C UNK F 116 -11.61 7.03 -23.83
N UNK F 117 -11.83 5.71 -23.82
CA UNK F 117 -11.67 4.88 -25.01
C UNK F 117 -12.67 5.27 -26.11
N UNK F 118 -13.93 5.55 -25.77
CA UNK F 118 -14.92 6.03 -26.72
C UNK F 118 -14.54 7.40 -27.33
N UNK F 119 -13.94 8.29 -26.54
CA UNK F 119 -13.39 9.56 -27.04
C UNK F 119 -12.18 9.32 -27.96
N UNK F 120 -11.34 8.32 -27.69
CA UNK F 120 -10.23 7.93 -28.56
C UNK F 120 -10.71 7.32 -29.88
N UNK F 121 -11.75 6.47 -29.84
CA UNK F 121 -12.41 5.87 -31.00
C UNK F 121 -13.86 5.49 -30.66
N UNK F 122 -14.82 6.03 -31.42
CA UNK F 122 -16.25 5.89 -31.10
C UNK F 122 -16.74 4.44 -31.00
N UNK F 123 -16.06 3.50 -31.66
CA UNK F 123 -16.36 2.07 -31.63
C UNK F 123 -16.20 1.41 -30.25
N UNK F 124 -15.42 1.98 -29.32
CA UNK F 124 -15.11 1.36 -28.03
C UNK F 124 -16.35 1.12 -27.14
N UNK F 125 -17.44 1.87 -27.34
CA UNK F 125 -18.70 1.66 -26.63
C UNK F 125 -19.27 0.24 -26.82
N UNK F 126 -19.02 -0.40 -27.98
CA UNK F 126 -19.40 -1.79 -28.20
C UNK F 126 -18.60 -2.74 -27.29
N UNK F 127 -17.28 -2.54 -27.18
CA UNK F 127 -16.44 -3.31 -26.25
C UNK F 127 -16.88 -3.10 -24.80
N UNK F 128 -17.16 -1.86 -24.42
CA UNK F 128 -17.69 -1.54 -23.09
C UNK F 128 -19.03 -2.24 -22.83
N UNK F 129 -19.94 -2.26 -23.80
CA UNK F 129 -21.20 -2.97 -23.68
C UNK F 129 -20.98 -4.48 -23.47
N UNK F 130 -20.06 -5.10 -24.21
CA UNK F 130 -19.75 -6.51 -24.03
C UNK F 130 -19.19 -6.80 -22.63
N UNK F 131 -18.31 -5.94 -22.13
CA UNK F 131 -17.83 -6.03 -20.76
C UNK F 131 -18.99 -5.91 -19.76
N UNK F 132 -19.87 -4.92 -19.94
CA UNK F 132 -21.01 -4.74 -19.06
C UNK F 132 -21.96 -5.95 -19.07
N UNK F 133 -22.17 -6.57 -20.24
CA UNK F 133 -22.94 -7.78 -20.35
C UNK F 133 -22.32 -8.92 -19.52
N UNK F 134 -21.00 -9.07 -19.53
CA UNK F 134 -20.34 -10.06 -18.70
C UNK F 134 -20.61 -9.83 -17.20
N UNK F 135 -20.60 -8.58 -16.75
CA UNK F 135 -21.00 -8.27 -15.38
C UNK F 135 -22.46 -8.63 -15.13
N UNK F 136 -23.35 -8.25 -16.05
CA UNK F 136 -24.78 -8.53 -15.93
C UNK F 136 -25.07 -10.04 -15.85
N UNK F 137 -24.27 -10.90 -16.49
CA UNK F 137 -24.45 -12.35 -16.42
C UNK F 137 -24.34 -12.89 -14.98
N UNK F 138 -23.44 -12.31 -14.19
CA UNK F 138 -23.37 -12.63 -12.77
C UNK F 138 -24.64 -12.20 -12.03
N UNK F 139 -25.14 -10.99 -12.30
CA UNK F 139 -26.38 -10.51 -11.71
C UNK F 139 -27.59 -11.40 -12.07
N UNK F 140 -27.67 -11.83 -13.32
CA UNK F 140 -28.68 -12.79 -13.76
C UNK F 140 -28.56 -14.11 -12.98
N UNK F 141 -27.35 -14.67 -12.89
CA UNK F 141 -27.13 -15.88 -12.13
C UNK F 141 -27.53 -15.71 -10.66
N UNK F 142 -27.21 -14.56 -10.07
CA UNK F 142 -27.61 -14.23 -8.70
C UNK F 142 -29.13 -14.25 -8.56
N UNK F 143 -29.82 -13.54 -9.45
CA UNK F 143 -31.27 -13.49 -9.43
C UNK F 143 -31.89 -14.88 -9.57
N UNK F 144 -31.34 -15.72 -10.45
CA UNK F 144 -31.81 -17.09 -10.63
C UNK F 144 -31.63 -17.91 -9.35
N UNK F 145 -30.45 -17.85 -8.74
CA UNK F 145 -30.16 -18.58 -7.51
C UNK F 145 -31.09 -18.14 -6.37
N UNK F 146 -31.27 -16.83 -6.22
CA UNK F 146 -32.16 -16.27 -5.22
C UNK F 146 -33.61 -16.70 -5.48
N UNK F 147 -34.07 -16.64 -6.72
CA UNK F 147 -35.41 -17.09 -7.08
C UNK F 147 -35.59 -18.58 -6.74
N UNK F 148 -34.61 -19.41 -7.06
CA UNK F 148 -34.66 -20.84 -6.73
C UNK F 148 -34.76 -21.06 -5.21
N UNK F 149 -33.93 -20.37 -4.43
CA UNK F 149 -34.02 -20.41 -2.98
C UNK F 149 -35.38 -19.92 -2.49
N UNK F 150 -35.92 -18.85 -3.07
CA UNK F 150 -37.23 -18.33 -2.71
C UNK F 150 -38.35 -19.35 -2.98
N UNK F 151 -38.30 -20.01 -4.12
CA UNK F 151 -39.23 -21.07 -4.45
C UNK F 151 -39.14 -22.20 -3.42
N UNK F 152 -37.92 -22.64 -3.11
CA UNK F 152 -37.69 -23.68 -2.12
C UNK F 152 -38.25 -23.28 -0.73
N UNK F 153 -38.20 -22.00 -0.37
CA UNK F 153 -38.70 -21.52 0.92
C UNK F 153 -40.22 -21.73 1.08
N UNK F 154 -40.99 -21.54 0.01
CA UNK F 154 -42.40 -21.84 0.03
C UNK F 154 -42.70 -23.34 -0.12
N UNK F 155 -41.92 -24.05 -0.95
CA UNK F 155 -42.26 -25.40 -1.42
C UNK F 155 -42.36 -26.45 -0.30
N UNK F 156 -43.48 -27.18 -0.27
CA UNK F 156 -43.72 -28.34 0.59
C UNK F 156 -43.37 -28.11 2.08
N UNK F 157 -43.53 -26.89 2.57
CA UNK F 157 -42.96 -26.45 3.84
C UNK F 157 -43.40 -27.30 5.05
N UNK F 158 -42.45 -27.62 5.91
CA UNK F 158 -42.69 -28.37 7.15
C UNK F 158 -43.44 -27.55 8.20
N UNK F 159 -43.79 -28.19 9.33
CA UNK F 159 -44.45 -27.59 10.51
C UNK F 159 -45.73 -26.80 10.18
N UNK G 1 -34.92 -36.64 14.47
CA UNK G 1 -33.89 -37.70 14.38
C UNK G 1 -32.49 -37.10 14.32
N UNK G 2 -31.52 -37.66 15.05
CA UNK G 2 -30.16 -37.13 15.13
C UNK G 2 -29.45 -37.04 13.76
N UNK G 3 -29.65 -38.05 12.91
CA UNK G 3 -29.11 -38.06 11.54
C UNK G 3 -29.70 -36.97 10.63
N UNK G 4 -30.82 -36.35 11.02
CA UNK G 4 -31.52 -35.29 10.29
C UNK G 4 -31.86 -34.13 11.24
N UNK G 5 -30.91 -33.74 12.09
CA UNK G 5 -31.08 -32.67 13.09
C UNK G 5 -31.46 -31.34 12.42
N UNK G 6 -32.65 -30.82 12.74
CA UNK G 6 -33.29 -29.76 11.97
C UNK G 6 -32.39 -28.54 11.80
N UNK G 7 -31.84 -28.05 12.92
CA UNK G 7 -30.95 -26.90 12.90
C UNK G 7 -29.75 -27.14 11.99
N UNK G 8 -29.05 -28.26 12.18
CA UNK G 8 -27.87 -28.58 11.40
C UNK G 8 -28.21 -28.67 9.91
N UNK G 9 -29.28 -29.38 9.57
CA UNK G 9 -29.71 -29.56 8.20
C UNK G 9 -30.00 -28.21 7.53
N UNK G 10 -30.76 -27.36 8.21
CA UNK G 10 -31.09 -26.05 7.69
C UNK G 10 -29.84 -25.22 7.39
N UNK G 11 -28.94 -25.11 8.36
CA UNK G 11 -27.76 -24.24 8.24
C UNK G 11 -26.88 -24.67 7.06
N UNK G 12 -26.62 -25.97 6.96
CA UNK G 12 -25.86 -26.51 5.85
C UNK G 12 -26.58 -26.31 4.52
N UNK G 13 -27.89 -26.59 4.47
CA UNK G 13 -28.66 -26.46 3.24
C UNK G 13 -28.61 -25.03 2.72
N UNK G 14 -28.74 -24.06 3.62
CA UNK G 14 -28.57 -22.65 3.29
C UNK G 14 -27.16 -22.38 2.77
N UNK G 15 -26.15 -22.82 3.52
CA UNK G 15 -24.75 -22.62 3.16
C UNK G 15 -24.45 -23.15 1.75
N UNK G 16 -25.12 -24.22 1.32
CA UNK G 16 -24.96 -24.76 -0.02
C UNK G 16 -25.32 -23.71 -1.08
N UNK G 17 -26.56 -23.24 -1.09
CA UNK G 17 -26.95 -22.22 -2.05
C UNK G 17 -26.08 -20.96 -1.90
N UNK G 18 -25.72 -20.61 -0.67
CA UNK G 18 -24.87 -19.45 -0.39
C UNK G 18 -23.51 -19.58 -1.08
N UNK G 19 -22.83 -20.70 -0.88
CA UNK G 19 -21.54 -20.91 -1.51
C UNK G 19 -21.66 -21.02 -3.02
N UNK G 20 -22.77 -21.53 -3.56
CA UNK G 20 -23.00 -21.56 -5.00
C UNK G 20 -23.01 -20.14 -5.58
N UNK G 21 -23.66 -19.22 -4.89
CA UNK G 21 -23.57 -17.82 -5.26
C UNK G 21 -22.16 -17.24 -5.01
N UNK G 22 -21.46 -17.61 -3.95
CA UNK G 22 -20.08 -17.17 -3.74
C UNK G 22 -19.18 -17.57 -4.92
N UNK G 23 -19.45 -18.72 -5.54
CA UNK G 23 -18.80 -19.11 -6.77
C UNK G 23 -19.08 -18.10 -7.88
N UNK G 24 -20.34 -17.72 -8.09
CA UNK G 24 -20.66 -16.67 -9.03
C UNK G 24 -19.95 -15.36 -8.68
N UNK G 25 -19.82 -15.03 -7.39
CA UNK G 25 -19.13 -13.82 -6.97
C UNK G 25 -17.66 -13.83 -7.41
N UNK G 26 -16.96 -14.93 -7.18
CA UNK G 26 -15.62 -15.07 -7.70
C UNK G 26 -15.60 -15.03 -9.24
N UNK G 27 -16.57 -15.66 -9.90
CA UNK G 27 -16.67 -15.61 -11.36
C UNK G 27 -16.78 -14.17 -11.87
N UNK G 28 -17.52 -13.33 -11.15
CA UNK G 28 -17.56 -11.92 -11.47
C UNK G 28 -16.20 -11.24 -11.25
N UNK G 29 -15.44 -11.61 -10.20
CA UNK G 29 -14.08 -11.09 -10.04
C UNK G 29 -13.19 -11.46 -11.25
N UNK G 30 -13.45 -12.60 -11.87
CA UNK G 30 -12.83 -12.94 -13.15
C UNK G 30 -13.26 -11.93 -14.23
N UNK G 31 -14.57 -11.72 -14.39
CA UNK G 31 -15.08 -10.75 -15.34
C UNK G 31 -14.47 -9.37 -15.11
N UNK G 32 -14.21 -9.01 -13.84
CA UNK G 32 -13.57 -7.76 -13.50
C UNK G 32 -12.17 -7.67 -14.11
N UNK G 33 -11.33 -8.67 -13.88
CA UNK G 33 -9.98 -8.61 -14.43
C UNK G 33 -10.00 -8.70 -15.97
N UNK G 34 -10.92 -9.48 -16.54
CA UNK G 34 -11.15 -9.51 -17.96
C UNK G 34 -11.45 -8.12 -18.51
N UNK G 35 -12.35 -7.39 -17.87
CA UNK G 35 -12.67 -6.02 -18.24
C UNK G 35 -11.48 -5.07 -18.07
N UNK G 36 -10.71 -5.20 -16.99
CA UNK G 36 -9.53 -4.36 -16.75
C UNK G 36 -8.53 -4.48 -17.90
N UNK G 37 -8.32 -5.70 -18.39
CA UNK G 37 -7.53 -5.92 -19.59
C UNK G 37 -8.21 -5.34 -20.85
N UNK G 38 -9.50 -5.60 -21.04
CA UNK G 38 -10.24 -5.19 -22.22
C UNK G 38 -10.26 -3.66 -22.41
N UNK G 39 -10.36 -2.89 -21.33
CA UNK G 39 -10.27 -1.43 -21.38
C UNK G 39 -8.90 -0.97 -21.91
N UNK G 40 -7.81 -1.54 -21.38
CA UNK G 40 -6.47 -1.27 -21.88
C UNK G 40 -6.31 -1.69 -23.35
N UNK G 41 -6.87 -2.85 -23.74
CA UNK G 41 -6.89 -3.29 -25.14
C UNK G 41 -7.65 -2.30 -26.05
N UNK G 42 -8.81 -1.81 -25.63
CA UNK G 42 -9.60 -0.83 -26.38
C UNK G 42 -8.86 0.52 -26.53
N UNK G 43 -8.13 0.95 -25.50
CA UNK G 43 -7.24 2.11 -25.60
C UNK G 43 -6.07 1.87 -26.57
N UNK G 44 -5.50 0.68 -26.59
CA UNK G 44 -4.39 0.32 -27.47
C UNK G 44 -4.79 0.23 -28.96
N UNK G 45 -5.91 -0.44 -29.28
CA UNK G 45 -6.38 -0.60 -30.66
C UNK G 45 -7.91 -0.76 -30.78
N UNK G 46 -8.48 -0.24 -31.86
CA UNK G 46 -9.85 -0.52 -32.28
C UNK G 46 -9.97 -1.89 -32.95
N UNK G 47 -11.20 -2.41 -33.05
CA UNK G 47 -11.59 -3.64 -33.76
C UNK G 47 -10.95 -4.97 -33.29
N UNK G 48 -10.08 -4.97 -32.27
CA UNK G 48 -9.41 -6.14 -31.72
C UNK G 48 -10.32 -7.01 -30.80
N UNK G 49 -11.61 -7.09 -31.11
CA UNK G 49 -12.66 -7.57 -30.20
C UNK G 49 -12.41 -8.98 -29.65
N UNK G 50 -11.78 -9.86 -30.43
CA UNK G 50 -11.44 -11.22 -30.02
C UNK G 50 -10.57 -11.28 -28.76
N UNK G 51 -9.61 -10.36 -28.58
CA UNK G 51 -8.71 -10.36 -27.43
C UNK G 51 -9.48 -10.19 -26.11
N UNK G 52 -10.44 -9.26 -26.10
CA UNK G 52 -11.37 -9.10 -24.99
C UNK G 52 -12.31 -10.30 -24.86
N UNK G 53 -12.91 -10.75 -25.97
CA UNK G 53 -13.89 -11.82 -25.98
C UNK G 53 -13.36 -13.11 -25.36
N UNK G 54 -12.08 -13.44 -25.56
CA UNK G 54 -11.47 -14.62 -24.95
C UNK G 54 -11.55 -14.58 -23.42
N UNK G 55 -11.18 -13.45 -22.83
CA UNK G 55 -11.28 -13.27 -21.39
C UNK G 55 -12.73 -13.28 -20.91
N UNK G 56 -13.65 -12.63 -21.64
CA UNK G 56 -15.06 -12.65 -21.31
C UNK G 56 -15.63 -14.09 -21.32
N UNK G 57 -15.21 -14.90 -22.29
CA UNK G 57 -15.58 -16.30 -22.37
C UNK G 57 -15.03 -17.10 -21.18
N UNK G 58 -13.79 -16.84 -20.76
CA UNK G 58 -13.24 -17.50 -19.57
C UNK G 58 -14.07 -17.18 -18.32
N UNK G 59 -14.48 -15.93 -18.17
CA UNK G 59 -15.38 -15.53 -17.09
C UNK G 59 -16.73 -16.26 -17.23
N UNK G 60 -17.30 -16.28 -18.42
CA UNK G 60 -18.55 -16.98 -18.69
C UNK G 60 -18.46 -18.47 -18.32
N UNK G 61 -17.33 -19.13 -18.55
CA UNK G 61 -17.13 -20.51 -18.13
C UNK G 61 -17.22 -20.67 -16.61
N UNK G 62 -16.58 -19.78 -15.86
CA UNK G 62 -16.74 -19.77 -14.41
C UNK G 62 -18.19 -19.53 -14.00
N UNK G 63 -18.88 -18.61 -14.68
CA UNK G 63 -20.30 -18.33 -14.41
C UNK G 63 -21.18 -19.56 -14.66
N UNK G 64 -20.93 -20.28 -15.75
CA UNK G 64 -21.64 -21.51 -16.06
C UNK G 64 -21.45 -22.55 -14.96
N UNK G 65 -20.21 -22.75 -14.51
CA UNK G 65 -19.92 -23.68 -13.42
C UNK G 65 -20.69 -23.31 -12.15
N UNK G 66 -20.73 -22.02 -11.80
CA UNK G 66 -21.54 -21.54 -10.69
C UNK G 66 -23.03 -21.82 -10.88
N UNK G 67 -23.60 -21.49 -12.05
CA UNK G 67 -25.01 -21.72 -12.33
C UNK G 67 -25.37 -23.21 -12.21
N UNK G 68 -24.53 -24.08 -12.72
CA UNK G 68 -24.73 -25.52 -12.60
C UNK G 68 -24.67 -25.96 -11.12
N UNK G 69 -23.68 -25.49 -10.37
CA UNK G 69 -23.63 -25.78 -8.94
C UNK G 69 -24.88 -25.28 -8.24
N UNK G 70 -25.39 -24.11 -8.62
CA UNK G 70 -26.61 -23.56 -8.07
C UNK G 70 -27.81 -24.46 -8.38
N UNK G 71 -27.92 -24.97 -9.61
CA UNK G 71 -28.95 -25.93 -9.96
C UNK G 71 -28.85 -27.21 -9.11
N UNK G 72 -27.63 -27.70 -8.85
CA UNK G 72 -27.42 -28.85 -7.98
C UNK G 72 -27.86 -28.55 -6.54
N UNK G 73 -27.54 -27.37 -6.02
CA UNK G 73 -28.03 -26.92 -4.73
C UNK G 73 -29.55 -26.80 -4.71
N UNK G 74 -30.18 -26.35 -5.80
CA UNK G 74 -31.63 -26.27 -5.91
C UNK G 74 -32.29 -27.65 -5.82
N UNK G 75 -31.68 -28.67 -6.43
CA UNK G 75 -32.10 -30.05 -6.24
C UNK G 75 -31.88 -30.50 -4.77
N UNK G 76 -30.77 -30.10 -4.15
CA UNK G 76 -30.48 -30.42 -2.76
C UNK G 76 -31.38 -29.70 -1.74
N UNK G 77 -32.06 -28.62 -2.14
CA UNK G 77 -32.82 -27.78 -1.23
C UNK G 77 -33.94 -28.56 -0.53
N UNK G 78 -34.06 -28.40 0.79
CA UNK G 78 -34.87 -29.29 1.62
C UNK G 78 -35.27 -28.70 2.98
N UNK G 79 -36.26 -29.32 3.61
CA UNK G 79 -36.74 -29.03 4.97
C UNK G 79 -36.71 -30.24 5.92
N UNK G 80 -36.25 -31.40 5.44
CA UNK G 80 -36.16 -32.64 6.22
C UNK G 80 -34.98 -33.54 5.79
N UNK G 81 -33.99 -32.99 5.09
CA UNK G 81 -32.82 -33.75 4.63
C UNK G 81 -31.94 -34.26 5.78
N UNK G 82 -31.19 -35.32 5.53
CA UNK G 82 -30.16 -35.79 6.45
C UNK G 82 -29.01 -34.77 6.56
N UNK G 83 -28.46 -34.60 7.76
CA UNK G 83 -27.41 -33.64 8.02
C UNK G 83 -26.16 -33.93 7.19
N UNK G 84 -25.82 -35.19 6.99
CA UNK G 84 -24.75 -35.61 6.10
C UNK G 84 -24.98 -35.13 4.66
N UNK G 85 -26.16 -35.40 4.11
CA UNK G 85 -26.51 -34.98 2.76
C UNK G 85 -26.43 -33.46 2.63
N UNK G 86 -27.02 -32.74 3.58
CA UNK G 86 -26.99 -31.28 3.59
C UNK G 86 -25.55 -30.76 3.68
N UNK G 87 -24.74 -31.31 4.58
CA UNK G 87 -23.36 -30.91 4.71
C UNK G 87 -22.57 -31.22 3.44
N UNK G 88 -22.85 -32.34 2.79
CA UNK G 88 -22.25 -32.68 1.51
C UNK G 88 -22.65 -31.69 0.41
N UNK G 89 -23.90 -31.21 0.40
CA UNK G 89 -24.29 -30.14 -0.51
C UNK G 89 -23.47 -28.87 -0.20
N UNK G 90 -23.34 -28.51 1.08
CA UNK G 90 -22.52 -27.37 1.50
C UNK G 90 -21.06 -27.53 1.04
N UNK G 91 -20.55 -28.74 1.14
CA UNK G 91 -19.22 -29.10 0.68
C UNK G 91 -19.08 -28.87 -0.82
N UNK G 92 -19.96 -29.47 -1.62
CA UNK G 92 -19.88 -29.38 -3.06
C UNK G 92 -19.94 -27.92 -3.52
N UNK G 93 -20.83 -27.13 -2.92
CA UNK G 93 -20.91 -25.73 -3.22
C UNK G 93 -19.63 -24.99 -2.81
N UNK G 94 -19.08 -25.26 -1.62
CA UNK G 94 -17.81 -24.68 -1.20
C UNK G 94 -16.68 -25.04 -2.17
N UNK G 95 -16.72 -26.25 -2.72
CA UNK G 95 -15.78 -26.68 -3.73
C UNK G 95 -15.92 -25.85 -5.00
N UNK G 96 -17.15 -25.68 -5.50
CA UNK G 96 -17.39 -24.82 -6.65
C UNK G 96 -16.89 -23.39 -6.36
N UNK G 97 -17.10 -22.90 -5.14
CA UNK G 97 -16.64 -21.58 -4.74
C UNK G 97 -15.12 -21.45 -4.82
N UNK G 98 -14.39 -22.39 -4.22
CA UNK G 98 -12.94 -22.40 -4.34
C UNK G 98 -12.49 -22.52 -5.80
N UNK G 99 -13.16 -23.35 -6.61
CA UNK G 99 -12.83 -23.49 -8.02
C UNK G 99 -12.92 -22.15 -8.75
N UNK G 100 -14.02 -21.42 -8.55
CA UNK G 100 -14.19 -20.11 -9.14
C UNK G 100 -13.17 -19.10 -8.59
N UNK G 101 -12.85 -19.16 -7.29
CA UNK G 101 -11.85 -18.28 -6.68
C UNK G 101 -10.51 -18.42 -7.38
N UNK G 102 -10.16 -19.66 -7.76
CA UNK G 102 -9.02 -19.91 -8.62
C UNK G 102 -9.25 -19.32 -10.02
N UNK G 103 -10.38 -19.63 -10.65
CA UNK G 103 -10.68 -19.21 -12.02
C UNK G 103 -10.45 -17.71 -12.24
N UNK G 104 -10.80 -16.91 -11.24
CA UNK G 104 -10.60 -15.48 -11.27
C UNK G 104 -9.13 -15.10 -11.41
N UNK G 105 -8.32 -15.41 -10.40
CA UNK G 105 -6.91 -15.04 -10.41
C UNK G 105 -6.19 -15.64 -11.63
N UNK G 106 -6.61 -16.83 -12.06
CA UNK G 106 -6.12 -17.47 -13.26
C UNK G 106 -6.41 -16.64 -14.51
N UNK G 107 -7.67 -16.30 -14.74
CA UNK G 107 -8.04 -15.48 -15.88
C UNK G 107 -7.37 -14.10 -15.81
N UNK G 108 -7.12 -13.57 -14.62
CA UNK G 108 -6.77 -12.17 -14.42
C UNK G 108 -5.48 -11.74 -15.14
N UNK G 109 -4.34 -12.29 -14.74
CA UNK G 109 -3.09 -11.98 -15.41
C UNK G 109 -3.11 -12.45 -16.87
N UNK G 110 -3.78 -13.58 -17.15
CA UNK G 110 -3.92 -14.08 -18.52
C UNK G 110 -4.57 -13.05 -19.43
N UNK G 111 -5.62 -12.37 -18.96
CA UNK G 111 -6.28 -11.33 -19.72
C UNK G 111 -5.35 -10.13 -19.96
N UNK G 112 -4.67 -9.65 -18.92
CA UNK G 112 -3.75 -8.50 -19.05
C UNK G 112 -2.61 -8.81 -20.03
N UNK G 113 -2.07 -10.02 -19.94
CA UNK G 113 -1.10 -10.55 -20.89
C UNK G 113 -1.69 -10.61 -22.30
N UNK G 114 -2.89 -11.15 -22.50
CA UNK G 114 -3.52 -11.23 -23.81
C UNK G 114 -3.73 -9.85 -24.44
N UNK G 115 -4.12 -8.84 -23.65
CA UNK G 115 -4.21 -7.47 -24.12
C UNK G 115 -2.84 -6.93 -24.58
N UNK G 116 -1.81 -7.08 -23.75
CA UNK G 116 -0.46 -6.64 -24.08
C UNK G 116 0.10 -7.35 -25.33
N UNK G 117 -0.10 -8.66 -25.42
CA UNK G 117 0.34 -9.48 -26.54
C UNK G 117 -0.39 -9.11 -27.85
N UNK G 118 -1.72 -8.96 -27.82
CA UNK G 118 -2.50 -8.60 -29.02
C UNK G 118 -2.12 -7.21 -29.56
N UNK G 119 -1.85 -6.25 -28.67
CA UNK G 119 -1.34 -4.94 -29.08
C UNK G 119 0.04 -5.05 -29.74
N UNK G 120 0.90 -5.95 -29.27
CA UNK G 120 2.21 -6.20 -29.84
C UNK G 120 2.15 -6.94 -31.19
N UNK G 121 1.44 -8.07 -31.29
CA UNK G 121 1.40 -8.92 -32.47
C UNK G 121 0.12 -9.75 -32.59
N UNK G 122 -0.30 -10.03 -33.82
CA UNK G 122 -1.41 -10.94 -34.12
C UNK G 122 -1.03 -12.42 -33.92
N UNK G 123 0.22 -12.79 -34.21
CA UNK G 123 0.69 -14.17 -34.13
C UNK G 123 0.62 -14.78 -32.72
N UNK G 124 0.79 -13.94 -31.68
CA UNK G 124 0.75 -14.36 -30.29
C UNK G 124 -0.67 -14.69 -29.78
N UNK G 125 -1.73 -14.17 -30.41
CA UNK G 125 -3.08 -14.20 -29.86
C UNK G 125 -3.62 -15.63 -29.66
N UNK G 126 -3.40 -16.51 -30.64
CA UNK G 126 -3.78 -17.91 -30.55
C UNK G 126 -3.05 -18.62 -29.41
N UNK G 127 -1.74 -18.39 -29.27
CA UNK G 127 -0.95 -18.97 -28.18
C UNK G 127 -1.43 -18.48 -26.80
N UNK G 128 -1.69 -17.18 -26.66
CA UNK G 128 -2.24 -16.61 -25.44
C UNK G 128 -3.61 -17.21 -25.10
N UNK G 129 -4.50 -17.32 -26.10
CA UNK G 129 -5.82 -17.92 -25.92
C UNK G 129 -5.71 -19.37 -25.43
N UNK G 130 -4.84 -20.15 -26.06
CA UNK G 130 -4.57 -21.52 -25.63
C UNK G 130 -4.05 -21.58 -24.18
N UNK G 131 -3.10 -20.71 -23.82
CA UNK G 131 -2.56 -20.66 -22.46
C UNK G 131 -3.64 -20.31 -21.42
N UNK G 132 -4.47 -19.32 -21.73
CA UNK G 132 -5.59 -18.93 -20.88
C UNK G 132 -6.59 -20.07 -20.70
N UNK G 133 -6.97 -20.74 -21.79
CA UNK G 133 -7.86 -21.89 -21.74
C UNK G 133 -7.28 -23.04 -20.90
N UNK G 134 -6.00 -23.38 -21.12
CA UNK G 134 -5.31 -24.42 -20.36
C UNK G 134 -5.29 -24.11 -18.86
N UNK G 135 -5.14 -22.84 -18.47
CA UNK G 135 -5.27 -22.43 -17.09
C UNK G 135 -6.71 -22.58 -16.57
N UNK G 136 -7.70 -22.05 -17.29
CA UNK G 136 -9.10 -22.11 -16.89
C UNK G 136 -9.59 -23.55 -16.69
N UNK G 137 -9.08 -24.47 -17.50
CA UNK G 137 -9.40 -25.89 -17.39
C UNK G 137 -9.08 -26.47 -16.01
N UNK G 138 -8.07 -25.96 -15.30
CA UNK G 138 -7.78 -26.41 -13.94
C UNK G 138 -8.95 -26.12 -13.01
N UNK G 139 -9.49 -24.90 -13.08
CA UNK G 139 -10.70 -24.59 -12.34
C UNK G 139 -11.86 -25.46 -12.81
N UNK G 140 -12.04 -25.68 -14.11
CA UNK G 140 -13.10 -26.56 -14.61
C UNK G 140 -12.98 -27.99 -14.08
N UNK G 141 -11.76 -28.51 -13.89
CA UNK G 141 -11.54 -29.81 -13.28
C UNK G 141 -12.04 -29.84 -11.84
N UNK G 142 -11.75 -28.80 -11.06
CA UNK G 142 -12.33 -28.66 -9.74
C UNK G 142 -13.85 -28.50 -9.79
N UNK G 143 -14.41 -27.84 -10.81
CA UNK G 143 -15.87 -27.74 -10.98
C UNK G 143 -16.50 -29.11 -11.22
N UNK G 144 -15.84 -29.97 -12.00
CA UNK G 144 -16.25 -31.35 -12.14
C UNK G 144 -16.15 -32.10 -10.80
N UNK G 145 -15.09 -31.90 -10.03
CA UNK G 145 -14.96 -32.51 -8.72
C UNK G 145 -16.09 -32.07 -7.77
N UNK G 146 -16.46 -30.79 -7.81
CA UNK G 146 -17.62 -30.29 -7.08
C UNK G 146 -18.89 -31.01 -7.56
N UNK G 147 -19.11 -31.12 -8.86
CA UNK G 147 -20.26 -31.83 -9.39
C UNK G 147 -20.29 -33.30 -8.94
N UNK G 148 -19.13 -33.96 -8.89
CA UNK G 148 -19.03 -35.32 -8.35
C UNK G 148 -19.41 -35.36 -6.87
N UNK G 149 -18.95 -34.39 -6.06
CA UNK G 149 -19.38 -34.27 -4.68
C UNK G 149 -20.90 -34.05 -4.58
N UNK G 150 -21.49 -33.29 -5.49
CA UNK G 150 -22.93 -33.04 -5.50
C UNK G 150 -23.73 -34.31 -5.78
N UNK G 151 -23.30 -35.13 -6.74
CA UNK G 151 -23.87 -36.45 -6.92
C UNK G 151 -23.70 -37.28 -5.64
N UNK G 152 -22.49 -37.30 -5.07
CA UNK G 152 -22.20 -38.06 -3.85
C UNK G 152 -23.07 -37.62 -2.66
N UNK G 153 -23.53 -36.37 -2.64
CA UNK G 153 -24.42 -35.88 -1.59
C UNK G 153 -25.80 -36.56 -1.62
N UNK G 154 -26.34 -36.84 -2.81
CA UNK G 154 -27.56 -37.63 -2.92
C UNK G 154 -27.29 -39.14 -2.81
N UNK G 155 -26.07 -39.59 -3.13
CA UNK G 155 -25.73 -41.01 -3.24
C UNK G 155 -25.92 -41.77 -1.93
N UNK G 156 -26.71 -42.85 -1.99
CA UNK G 156 -27.09 -43.69 -0.85
C UNK G 156 -27.70 -42.91 0.34
N UNK G 157 -28.19 -41.68 0.11
CA UNK G 157 -28.74 -40.82 1.15
C UNK G 157 -29.97 -41.49 1.78
N UNK G 158 -29.93 -41.71 3.09
CA UNK G 158 -30.94 -42.49 3.81
C UNK G 158 -31.10 -42.01 5.26
N UNK G 159 -32.26 -42.28 5.84
CA UNK G 159 -32.57 -42.01 7.23
C UNK G 159 -31.63 -42.73 8.20
N UNK H 1 -24.02 -41.52 18.89
CA UNK H 1 -22.99 -42.58 19.05
C UNK H 1 -21.59 -41.98 19.06
N UNK H 2 -20.78 -42.33 20.06
CA UNK H 2 -19.49 -41.67 20.33
C UNK H 2 -18.46 -41.80 19.19
N UNK H 3 -18.49 -42.91 18.44
CA UNK H 3 -17.64 -43.11 17.28
C UNK H 3 -18.08 -42.33 16.03
N UNK H 4 -19.31 -41.81 16.03
CA UNK H 4 -20.05 -41.47 14.82
C UNK H 4 -21.02 -40.29 15.06
N UNK H 5 -20.54 -39.21 15.68
CA UNK H 5 -21.29 -37.95 15.75
C UNK H 5 -21.54 -37.43 14.33
N UNK H 6 -22.82 -37.31 13.94
CA UNK H 6 -23.18 -36.97 12.56
C UNK H 6 -22.57 -35.64 12.12
N UNK H 7 -22.58 -34.66 13.02
CA UNK H 7 -21.96 -33.36 12.81
C UNK H 7 -20.45 -33.48 12.54
N UNK H 8 -19.76 -34.40 13.22
CA UNK H 8 -18.33 -34.58 13.01
C UNK H 8 -18.06 -35.14 11.61
N UNK H 9 -18.78 -36.19 11.21
CA UNK H 9 -18.66 -36.75 9.87
C UNK H 9 -18.95 -35.68 8.80
N UNK H 10 -19.99 -34.88 9.02
CA UNK H 10 -20.35 -33.76 8.18
C UNK H 10 -19.19 -32.76 8.04
N UNK H 11 -18.69 -32.21 9.14
CA UNK H 11 -17.61 -31.23 9.13
C UNK H 11 -16.37 -31.79 8.41
N UNK H 12 -16.05 -33.06 8.65
CA UNK H 12 -14.93 -33.71 8.01
C UNK H 12 -15.11 -33.76 6.50
N UNK H 13 -16.20 -34.35 6.03
CA UNK H 13 -16.45 -34.47 4.59
C UNK H 13 -16.45 -33.09 3.92
N UNK H 14 -16.99 -32.08 4.60
CA UNK H 14 -16.96 -30.71 4.12
C UNK H 14 -15.53 -30.22 3.91
N UNK H 15 -14.72 -30.26 4.97
CA UNK H 15 -13.33 -29.84 4.88
C UNK H 15 -12.58 -30.63 3.79
N UNK H 16 -12.92 -31.91 3.60
CA UNK H 16 -12.27 -32.75 2.60
C UNK H 16 -12.49 -32.21 1.17
N UNK H 17 -13.74 -32.05 0.76
CA UNK H 17 -14.00 -31.48 -0.55
C UNK H 17 -13.48 -30.03 -0.63
N UNK H 18 -13.56 -29.27 0.46
CA UNK H 18 -13.07 -27.89 0.48
C UNK H 18 -11.57 -27.85 0.12
N UNK H 19 -10.78 -28.70 0.76
CA UNK H 19 -9.38 -28.82 0.42
C UNK H 19 -9.21 -29.27 -1.04
N UNK H 20 -10.00 -30.24 -1.50
CA UNK H 20 -9.88 -30.78 -2.86
C UNK H 20 -9.92 -29.65 -3.89
N UNK H 21 -10.89 -28.76 -3.77
CA UNK H 21 -10.95 -27.60 -4.65
C UNK H 21 -9.94 -26.52 -4.29
N UNK H 22 -9.58 -26.35 -3.02
CA UNK H 22 -8.60 -25.35 -2.60
C UNK H 22 -7.26 -25.54 -3.32
N UNK H 23 -6.95 -26.76 -3.75
CA UNK H 23 -5.80 -27.04 -4.60
C UNK H 23 -5.76 -26.16 -5.87
N UNK H 24 -6.89 -25.79 -6.46
CA UNK H 24 -6.90 -24.99 -7.68
C UNK H 24 -6.30 -23.59 -7.49
N UNK H 25 -6.33 -23.04 -6.27
CA UNK H 25 -5.70 -21.75 -5.95
C UNK H 25 -4.22 -21.75 -6.33
N UNK H 26 -3.61 -22.94 -6.28
CA UNK H 26 -2.27 -23.18 -6.76
C UNK H 26 -2.16 -22.87 -8.26
N UNK H 27 -2.95 -23.56 -9.07
CA UNK H 27 -2.87 -23.46 -10.53
C UNK H 27 -2.96 -22.02 -11.02
N UNK H 28 -3.80 -21.23 -10.34
CA UNK H 28 -3.96 -19.83 -10.64
C UNK H 28 -2.65 -19.06 -10.56
N UNK H 29 -1.98 -19.04 -9.41
CA UNK H 29 -0.79 -18.23 -9.22
C UNK H 29 0.32 -18.63 -10.22
N UNK H 30 0.45 -19.93 -10.50
CA UNK H 30 1.40 -20.43 -11.48
C UNK H 30 1.08 -19.92 -12.88
N UNK H 31 -0.15 -20.15 -13.34
CA UNK H 31 -0.58 -19.66 -14.63
C UNK H 31 -0.37 -18.15 -14.72
N UNK H 32 -0.66 -17.41 -13.66
CA UNK H 32 -0.59 -15.96 -13.64
C UNK H 32 0.83 -15.44 -13.88
N UNK H 33 1.80 -15.86 -13.07
CA UNK H 33 3.16 -15.39 -13.24
C UNK H 33 3.73 -15.79 -14.60
N UNK H 34 3.41 -17.00 -15.07
CA UNK H 34 3.82 -17.45 -16.39
C UNK H 34 3.25 -16.57 -17.50
N UNK H 35 1.94 -16.29 -17.47
CA UNK H 35 1.30 -15.43 -18.46
C UNK H 35 1.90 -14.02 -18.45
N UNK H 36 2.15 -13.46 -17.26
CA UNK H 36 2.73 -12.13 -17.11
C UNK H 36 4.06 -12.00 -17.85
N UNK H 37 4.92 -13.03 -17.78
CA UNK H 37 6.15 -13.08 -18.55
C UNK H 37 5.93 -13.44 -20.04
N UNK H 38 4.96 -14.31 -20.35
CA UNK H 38 4.73 -14.82 -21.69
C UNK H 38 4.44 -13.72 -22.71
N UNK H 39 3.65 -12.69 -22.37
CA UNK H 39 3.39 -11.57 -23.29
C UNK H 39 4.65 -10.77 -23.61
N UNK H 40 5.48 -10.44 -22.61
CA UNK H 40 6.72 -9.69 -22.83
C UNK H 40 7.74 -10.49 -23.65
N UNK H 41 7.81 -11.81 -23.46
CA UNK H 41 8.61 -12.68 -24.31
C UNK H 41 8.07 -12.72 -25.75
N UNK H 42 6.75 -12.91 -25.92
CA UNK H 42 6.11 -12.96 -27.23
C UNK H 42 6.29 -11.66 -28.03
N UNK H 43 6.31 -10.51 -27.36
CA UNK H 43 6.59 -9.21 -27.96
C UNK H 43 7.99 -9.12 -28.61
N UNK H 44 8.94 -9.97 -28.20
CA UNK H 44 10.18 -10.22 -28.93
C UNK H 44 10.02 -11.35 -29.96
N UNK H 45 9.60 -12.55 -29.52
CA UNK H 45 9.41 -13.72 -30.36
C UNK H 45 8.47 -14.75 -29.73
N UNK H 46 7.62 -15.38 -30.55
CA UNK H 46 6.70 -16.43 -30.12
C UNK H 46 7.37 -17.76 -29.71
N UNK H 47 8.66 -17.95 -30.04
CA UNK H 47 9.35 -19.24 -29.90
C UNK H 47 9.38 -19.80 -28.47
N UNK H 48 9.46 -18.94 -27.45
CA UNK H 48 9.49 -19.36 -26.05
C UNK H 48 8.13 -19.83 -25.48
N UNK H 49 7.03 -19.67 -26.23
CA UNK H 49 5.67 -19.85 -25.71
C UNK H 49 5.40 -21.26 -25.15
N UNK H 50 5.81 -22.32 -25.85
CA UNK H 50 5.63 -23.69 -25.38
C UNK H 50 6.37 -23.93 -24.05
N UNK H 51 7.61 -23.43 -23.92
CA UNK H 51 8.38 -23.50 -22.69
C UNK H 51 7.71 -22.73 -21.54
N UNK H 52 7.25 -21.50 -21.82
CA UNK H 52 6.56 -20.68 -20.84
C UNK H 52 5.29 -21.37 -20.33
N UNK H 53 4.46 -21.87 -21.23
CA UNK H 53 3.24 -22.59 -20.89
C UNK H 53 3.55 -23.85 -20.08
N UNK H 54 4.55 -24.62 -20.47
CA UNK H 54 4.93 -25.85 -19.79
C UNK H 54 5.24 -25.63 -18.31
N UNK H 55 5.94 -24.54 -17.98
CA UNK H 55 6.27 -24.23 -16.60
C UNK H 55 5.01 -24.13 -15.74
N UNK H 56 4.00 -23.41 -16.22
CA UNK H 56 2.71 -23.36 -15.53
C UNK H 56 2.00 -24.70 -15.55
N UNK H 57 1.95 -25.34 -16.73
CA UNK H 57 1.20 -26.56 -16.94
C UNK H 57 1.65 -27.66 -15.97
N UNK H 58 2.94 -27.73 -15.64
CA UNK H 58 3.46 -28.65 -14.65
C UNK H 58 2.77 -28.46 -13.30
N UNK H 59 2.81 -27.24 -12.75
CA UNK H 59 2.18 -26.96 -11.46
C UNK H 59 0.66 -27.16 -11.52
N UNK H 60 0.03 -26.75 -12.63
CA UNK H 60 -1.39 -26.93 -12.83
C UNK H 60 -1.78 -28.41 -12.80
N UNK H 61 -1.03 -29.26 -13.48
CA UNK H 61 -1.24 -30.69 -13.44
C UNK H 61 -1.08 -31.21 -12.00
N UNK H 62 -0.06 -30.78 -11.26
CA UNK H 62 0.10 -31.19 -9.87
C UNK H 62 -1.10 -30.80 -9.01
N UNK H 63 -1.62 -29.59 -9.20
CA UNK H 63 -2.83 -29.15 -8.54
C UNK H 63 -4.01 -30.04 -8.93
N UNK H 64 -4.22 -30.30 -10.22
CA UNK H 64 -5.29 -31.16 -10.71
C UNK H 64 -5.20 -32.56 -10.10
N UNK H 65 -4.00 -33.12 -10.02
CA UNK H 65 -3.74 -34.42 -9.42
C UNK H 65 -4.13 -34.43 -7.95
N UNK H 66 -3.70 -33.42 -7.19
CA UNK H 66 -4.09 -33.28 -5.79
C UNK H 66 -5.61 -33.25 -5.65
N UNK H 67 -6.29 -32.44 -6.46
CA UNK H 67 -7.74 -32.34 -6.43
C UNK H 67 -8.41 -33.70 -6.69
N UNK H 68 -7.99 -34.40 -7.74
CA UNK H 68 -8.53 -35.71 -8.07
C UNK H 68 -8.32 -36.72 -6.93
N UNK H 69 -7.12 -36.75 -6.35
CA UNK H 69 -6.82 -37.63 -5.23
C UNK H 69 -7.71 -37.32 -4.02
N UNK H 70 -7.89 -36.03 -3.72
CA UNK H 70 -8.77 -35.62 -2.63
C UNK H 70 -10.22 -35.97 -2.92
N UNK H 71 -10.68 -35.82 -4.16
CA UNK H 71 -12.01 -36.23 -4.56
C UNK H 71 -12.19 -37.75 -4.39
N UNK H 72 -11.17 -38.53 -4.72
CA UNK H 72 -11.18 -39.96 -4.46
C UNK H 72 -11.27 -40.25 -2.96
N UNK H 73 -10.52 -39.54 -2.11
CA UNK H 73 -10.66 -39.66 -0.66
C UNK H 73 -12.07 -39.28 -0.19
N UNK H 74 -12.65 -38.23 -0.77
CA UNK H 74 -14.00 -37.78 -0.48
C UNK H 74 -15.08 -38.79 -0.91
N UNK H 75 -14.81 -39.70 -1.84
CA UNK H 75 -15.75 -40.77 -2.18
C UNK H 75 -16.04 -41.71 -0.98
N UNK H 76 -15.22 -41.68 0.07
CA UNK H 76 -15.48 -42.36 1.33
C UNK H 76 -16.49 -41.65 2.26
N UNK H 77 -16.91 -40.41 1.98
CA UNK H 77 -17.89 -39.69 2.80
C UNK H 77 -19.29 -40.33 2.75
N UNK H 78 -19.94 -40.47 3.92
CA UNK H 78 -21.24 -41.15 4.07
C UNK H 78 -22.00 -40.71 5.33
N UNK H 79 -23.31 -40.96 5.35
CA UNK H 79 -24.19 -40.61 6.46
C UNK H 79 -23.91 -41.34 7.79
N UNK H 80 -23.04 -42.36 7.78
CA UNK H 80 -22.57 -43.03 8.99
C UNK H 80 -21.06 -43.38 8.94
N UNK H 81 -20.25 -42.57 8.25
CA UNK H 81 -18.79 -42.73 8.25
C UNK H 81 -18.18 -42.55 9.64
N UNK H 82 -17.03 -43.20 9.91
CA UNK H 82 -16.34 -43.09 11.20
C UNK H 82 -15.67 -41.71 11.36
N UNK H 83 -15.94 -41.02 12.46
CA UNK H 83 -15.55 -39.62 12.65
C UNK H 83 -14.04 -39.43 12.57
N UNK H 84 -13.27 -40.23 13.31
CA UNK H 84 -11.82 -40.13 13.32
C UNK H 84 -11.22 -40.35 11.94
N UNK H 85 -11.65 -41.40 11.24
CA UNK H 85 -11.18 -41.71 9.90
C UNK H 85 -11.52 -40.59 8.93
N UNK H 86 -12.76 -40.12 8.93
CA UNK H 86 -13.20 -39.04 8.06
C UNK H 86 -12.37 -37.77 8.32
N UNK H 87 -12.13 -37.41 9.58
CA UNK H 87 -11.33 -36.25 9.93
C UNK H 87 -9.88 -36.41 9.44
N UNK H 88 -9.31 -37.60 9.55
CA UNK H 88 -7.99 -37.89 9.03
C UNK H 88 -7.96 -37.69 7.50
N UNK H 89 -8.96 -38.20 6.79
CA UNK H 89 -9.07 -37.96 5.36
C UNK H 89 -9.16 -36.45 5.05
N UNK H 90 -9.94 -35.71 5.84
CA UNK H 90 -10.09 -34.28 5.66
C UNK H 90 -8.76 -33.54 5.80
N UNK H 91 -8.04 -33.81 6.90
CA UNK H 91 -6.73 -33.23 7.10
C UNK H 91 -5.74 -33.65 6.00
N UNK H 92 -5.81 -34.89 5.53
CA UNK H 92 -4.96 -35.36 4.45
C UNK H 92 -5.17 -34.52 3.18
N UNK H 93 -6.43 -34.29 2.81
CA UNK H 93 -6.72 -33.41 1.70
C UNK H 93 -6.16 -32.01 1.97
N UNK H 94 -6.32 -31.49 3.19
CA UNK H 94 -5.78 -30.19 3.57
C UNK H 94 -4.26 -30.12 3.37
N UNK H 95 -3.55 -31.21 3.67
CA UNK H 95 -2.12 -31.31 3.43
C UNK H 95 -1.79 -31.11 1.96
N UNK H 96 -2.41 -31.92 1.11
CA UNK H 96 -2.17 -31.88 -0.32
C UNK H 96 -2.41 -30.46 -0.85
N UNK H 97 -3.57 -29.89 -0.53
CA UNK H 97 -3.96 -28.58 -1.02
C UNK H 97 -3.03 -27.47 -0.55
N UNK H 98 -2.77 -27.38 0.76
CA UNK H 98 -1.96 -26.30 1.31
C UNK H 98 -0.54 -26.36 0.73
N UNK H 99 0.02 -27.57 0.62
CA UNK H 99 1.32 -27.76 0.01
C UNK H 99 1.33 -27.35 -1.46
N UNK H 100 0.36 -27.85 -2.23
CA UNK H 100 0.24 -27.51 -3.64
C UNK H 100 0.19 -25.99 -3.82
N UNK H 101 -0.56 -25.28 -2.99
CA UNK H 101 -0.71 -23.83 -3.08
C UNK H 101 0.65 -23.14 -3.05
N UNK H 102 1.44 -23.41 -2.02
CA UNK H 102 2.77 -22.84 -1.94
C UNK H 102 3.68 -23.39 -3.06
N UNK H 103 3.58 -24.67 -3.41
CA UNK H 103 4.41 -25.27 -4.44
C UNK H 103 4.21 -24.57 -5.79
N UNK H 104 2.97 -24.25 -6.12
CA UNK H 104 2.70 -23.46 -7.30
C UNK H 104 3.18 -22.02 -7.15
N UNK H 105 3.07 -21.40 -5.97
CA UNK H 105 3.66 -20.07 -5.77
C UNK H 105 5.17 -20.10 -6.01
N UNK H 106 5.84 -21.21 -5.68
CA UNK H 106 7.24 -21.42 -6.03
C UNK H 106 7.42 -21.49 -7.55
N UNK H 107 6.63 -22.33 -8.21
CA UNK H 107 6.66 -22.43 -9.66
C UNK H 107 6.43 -21.06 -10.31
N UNK H 108 5.55 -20.25 -9.74
CA UNK H 108 5.24 -18.90 -10.19
C UNK H 108 6.50 -18.01 -10.13
N UNK H 109 7.19 -17.98 -8.99
CA UNK H 109 8.43 -17.23 -8.85
C UNK H 109 9.47 -17.67 -9.90
N UNK H 110 9.59 -18.98 -10.11
CA UNK H 110 10.50 -19.52 -11.13
C UNK H 110 10.09 -19.06 -12.54
N UNK H 111 8.83 -19.25 -12.91
CA UNK H 111 8.31 -18.90 -14.22
C UNK H 111 8.48 -17.42 -14.54
N UNK H 112 8.30 -16.54 -13.54
CA UNK H 112 8.41 -15.09 -13.71
C UNK H 112 9.77 -14.66 -14.27
N UNK H 113 10.83 -15.36 -13.89
CA UNK H 113 12.14 -15.21 -14.51
C UNK H 113 12.28 -16.06 -15.79
N UNK H 114 11.80 -17.30 -15.78
CA UNK H 114 12.15 -18.32 -16.75
C UNK H 114 12.04 -17.88 -18.22
N UNK H 115 10.92 -17.30 -18.63
CA UNK H 115 10.73 -16.90 -20.02
C UNK H 115 11.65 -15.74 -20.41
N UNK H 116 11.79 -14.71 -19.55
CA UNK H 116 12.71 -13.60 -19.78
C UNK H 116 14.17 -14.07 -19.86
N UNK H 117 14.55 -15.01 -18.98
CA UNK H 117 15.86 -15.64 -18.99
C UNK H 117 16.09 -16.40 -20.31
N UNK H 118 15.14 -17.22 -20.74
CA UNK H 118 15.24 -17.96 -22.00
C UNK H 118 15.33 -17.01 -23.21
N UNK H 119 14.58 -15.91 -23.22
CA UNK H 119 14.64 -14.91 -24.26
C UNK H 119 16.01 -14.22 -24.34
N UNK H 120 16.68 -14.02 -23.19
CA UNK H 120 18.04 -13.50 -23.14
C UNK H 120 19.11 -14.57 -23.51
N UNK H 121 18.94 -15.81 -23.07
CA UNK H 121 19.88 -16.92 -23.26
C UNK H 121 19.15 -18.28 -23.19
N UNK H 122 19.10 -19.01 -24.30
CA UNK H 122 18.30 -20.24 -24.43
C UNK H 122 18.67 -21.33 -23.41
N UNK H 123 19.95 -21.42 -23.04
CA UNK H 123 20.44 -22.39 -22.06
C UNK H 123 19.83 -22.24 -20.66
N UNK H 124 19.26 -21.06 -20.32
CA UNK H 124 18.55 -20.86 -19.05
C UNK H 124 17.36 -21.82 -18.85
N UNK H 125 16.82 -22.41 -19.91
CA UNK H 125 15.76 -23.41 -19.81
C UNK H 125 16.16 -24.62 -18.94
N UNK H 126 17.44 -25.00 -18.90
CA UNK H 126 17.91 -26.06 -18.01
C UNK H 126 17.75 -25.68 -16.53
N UNK H 127 18.09 -24.46 -16.16
CA UNK H 127 17.89 -23.92 -14.82
C UNK H 127 16.40 -23.81 -14.47
N UNK H 128 15.58 -23.33 -15.41
CA UNK H 128 14.13 -23.29 -15.25
C UNK H 128 13.56 -24.69 -15.00
N UNK H 129 14.01 -25.69 -15.76
CA UNK H 129 13.62 -27.08 -15.54
C UNK H 129 14.05 -27.57 -14.14
N UNK H 130 15.29 -27.27 -13.71
CA UNK H 130 15.76 -27.66 -12.38
C UNK H 130 14.89 -27.06 -11.26
N UNK H 131 14.53 -25.78 -11.37
CA UNK H 131 13.62 -25.15 -10.44
C UNK H 131 12.21 -25.78 -10.49
N UNK H 132 11.66 -25.95 -11.70
CA UNK H 132 10.32 -26.53 -11.89
C UNK H 132 10.23 -27.95 -11.34
N UNK H 133 11.28 -28.76 -11.48
CA UNK H 133 11.36 -30.09 -10.90
C UNK H 133 11.29 -30.02 -9.38
N UNK H 134 12.06 -29.12 -8.74
CA UNK H 134 11.99 -28.93 -7.29
C UNK H 134 10.57 -28.55 -6.84
N UNK H 135 9.89 -27.68 -7.59
CA UNK H 135 8.52 -27.31 -7.32
C UNK H 135 7.57 -28.51 -7.42
N UNK H 136 7.66 -29.25 -8.54
CA UNK H 136 6.85 -30.44 -8.76
C UNK H 136 7.05 -31.48 -7.65
N UNK H 137 8.30 -31.69 -7.22
CA UNK H 137 8.65 -32.62 -6.16
C UNK H 137 7.99 -32.24 -4.82
N UNK H 138 8.00 -30.96 -4.45
CA UNK H 138 7.35 -30.51 -3.22
C UNK H 138 5.85 -30.83 -3.22
N UNK H 139 5.17 -30.56 -4.33
CA UNK H 139 3.76 -30.88 -4.48
C UNK H 139 3.53 -32.40 -4.42
N UNK H 140 4.27 -33.17 -5.22
CA UNK H 140 4.14 -34.61 -5.28
C UNK H 140 4.41 -35.26 -3.92
N UNK H 141 5.41 -34.77 -3.17
CA UNK H 141 5.73 -35.27 -1.84
C UNK H 141 4.54 -35.15 -0.88
N UNK H 142 3.88 -33.99 -0.88
CA UNK H 142 2.68 -33.79 -0.09
C UNK H 142 1.53 -34.69 -0.56
N UNK H 143 1.34 -34.86 -1.87
CA UNK H 143 0.32 -35.75 -2.41
C UNK H 143 0.55 -37.20 -1.94
N UNK H 144 1.79 -37.67 -1.95
CA UNK H 144 2.15 -38.99 -1.44
C UNK H 144 1.82 -39.10 0.06
N UNK H 145 2.24 -38.12 0.86
CA UNK H 145 1.93 -38.10 2.29
C UNK H 145 0.42 -38.11 2.55
N UNK H 146 -0.33 -37.28 1.82
CA UNK H 146 -1.77 -37.21 1.94
C UNK H 146 -2.43 -38.53 1.55
N UNK H 147 -2.09 -39.09 0.40
CA UNK H 147 -2.65 -40.36 -0.05
C UNK H 147 -2.34 -41.48 0.96
N UNK H 148 -1.13 -41.50 1.53
CA UNK H 148 -0.77 -42.44 2.57
C UNK H 148 -1.65 -42.26 3.82
N UNK H 149 -1.84 -41.02 4.26
CA UNK H 149 -2.74 -40.72 5.37
C UNK H 149 -4.20 -41.13 5.05
N UNK H 150 -4.67 -40.93 3.82
CA UNK H 150 -6.00 -41.32 3.40
C UNK H 150 -6.18 -42.84 3.41
N UNK H 151 -5.21 -43.57 2.90
CA UNK H 151 -5.21 -45.03 2.96
C UNK H 151 -5.18 -45.50 4.41
N UNK H 152 -4.32 -44.91 5.25
CA UNK H 152 -4.24 -45.24 6.66
C UNK H 152 -5.55 -44.95 7.40
N UNK H 153 -6.28 -43.89 7.02
CA UNK H 153 -7.60 -43.60 7.56
C UNK H 153 -8.63 -44.68 7.18
N UNK H 154 -8.61 -45.15 5.93
CA UNK H 154 -9.46 -46.25 5.51
C UNK H 154 -9.06 -47.58 6.20
N UNK H 155 -7.77 -47.79 6.47
CA UNK H 155 -7.26 -49.01 7.07
C UNK H 155 -7.74 -49.21 8.52
N UNK H 156 -8.14 -50.44 8.83
CA UNK H 156 -8.70 -50.85 10.13
C UNK H 156 -9.91 -50.01 10.60
N UNK H 157 -10.60 -49.32 9.69
CA UNK H 157 -11.72 -48.43 10.02
C UNK H 157 -12.87 -49.20 10.69
N UNK H 158 -13.26 -48.76 11.87
CA UNK H 158 -14.30 -49.37 12.71
C UNK H 158 -14.81 -48.35 13.75
N UNK H 159 -15.98 -48.62 14.33
CA UNK H 159 -16.49 -47.87 15.47
C UNK H 159 -15.63 -48.08 16.73
N UNK I 1 -13.52 -46.07 24.89
CA UNK I 1 -12.45 -45.44 25.69
C UNK I 1 -12.97 -44.22 26.46
N UNK I 2 -12.45 -43.98 27.66
CA UNK I 2 -12.91 -42.89 28.54
C UNK I 2 -11.76 -42.12 29.24
N UNK I 3 -10.64 -42.77 29.57
CA UNK I 3 -9.43 -42.09 30.07
C UNK I 3 -8.96 -41.02 29.07
N UNK I 4 -9.05 -41.35 27.79
CA UNK I 4 -9.25 -40.41 26.70
C UNK I 4 -10.62 -40.73 26.11
N UNK I 5 -11.54 -39.76 26.06
CA UNK I 5 -12.86 -39.95 25.46
C UNK I 5 -12.78 -40.00 23.93
N UNK I 6 -13.72 -40.69 23.28
CA UNK I 6 -13.70 -40.90 21.82
C UNK I 6 -13.63 -39.59 21.03
N UNK I 7 -14.43 -38.59 21.38
CA UNK I 7 -14.42 -37.30 20.71
C UNK I 7 -13.07 -36.59 20.85
N UNK I 8 -12.49 -36.58 22.05
CA UNK I 8 -11.17 -35.99 22.29
C UNK I 8 -10.08 -36.76 21.53
N UNK I 9 -10.13 -38.08 21.50
CA UNK I 9 -9.20 -38.92 20.74
C UNK I 9 -9.30 -38.62 19.24
N UNK I 10 -10.52 -38.52 18.70
CA UNK I 10 -10.73 -38.13 17.31
C UNK I 10 -10.18 -36.74 17.03
N UNK I 11 -10.45 -35.76 17.90
CA UNK I 11 -9.96 -34.39 17.73
C UNK I 11 -8.43 -34.35 17.75
N UNK I 12 -7.81 -35.06 18.67
CA UNK I 12 -6.36 -35.19 18.72
C UNK I 12 -5.83 -35.87 17.45
N UNK I 13 -6.45 -36.96 16.99
CA UNK I 13 -6.04 -37.60 15.74
C UNK I 13 -6.16 -36.63 14.56
N UNK I 14 -7.25 -35.86 14.50
CA UNK I 14 -7.45 -34.83 13.48
C UNK I 14 -6.33 -33.80 13.53
N UNK I 15 -6.01 -33.29 14.72
CA UNK I 15 -4.90 -32.39 14.92
C UNK I 15 -3.54 -33.01 14.53
N UNK I 16 -3.32 -34.31 14.75
CA UNK I 16 -2.07 -34.97 14.38
C UNK I 16 -1.89 -34.97 12.85
N UNK I 17 -2.91 -35.38 12.13
CA UNK I 17 -2.89 -35.27 10.68
C UNK I 17 -2.77 -33.79 10.26
N UNK I 18 -3.43 -32.86 10.94
CA UNK I 18 -3.30 -31.43 10.66
C UNK I 18 -1.86 -30.93 10.85
N UNK I 19 -1.13 -31.50 11.80
CA UNK I 19 0.27 -31.20 11.95
C UNK I 19 1.09 -31.77 10.78
N UNK I 20 0.80 -32.99 10.30
CA UNK I 20 1.43 -33.50 9.09
C UNK I 20 1.16 -32.57 7.89
N UNK I 21 -0.06 -32.03 7.82
CA UNK I 21 -0.43 -31.04 6.82
C UNK I 21 0.40 -29.76 6.94
N UNK I 22 0.50 -29.19 8.14
CA UNK I 22 1.35 -28.03 8.37
C UNK I 22 2.81 -28.33 8.01
N UNK I 23 3.31 -29.55 8.25
CA UNK I 23 4.66 -29.95 7.87
C UNK I 23 4.84 -29.90 6.36
N UNK I 24 3.91 -30.47 5.60
CA UNK I 24 3.93 -30.33 4.16
C UNK I 24 3.86 -28.86 3.75
N UNK I 25 2.96 -28.07 4.35
CA UNK I 25 2.78 -26.65 4.03
C UNK I 25 4.07 -25.85 4.25
N UNK I 26 4.75 -26.12 5.36
CA UNK I 26 6.05 -25.55 5.66
C UNK I 26 7.06 -25.93 4.60
N UNK I 27 7.17 -27.22 4.24
CA UNK I 27 8.12 -27.66 3.25
C UNK I 27 7.87 -26.98 1.90
N UNK I 28 6.60 -26.80 1.54
CA UNK I 28 6.26 -26.04 0.37
C UNK I 28 6.66 -24.56 0.52
N UNK I 29 6.37 -23.92 1.65
CA UNK I 29 6.81 -22.54 1.91
C UNK I 29 8.33 -22.38 1.79
N UNK I 30 9.08 -23.40 2.23
CA UNK I 30 10.52 -23.46 2.04
C UNK I 30 10.90 -23.51 0.56
N UNK I 31 10.30 -24.41 -0.22
CA UNK I 31 10.53 -24.45 -1.65
C UNK I 31 10.18 -23.09 -2.29
N UNK I 32 9.16 -22.40 -1.80
CA UNK I 32 8.79 -21.08 -2.29
C UNK I 32 9.92 -20.07 -2.06
N UNK I 33 10.50 -20.06 -0.88
CA UNK I 33 11.69 -19.27 -0.65
C UNK I 33 12.82 -19.70 -1.61
N UNK I 34 13.04 -20.99 -1.81
CA UNK I 34 14.07 -21.47 -2.72
C UNK I 34 13.85 -20.94 -4.14
N UNK I 35 12.62 -20.96 -4.63
CA UNK I 35 12.30 -20.39 -5.92
C UNK I 35 12.52 -18.87 -5.95
N UNK I 36 12.22 -18.15 -4.87
CA UNK I 36 12.49 -16.72 -4.80
C UNK I 36 13.98 -16.42 -5.01
N UNK I 37 14.86 -17.25 -4.47
CA UNK I 37 16.28 -17.15 -4.78
C UNK I 37 16.61 -17.54 -6.22
N UNK I 38 16.05 -18.66 -6.70
CA UNK I 38 16.29 -19.16 -8.05
C UNK I 38 15.90 -18.13 -9.13
N UNK I 39 14.87 -17.31 -8.87
CA UNK I 39 14.43 -16.24 -9.75
C UNK I 39 15.52 -15.18 -9.99
N UNK I 40 16.31 -14.85 -8.96
CA UNK I 40 17.51 -14.05 -9.16
C UNK I 40 18.61 -14.85 -9.89
N UNK I 41 18.82 -16.11 -9.49
CA UNK I 41 19.89 -16.95 -10.05
C UNK I 41 19.77 -17.20 -11.57
N UNK I 42 18.54 -17.28 -12.08
CA UNK I 42 18.27 -17.46 -13.50
C UNK I 42 18.73 -16.28 -14.39
N UNK I 43 19.02 -15.10 -13.82
CA UNK I 43 19.47 -13.93 -14.59
C UNK I 43 20.89 -14.06 -15.15
N UNK I 44 21.76 -14.86 -14.52
CA UNK I 44 23.11 -15.11 -15.01
C UNK I 44 23.12 -16.15 -16.15
N UNK I 45 24.13 -16.09 -17.02
CA UNK I 45 24.36 -17.16 -18.00
C UNK I 45 24.77 -18.46 -17.28
N UNK I 46 25.88 -18.42 -16.52
CA UNK I 46 26.32 -19.44 -15.56
C UNK I 46 26.47 -20.88 -16.11
N UNK I 47 26.83 -21.81 -15.23
CA UNK I 47 26.54 -23.23 -15.40
C UNK I 47 25.16 -23.56 -14.80
N UNK I 48 24.47 -24.58 -15.32
CA UNK I 48 23.16 -25.00 -14.81
C UNK I 48 23.23 -25.54 -13.37
N UNK I 49 24.38 -26.07 -12.94
CA UNK I 49 24.68 -26.41 -11.56
C UNK I 49 24.99 -25.16 -10.70
N UNK I 50 24.20 -24.09 -10.87
CA UNK I 50 24.35 -22.83 -10.18
C UNK I 50 24.17 -22.97 -8.66
N UNK I 51 24.62 -21.97 -7.91
CA UNK I 51 24.60 -21.96 -6.45
C UNK I 51 23.21 -22.24 -5.84
N UNK I 52 22.14 -21.87 -6.53
CA UNK I 52 20.76 -22.13 -6.10
C UNK I 52 20.43 -23.62 -5.88
N UNK I 53 21.21 -24.55 -6.44
CA UNK I 53 21.08 -25.98 -6.12
C UNK I 53 21.23 -26.24 -4.61
N UNK I 54 21.99 -25.43 -3.89
CA UNK I 54 22.07 -25.49 -2.43
C UNK I 54 20.71 -25.19 -1.78
N UNK I 55 20.02 -24.15 -2.26
CA UNK I 55 18.66 -23.85 -1.81
C UNK I 55 17.68 -24.97 -2.17
N UNK I 56 17.85 -25.61 -3.34
CA UNK I 56 17.03 -26.77 -3.71
C UNK I 56 17.24 -27.94 -2.73
N UNK I 57 18.48 -28.20 -2.32
CA UNK I 57 18.78 -29.18 -1.28
C UNK I 57 18.17 -28.79 0.08
N UNK I 58 18.21 -27.52 0.47
CA UNK I 58 17.58 -27.07 1.72
C UNK I 58 16.06 -27.30 1.70
N UNK I 59 15.41 -27.01 0.57
CA UNK I 59 13.99 -27.33 0.38
C UNK I 59 13.75 -28.84 0.48
N UNK I 60 14.58 -29.66 -0.17
CA UNK I 60 14.49 -31.11 -0.05
C UNK I 60 14.64 -31.59 1.40
N UNK I 61 15.51 -30.95 2.20
CA UNK I 61 15.64 -31.26 3.62
C UNK I 61 14.34 -30.97 4.38
N UNK I 62 13.71 -29.83 4.12
CA UNK I 62 12.39 -29.57 4.66
C UNK I 62 11.36 -30.63 4.22
N UNK I 63 11.42 -31.09 2.97
CA UNK I 63 10.54 -32.16 2.49
C UNK I 63 10.78 -33.49 3.22
N UNK I 64 12.04 -33.84 3.49
CA UNK I 64 12.38 -35.00 4.29
C UNK I 64 11.81 -34.88 5.72
N UNK I 65 11.90 -33.71 6.33
CA UNK I 65 11.30 -33.47 7.65
C UNK I 65 9.77 -33.66 7.61
N UNK I 66 9.10 -33.16 6.58
CA UNK I 66 7.68 -33.38 6.38
C UNK I 66 7.34 -34.86 6.19
N UNK I 67 8.16 -35.60 5.44
CA UNK I 67 8.00 -37.04 5.32
C UNK I 67 8.14 -37.75 6.68
N UNK I 68 9.09 -37.35 7.51
CA UNK I 68 9.24 -37.90 8.86
C UNK I 68 8.01 -37.61 9.72
N UNK I 69 7.50 -36.38 9.68
CA UNK I 69 6.26 -36.04 10.35
C UNK I 69 5.09 -36.91 9.84
N UNK I 70 4.98 -37.11 8.54
CA UNK I 70 3.97 -38.00 7.97
C UNK I 70 4.15 -39.44 8.45
N UNK I 71 5.37 -39.93 8.59
CA UNK I 71 5.62 -41.26 9.15
C UNK I 71 5.13 -41.33 10.61
N UNK I 72 5.37 -40.29 11.40
CA UNK I 72 4.80 -40.22 12.74
C UNK I 72 3.27 -40.25 12.70
N UNK I 73 2.66 -39.51 11.78
CA UNK I 73 1.22 -39.55 11.59
C UNK I 73 0.71 -40.93 11.19
N UNK I 74 1.42 -41.66 10.32
CA UNK I 74 1.04 -43.01 9.91
C UNK I 74 0.93 -43.97 11.10
N UNK I 75 1.77 -43.79 12.11
CA UNK I 75 1.62 -44.49 13.38
C UNK I 75 0.46 -43.90 14.22
N UNK I 76 0.44 -42.58 14.42
CA UNK I 76 -0.48 -41.94 15.36
C UNK I 76 -1.96 -41.95 14.93
N UNK I 77 -2.24 -42.01 13.63
CA UNK I 77 -3.57 -41.83 13.08
C UNK I 77 -4.46 -43.07 13.25
N UNK I 78 -5.20 -43.13 14.36
CA UNK I 78 -6.21 -44.14 14.63
C UNK I 78 -7.31 -43.62 15.57
N UNK I 79 -8.51 -44.17 15.49
CA UNK I 79 -9.60 -43.89 16.42
C UNK I 79 -9.25 -44.27 17.88
N UNK I 80 -8.41 -45.30 18.05
CA UNK I 80 -7.99 -45.81 19.35
C UNK I 80 -6.84 -45.01 20.01
N UNK I 81 -6.22 -44.04 19.33
CA UNK I 81 -5.03 -43.36 19.82
C UNK I 81 -5.29 -42.56 21.12
N UNK I 82 -4.36 -42.63 22.08
CA UNK I 82 -4.49 -41.92 23.36
C UNK I 82 -4.35 -40.40 23.15
N UNK I 83 -5.32 -39.62 23.64
CA UNK I 83 -5.50 -38.23 23.22
C UNK I 83 -4.30 -37.34 23.54
N UNK I 84 -3.79 -37.34 24.77
CA UNK I 84 -2.66 -36.50 25.13
C UNK I 84 -1.39 -36.89 24.35
N UNK I 85 -1.12 -38.19 24.21
CA UNK I 85 0.02 -38.66 23.44
C UNK I 85 -0.10 -38.25 21.95
N UNK I 86 -1.27 -38.45 21.34
CA UNK I 86 -1.53 -38.00 19.99
C UNK I 86 -1.40 -36.47 19.86
N UNK I 87 -1.87 -35.69 20.84
CA UNK I 87 -1.69 -34.26 20.85
C UNK I 87 -0.20 -33.89 20.90
N UNK I 88 0.60 -34.63 21.67
CA UNK I 88 2.05 -34.46 21.65
C UNK I 88 2.64 -34.77 20.26
N UNK I 89 2.16 -35.81 19.57
CA UNK I 89 2.58 -36.06 18.20
C UNK I 89 2.23 -34.89 17.28
N UNK I 90 1.03 -34.32 17.43
CA UNK I 90 0.61 -33.14 16.69
C UNK I 90 1.55 -31.96 16.94
N UNK I 91 1.81 -31.66 18.21
CA UNK I 91 2.72 -30.61 18.60
C UNK I 91 4.12 -30.81 18.00
N UNK I 92 4.65 -32.03 18.07
CA UNK I 92 5.99 -32.34 17.58
C UNK I 92 6.14 -32.01 16.10
N UNK I 93 5.21 -32.52 15.28
CA UNK I 93 5.21 -32.20 13.87
C UNK I 93 4.98 -30.70 13.65
N UNK I 94 4.10 -30.05 14.41
CA UNK I 94 3.86 -28.61 14.27
C UNK I 94 5.13 -27.79 14.51
N UNK I 95 5.98 -28.22 15.43
CA UNK I 95 7.27 -27.62 15.63
C UNK I 95 8.20 -27.83 14.44
N UNK I 96 8.36 -29.08 13.99
CA UNK I 96 9.16 -29.37 12.81
C UNK I 96 8.71 -28.53 11.62
N UNK I 97 7.40 -28.38 11.46
CA UNK I 97 6.78 -27.56 10.43
C UNK I 97 7.20 -26.11 10.54
N UNK I 98 6.83 -25.44 11.62
CA UNK I 98 7.12 -24.01 11.78
C UNK I 98 8.63 -23.74 11.64
N UNK I 99 9.46 -24.64 12.17
CA UNK I 99 10.90 -24.57 12.05
C UNK I 99 11.36 -24.60 10.60
N UNK I 100 10.98 -25.61 9.84
CA UNK I 100 11.37 -25.72 8.44
C UNK I 100 10.84 -24.52 7.63
N UNK I 101 9.62 -24.06 7.91
CA UNK I 101 9.00 -22.93 7.22
C UNK I 101 9.86 -21.68 7.31
N UNK I 102 10.37 -21.40 8.51
CA UNK I 102 11.27 -20.29 8.70
C UNK I 102 12.64 -20.56 8.05
N UNK I 103 13.25 -21.73 8.31
CA UNK I 103 14.69 -21.93 8.11
C UNK I 103 15.14 -21.67 6.68
N UNK I 104 14.41 -22.20 5.71
CA UNK I 104 14.77 -22.00 4.32
C UNK I 104 14.63 -20.56 3.86
N UNK I 105 13.80 -19.73 4.50
CA UNK I 105 13.69 -18.32 4.13
C UNK I 105 15.06 -17.63 4.21
N UNK I 106 15.87 -18.00 5.21
CA UNK I 106 17.25 -17.57 5.29
C UNK I 106 18.10 -18.18 4.18
N UNK I 107 18.01 -19.50 3.96
CA UNK I 107 18.77 -20.17 2.92
C UNK I 107 18.56 -19.51 1.55
N UNK I 108 17.33 -19.09 1.27
CA UNK I 108 16.98 -18.34 0.09
C UNK I 108 17.66 -16.97 0.03
N UNK I 109 17.58 -16.16 1.08
CA UNK I 109 18.24 -14.87 1.09
C UNK I 109 19.75 -15.02 0.87
N UNK I 110 20.36 -16.05 1.47
CA UNK I 110 21.77 -16.37 1.25
C UNK I 110 22.03 -16.74 -0.21
N UNK I 111 21.20 -17.59 -0.81
CA UNK I 111 21.32 -17.94 -2.22
C UNK I 111 21.09 -16.74 -3.15
N UNK I 112 20.21 -15.81 -2.78
CA UNK I 112 19.99 -14.57 -3.51
C UNK I 112 21.25 -13.67 -3.52
N UNK I 113 22.02 -13.66 -2.43
CA UNK I 113 23.36 -13.07 -2.43
C UNK I 113 24.32 -13.87 -3.33
N UNK I 114 24.33 -15.20 -3.19
CA UNK I 114 25.21 -16.09 -3.96
C UNK I 114 25.01 -15.96 -5.47
N UNK I 115 23.81 -15.64 -5.94
CA UNK I 115 23.52 -15.37 -7.34
C UNK I 115 24.44 -14.27 -7.92
N UNK I 116 24.73 -13.23 -7.15
CA UNK I 116 25.74 -12.23 -7.51
C UNK I 116 27.17 -12.70 -7.13
N UNK I 117 27.35 -13.18 -5.90
CA UNK I 117 28.67 -13.46 -5.34
C UNK I 117 29.43 -14.62 -6.00
N UNK I 118 28.75 -15.56 -6.66
CA UNK I 118 29.40 -16.65 -7.41
C UNK I 118 30.21 -16.13 -8.62
N UNK I 119 29.81 -15.01 -9.22
CA UNK I 119 30.61 -14.31 -10.21
C UNK I 119 31.78 -13.53 -9.58
N UNK I 120 31.69 -13.18 -8.30
CA UNK I 120 32.74 -12.49 -7.56
C UNK I 120 33.85 -13.45 -7.10
N UNK I 121 33.53 -14.49 -6.32
CA UNK I 121 34.50 -15.43 -5.78
C UNK I 121 33.92 -16.80 -5.39
N UNK I 122 34.65 -17.88 -5.67
CA UNK I 122 34.33 -19.23 -5.18
C UNK I 122 34.32 -19.30 -3.64
N UNK I 123 35.19 -18.52 -3.00
CA UNK I 123 35.21 -18.38 -1.55
C UNK I 123 33.90 -17.77 -1.01
N UNK I 124 33.39 -16.72 -1.65
CA UNK I 124 32.11 -16.11 -1.28
C UNK I 124 30.93 -17.08 -1.47
N UNK I 125 30.95 -17.88 -2.53
CA UNK I 125 29.96 -18.94 -2.72
C UNK I 125 30.03 -19.98 -1.59
N UNK I 126 31.23 -20.46 -1.25
CA UNK I 126 31.40 -21.43 -0.16
C UNK I 126 30.97 -20.86 1.20
N UNK I 127 31.22 -19.57 1.46
CA UNK I 127 30.73 -18.88 2.66
C UNK I 127 29.19 -18.80 2.67
N UNK I 128 28.56 -18.45 1.55
CA UNK I 128 27.11 -18.46 1.45
C UNK I 128 26.53 -19.87 1.66
N UNK I 129 27.17 -20.91 1.14
CA UNK I 129 26.80 -22.29 1.40
C UNK I 129 26.92 -22.64 2.89
N UNK I 130 28.00 -22.22 3.55
CA UNK I 130 28.16 -22.42 4.99
C UNK I 130 27.03 -21.73 5.78
N UNK I 131 26.63 -20.52 5.39
CA UNK I 131 25.48 -19.85 5.99
C UNK I 131 24.18 -20.64 5.74
N UNK I 132 23.98 -21.17 4.54
CA UNK I 132 22.83 -22.03 4.25
C UNK I 132 22.83 -23.27 5.14
N UNK I 133 23.98 -23.91 5.33
CA UNK I 133 24.12 -25.01 6.26
C UNK I 133 23.81 -24.59 7.70
N UNK I 134 24.29 -23.43 8.13
CA UNK I 134 24.01 -22.91 9.47
C UNK I 134 22.51 -22.71 9.71
N UNK I 135 21.76 -22.22 8.71
CA UNK I 135 20.29 -22.14 8.80
C UNK I 135 19.65 -23.53 8.87
N UNK I 136 20.07 -24.45 7.99
CA UNK I 136 19.52 -25.81 7.91
C UNK I 136 19.66 -26.58 9.23
N UNK I 137 20.69 -26.29 10.01
CA UNK I 137 20.91 -26.92 11.32
C UNK I 137 19.72 -26.74 12.26
N UNK I 138 19.08 -25.58 12.27
CA UNK I 138 17.88 -25.34 13.08
C UNK I 138 16.76 -26.32 12.70
N UNK I 139 16.51 -26.49 11.41
CA UNK I 139 15.47 -27.40 10.91
C UNK I 139 15.81 -28.87 11.17
N UNK I 140 17.04 -29.31 10.89
CA UNK I 140 17.44 -30.69 11.15
C UNK I 140 17.35 -31.04 12.64
N UNK I 141 17.76 -30.12 13.51
CA UNK I 141 17.63 -30.29 14.96
C UNK I 141 16.16 -30.34 15.38
N UNK I 142 15.30 -29.46 14.86
CA UNK I 142 13.87 -29.51 15.14
C UNK I 142 13.25 -30.83 14.69
N UNK I 143 13.59 -31.30 13.48
CA UNK I 143 13.12 -32.58 12.97
C UNK I 143 13.53 -33.74 13.88
N UNK I 144 14.77 -33.73 14.36
CA UNK I 144 15.24 -34.71 15.34
C UNK I 144 14.44 -34.62 16.65
N UNK I 145 14.30 -33.44 17.24
CA UNK I 145 13.57 -33.25 18.49
C UNK I 145 12.10 -33.71 18.37
N UNK I 146 11.46 -33.37 17.25
CA UNK I 146 10.13 -33.82 16.94
C UNK I 146 10.07 -35.35 16.81
N UNK I 147 11.02 -35.96 16.10
CA UNK I 147 11.07 -37.41 15.96
C UNK I 147 11.20 -38.11 17.32
N UNK I 148 12.03 -37.57 18.22
CA UNK I 148 12.13 -38.05 19.58
C UNK I 148 10.77 -37.94 20.31
N UNK I 149 10.10 -36.79 20.20
CA UNK I 149 8.78 -36.61 20.81
C UNK I 149 7.74 -37.58 20.25
N UNK I 150 7.74 -37.82 18.94
CA UNK I 150 6.86 -38.78 18.30
C UNK I 150 7.11 -40.20 18.82
N UNK I 151 8.38 -40.60 18.94
CA UNK I 151 8.73 -41.88 19.54
C UNK I 151 8.24 -41.96 21.00
N UNK I 152 8.41 -40.90 21.79
CA UNK I 152 7.92 -40.86 23.17
C UNK I 152 6.40 -40.99 23.27
N UNK I 153 5.66 -40.47 22.28
CA UNK I 153 4.22 -40.62 22.20
C UNK I 153 3.76 -42.06 21.87
N UNK I 154 4.63 -42.93 21.36
CA UNK I 154 4.24 -44.27 20.90
C UNK I 154 3.83 -45.25 22.02
N UNK I 155 4.15 -44.96 23.28
CA UNK I 155 4.05 -45.90 24.41
C UNK I 155 3.81 -45.20 25.76
N UNK I 156 3.81 -45.99 26.85
CA UNK I 156 3.86 -45.54 28.24
C UNK I 156 2.68 -44.63 28.71
N UNK I 157 1.49 -44.86 28.16
CA UNK I 157 0.24 -44.28 28.61
C UNK I 157 -0.91 -45.28 28.41
N UNK I 158 -1.96 -45.18 29.23
CA UNK I 158 -3.15 -46.02 29.09
C UNK I 158 -3.95 -45.68 27.82
N UNK I 159 -4.52 -46.70 27.19
CA UNK I 159 -5.44 -46.55 26.05
C UNK I 159 -6.81 -46.01 26.47
N UNK J 1 -35.64 -11.56 38.39
CA UNK J 1 -36.87 -11.64 37.57
C UNK J 1 -36.59 -11.19 36.14
N UNK J 2 -37.25 -11.81 35.15
CA UNK J 2 -36.93 -11.65 33.73
C UNK J 2 -37.06 -10.20 33.21
N UNK J 3 -38.04 -9.44 33.69
CA UNK J 3 -38.25 -8.04 33.31
C UNK J 3 -37.11 -7.10 33.77
N UNK J 4 -36.24 -7.53 34.69
CA UNK J 4 -35.20 -6.72 35.32
C UNK J 4 -33.96 -7.55 35.69
N UNK J 5 -33.48 -8.39 34.77
CA UNK J 5 -32.29 -9.21 34.96
C UNK J 5 -31.05 -8.36 35.29
N UNK J 6 -30.29 -8.78 36.31
CA UNK J 6 -29.31 -7.92 36.97
C UNK J 6 -28.21 -7.35 36.05
N UNK J 7 -27.74 -8.13 35.08
CA UNK J 7 -26.67 -7.72 34.17
C UNK J 7 -27.03 -6.52 33.27
N UNK J 8 -28.32 -6.22 33.07
CA UNK J 8 -28.75 -5.21 32.12
C UNK J 8 -28.26 -3.80 32.49
N UNK J 9 -28.28 -3.45 33.77
CA UNK J 9 -27.77 -2.16 34.23
C UNK J 9 -26.28 -2.00 33.92
N UNK J 10 -25.48 -3.05 34.12
CA UNK J 10 -24.06 -3.05 33.78
C UNK J 10 -23.85 -2.80 32.28
N UNK J 11 -24.62 -3.47 31.43
CA UNK J 11 -24.56 -3.24 30.00
C UNK J 11 -24.89 -1.79 29.65
N UNK J 12 -25.94 -1.23 30.26
CA UNK J 12 -26.30 0.17 30.07
C UNK J 12 -25.17 1.11 30.43
N UNK J 13 -24.52 0.90 31.57
CA UNK J 13 -23.38 1.72 31.99
C UNK J 13 -22.22 1.64 30.99
N UNK J 14 -21.85 0.42 30.58
CA UNK J 14 -20.76 0.20 29.63
C UNK J 14 -20.96 1.04 28.36
N UNK J 15 -22.16 0.98 27.80
CA UNK J 15 -22.49 1.75 26.61
C UNK J 15 -22.58 3.26 26.88
N UNK J 16 -23.16 3.68 28.01
CA UNK J 16 -23.27 5.10 28.35
C UNK J 16 -21.88 5.75 28.36
N UNK J 17 -20.93 5.08 28.98
CA UNK J 17 -19.53 5.48 28.93
C UNK J 17 -18.95 5.39 27.50
N UNK J 18 -19.22 4.32 26.77
CA UNK J 18 -18.70 4.13 25.41
C UNK J 18 -19.08 5.29 24.47
N UNK J 19 -20.23 5.92 24.69
CA UNK J 19 -20.60 7.12 23.96
C UNK J 19 -19.63 8.27 24.23
N UNK J 20 -19.41 8.63 25.49
CA UNK J 20 -18.45 9.67 25.85
C UNK J 20 -17.06 9.32 25.31
N UNK J 21 -16.67 8.05 25.43
CA UNK J 21 -15.42 7.53 24.90
C UNK J 21 -15.30 7.81 23.40
N UNK J 22 -16.28 7.39 22.61
CA UNK J 22 -16.28 7.61 21.19
C UNK J 22 -16.28 9.10 20.86
N UNK J 23 -17.02 9.92 21.61
CA UNK J 23 -17.10 11.36 21.36
C UNK J 23 -15.72 12.01 21.45
N UNK J 24 -14.93 11.63 22.45
CA UNK J 24 -13.55 12.07 22.53
C UNK J 24 -12.71 11.50 21.37
N UNK J 25 -12.78 10.18 21.15
CA UNK J 25 -12.00 9.50 20.12
C UNK J 25 -12.22 10.12 18.74
N UNK J 26 -13.43 10.60 18.51
CA UNK J 26 -13.79 11.41 17.38
C UNK J 26 -13.08 12.78 17.40
N UNK J 27 -13.36 13.62 18.39
CA UNK J 27 -12.97 15.04 18.40
C UNK J 27 -11.48 15.27 18.09
N UNK J 28 -10.64 14.36 18.57
CA UNK J 28 -9.21 14.39 18.33
C UNK J 28 -8.84 14.40 16.84
N UNK J 29 -9.39 13.50 16.02
CA UNK J 29 -8.98 13.37 14.63
C UNK J 29 -9.24 14.68 13.85
N UNK J 30 -10.35 15.33 14.18
CA UNK J 30 -10.64 16.66 13.67
C UNK J 30 -9.62 17.69 14.16
N UNK J 31 -9.42 17.76 15.47
CA UNK J 31 -8.48 18.71 16.06
C UNK J 31 -7.07 18.55 15.47
N UNK J 32 -6.64 17.32 15.21
CA UNK J 32 -5.37 16.99 14.58
C UNK J 32 -5.24 17.58 13.18
N UNK J 33 -6.26 17.39 12.33
CA UNK J 33 -6.25 18.02 11.02
C UNK J 33 -6.24 19.56 11.15
N UNK J 34 -7.02 20.11 12.09
CA UNK J 34 -7.10 21.54 12.32
C UNK J 34 -5.76 22.16 12.76
N UNK J 35 -4.97 21.45 13.56
CA UNK J 35 -3.70 21.97 14.05
C UNK J 35 -2.70 22.24 12.91
N UNK J 36 -2.54 21.28 11.99
CA UNK J 36 -1.67 21.44 10.84
C UNK J 36 -2.16 22.58 9.92
N UNK J 37 -3.46 22.65 9.67
CA UNK J 37 -4.07 23.72 8.90
C UNK J 37 -3.78 25.09 9.53
N UNK J 38 -3.95 25.22 10.86
CA UNK J 38 -3.65 26.45 11.57
C UNK J 38 -2.16 26.82 11.49
N UNK J 39 -1.27 25.87 11.74
CA UNK J 39 0.18 26.11 11.71
C UNK J 39 0.68 26.52 10.31
N UNK J 40 0.04 26.03 9.25
CA UNK J 40 0.26 26.52 7.89
C UNK J 40 -0.32 27.93 7.68
N UNK J 41 -1.61 28.13 7.98
CA UNK J 41 -2.34 29.37 7.70
C UNK J 41 -1.79 30.61 8.42
N UNK J 42 -1.14 30.44 9.57
CA UNK J 42 -0.49 31.53 10.29
C UNK J 42 0.61 32.24 9.47
N UNK J 43 1.21 31.57 8.48
CA UNK J 43 2.15 32.18 7.54
C UNK J 43 1.48 33.23 6.64
N UNK J 44 0.18 33.08 6.35
CA UNK J 44 -0.62 34.12 5.71
C UNK J 44 -1.09 35.17 6.74
N UNK J 45 -1.82 34.75 7.78
CA UNK J 45 -2.25 35.61 8.88
C UNK J 45 -2.62 34.81 10.14
N UNK J 46 -2.34 35.36 11.32
CA UNK J 46 -2.83 34.82 12.59
C UNK J 46 -4.37 34.91 12.70
N UNK J 47 -4.97 35.97 12.15
CA UNK J 47 -6.43 36.12 12.04
C UNK J 47 -7.06 34.99 11.20
N UNK J 48 -6.41 34.58 10.11
CA UNK J 48 -6.85 33.47 9.28
C UNK J 48 -6.80 32.12 10.03
N UNK J 49 -5.71 31.85 10.75
CA UNK J 49 -5.61 30.65 11.58
C UNK J 49 -6.69 30.61 12.68
N UNK J 50 -6.92 31.74 13.35
CA UNK J 50 -7.99 31.87 14.34
C UNK J 50 -9.39 31.65 13.71
N UNK J 51 -9.63 32.20 12.52
CA UNK J 51 -10.88 31.97 11.79
C UNK J 51 -11.04 30.49 11.43
N UNK J 52 -10.01 29.85 10.89
CA UNK J 52 -10.04 28.43 10.52
C UNK J 52 -10.28 27.50 11.72
N UNK J 53 -9.74 27.84 12.89
CA UNK J 53 -9.95 27.09 14.12
C UNK J 53 -11.43 26.96 14.55
N UNK J 54 -12.34 27.75 13.97
CA UNK J 54 -13.78 27.59 14.20
C UNK J 54 -14.26 26.17 13.90
N UNK J 55 -13.67 25.49 12.91
CA UNK J 55 -13.96 24.08 12.65
C UNK J 55 -13.66 23.20 13.88
N UNK J 56 -12.51 23.40 14.52
CA UNK J 56 -12.12 22.65 15.71
C UNK J 56 -13.08 22.90 16.87
N UNK J 57 -13.43 24.16 17.10
CA UNK J 57 -14.42 24.52 18.12
C UNK J 57 -15.75 23.83 17.87
N UNK J 58 -16.25 23.84 16.63
CA UNK J 58 -17.51 23.19 16.28
C UNK J 58 -17.46 21.68 16.55
N UNK J 59 -16.38 21.02 16.15
CA UNK J 59 -16.21 19.60 16.40
C UNK J 59 -16.18 19.29 17.91
N UNK J 60 -15.41 20.04 18.66
CA UNK J 60 -15.33 19.90 20.11
C UNK J 60 -16.70 20.07 20.77
N UNK J 61 -17.46 21.08 20.34
CA UNK J 61 -18.79 21.32 20.83
C UNK J 61 -19.74 20.15 20.50
N UNK J 62 -19.71 19.62 19.28
CA UNK J 62 -20.53 18.47 18.91
C UNK J 62 -20.20 17.26 19.79
N UNK J 63 -18.91 17.01 20.03
CA UNK J 63 -18.48 15.94 20.93
C UNK J 63 -18.97 16.20 22.37
N UNK J 64 -18.88 17.43 22.85
CA UNK J 64 -19.42 17.81 24.15
C UNK J 64 -20.95 17.60 24.21
N UNK J 65 -21.68 17.87 23.13
CA UNK J 65 -23.11 17.59 23.04
C UNK J 65 -23.40 16.09 23.21
N UNK J 66 -22.61 15.24 22.56
CA UNK J 66 -22.70 13.80 22.77
C UNK J 66 -22.34 13.40 24.22
N UNK J 67 -21.34 14.03 24.84
CA UNK J 67 -21.01 13.75 26.25
C UNK J 67 -22.15 14.13 27.20
N UNK J 68 -22.85 15.24 26.92
CA UNK J 68 -24.06 15.59 27.64
C UNK J 68 -25.16 14.53 27.43
N UNK J 69 -25.34 14.03 26.21
CA UNK J 69 -26.27 12.93 25.95
C UNK J 69 -25.88 11.65 26.72
N UNK J 70 -24.59 11.34 26.81
CA UNK J 70 -24.09 10.21 27.60
C UNK J 70 -24.47 10.36 29.08
N UNK J 71 -24.31 11.55 29.63
CA UNK J 71 -24.76 11.84 30.99
C UNK J 71 -26.29 11.70 31.15
N UNK J 72 -27.06 12.21 30.18
CA UNK J 72 -28.52 12.10 30.20
C UNK J 72 -29.00 10.65 30.16
N UNK J 73 -28.30 9.77 29.44
CA UNK J 73 -28.52 8.34 29.54
C UNK J 73 -28.11 7.80 30.92
N UNK J 74 -26.92 8.13 31.40
CA UNK J 74 -26.36 7.62 32.65
C UNK J 74 -27.17 8.00 33.91
N UNK J 75 -27.96 9.08 33.86
CA UNK J 75 -28.84 9.49 34.96
C UNK J 75 -29.88 8.40 35.35
N UNK J 76 -30.18 7.44 34.47
CA UNK J 76 -31.05 6.31 34.75
C UNK J 76 -30.39 5.16 35.56
N UNK J 77 -29.08 5.23 35.84
CA UNK J 77 -28.33 4.12 36.43
C UNK J 77 -28.84 3.71 37.83
N UNK J 78 -29.29 2.47 37.97
CA UNK J 78 -29.64 1.80 39.22
C UNK J 78 -29.53 0.27 39.08
N UNK J 79 -29.29 -0.47 40.16
CA UNK J 79 -29.10 -1.92 40.10
C UNK J 79 -30.40 -2.72 39.81
N UNK J 80 -31.57 -2.16 40.12
CA UNK J 80 -32.88 -2.80 39.92
C UNK J 80 -33.56 -2.46 38.57
N UNK J 81 -32.83 -1.88 37.62
CA UNK J 81 -33.37 -1.35 36.36
C UNK J 81 -34.07 -2.42 35.48
N UNK J 82 -35.17 -2.05 34.85
CA UNK J 82 -35.86 -2.91 33.88
C UNK J 82 -34.97 -3.16 32.65
N UNK J 83 -34.84 -4.42 32.23
CA UNK J 83 -33.83 -4.83 31.27
C UNK J 83 -34.06 -4.23 29.88
N UNK J 84 -35.31 -4.14 29.44
CA UNK J 84 -35.69 -3.56 28.15
C UNK J 84 -35.28 -2.09 28.06
N UNK J 85 -35.65 -1.29 29.07
CA UNK J 85 -35.25 0.11 29.18
C UNK J 85 -33.72 0.25 29.24
N UNK J 86 -33.06 -0.54 30.08
CA UNK J 86 -31.61 -0.47 30.25
C UNK J 86 -30.88 -0.77 28.93
N UNK J 87 -31.24 -1.86 28.26
CA UNK J 87 -30.67 -2.19 26.97
C UNK J 87 -31.00 -1.13 25.91
N UNK J 88 -32.21 -0.59 25.92
CA UNK J 88 -32.59 0.48 25.00
C UNK J 88 -31.72 1.73 25.22
N UNK J 89 -31.46 2.10 26.47
CA UNK J 89 -30.52 3.16 26.77
C UNK J 89 -29.12 2.81 26.25
N UNK J 90 -28.67 1.58 26.47
CA UNK J 90 -27.37 1.12 25.99
C UNK J 90 -27.23 1.33 24.48
N UNK J 91 -28.26 0.93 23.75
CA UNK J 91 -28.30 1.13 22.32
C UNK J 91 -28.27 2.62 21.95
N UNK J 92 -29.12 3.43 22.57
CA UNK J 92 -29.17 4.86 22.26
C UNK J 92 -27.79 5.52 22.44
N UNK J 93 -27.06 5.13 23.47
CA UNK J 93 -25.70 5.58 23.68
C UNK J 93 -24.81 5.20 22.49
N UNK J 94 -24.85 3.94 22.07
CA UNK J 94 -24.08 3.50 20.91
C UNK J 94 -24.40 4.30 19.64
N UNK J 95 -25.64 4.77 19.46
CA UNK J 95 -25.97 5.68 18.37
C UNK J 95 -25.25 7.02 18.51
N UNK J 96 -25.36 7.66 19.67
CA UNK J 96 -24.68 8.93 19.94
C UNK J 96 -23.17 8.80 19.72
N UNK J 97 -22.60 7.66 20.09
CA UNK J 97 -21.20 7.33 19.89
C UNK J 97 -20.79 7.46 18.42
N UNK J 98 -21.48 6.74 17.55
CA UNK J 98 -21.17 6.79 16.13
C UNK J 98 -21.47 8.17 15.52
N UNK J 99 -22.53 8.85 15.99
CA UNK J 99 -22.88 10.17 15.49
C UNK J 99 -21.70 11.14 15.65
N UNK J 100 -21.04 11.12 16.81
CA UNK J 100 -19.84 11.92 17.02
C UNK J 100 -18.70 11.49 16.09
N UNK J 101 -18.50 10.19 15.90
CA UNK J 101 -17.46 9.66 15.00
C UNK J 101 -17.61 10.25 13.60
N UNK J 102 -18.85 10.29 13.11
CA UNK J 102 -19.16 10.94 11.85
C UNK J 102 -18.80 12.42 11.90
N UNK J 103 -19.30 13.14 12.91
CA UNK J 103 -19.11 14.58 13.03
C UNK J 103 -17.64 14.98 12.89
N UNK J 104 -16.76 14.28 13.60
CA UNK J 104 -15.34 14.60 13.55
C UNK J 104 -14.72 14.21 12.21
N UNK J 105 -15.03 13.04 11.66
CA UNK J 105 -14.45 12.62 10.39
C UNK J 105 -14.75 13.65 9.30
N UNK J 106 -15.95 14.23 9.33
CA UNK J 106 -16.33 15.34 8.46
C UNK J 106 -15.49 16.60 8.75
N UNK J 107 -15.47 17.05 10.00
CA UNK J 107 -14.73 18.25 10.36
C UNK J 107 -13.24 18.15 10.00
N UNK J 108 -12.66 16.95 10.09
CA UNK J 108 -11.26 16.71 9.72
C UNK J 108 -11.01 17.06 8.26
N UNK J 109 -11.87 16.60 7.35
CA UNK J 109 -11.77 16.98 5.95
C UNK J 109 -11.98 18.48 5.76
N UNK J 110 -12.90 19.10 6.51
CA UNK J 110 -13.10 20.54 6.44
C UNK J 110 -11.84 21.31 6.81
N UNK J 111 -11.12 20.86 7.84
CA UNK J 111 -9.83 21.45 8.19
C UNK J 111 -8.80 21.29 7.07
N UNK J 112 -8.75 20.12 6.43
CA UNK J 112 -7.85 19.90 5.30
C UNK J 112 -8.09 20.90 4.16
N UNK J 113 -9.36 21.26 3.93
CA UNK J 113 -9.73 22.35 3.00
C UNK J 113 -9.32 23.73 3.51
N UNK J 114 -9.60 24.04 4.77
CA UNK J 114 -9.32 25.34 5.37
C UNK J 114 -7.84 25.73 5.29
N UNK J 115 -6.92 24.75 5.31
CA UNK J 115 -5.48 24.95 5.16
C UNK J 115 -5.12 25.77 3.91
N UNK J 116 -5.76 25.49 2.77
CA UNK J 116 -5.65 26.34 1.58
C UNK J 116 -6.67 27.50 1.61
N UNK J 117 -7.93 27.21 1.95
CA UNK J 117 -9.04 28.12 1.71
C UNK J 117 -8.94 29.45 2.50
N UNK J 118 -8.45 29.41 3.74
CA UNK J 118 -8.33 30.60 4.58
C UNK J 118 -7.34 31.63 4.01
N UNK J 119 -6.25 31.16 3.38
CA UNK J 119 -5.34 32.01 2.64
C UNK J 119 -5.91 32.42 1.27
N UNK J 120 -6.67 31.53 0.62
CA UNK J 120 -7.19 31.76 -0.72
C UNK J 120 -8.24 32.89 -0.78
N UNK J 121 -9.36 32.80 -0.04
CA UNK J 121 -10.43 33.79 -0.10
C UNK J 121 -11.39 33.74 1.10
N UNK J 122 -11.80 34.90 1.60
CA UNK J 122 -12.75 35.03 2.71
C UNK J 122 -14.13 34.42 2.39
N UNK J 123 -14.66 34.68 1.19
CA UNK J 123 -15.93 34.10 0.74
C UNK J 123 -15.86 32.58 0.64
N UNK J 124 -14.77 32.03 0.09
CA UNK J 124 -14.56 30.59 0.02
C UNK J 124 -14.47 29.97 1.43
N UNK J 125 -13.73 30.59 2.36
CA UNK J 125 -13.64 30.12 3.73
C UNK J 125 -15.00 30.10 4.44
N UNK J 126 -15.80 31.16 4.27
CA UNK J 126 -17.16 31.22 4.80
C UNK J 126 -18.03 30.10 4.21
N UNK J 127 -17.99 29.90 2.89
CA UNK J 127 -18.72 28.84 2.23
C UNK J 127 -18.27 27.44 2.71
N UNK J 128 -16.96 27.21 2.87
CA UNK J 128 -16.43 25.95 3.40
C UNK J 128 -16.93 25.70 4.83
N UNK J 129 -16.91 26.73 5.68
CA UNK J 129 -17.45 26.63 7.02
C UNK J 129 -18.95 26.29 6.97
N UNK J 130 -19.70 26.86 6.04
CA UNK J 130 -21.11 26.51 5.86
C UNK J 130 -21.29 25.04 5.46
N UNK J 131 -20.48 24.53 4.53
CA UNK J 131 -20.48 23.12 4.17
C UNK J 131 -20.17 22.24 5.40
N UNK J 132 -19.14 22.63 6.16
CA UNK J 132 -18.76 21.93 7.37
C UNK J 132 -19.89 21.92 8.41
N UNK J 133 -20.52 23.07 8.63
CA UNK J 133 -21.64 23.20 9.55
C UNK J 133 -22.82 22.34 9.10
N UNK J 134 -23.11 22.26 7.80
CA UNK J 134 -24.17 21.39 7.30
C UNK J 134 -23.88 19.92 7.61
N UNK J 135 -22.64 19.47 7.42
CA UNK J 135 -22.24 18.12 7.79
C UNK J 135 -22.36 17.91 9.32
N UNK J 136 -21.92 18.89 10.11
CA UNK J 136 -22.09 18.85 11.55
C UNK J 136 -23.56 18.74 11.95
N UNK J 137 -24.44 19.46 11.26
CA UNK J 137 -25.88 19.42 11.50
C UNK J 137 -26.46 18.03 11.24
N UNK J 138 -26.04 17.34 10.18
CA UNK J 138 -26.49 15.96 9.93
C UNK J 138 -26.08 15.03 11.09
N UNK J 139 -24.84 15.11 11.55
CA UNK J 139 -24.39 14.33 12.70
C UNK J 139 -25.15 14.71 13.99
N UNK J 140 -25.34 16.00 14.25
CA UNK J 140 -26.11 16.48 15.40
C UNK J 140 -27.58 16.02 15.34
N UNK J 141 -28.17 15.94 14.14
CA UNK J 141 -29.52 15.40 13.97
C UNK J 141 -29.59 13.93 14.36
N UNK J 142 -28.57 13.13 14.02
CA UNK J 142 -28.48 11.75 14.50
C UNK J 142 -28.33 11.71 16.03
N UNK J 143 -27.53 12.59 16.61
CA UNK J 143 -27.42 12.70 18.06
C UNK J 143 -28.76 13.08 18.73
N UNK J 144 -29.56 13.93 18.08
CA UNK J 144 -30.90 14.25 18.53
C UNK J 144 -31.83 13.03 18.44
N UNK J 145 -31.78 12.26 17.35
CA UNK J 145 -32.54 11.03 17.23
C UNK J 145 -32.16 10.02 18.34
N UNK J 146 -30.87 9.91 18.64
CA UNK J 146 -30.40 9.11 19.76
C UNK J 146 -30.93 9.63 21.10
N UNK J 147 -30.89 10.95 21.33
CA UNK J 147 -31.44 11.53 22.55
C UNK J 147 -32.95 11.27 22.67
N UNK J 148 -33.70 11.36 21.58
CA UNK J 148 -35.11 11.01 21.54
C UNK J 148 -35.32 9.54 21.87
N UNK J 149 -34.51 8.65 21.29
CA UNK J 149 -34.53 7.24 21.65
C UNK J 149 -34.20 7.03 23.13
N UNK J 150 -33.25 7.78 23.69
CA UNK J 150 -32.89 7.71 25.10
C UNK J 150 -34.06 8.14 26.00
N UNK J 151 -34.79 9.19 25.62
CA UNK J 151 -36.02 9.56 26.32
C UNK J 151 -37.06 8.43 26.24
N UNK J 152 -37.29 7.88 25.03
CA UNK J 152 -38.23 6.78 24.84
C UNK J 152 -37.85 5.54 25.66
N UNK J 153 -36.54 5.26 25.78
CA UNK J 153 -36.01 4.18 26.59
C UNK J 153 -36.19 4.43 28.09
N UNK J 154 -35.96 5.66 28.56
CA UNK J 154 -36.16 6.02 29.95
C UNK J 154 -37.65 5.95 30.36
N UNK J 155 -38.55 6.27 29.42
CA UNK J 155 -39.99 6.23 29.63
C UNK J 155 -40.54 4.80 29.78
N UNK J 156 -41.74 4.70 30.36
CA UNK J 156 -42.59 3.50 30.37
C UNK J 156 -41.88 2.21 30.87
N UNK J 157 -41.17 2.31 31.99
CA UNK J 157 -40.52 1.16 32.63
C UNK J 157 -41.50 0.01 32.96
N UNK J 158 -41.01 -1.22 33.01
CA UNK J 158 -41.81 -2.43 33.19
C UNK J 158 -42.51 -2.50 34.57
N UNK J 159 -43.64 -3.23 34.63
CA UNK J 159 -44.46 -3.43 35.84
C UNK J 159 -45.14 -4.81 35.89
N UNK K 1 -9.60 -36.81 37.82
CA UNK K 1 -9.17 -35.94 38.92
C UNK K 1 -8.55 -34.64 38.38
N UNK K 2 -9.05 -33.47 38.83
CA UNK K 2 -8.66 -32.16 38.29
C UNK K 2 -7.15 -31.84 38.44
N UNK K 3 -6.51 -32.28 39.52
CA UNK K 3 -5.07 -32.11 39.72
C UNK K 3 -4.21 -32.81 38.64
N UNK K 4 -4.80 -33.73 37.86
CA UNK K 4 -4.21 -34.36 36.68
C UNK K 4 -5.19 -34.37 35.49
N UNK K 5 -5.91 -33.26 35.27
CA UNK K 5 -6.90 -33.12 34.20
C UNK K 5 -6.32 -33.42 32.80
N UNK K 6 -7.02 -34.26 32.03
CA UNK K 6 -6.59 -34.69 30.70
C UNK K 6 -6.41 -33.54 29.69
N UNK K 7 -7.18 -32.46 29.85
CA UNK K 7 -7.08 -31.27 29.00
C UNK K 7 -5.71 -30.57 29.08
N UNK K 8 -5.01 -30.65 30.22
CA UNK K 8 -3.81 -29.86 30.47
C UNK K 8 -2.56 -30.34 29.70
N UNK K 9 -2.31 -31.66 29.66
CA UNK K 9 -1.09 -32.22 29.08
C UNK K 9 -0.94 -31.85 27.59
N UNK K 10 -2.04 -31.74 26.84
CA UNK K 10 -2.03 -31.36 25.43
C UNK K 10 -1.49 -29.94 25.21
N UNK K 11 -2.09 -28.93 25.85
CA UNK K 11 -1.62 -27.55 25.73
C UNK K 11 -0.17 -27.42 26.20
N UNK K 12 0.20 -28.14 27.25
CA UNK K 12 1.56 -28.16 27.75
C UNK K 12 2.55 -28.72 26.72
N UNK K 13 2.26 -29.89 26.14
CA UNK K 13 3.10 -30.44 25.08
C UNK K 13 3.18 -29.50 23.89
N UNK K 14 2.08 -28.83 23.55
CA UNK K 14 2.05 -27.84 22.46
C UNK K 14 3.06 -26.73 22.70
N UNK K 15 3.07 -26.14 23.88
CA UNK K 15 4.09 -25.18 24.27
C UNK K 15 5.50 -25.80 24.25
N UNK K 16 5.67 -27.00 24.81
CA UNK K 16 6.97 -27.66 24.93
C UNK K 16 7.66 -27.82 23.57
N UNK K 17 6.91 -28.25 22.56
CA UNK K 17 7.40 -28.29 21.19
C UNK K 17 7.55 -26.87 20.60
N UNK K 18 6.62 -25.96 20.85
CA UNK K 18 6.64 -24.60 20.31
C UNK K 18 7.91 -23.83 20.69
N UNK K 19 8.55 -24.17 21.80
CA UNK K 19 9.87 -23.64 22.12
C UNK K 19 10.89 -23.93 21.01
N UNK K 20 10.96 -25.16 20.51
CA UNK K 20 11.83 -25.48 19.38
C UNK K 20 11.45 -24.67 18.13
N UNK K 21 10.15 -24.44 17.92
CA UNK K 21 9.66 -23.64 16.80
C UNK K 21 10.11 -22.17 16.87
N UNK K 22 9.85 -21.49 17.98
CA UNK K 22 10.27 -20.12 18.17
C UNK K 22 11.80 -19.99 18.11
N UNK K 23 12.52 -20.97 18.66
CA UNK K 23 13.98 -21.04 18.54
C UNK K 23 14.43 -21.14 17.08
N UNK K 24 13.75 -21.92 16.25
CA UNK K 24 14.05 -21.93 14.83
C UNK K 24 13.71 -20.60 14.15
N UNK K 25 12.59 -19.96 14.50
CA UNK K 25 12.24 -18.64 13.97
C UNK K 25 13.34 -17.61 14.29
N UNK K 26 13.83 -17.65 15.51
CA UNK K 26 15.01 -16.91 15.94
C UNK K 26 16.24 -17.23 15.06
N UNK K 27 16.58 -18.51 14.89
CA UNK K 27 17.73 -18.90 14.09
C UNK K 27 17.62 -18.39 12.65
N UNK K 28 16.43 -18.51 12.06
CA UNK K 28 16.16 -17.99 10.74
C UNK K 28 16.37 -16.49 10.66
N UNK K 29 15.82 -15.72 11.59
CA UNK K 29 16.00 -14.27 11.57
C UNK K 29 17.48 -13.90 11.71
N UNK K 30 18.24 -14.59 12.57
CA UNK K 30 19.68 -14.37 12.69
C UNK K 30 20.37 -14.67 11.36
N UNK K 31 20.04 -15.80 10.75
CA UNK K 31 20.56 -16.15 9.45
C UNK K 31 20.10 -15.17 8.35
N UNK K 32 18.99 -14.46 8.50
CA UNK K 32 18.59 -13.41 7.57
C UNK K 32 19.56 -12.22 7.62
N UNK K 33 19.95 -11.81 8.82
CA UNK K 33 21.05 -10.86 8.96
C UNK K 33 22.36 -11.41 8.40
N UNK K 34 22.63 -12.71 8.54
CA UNK K 34 23.80 -13.34 7.95
C UNK K 34 23.77 -13.25 6.41
N UNK K 35 22.61 -13.45 5.79
CA UNK K 35 22.46 -13.25 4.36
C UNK K 35 22.73 -11.80 3.95
N UNK K 36 22.20 -10.83 4.71
CA UNK K 36 22.50 -9.42 4.47
C UNK K 36 24.00 -9.12 4.57
N UNK K 37 24.68 -9.70 5.58
CA UNK K 37 26.12 -9.61 5.74
C UNK K 37 26.88 -10.18 4.53
N UNK K 38 26.53 -11.39 4.08
CA UNK K 38 27.16 -12.00 2.91
C UNK K 38 26.96 -11.18 1.63
N UNK K 39 25.76 -10.61 1.42
CA UNK K 39 25.47 -9.74 0.29
C UNK K 39 26.38 -8.52 0.23
N UNK K 40 26.66 -7.90 1.38
CA UNK K 40 27.68 -6.84 1.46
C UNK K 40 29.10 -7.40 1.30
N UNK K 41 29.43 -8.48 2.01
CA UNK K 41 30.78 -9.01 2.14
C UNK K 41 31.37 -9.57 0.83
N UNK K 42 30.57 -9.79 -0.21
CA UNK K 42 31.09 -10.07 -1.56
C UNK K 42 32.02 -8.95 -2.10
N UNK K 43 31.87 -7.72 -1.61
CA UNK K 43 32.77 -6.60 -1.89
C UNK K 43 34.08 -6.61 -1.05
N UNK K 44 34.32 -7.65 -0.24
CA UNK K 44 35.37 -7.70 0.79
C UNK K 44 36.03 -9.08 0.92
N UNK K 45 36.95 -9.24 1.88
CA UNK K 45 37.65 -10.49 2.15
C UNK K 45 36.73 -11.59 2.71
N UNK K 46 36.95 -12.84 2.28
CA UNK K 46 36.15 -13.99 2.72
C UNK K 46 36.30 -14.28 4.22
N UNK K 47 37.47 -14.02 4.81
CA UNK K 47 37.67 -14.12 6.26
C UNK K 47 36.82 -13.10 7.04
N UNK K 48 36.65 -11.88 6.51
CA UNK K 48 35.76 -10.88 7.09
C UNK K 48 34.28 -11.29 6.95
N UNK K 49 33.91 -11.90 5.81
CA UNK K 49 32.58 -12.50 5.64
C UNK K 49 32.32 -13.59 6.71
N UNK K 50 33.30 -14.47 6.95
CA UNK K 50 33.23 -15.48 8.01
C UNK K 50 33.10 -14.84 9.40
N UNK K 51 33.91 -13.82 9.71
CA UNK K 51 33.85 -13.11 10.99
C UNK K 51 32.47 -12.47 11.25
N UNK K 52 31.84 -11.90 10.23
CA UNK K 52 30.48 -11.37 10.31
C UNK K 52 29.44 -12.49 10.49
N UNK K 53 29.50 -13.52 9.64
CA UNK K 53 28.57 -14.65 9.69
C UNK K 53 28.61 -15.39 11.03
N UNK K 54 29.80 -15.52 11.64
CA UNK K 54 29.98 -16.17 12.92
C UNK K 54 29.11 -15.56 14.03
N UNK K 55 28.94 -14.24 14.05
CA UNK K 55 28.11 -13.56 15.06
C UNK K 55 26.66 -14.02 14.99
N UNK K 56 26.11 -14.14 13.78
CA UNK K 56 24.77 -14.69 13.58
C UNK K 56 24.71 -16.20 13.88
N UNK K 57 25.73 -16.96 13.46
CA UNK K 57 25.81 -18.40 13.72
C UNK K 57 25.83 -18.72 15.22
N UNK K 58 26.45 -17.87 16.04
CA UNK K 58 26.41 -17.96 17.49
C UNK K 58 24.99 -17.74 18.03
N UNK K 59 24.30 -16.67 17.61
CA UNK K 59 22.91 -16.41 18.03
C UNK K 59 21.99 -17.57 17.64
N UNK K 60 22.22 -18.16 16.47
CA UNK K 60 21.52 -19.35 16.01
C UNK K 60 21.83 -20.58 16.90
N UNK K 61 23.10 -20.87 17.17
CA UNK K 61 23.48 -21.99 18.03
C UNK K 61 22.88 -21.84 19.45
N UNK K 62 22.83 -20.62 19.98
CA UNK K 62 22.19 -20.33 21.28
C UNK K 62 20.69 -20.64 21.27
N UNK K 63 19.98 -20.28 20.20
CA UNK K 63 18.59 -20.67 20.04
C UNK K 63 18.45 -22.20 19.95
N UNK K 64 19.32 -22.88 19.19
CA UNK K 64 19.32 -24.34 19.11
C UNK K 64 19.56 -24.98 20.50
N UNK K 65 20.41 -24.38 21.33
CA UNK K 65 20.59 -24.80 22.71
C UNK K 65 19.29 -24.64 23.52
N UNK K 66 18.60 -23.51 23.42
CA UNK K 66 17.31 -23.30 24.10
C UNK K 66 16.27 -24.36 23.66
N UNK K 67 16.24 -24.71 22.38
CA UNK K 67 15.37 -25.77 21.87
C UNK K 67 15.72 -27.13 22.49
N UNK K 68 16.99 -27.54 22.46
CA UNK K 68 17.40 -28.81 23.05
C UNK K 68 17.13 -28.88 24.56
N UNK K 69 17.31 -27.75 25.27
CA UNK K 69 16.94 -27.64 26.67
C UNK K 69 15.44 -27.87 26.87
N UNK K 70 14.60 -27.23 26.07
CA UNK K 70 13.16 -27.47 26.10
C UNK K 70 12.81 -28.93 25.74
N UNK K 71 13.58 -29.58 24.87
CA UNK K 71 13.36 -30.98 24.51
C UNK K 71 13.48 -31.92 25.71
N UNK K 72 14.32 -31.60 26.70
CA UNK K 72 14.37 -32.35 27.95
C UNK K 72 13.04 -32.25 28.72
N UNK K 73 12.49 -31.04 28.87
CA UNK K 73 11.19 -30.84 29.50
C UNK K 73 10.06 -31.53 28.73
N UNK K 74 10.09 -31.47 27.40
CA UNK K 74 9.17 -32.19 26.54
C UNK K 74 9.24 -33.72 26.76
N UNK K 75 10.45 -34.28 26.87
CA UNK K 75 10.65 -35.71 27.14
C UNK K 75 10.21 -36.11 28.56
N UNK K 76 10.39 -35.21 29.54
CA UNK K 76 9.98 -35.42 30.93
C UNK K 76 8.46 -35.37 31.13
N UNK K 77 7.76 -34.50 30.41
CA UNK K 77 6.30 -34.39 30.47
C UNK K 77 5.58 -35.63 29.90
N UNK K 78 4.31 -35.81 30.25
CA UNK K 78 3.53 -37.00 29.95
C UNK K 78 2.00 -36.76 29.99
N UNK K 79 1.23 -37.68 29.42
CA UNK K 79 -0.22 -37.75 29.59
C UNK K 79 -0.64 -37.86 31.06
N UNK K 80 0.16 -38.56 31.87
CA UNK K 80 -0.04 -38.71 33.31
C UNK K 80 0.33 -37.46 34.15
N UNK K 81 0.90 -36.41 33.55
CA UNK K 81 1.39 -35.24 34.29
C UNK K 81 0.26 -34.50 35.02
N UNK K 82 0.58 -33.90 36.17
CA UNK K 82 -0.33 -33.03 36.91
C UNK K 82 -0.68 -31.77 36.10
N UNK K 83 -1.89 -31.25 36.23
CA UNK K 83 -2.36 -30.12 35.44
C UNK K 83 -1.56 -28.83 35.73
N UNK K 84 -1.28 -28.56 37.01
CA UNK K 84 -0.42 -27.46 37.42
C UNK K 84 1.02 -27.65 36.90
N UNK K 85 1.60 -28.85 37.02
CA UNK K 85 2.93 -29.15 36.51
C UNK K 85 3.01 -28.96 34.99
N UNK K 86 2.01 -29.43 34.27
CA UNK K 86 1.87 -29.25 32.84
C UNK K 86 1.78 -27.74 32.51
N UNK K 87 0.95 -26.97 33.20
CA UNK K 87 0.85 -25.53 32.98
C UNK K 87 2.17 -24.81 33.27
N UNK K 88 2.90 -25.22 34.30
CA UNK K 88 4.23 -24.68 34.59
C UNK K 88 5.25 -25.03 33.48
N UNK K 89 5.23 -26.25 32.96
CA UNK K 89 6.04 -26.62 31.81
C UNK K 89 5.67 -25.77 30.58
N UNK K 90 4.37 -25.51 30.38
CA UNK K 90 3.90 -24.65 29.32
C UNK K 90 4.47 -23.22 29.46
N UNK K 91 4.42 -22.66 30.67
CA UNK K 91 5.00 -21.36 30.96
C UNK K 91 6.52 -21.33 30.72
N UNK K 92 7.25 -22.35 31.17
CA UNK K 92 8.69 -22.46 30.98
C UNK K 92 9.06 -22.46 29.48
N UNK K 93 8.33 -23.27 28.69
CA UNK K 93 8.53 -23.31 27.26
C UNK K 93 8.20 -21.97 26.60
N UNK K 94 7.08 -21.35 26.96
CA UNK K 94 6.70 -20.04 26.45
C UNK K 94 7.74 -18.96 26.77
N UNK K 95 8.35 -19.02 27.96
CA UNK K 95 9.44 -18.13 28.35
C UNK K 95 10.69 -18.35 27.48
N UNK K 96 11.09 -19.61 27.30
CA UNK K 96 12.20 -19.94 26.40
C UNK K 96 11.94 -19.43 24.98
N UNK K 97 10.71 -19.65 24.49
CA UNK K 97 10.28 -19.25 23.16
C UNK K 97 10.39 -17.74 22.93
N UNK K 98 9.68 -16.97 23.76
CA UNK K 98 9.61 -15.52 23.62
C UNK K 98 11.01 -14.91 23.75
N UNK K 99 11.80 -15.36 24.74
CA UNK K 99 13.15 -14.84 24.93
C UNK K 99 14.06 -15.14 23.74
N UNK K 100 14.05 -16.38 23.23
CA UNK K 100 14.83 -16.74 22.04
C UNK K 100 14.43 -15.87 20.85
N UNK K 101 13.13 -15.74 20.58
CA UNK K 101 12.60 -14.93 19.50
C UNK K 101 13.05 -13.46 19.61
N UNK K 102 12.83 -12.85 20.76
CA UNK K 102 13.18 -11.45 21.00
C UNK K 102 14.69 -11.21 20.87
N UNK K 103 15.50 -12.01 21.57
CA UNK K 103 16.95 -11.85 21.58
C UNK K 103 17.53 -11.98 20.16
N UNK K 104 17.05 -12.95 19.38
CA UNK K 104 17.50 -13.07 18.01
C UNK K 104 17.00 -11.93 17.12
N UNK K 105 15.77 -11.45 17.29
CA UNK K 105 15.27 -10.32 16.51
C UNK K 105 16.19 -9.09 16.71
N UNK K 106 16.62 -8.86 17.94
CA UNK K 106 17.64 -7.87 18.24
C UNK K 106 18.99 -8.22 17.61
N UNK K 107 19.46 -9.46 17.79
CA UNK K 107 20.75 -9.92 17.26
C UNK K 107 20.85 -9.69 15.75
N UNK K 108 19.78 -10.02 15.03
CA UNK K 108 19.67 -9.82 13.59
C UNK K 108 19.73 -8.34 13.24
N UNK K 109 18.89 -7.52 13.88
CA UNK K 109 18.81 -6.09 13.61
C UNK K 109 20.17 -5.40 13.82
N UNK K 110 20.90 -5.78 14.87
CA UNK K 110 22.27 -5.30 15.09
C UNK K 110 23.25 -5.86 14.05
N UNK K 111 23.31 -7.18 13.86
CA UNK K 111 24.29 -7.84 13.01
C UNK K 111 24.26 -7.36 11.55
N UNK K 112 23.07 -7.13 10.98
CA UNK K 112 22.95 -6.71 9.58
C UNK K 112 23.62 -5.35 9.31
N UNK K 113 23.23 -4.32 10.06
CA UNK K 113 23.84 -3.00 9.96
C UNK K 113 25.31 -3.04 10.38
N UNK K 114 25.65 -3.80 11.43
CA UNK K 114 27.02 -3.95 11.88
C UNK K 114 27.93 -4.56 10.81
N UNK K 115 27.46 -5.54 10.04
CA UNK K 115 28.23 -6.11 8.94
C UNK K 115 28.48 -5.07 7.83
N UNK K 116 27.46 -4.30 7.45
CA UNK K 116 27.61 -3.23 6.46
C UNK K 116 28.62 -2.17 6.93
N UNK K 117 28.58 -1.81 8.21
CA UNK K 117 29.54 -0.90 8.81
C UNK K 117 30.96 -1.51 8.89
N UNK K 118 31.09 -2.78 9.28
CA UNK K 118 32.37 -3.48 9.33
C UNK K 118 33.02 -3.61 7.95
N UNK K 119 32.22 -3.81 6.89
CA UNK K 119 32.69 -3.81 5.52
C UNK K 119 33.27 -2.44 5.09
N UNK K 120 32.79 -1.33 5.68
CA UNK K 120 33.38 -0.01 5.49
C UNK K 120 34.61 0.25 6.39
N UNK K 121 34.57 -0.18 7.67
CA UNK K 121 35.68 -0.02 8.63
C UNK K 121 35.60 -1.06 9.76
N UNK K 122 36.67 -1.83 9.98
CA UNK K 122 36.67 -2.99 10.89
C UNK K 122 36.36 -2.64 12.36
N UNK K 123 36.65 -1.41 12.80
CA UNK K 123 36.33 -0.93 14.15
C UNK K 123 34.82 -0.98 14.46
N UNK K 124 33.95 -0.95 13.45
CA UNK K 124 32.50 -1.04 13.63
C UNK K 124 32.06 -2.36 14.25
N UNK K 125 32.79 -3.47 14.00
CA UNK K 125 32.51 -4.74 14.66
C UNK K 125 32.72 -4.65 16.18
N UNK K 126 33.83 -4.03 16.61
CA UNK K 126 34.10 -3.77 18.02
C UNK K 126 33.05 -2.82 18.63
N UNK K 127 32.60 -1.80 17.90
CA UNK K 127 31.52 -0.93 18.35
C UNK K 127 30.19 -1.69 18.54
N UNK K 128 29.85 -2.59 17.62
CA UNK K 128 28.63 -3.41 17.67
C UNK K 128 28.66 -4.52 18.74
N UNK K 129 29.85 -4.93 19.20
CA UNK K 129 30.02 -6.07 20.10
C UNK K 129 29.25 -5.94 21.43
N UNK K 130 29.05 -4.73 21.95
CA UNK K 130 28.22 -4.51 23.14
C UNK K 130 26.75 -4.90 22.91
N UNK K 131 26.18 -4.56 21.75
CA UNK K 131 24.83 -4.99 21.36
C UNK K 131 24.78 -6.50 21.12
N UNK K 132 25.80 -7.08 20.47
CA UNK K 132 25.90 -8.53 20.29
C UNK K 132 25.93 -9.29 21.62
N UNK K 133 26.71 -8.80 22.59
CA UNK K 133 26.75 -9.34 23.94
C UNK K 133 25.40 -9.20 24.65
N UNK K 134 24.72 -8.05 24.54
CA UNK K 134 23.41 -7.83 25.17
C UNK K 134 22.34 -8.83 24.65
N UNK K 135 22.35 -9.12 23.35
CA UNK K 135 21.48 -10.15 22.78
C UNK K 135 21.91 -11.57 23.20
N UNK K 136 23.21 -11.90 23.13
CA UNK K 136 23.71 -13.22 23.54
C UNK K 136 23.38 -13.52 25.02
N UNK K 137 23.46 -12.51 25.89
CA UNK K 137 23.01 -12.57 27.27
C UNK K 137 21.48 -12.75 27.39
N UNK K 138 20.68 -11.98 26.66
CA UNK K 138 19.22 -12.10 26.69
C UNK K 138 18.72 -13.52 26.31
N UNK K 139 19.44 -14.21 25.43
CA UNK K 139 19.21 -15.63 25.14
C UNK K 139 19.74 -16.56 26.24
N UNK K 140 21.03 -16.47 26.59
CA UNK K 140 21.69 -17.42 27.49
C UNK K 140 21.11 -17.41 28.93
N UNK K 141 20.79 -16.22 29.46
CA UNK K 141 20.15 -16.09 30.77
C UNK K 141 18.74 -16.71 30.78
N UNK K 142 17.96 -16.49 29.73
CA UNK K 142 16.63 -17.08 29.62
C UNK K 142 16.68 -18.61 29.53
N UNK K 143 17.70 -19.19 28.89
CA UNK K 143 17.88 -20.64 28.85
C UNK K 143 18.02 -21.24 30.27
N UNK K 144 18.76 -20.58 31.15
CA UNK K 144 18.80 -20.95 32.57
C UNK K 144 17.45 -20.71 33.28
N UNK K 145 16.80 -19.56 33.06
CA UNK K 145 15.52 -19.22 33.70
C UNK K 145 14.42 -20.24 33.38
N UNK K 146 14.33 -20.66 32.12
CA UNK K 146 13.43 -21.71 31.69
C UNK K 146 13.83 -23.09 32.27
N UNK K 147 15.12 -23.46 32.29
CA UNK K 147 15.57 -24.72 32.89
C UNK K 147 15.21 -24.79 34.40
N UNK K 148 15.31 -23.66 35.11
CA UNK K 148 14.84 -23.54 36.49
C UNK K 148 13.31 -23.72 36.58
N UNK K 149 12.53 -23.07 35.72
CA UNK K 149 11.09 -23.27 35.68
C UNK K 149 10.70 -24.73 35.33
N UNK K 150 11.49 -25.42 34.51
CA UNK K 150 11.30 -26.84 34.22
C UNK K 150 11.54 -27.70 35.47
N UNK K 151 12.59 -27.42 36.24
CA UNK K 151 12.79 -28.06 37.54
C UNK K 151 11.64 -27.75 38.52
N UNK K 152 11.16 -26.50 38.56
CA UNK K 152 10.02 -26.10 39.39
C UNK K 152 8.71 -26.83 38.98
N UNK K 153 8.53 -27.09 37.70
CA UNK K 153 7.43 -27.90 37.18
C UNK K 153 7.58 -29.39 37.50
N UNK K 154 8.80 -29.94 37.53
CA UNK K 154 9.07 -31.31 37.94
C UNK K 154 8.82 -31.51 39.45
N UNK K 155 9.07 -30.47 40.25
CA UNK K 155 8.70 -30.38 41.67
C UNK K 155 7.19 -30.10 41.88
N UNK K 156 6.77 -30.03 43.15
CA UNK K 156 5.39 -29.75 43.57
C UNK K 156 4.33 -30.71 42.97
N UNK K 157 4.66 -32.00 42.89
CA UNK K 157 3.81 -33.03 42.29
C UNK K 157 2.46 -33.19 42.99
N UNK K 158 1.39 -33.40 42.21
CA UNK K 158 0.01 -33.48 42.70
C UNK K 158 -0.88 -34.49 41.95
N UNK K 159 -0.33 -35.28 41.01
CA UNK K 159 -1.07 -36.28 40.24
C UNK K 159 -1.50 -37.49 41.08
N UNK L 1 -24.25 -12.86 47.89
CA UNK L 1 -25.40 -12.07 47.40
C UNK L 1 -25.19 -11.70 45.94
N UNK L 2 -25.88 -12.35 45.01
CA UNK L 2 -25.53 -12.39 43.59
C UNK L 2 -25.42 -11.00 42.90
N UNK L 3 -26.32 -10.07 43.16
CA UNK L 3 -26.27 -8.73 42.54
C UNK L 3 -25.15 -7.84 43.13
N UNK L 4 -24.49 -8.31 44.19
CA UNK L 4 -23.32 -7.70 44.80
C UNK L 4 -22.12 -8.68 44.86
N UNK L 5 -22.09 -9.72 44.02
CA UNK L 5 -21.11 -10.81 44.12
C UNK L 5 -19.66 -10.32 44.02
N UNK L 6 -18.85 -10.59 45.05
CA UNK L 6 -17.55 -9.96 45.25
C UNK L 6 -16.57 -10.23 44.11
N UNK L 7 -16.44 -11.48 43.66
CA UNK L 7 -15.53 -11.85 42.58
C UNK L 7 -15.87 -11.15 41.26
N UNK L 8 -17.16 -11.11 40.90
CA UNK L 8 -17.65 -10.37 39.73
C UNK L 8 -17.40 -8.86 39.88
N UNK L 9 -17.78 -8.26 41.01
CA UNK L 9 -17.62 -6.84 41.28
C UNK L 9 -16.15 -6.41 41.20
N UNK L 10 -15.25 -7.14 41.86
CA UNK L 10 -13.82 -6.87 41.81
C UNK L 10 -13.24 -7.08 40.40
N UNK L 11 -13.62 -8.13 39.68
CA UNK L 11 -13.16 -8.37 38.32
C UNK L 11 -13.57 -7.23 37.36
N UNK L 12 -14.73 -6.60 37.58
CA UNK L 12 -15.09 -5.36 36.91
C UNK L 12 -14.21 -4.19 37.38
N UNK L 13 -14.15 -3.93 38.69
CA UNK L 13 -13.44 -2.79 39.28
C UNK L 13 -11.94 -2.75 38.93
N UNK L 14 -11.34 -3.91 38.65
CA UNK L 14 -9.96 -4.06 38.17
C UNK L 14 -9.64 -3.20 36.93
N UNK L 15 -10.64 -2.90 36.09
CA UNK L 15 -10.48 -2.05 34.92
C UNK L 15 -10.02 -0.62 35.26
N UNK L 16 -10.22 -0.13 36.49
CA UNK L 16 -9.76 1.20 36.91
C UNK L 16 -8.25 1.38 36.70
N UNK L 17 -7.45 0.42 37.16
CA UNK L 17 -6.00 0.47 36.97
C UNK L 17 -5.61 0.22 35.49
N UNK L 18 -6.31 -0.66 34.78
CA UNK L 18 -6.09 -0.89 33.35
C UNK L 18 -6.29 0.41 32.54
N UNK L 19 -7.33 1.18 32.88
CA UNK L 19 -7.58 2.49 32.29
C UNK L 19 -6.48 3.50 32.60
N UNK L 20 -6.03 3.59 33.84
CA UNK L 20 -4.94 4.49 34.21
C UNK L 20 -3.65 4.16 33.44
N UNK L 21 -3.31 2.87 33.30
CA UNK L 21 -2.17 2.43 32.49
C UNK L 21 -2.34 2.80 31.01
N UNK L 22 -3.52 2.60 30.43
CA UNK L 22 -3.81 3.02 29.06
C UNK L 22 -3.68 4.54 28.88
N UNK L 23 -4.12 5.34 29.86
CA UNK L 23 -3.96 6.78 29.85
C UNK L 23 -2.48 7.18 29.86
N UNK L 24 -1.66 6.53 30.69
CA UNK L 24 -0.22 6.73 30.68
C UNK L 24 0.38 6.38 29.30
N UNK L 25 0.02 5.23 28.73
CA UNK L 25 0.49 4.81 27.41
C UNK L 25 0.11 5.81 26.31
N UNK L 26 -1.08 6.39 26.38
CA UNK L 26 -1.50 7.45 25.49
C UNK L 26 -0.59 8.68 25.61
N UNK L 27 -0.41 9.21 26.81
CA UNK L 27 0.46 10.38 27.00
C UNK L 27 1.90 10.10 26.55
N UNK L 28 2.41 8.89 26.80
CA UNK L 28 3.71 8.47 26.31
C UNK L 28 3.79 8.52 24.78
N UNK L 29 2.77 8.06 24.06
CA UNK L 29 2.73 8.14 22.60
C UNK L 29 2.77 9.60 22.10
N UNK L 30 2.04 10.50 22.76
CA UNK L 30 2.09 11.93 22.43
C UNK L 30 3.47 12.53 22.71
N UNK L 31 4.04 12.27 23.88
CA UNK L 31 5.38 12.73 24.24
C UNK L 31 6.44 12.19 23.26
N UNK L 32 6.30 10.94 22.81
CA UNK L 32 7.20 10.33 21.83
C UNK L 32 7.15 11.04 20.46
N UNK L 33 5.96 11.38 19.97
CA UNK L 33 5.85 12.19 18.77
C UNK L 33 6.47 13.59 18.98
N UNK L 34 6.22 14.20 20.14
CA UNK L 34 6.75 15.52 20.48
C UNK L 34 8.28 15.57 20.60
N UNK L 35 8.92 14.54 21.14
CA UNK L 35 10.37 14.52 21.39
C UNK L 35 11.18 14.63 20.09
N UNK L 36 10.85 13.84 19.07
CA UNK L 36 11.52 13.90 17.76
C UNK L 36 11.29 15.25 17.08
N UNK L 37 10.09 15.81 17.19
CA UNK L 37 9.79 17.15 16.68
C UNK L 37 10.60 18.23 17.41
N UNK L 38 10.75 18.14 18.73
CA UNK L 38 11.61 19.04 19.50
C UNK L 38 13.08 18.91 19.08
N UNK L 39 13.57 17.68 18.90
CA UNK L 39 14.93 17.43 18.42
C UNK L 39 15.17 17.99 16.99
N UNK L 40 14.15 18.01 16.14
CA UNK L 40 14.20 18.69 14.85
C UNK L 40 14.22 20.23 15.01
N UNK L 41 13.32 20.79 15.82
CA UNK L 41 13.24 22.24 16.06
C UNK L 41 14.51 22.83 16.68
N UNK L 42 15.25 22.04 17.47
CA UNK L 42 16.54 22.45 18.04
C UNK L 42 17.60 22.86 17.00
N UNK L 43 17.44 22.49 15.72
CA UNK L 43 18.35 22.92 14.65
C UNK L 43 18.29 24.44 14.36
N UNK L 44 17.17 25.12 14.70
CA UNK L 44 16.94 26.52 14.34
C UNK L 44 16.10 27.35 15.34
N UNK L 45 15.46 26.71 16.33
CA UNK L 45 14.54 27.34 17.29
C UNK L 45 14.77 26.88 18.75
N UNK L 46 15.98 26.43 19.09
CA UNK L 46 16.30 25.88 20.41
C UNK L 46 15.99 26.86 21.58
N UNK L 47 16.16 28.17 21.37
CA UNK L 47 15.84 29.20 22.38
C UNK L 47 14.34 29.30 22.72
N UNK L 48 13.45 28.88 21.81
CA UNK L 48 12.00 28.82 22.04
C UNK L 48 11.54 27.50 22.71
N UNK L 49 12.36 26.44 22.72
CA UNK L 49 11.93 25.09 23.08
C UNK L 49 11.35 24.98 24.50
N UNK L 50 11.84 25.78 25.45
CA UNK L 50 11.33 25.86 26.82
C UNK L 50 9.83 26.23 26.89
N UNK L 51 9.35 27.05 25.95
CA UNK L 51 7.92 27.31 25.77
C UNK L 51 7.27 26.29 24.81
N UNK L 52 7.88 26.03 23.65
CA UNK L 52 7.27 25.27 22.56
C UNK L 52 7.01 23.79 22.88
N UNK L 53 7.80 23.17 23.75
CA UNK L 53 7.67 21.75 24.08
C UNK L 53 6.49 21.42 25.05
N UNK L 54 5.83 22.42 25.63
CA UNK L 54 4.88 22.25 26.74
C UNK L 54 3.64 21.37 26.43
N UNK L 55 3.31 21.15 25.15
CA UNK L 55 2.22 20.27 24.74
C UNK L 55 2.37 18.84 25.28
N UNK L 56 3.59 18.29 25.29
CA UNK L 56 3.85 16.96 25.84
C UNK L 56 3.50 16.89 27.34
N UNK L 57 3.88 17.92 28.10
CA UNK L 57 3.55 18.03 29.52
C UNK L 57 2.04 18.20 29.76
N UNK L 58 1.35 18.99 28.94
CA UNK L 58 -0.11 19.17 29.07
C UNK L 58 -0.88 17.86 28.85
N UNK L 59 -0.47 17.05 27.86
CA UNK L 59 -1.04 15.72 27.64
C UNK L 59 -0.75 14.78 28.82
N UNK L 60 0.48 14.79 29.33
CA UNK L 60 0.83 14.03 30.52
C UNK L 60 -0.02 14.44 31.73
N UNK L 61 -0.26 15.73 31.94
CA UNK L 61 -1.12 16.24 33.00
C UNK L 61 -2.55 15.72 32.88
N UNK L 62 -3.10 15.65 31.65
CA UNK L 62 -4.41 15.06 31.41
C UNK L 62 -4.44 13.57 31.78
N UNK L 63 -3.45 12.79 31.36
CA UNK L 63 -3.34 11.38 31.75
C UNK L 63 -3.18 11.18 33.26
N UNK L 64 -2.43 12.05 33.94
CA UNK L 64 -2.31 12.02 35.39
C UNK L 64 -3.64 12.35 36.09
N UNK L 65 -4.37 13.37 35.64
CA UNK L 65 -5.70 13.70 36.17
C UNK L 65 -6.67 12.54 36.00
N UNK L 66 -6.64 11.88 34.83
CA UNK L 66 -7.41 10.66 34.58
C UNK L 66 -7.00 9.50 35.51
N UNK L 67 -5.70 9.27 35.70
CA UNK L 67 -5.19 8.24 36.61
C UNK L 67 -5.63 8.50 38.06
N UNK L 68 -5.55 9.75 38.52
CA UNK L 68 -6.01 10.16 39.84
C UNK L 68 -7.52 9.95 40.02
N UNK L 69 -8.32 10.31 39.01
CA UNK L 69 -9.77 10.08 39.02
C UNK L 69 -10.10 8.57 39.08
N UNK L 70 -9.43 7.74 38.28
CA UNK L 70 -9.62 6.29 38.28
C UNK L 70 -9.22 5.65 39.62
N UNK L 71 -8.09 6.08 40.19
CA UNK L 71 -7.64 5.66 41.51
C UNK L 71 -8.66 6.04 42.60
N UNK L 72 -9.14 7.29 42.60
CA UNK L 72 -10.17 7.74 43.52
C UNK L 72 -11.47 6.93 43.40
N UNK L 73 -11.91 6.66 42.17
CA UNK L 73 -13.09 5.83 41.92
C UNK L 73 -12.92 4.40 42.45
N UNK L 74 -11.76 3.78 42.26
CA UNK L 74 -11.47 2.46 42.83
C UNK L 74 -11.39 2.50 44.37
N UNK L 75 -10.77 3.53 44.94
CA UNK L 75 -10.65 3.71 46.38
C UNK L 75 -12.00 3.95 47.08
N UNK L 76 -12.98 4.54 46.38
CA UNK L 76 -14.34 4.74 46.90
C UNK L 76 -15.15 3.45 47.12
N UNK L 77 -14.66 2.30 46.65
CA UNK L 77 -15.32 1.01 46.80
C UNK L 77 -15.47 0.55 48.26
N UNK L 78 -16.52 -0.23 48.53
CA UNK L 78 -16.79 -0.90 49.81
C UNK L 78 -17.54 -2.23 49.58
N UNK L 79 -17.37 -3.21 50.48
CA UNK L 79 -17.84 -4.58 50.28
C UNK L 79 -19.38 -4.74 50.14
N UNK L 80 -20.16 -3.75 50.57
CA UNK L 80 -21.62 -3.73 50.44
C UNK L 80 -22.14 -3.26 49.07
N UNK L 81 -21.32 -2.61 48.23
CA UNK L 81 -21.76 -2.01 46.98
C UNK L 81 -22.19 -3.07 45.93
N UNK L 82 -23.19 -2.74 45.10
CA UNK L 82 -23.67 -3.61 44.03
C UNK L 82 -22.63 -3.84 42.92
N UNK L 83 -22.68 -4.99 42.26
CA UNK L 83 -21.88 -5.25 41.06
C UNK L 83 -22.20 -4.25 39.93
N UNK L 84 -23.43 -3.71 39.90
CA UNK L 84 -23.80 -2.60 39.02
C UNK L 84 -22.93 -1.35 39.24
N UNK L 85 -22.61 -1.00 40.48
CA UNK L 85 -21.72 0.11 40.79
C UNK L 85 -20.29 -0.15 40.31
N UNK L 86 -19.77 -1.36 40.59
CA UNK L 86 -18.43 -1.74 40.14
C UNK L 86 -18.34 -1.80 38.60
N UNK L 87 -19.38 -2.26 37.92
CA UNK L 87 -19.48 -2.20 36.47
C UNK L 87 -19.56 -0.75 35.96
N UNK L 88 -20.29 0.13 36.65
CA UNK L 88 -20.31 1.56 36.32
C UNK L 88 -18.91 2.19 36.47
N UNK L 89 -18.15 1.79 37.49
CA UNK L 89 -16.75 2.16 37.62
C UNK L 89 -15.92 1.63 36.44
N UNK L 90 -16.06 0.36 36.07
CA UNK L 90 -15.35 -0.24 34.94
C UNK L 90 -15.64 0.50 33.61
N UNK L 91 -16.91 0.85 33.40
CA UNK L 91 -17.34 1.62 32.26
C UNK L 91 -16.70 3.03 32.25
N UNK L 92 -16.85 3.78 33.35
CA UNK L 92 -16.29 5.12 33.47
C UNK L 92 -14.76 5.13 33.28
N UNK L 93 -14.08 4.09 33.78
CA UNK L 93 -12.66 3.89 33.58
C UNK L 93 -12.32 3.77 32.08
N UNK L 94 -13.05 2.96 31.32
CA UNK L 94 -12.84 2.84 29.88
C UNK L 94 -13.03 4.21 29.18
N UNK L 95 -13.99 5.02 29.61
CA UNK L 95 -14.15 6.39 29.10
C UNK L 95 -12.96 7.28 29.45
N UNK L 96 -12.48 7.25 30.69
CA UNK L 96 -11.30 8.02 31.11
C UNK L 96 -10.06 7.65 30.26
N UNK L 97 -9.86 6.36 29.99
CA UNK L 97 -8.77 5.89 29.13
C UNK L 97 -8.90 6.42 27.71
N UNK L 98 -10.09 6.29 27.10
CA UNK L 98 -10.34 6.79 25.77
C UNK L 98 -10.17 8.32 25.68
N UNK L 99 -10.59 9.06 26.70
CA UNK L 99 -10.40 10.50 26.76
C UNK L 99 -8.92 10.86 26.69
N UNK L 100 -8.09 10.16 27.46
CA UNK L 100 -6.65 10.32 27.38
C UNK L 100 -6.12 9.93 25.99
N UNK L 101 -6.57 8.81 25.41
CA UNK L 101 -6.15 8.39 24.07
C UNK L 101 -6.43 9.48 23.02
N UNK L 102 -7.60 10.07 23.10
CA UNK L 102 -8.00 11.18 22.26
C UNK L 102 -7.09 12.40 22.47
N UNK L 103 -7.02 12.90 23.70
CA UNK L 103 -6.23 14.10 24.00
C UNK L 103 -4.77 13.93 23.59
N UNK L 104 -4.23 12.72 23.76
CA UNK L 104 -2.91 12.36 23.30
C UNK L 104 -2.78 12.39 21.77
N UNK L 105 -3.66 11.73 21.02
CA UNK L 105 -3.59 11.74 19.56
C UNK L 105 -3.65 13.17 19.00
N UNK L 106 -4.48 14.02 19.60
CA UNK L 106 -4.55 15.44 19.28
C UNK L 106 -3.22 16.13 19.61
N UNK L 107 -2.75 16.00 20.85
CA UNK L 107 -1.51 16.61 21.30
C UNK L 107 -0.32 16.18 20.43
N UNK L 108 -0.30 14.94 19.96
CA UNK L 108 0.74 14.41 19.08
C UNK L 108 0.80 15.17 17.76
N UNK L 109 -0.35 15.27 17.07
CA UNK L 109 -0.44 16.05 15.84
C UNK L 109 -0.10 17.53 16.09
N UNK L 110 -0.62 18.09 17.18
CA UNK L 110 -0.37 19.46 17.56
C UNK L 110 1.12 19.73 17.84
N UNK L 111 1.84 18.83 18.51
CA UNK L 111 3.26 19.02 18.82
C UNK L 111 4.12 19.06 17.56
N UNK L 112 3.86 18.17 16.59
CA UNK L 112 4.54 18.19 15.30
C UNK L 112 4.30 19.52 14.56
N UNK L 113 3.06 20.01 14.56
CA UNK L 113 2.73 21.31 14.00
C UNK L 113 3.41 22.46 14.78
N UNK L 114 3.43 22.40 16.11
CA UNK L 114 4.00 23.42 16.97
C UNK L 114 5.51 23.57 16.78
N UNK L 115 6.23 22.47 16.53
CA UNK L 115 7.66 22.51 16.24
C UNK L 115 7.98 23.37 15.02
N UNK L 116 7.12 23.36 14.00
CA UNK L 116 7.19 24.29 12.87
C UNK L 116 6.65 25.68 13.22
N UNK L 117 5.49 25.76 13.90
CA UNK L 117 4.82 27.02 14.23
C UNK L 117 5.71 27.97 15.06
N UNK L 118 6.52 27.45 15.99
CA UNK L 118 7.48 28.24 16.77
C UNK L 118 8.60 28.87 15.91
N UNK L 119 8.96 28.24 14.79
CA UNK L 119 9.85 28.82 13.79
C UNK L 119 9.11 29.79 12.84
N UNK L 120 7.79 29.64 12.66
CA UNK L 120 6.99 30.53 11.83
C UNK L 120 6.65 31.87 12.53
N UNK L 121 6.02 31.85 13.71
CA UNK L 121 5.72 33.04 14.51
C UNK L 121 5.34 32.70 15.97
N UNK L 122 5.55 33.65 16.89
CA UNK L 122 5.09 33.51 18.28
C UNK L 122 3.56 33.38 18.36
N UNK L 123 2.82 34.16 17.57
CA UNK L 123 1.36 34.06 17.49
C UNK L 123 0.88 32.69 16.98
N UNK L 124 1.62 32.08 16.04
CA UNK L 124 1.32 30.75 15.53
C UNK L 124 1.46 29.68 16.63
N UNK L 125 2.55 29.72 17.38
CA UNK L 125 2.76 28.85 18.53
C UNK L 125 1.67 29.06 19.62
N UNK L 126 1.30 30.30 19.91
CA UNK L 126 0.23 30.61 20.86
C UNK L 126 -1.12 30.02 20.41
N UNK L 127 -1.47 30.22 19.14
CA UNK L 127 -2.69 29.64 18.56
C UNK L 127 -2.65 28.11 18.63
N UNK L 128 -1.53 27.48 18.28
CA UNK L 128 -1.37 26.03 18.35
C UNK L 128 -1.52 25.50 19.78
N UNK L 129 -0.93 26.18 20.75
CA UNK L 129 -1.10 25.87 22.16
C UNK L 129 -2.59 25.97 22.57
N UNK L 130 -3.26 27.07 22.20
CA UNK L 130 -4.68 27.26 22.47
C UNK L 130 -5.54 26.14 21.86
N UNK L 131 -5.26 25.74 20.62
CA UNK L 131 -5.94 24.63 19.96
C UNK L 131 -5.73 23.29 20.68
N UNK L 132 -4.47 22.95 21.01
CA UNK L 132 -4.15 21.73 21.72
C UNK L 132 -4.86 21.64 23.08
N UNK L 133 -4.84 22.74 23.84
CA UNK L 133 -5.54 22.83 25.11
C UNK L 133 -7.06 22.63 24.93
N UNK L 134 -7.67 23.33 23.97
CA UNK L 134 -9.10 23.19 23.69
C UNK L 134 -9.48 21.74 23.33
N UNK L 135 -8.64 21.06 22.56
CA UNK L 135 -8.85 19.66 22.20
C UNK L 135 -8.79 18.73 23.43
N UNK L 136 -7.82 18.93 24.31
CA UNK L 136 -7.73 18.18 25.56
C UNK L 136 -8.91 18.46 26.49
N UNK L 137 -9.42 19.70 26.52
CA UNK L 137 -10.41 20.16 27.50
C UNK L 137 -11.70 19.33 27.50
N UNK L 138 -12.38 19.18 26.35
CA UNK L 138 -13.62 18.42 26.29
C UNK L 138 -13.39 16.94 26.66
N UNK L 139 -12.23 16.37 26.33
CA UNK L 139 -11.89 15.00 26.71
C UNK L 139 -11.70 14.86 28.23
N UNK L 140 -10.90 15.73 28.84
CA UNK L 140 -10.76 15.75 30.30
C UNK L 140 -12.10 16.01 31.00
N UNK L 141 -12.96 16.84 30.42
CA UNK L 141 -14.32 17.07 30.92
C UNK L 141 -15.17 15.79 30.84
N UNK L 142 -15.11 15.05 29.74
CA UNK L 142 -15.78 13.76 29.63
C UNK L 142 -15.28 12.77 30.70
N UNK L 143 -13.97 12.71 30.94
CA UNK L 143 -13.42 11.88 32.01
C UNK L 143 -13.95 12.29 33.39
N UNK L 144 -14.02 13.60 33.68
CA UNK L 144 -14.60 14.10 34.91
C UNK L 144 -16.08 13.71 35.06
N UNK L 145 -16.87 13.85 33.99
CA UNK L 145 -18.26 13.41 33.98
C UNK L 145 -18.38 11.90 34.24
N UNK L 146 -17.52 11.10 33.63
CA UNK L 146 -17.49 9.65 33.85
C UNK L 146 -17.18 9.32 35.32
N UNK L 147 -16.18 9.97 35.92
CA UNK L 147 -15.85 9.77 37.32
C UNK L 147 -17.00 10.23 38.26
N UNK L 148 -17.67 11.32 37.94
CA UNK L 148 -18.86 11.76 38.66
C UNK L 148 -19.99 10.71 38.58
N UNK L 149 -20.23 10.15 37.40
CA UNK L 149 -21.18 9.06 37.21
C UNK L 149 -20.80 7.82 38.03
N UNK L 150 -19.52 7.43 38.03
CA UNK L 150 -19.04 6.30 38.83
C UNK L 150 -19.26 6.48 40.33
N UNK L 151 -19.05 7.69 40.86
CA UNK L 151 -19.31 7.99 42.26
C UNK L 151 -20.82 7.92 42.59
N UNK L 152 -21.67 8.60 41.81
CA UNK L 152 -23.11 8.62 42.04
C UNK L 152 -23.74 7.22 41.94
N UNK L 153 -23.20 6.34 41.07
CA UNK L 153 -23.63 4.96 40.92
C UNK L 153 -23.41 4.09 42.18
N UNK L 154 -22.76 4.59 43.24
CA UNK L 154 -22.72 3.91 44.54
C UNK L 154 -24.10 3.82 45.23
N UNK L 155 -25.04 4.69 44.87
CA UNK L 155 -26.44 4.65 45.32
C UNK L 155 -27.29 3.59 44.55
N UNK L 156 -28.53 3.37 44.98
CA UNK L 156 -29.54 2.51 44.31
C UNK L 156 -29.06 1.07 44.02
N UNK L 157 -28.33 0.49 44.97
CA UNK L 157 -27.78 -0.86 44.94
C UNK L 157 -28.84 -1.97 45.04
N UNK L 158 -28.44 -3.19 44.67
CA UNK L 158 -29.15 -4.45 44.91
C UNK L 158 -28.12 -5.58 45.15
N UNK L 159 -28.50 -6.63 45.88
CA UNK L 159 -27.61 -7.69 46.32
C UNK L 159 -28.30 -9.07 46.31
N UNK M 1 -10.19 -23.79 49.04
CA UNK M 1 -11.60 -23.51 48.67
C UNK M 1 -11.69 -22.42 47.61
N UNK M 2 -12.71 -22.45 46.75
CA UNK M 2 -12.86 -21.55 45.59
C UNK M 2 -12.90 -20.04 45.94
N UNK M 3 -13.40 -19.69 47.13
CA UNK M 3 -13.41 -18.31 47.63
C UNK M 3 -11.99 -17.71 47.88
N UNK M 4 -10.97 -18.56 47.99
CA UNK M 4 -9.60 -18.19 48.32
C UNK M 4 -8.54 -19.03 47.56
N UNK M 5 -8.89 -19.53 46.37
CA UNK M 5 -8.05 -20.43 45.58
C UNK M 5 -6.80 -19.74 45.00
N UNK M 6 -5.68 -20.47 44.94
CA UNK M 6 -4.43 -19.99 44.32
C UNK M 6 -4.61 -19.60 42.84
N UNK M 7 -5.52 -20.27 42.13
CA UNK M 7 -5.87 -19.97 40.75
C UNK M 7 -6.40 -18.53 40.54
N UNK M 8 -6.98 -17.90 41.57
CA UNK M 8 -7.34 -16.48 41.54
C UNK M 8 -6.09 -15.59 41.71
N UNK M 9 -5.24 -15.89 42.70
CA UNK M 9 -4.00 -15.16 42.95
C UNK M 9 -3.01 -15.21 41.77
N UNK M 10 -3.03 -16.29 40.98
CA UNK M 10 -2.21 -16.45 39.79
C UNK M 10 -2.38 -15.32 38.75
N UNK M 11 -3.55 -14.67 38.68
CA UNK M 11 -3.81 -13.55 37.78
C UNK M 11 -2.92 -12.33 38.09
N UNK M 12 -2.49 -12.16 39.35
CA UNK M 12 -1.43 -11.21 39.72
C UNK M 12 -0.05 -11.71 39.31
N UNK M 13 0.30 -12.93 39.70
CA UNK M 13 1.63 -13.50 39.48
C UNK M 13 2.03 -13.54 38.00
N UNK M 14 1.11 -13.91 37.11
CA UNK M 14 1.36 -13.99 35.67
C UNK M 14 1.73 -12.61 35.07
N UNK M 15 0.95 -11.57 35.40
CA UNK M 15 1.24 -10.21 34.93
C UNK M 15 2.49 -9.62 35.58
N UNK M 16 2.72 -9.90 36.86
CA UNK M 16 3.92 -9.47 37.58
C UNK M 16 5.20 -10.06 36.95
N UNK M 17 5.16 -11.33 36.54
CA UNK M 17 6.26 -11.97 35.81
C UNK M 17 6.42 -11.40 34.38
N UNK M 18 5.31 -11.22 33.65
CA UNK M 18 5.34 -10.73 32.27
C UNK M 18 5.87 -9.29 32.13
N UNK M 19 5.68 -8.42 33.13
CA UNK M 19 6.08 -7.02 33.11
C UNK M 19 7.55 -6.81 32.68
N UNK M 20 8.47 -7.58 33.26
CA UNK M 20 9.89 -7.49 32.97
C UNK M 20 10.23 -7.98 31.55
N UNK M 21 9.74 -9.17 31.16
CA UNK M 21 9.98 -9.72 29.82
C UNK M 21 9.43 -8.80 28.72
N UNK M 22 8.26 -8.20 28.95
CA UNK M 22 7.68 -7.19 28.07
C UNK M 22 8.53 -5.90 28.01
N UNK M 23 8.94 -5.33 29.15
CA UNK M 23 9.76 -4.12 29.18
C UNK M 23 11.11 -4.31 28.45
N UNK M 24 11.73 -5.48 28.60
CA UNK M 24 12.93 -5.86 27.85
C UNK M 24 12.66 -5.99 26.34
N UNK M 25 11.62 -6.73 25.93
CA UNK M 25 11.26 -6.90 24.52
C UNK M 25 10.94 -5.57 23.83
N UNK M 26 10.29 -4.64 24.53
CA UNK M 26 10.03 -3.29 24.07
C UNK M 26 11.31 -2.45 23.89
N UNK M 27 12.22 -2.45 24.87
CA UNK M 27 13.46 -1.67 24.82
C UNK M 27 14.46 -2.17 23.76
N UNK M 28 14.62 -3.50 23.60
CA UNK M 28 15.69 -4.08 22.79
C UNK M 28 15.65 -3.71 21.30
N UNK M 29 14.46 -3.62 20.69
CA UNK M 29 14.32 -3.29 19.27
C UNK M 29 14.85 -1.89 18.94
N UNK M 30 14.46 -0.90 19.74
CA UNK M 30 14.97 0.46 19.63
C UNK M 30 16.45 0.56 20.05
N UNK M 31 16.91 -0.21 21.04
CA UNK M 31 18.32 -0.30 21.39
C UNK M 31 19.16 -0.78 20.20
N UNK M 32 18.68 -1.80 19.48
CA UNK M 32 19.30 -2.25 18.23
C UNK M 32 19.25 -1.17 17.14
N UNK M 33 18.15 -0.42 17.01
CA UNK M 33 18.08 0.71 16.09
C UNK M 33 19.10 1.82 16.43
N UNK M 34 19.34 2.08 17.71
CA UNK M 34 20.34 3.03 18.21
C UNK M 34 21.80 2.54 18.07
N UNK M 35 22.02 1.22 17.99
CA UNK M 35 23.37 0.61 17.93
C UNK M 35 24.18 1.00 16.67
N UNK M 36 23.55 1.62 15.67
CA UNK M 36 24.23 2.22 14.52
C UNK M 36 25.15 3.40 14.89
N UNK M 37 24.93 4.06 16.04
CA UNK M 37 25.67 5.27 16.43
C UNK M 37 25.91 5.47 17.94
N UNK M 38 25.00 5.04 18.81
CA UNK M 38 24.98 5.46 20.22
C UNK M 38 26.29 5.17 21.00
N UNK M 39 26.76 3.91 20.99
CA UNK M 39 27.98 3.52 21.71
C UNK M 39 29.25 4.17 21.12
N UNK M 40 29.36 4.20 19.79
CA UNK M 40 30.49 4.79 19.08
C UNK M 40 30.63 6.31 19.31
N UNK M 41 29.52 7.05 19.30
CA UNK M 41 29.49 8.47 19.63
C UNK M 41 29.92 8.73 21.08
N UNK M 42 29.37 7.98 22.04
CA UNK M 42 29.75 8.09 23.45
C UNK M 42 31.24 7.77 23.68
N UNK M 43 31.79 6.75 23.01
CA UNK M 43 33.20 6.43 23.06
C UNK M 43 34.07 7.54 22.44
N UNK M 44 33.72 8.05 21.26
CA UNK M 44 34.52 9.05 20.55
C UNK M 44 34.56 10.43 21.24
N UNK M 45 33.42 10.88 21.78
CA UNK M 45 33.32 12.18 22.45
C UNK M 45 33.74 12.16 23.94
N UNK M 46 33.57 11.00 24.61
CA UNK M 46 33.77 10.79 26.05
C UNK M 46 32.87 11.66 26.97
N UNK M 47 32.98 11.43 28.28
CA UNK M 47 32.41 12.23 29.38
C UNK M 47 30.95 12.68 29.17
N UNK M 48 30.72 13.93 28.74
CA UNK M 48 29.40 14.52 28.58
C UNK M 48 28.47 13.76 27.63
N UNK M 49 29.01 13.07 26.62
CA UNK M 49 28.21 12.21 25.74
C UNK M 49 27.67 10.96 26.47
N UNK M 50 28.43 10.38 27.40
CA UNK M 50 27.93 9.33 28.28
C UNK M 50 26.91 9.88 29.29
N UNK M 51 27.11 11.11 29.80
CA UNK M 51 26.14 11.79 30.66
C UNK M 51 24.81 12.10 29.94
N UNK M 52 24.83 12.33 28.62
CA UNK M 52 23.63 12.41 27.78
C UNK M 52 23.00 11.02 27.54
N UNK M 53 23.83 10.01 27.21
CA UNK M 53 23.38 8.63 27.01
C UNK M 53 22.75 7.99 28.27
N UNK M 54 23.08 8.48 29.46
CA UNK M 54 22.48 8.07 30.73
C UNK M 54 20.94 8.23 30.79
N UNK M 55 20.32 9.01 29.89
CA UNK M 55 18.87 9.05 29.76
C UNK M 55 18.25 7.65 29.48
N UNK M 56 18.91 6.81 28.69
CA UNK M 56 18.49 5.43 28.46
C UNK M 56 18.69 4.53 29.71
N UNK M 57 19.79 4.73 30.45
CA UNK M 57 20.02 4.05 31.74
C UNK M 57 18.96 4.43 32.79
N UNK M 58 18.53 5.70 32.84
CA UNK M 58 17.44 6.15 33.70
C UNK M 58 16.10 5.49 33.32
N UNK M 59 15.77 5.40 32.03
CA UNK M 59 14.59 4.66 31.58
C UNK M 59 14.67 3.17 31.94
N UNK M 60 15.84 2.53 31.81
CA UNK M 60 16.05 1.15 32.25
C UNK M 60 15.88 1.00 33.77
N UNK M 61 16.37 1.94 34.57
CA UNK M 61 16.14 1.96 36.01
C UNK M 61 14.66 2.12 36.36
N UNK M 62 13.87 2.89 35.59
CA UNK M 62 12.43 3.00 35.79
C UNK M 62 11.69 1.68 35.50
N UNK M 63 12.04 0.98 34.42
CA UNK M 63 11.54 -0.36 34.16
C UNK M 63 11.95 -1.35 35.28
N UNK M 64 13.17 -1.24 35.80
CA UNK M 64 13.63 -2.04 36.95
C UNK M 64 12.82 -1.72 38.22
N UNK M 65 12.50 -0.45 38.48
CA UNK M 65 11.66 -0.04 39.59
C UNK M 65 10.23 -0.61 39.47
N UNK M 66 9.66 -0.62 38.27
CA UNK M 66 8.39 -1.30 38.01
C UNK M 66 8.49 -2.82 38.27
N UNK M 67 9.57 -3.48 37.84
CA UNK M 67 9.79 -4.90 38.12
C UNK M 67 9.97 -5.18 39.63
N UNK M 68 10.63 -4.29 40.37
CA UNK M 68 10.71 -4.38 41.82
C UNK M 68 9.33 -4.24 42.49
N UNK M 69 8.49 -3.31 42.04
CA UNK M 69 7.12 -3.17 42.53
C UNK M 69 6.27 -4.41 42.22
N UNK M 70 6.44 -5.01 41.03
CA UNK M 70 5.83 -6.29 40.69
C UNK M 70 6.29 -7.41 41.64
N UNK M 71 7.58 -7.51 41.93
CA UNK M 71 8.09 -8.46 42.91
C UNK M 71 7.54 -8.19 44.32
N UNK M 72 7.39 -6.93 44.73
CA UNK M 72 6.79 -6.57 46.01
C UNK M 72 5.32 -6.99 46.10
N UNK M 73 4.54 -6.79 45.03
CA UNK M 73 3.18 -7.30 44.95
C UNK M 73 3.15 -8.85 45.00
N UNK M 74 4.10 -9.52 44.33
CA UNK M 74 4.24 -10.97 44.39
C UNK M 74 4.64 -11.48 45.79
N UNK M 75 5.36 -10.70 46.59
CA UNK M 75 5.62 -11.00 48.00
C UNK M 75 4.40 -10.74 48.90
N UNK M 76 3.65 -9.67 48.64
CA UNK M 76 2.49 -9.28 49.44
C UNK M 76 1.31 -10.27 49.29
N UNK M 77 1.04 -10.75 48.07
CA UNK M 77 0.01 -11.75 47.83
C UNK M 77 0.52 -13.17 48.15
N UNK M 78 -0.11 -13.84 49.12
CA UNK M 78 0.28 -15.17 49.57
C UNK M 78 -0.90 -15.94 50.21
N UNK M 79 -0.78 -17.26 50.27
CA UNK M 79 -1.71 -18.18 50.94
C UNK M 79 -3.18 -17.99 50.50
N UNK M 80 -4.14 -18.28 51.39
CA UNK M 80 -5.58 -18.17 51.16
C UNK M 80 -6.09 -16.70 51.17
N UNK M 81 -5.54 -15.84 50.30
CA UNK M 81 -5.99 -14.47 50.10
C UNK M 81 -7.42 -14.40 49.53
N UNK M 82 -8.17 -13.35 49.89
CA UNK M 82 -9.56 -13.14 49.44
C UNK M 82 -9.69 -12.91 47.93
N UNK M 83 -10.86 -13.23 47.35
CA UNK M 83 -11.11 -13.06 45.92
C UNK M 83 -10.93 -11.61 45.45
N UNK M 84 -11.47 -10.63 46.19
CA UNK M 84 -11.27 -9.22 45.86
C UNK M 84 -9.79 -8.78 45.96
N UNK M 85 -9.04 -9.33 46.92
CA UNK M 85 -7.60 -9.09 47.03
C UNK M 85 -6.85 -9.62 45.79
N UNK M 86 -7.12 -10.86 45.39
CA UNK M 86 -6.51 -11.47 44.22
C UNK M 86 -6.81 -10.70 42.92
N UNK M 87 -8.07 -10.32 42.70
CA UNK M 87 -8.47 -9.49 41.56
C UNK M 87 -7.81 -8.10 41.59
N UNK M 88 -7.76 -7.41 42.73
CA UNK M 88 -7.10 -6.11 42.86
C UNK M 88 -5.57 -6.19 42.64
N UNK M 89 -4.92 -7.27 43.10
CA UNK M 89 -3.52 -7.56 42.80
C UNK M 89 -3.31 -7.85 41.30
N UNK M 90 -4.22 -8.57 40.65
CA UNK M 90 -4.22 -8.73 39.20
C UNK M 90 -4.32 -7.38 38.48
N UNK M 91 -5.18 -6.47 38.96
CA UNK M 91 -5.29 -5.11 38.43
C UNK M 91 -3.96 -4.35 38.56
N UNK M 92 -3.36 -4.34 39.75
CA UNK M 92 -2.07 -3.68 40.00
C UNK M 92 -0.98 -4.23 39.06
N UNK M 93 -0.85 -5.55 38.98
CA UNK M 93 0.15 -6.23 38.16
C UNK M 93 -0.05 -5.99 36.66
N UNK M 94 -1.29 -6.05 36.16
CA UNK M 94 -1.58 -5.79 34.75
C UNK M 94 -1.31 -4.33 34.38
N UNK M 95 -1.68 -3.37 35.24
CA UNK M 95 -1.40 -1.96 35.03
C UNK M 95 0.11 -1.67 34.97
N UNK M 96 0.88 -2.21 35.92
CA UNK M 96 2.33 -2.09 35.93
C UNK M 96 2.97 -2.72 34.68
N UNK M 97 2.58 -3.94 34.29
CA UNK M 97 3.12 -4.62 33.11
C UNK M 97 2.87 -3.84 31.81
N UNK M 98 1.63 -3.37 31.59
CA UNK M 98 1.28 -2.58 30.43
C UNK M 98 2.02 -1.23 30.41
N UNK M 99 2.05 -0.51 31.53
CA UNK M 99 2.74 0.79 31.63
C UNK M 99 4.25 0.65 31.40
N UNK M 100 4.88 -0.40 31.94
CA UNK M 100 6.28 -0.69 31.69
C UNK M 100 6.56 -0.96 30.21
N UNK M 101 5.74 -1.79 29.55
CA UNK M 101 5.90 -2.05 28.11
C UNK M 101 5.76 -0.78 27.26
N UNK M 102 4.71 0.00 27.50
CA UNK M 102 4.48 1.25 26.77
C UNK M 102 5.59 2.29 27.00
N UNK M 103 5.96 2.55 28.25
CA UNK M 103 7.01 3.51 28.59
C UNK M 103 8.38 3.06 28.05
N UNK M 104 8.71 1.77 28.11
CA UNK M 104 9.95 1.23 27.54
C UNK M 104 10.01 1.45 26.03
N UNK M 105 8.93 1.14 25.29
CA UNK M 105 8.87 1.43 23.86
C UNK M 105 9.03 2.94 23.57
N UNK M 106 8.26 3.79 24.25
CA UNK M 106 8.26 5.23 24.03
C UNK M 106 9.62 5.89 24.30
N UNK M 107 10.19 5.67 25.48
CA UNK M 107 11.47 6.23 25.86
C UNK M 107 12.61 5.69 24.99
N UNK M 108 12.62 4.39 24.68
CA UNK M 108 13.65 3.82 23.82
C UNK M 108 13.53 4.33 22.38
N UNK M 109 12.32 4.52 21.84
CA UNK M 109 12.13 5.15 20.52
C UNK M 109 12.63 6.60 20.50
N UNK M 110 12.38 7.36 21.58
CA UNK M 110 12.95 8.70 21.75
C UNK M 110 14.50 8.67 21.79
N UNK M 111 15.11 7.72 22.50
CA UNK M 111 16.56 7.55 22.54
C UNK M 111 17.15 7.19 21.16
N UNK M 112 16.53 6.25 20.44
CA UNK M 112 16.96 5.87 19.09
C UNK M 112 16.85 7.02 18.10
N UNK M 113 15.82 7.87 18.21
CA UNK M 113 15.73 9.11 17.44
C UNK M 113 16.84 10.11 17.83
N UNK M 114 17.03 10.35 19.13
CA UNK M 114 18.00 11.32 19.63
C UNK M 114 19.47 10.92 19.37
N UNK M 115 19.78 9.63 19.20
CA UNK M 115 21.13 9.11 19.01
C UNK M 115 21.85 9.67 17.76
N UNK M 116 21.13 10.21 16.77
CA UNK M 116 21.69 10.93 15.63
C UNK M 116 22.24 12.33 15.98
N UNK M 117 21.90 12.90 17.15
CA UNK M 117 22.09 14.32 17.47
C UNK M 117 22.60 14.63 18.91
N UNK M 118 22.34 13.78 19.90
CA UNK M 118 22.58 14.09 21.32
C UNK M 118 24.06 14.36 21.67
N UNK M 119 25.01 13.71 20.99
CA UNK M 119 26.45 14.00 21.14
C UNK M 119 26.89 15.24 20.31
N UNK M 120 26.13 15.62 19.28
CA UNK M 120 26.44 16.73 18.39
C UNK M 120 25.96 18.10 18.90
N UNK M 121 24.76 18.18 19.49
CA UNK M 121 24.16 19.43 19.94
C UNK M 121 23.55 19.33 21.36
N UNK M 122 23.86 20.28 22.23
CA UNK M 122 23.41 20.30 23.63
C UNK M 122 21.88 20.37 23.76
N UNK M 123 21.21 21.09 22.86
CA UNK M 123 19.75 21.18 22.84
C UNK M 123 19.05 19.83 22.55
N UNK M 124 19.65 18.96 21.74
CA UNK M 124 19.11 17.62 21.48
C UNK M 124 19.23 16.71 22.71
N UNK M 125 20.35 16.74 23.43
CA UNK M 125 20.51 16.04 24.71
C UNK M 125 19.55 16.57 25.78
N UNK M 126 19.37 17.90 25.88
CA UNK M 126 18.40 18.51 26.78
C UNK M 126 16.96 18.09 26.46
N UNK M 127 16.58 18.07 25.18
CA UNK M 127 15.28 17.54 24.73
C UNK M 127 15.12 16.07 25.12
N UNK M 128 16.15 15.24 24.91
CA UNK M 128 16.12 13.83 25.31
C UNK M 128 15.98 13.64 26.84
N UNK M 129 16.65 14.46 27.65
CA UNK M 129 16.49 14.46 29.11
C UNK M 129 15.07 14.86 29.54
N UNK M 130 14.49 15.91 28.96
CA UNK M 130 13.10 16.29 29.21
C UNK M 130 12.12 15.17 28.82
N UNK M 131 12.31 14.55 27.66
CA UNK M 131 11.51 13.42 27.18
C UNK M 131 11.62 12.20 28.11
N UNK M 132 12.83 11.83 28.51
CA UNK M 132 13.06 10.74 29.46
C UNK M 132 12.40 11.03 30.81
N UNK M 133 12.52 12.26 31.33
CA UNK M 133 11.87 12.68 32.57
C UNK M 133 10.34 12.60 32.47
N UNK M 134 9.74 12.98 31.34
CA UNK M 134 8.31 12.85 31.11
C UNK M 134 7.84 11.38 31.02
N UNK M 135 8.55 10.54 30.27
CA UNK M 135 8.25 9.10 30.17
C UNK M 135 8.39 8.40 31.54
N UNK M 136 9.42 8.76 32.31
CA UNK M 136 9.59 8.30 33.69
C UNK M 136 8.46 8.81 34.61
N UNK M 137 8.02 10.06 34.48
CA UNK M 137 6.89 10.59 35.26
C UNK M 137 5.57 9.84 34.95
N UNK M 138 5.34 9.46 33.70
CA UNK M 138 4.19 8.63 33.32
C UNK M 138 4.28 7.22 33.95
N UNK M 139 5.45 6.56 33.85
CA UNK M 139 5.67 5.26 34.50
C UNK M 139 5.58 5.34 36.04
N UNK M 140 6.05 6.43 36.66
CA UNK M 140 5.95 6.66 38.11
C UNK M 140 4.50 6.88 38.57
N UNK M 141 3.72 7.68 37.83
CA UNK M 141 2.28 7.81 38.06
C UNK M 141 1.56 6.46 37.93
N UNK M 142 1.94 5.63 36.95
CA UNK M 142 1.41 4.27 36.81
C UNK M 142 1.82 3.34 37.97
N UNK M 143 3.06 3.41 38.44
CA UNK M 143 3.50 2.68 39.63
C UNK M 143 2.71 3.11 40.89
N UNK M 144 2.40 4.41 41.02
CA UNK M 144 1.53 4.92 42.08
C UNK M 144 0.09 4.38 41.96
N UNK M 145 -0.48 4.34 40.76
CA UNK M 145 -1.79 3.72 40.53
C UNK M 145 -1.80 2.21 40.86
N UNK M 146 -0.73 1.49 40.52
CA UNK M 146 -0.57 0.09 40.93
C UNK M 146 -0.48 -0.05 42.46
N UNK M 147 0.24 0.84 43.15
CA UNK M 147 0.28 0.86 44.61
C UNK M 147 -1.10 1.17 45.23
N UNK M 148 -1.89 2.06 44.64
CA UNK M 148 -3.27 2.29 45.05
C UNK M 148 -4.14 1.03 44.85
N UNK M 149 -3.97 0.32 43.73
CA UNK M 149 -4.64 -0.97 43.50
C UNK M 149 -4.19 -2.05 44.50
N UNK M 150 -2.92 -2.05 44.94
CA UNK M 150 -2.47 -2.90 46.04
C UNK M 150 -3.09 -2.50 47.40
N UNK M 151 -3.28 -1.22 47.68
CA UNK M 151 -4.05 -0.77 48.85
C UNK M 151 -5.51 -1.26 48.78
N UNK M 152 -6.12 -1.21 47.60
CA UNK M 152 -7.43 -1.81 47.33
C UNK M 152 -7.45 -3.35 47.36
N UNK M 153 -6.30 -4.02 47.35
CA UNK M 153 -6.20 -5.46 47.63
C UNK M 153 -6.24 -5.76 49.14
N UNK M 154 -5.82 -4.82 49.99
CA UNK M 154 -5.92 -4.93 51.44
C UNK M 154 -7.29 -4.48 51.98
N UNK M 155 -7.75 -3.28 51.60
CA UNK M 155 -9.03 -2.72 52.02
C UNK M 155 -10.24 -3.34 51.27
N UNK M 156 -11.39 -3.47 51.95
CA UNK M 156 -12.64 -4.01 51.41
C UNK M 156 -12.51 -5.38 50.72
N UNK M 157 -11.59 -6.23 51.21
CA UNK M 157 -11.19 -7.49 50.60
C UNK M 157 -12.20 -8.64 50.79
N UNK M 158 -13.38 -8.52 50.17
CA UNK M 158 -14.45 -9.51 50.22
C UNK M 158 -14.12 -10.84 49.49
N UNK M 159 -14.85 -11.89 49.87
CA UNK M 159 -14.82 -13.24 49.26
C UNK M 159 -16.19 -13.92 49.40
N UNK N 1 -31.88 48.84 -39.75
CA UNK N 1 -32.50 50.05 -40.32
C UNK N 1 -33.82 50.39 -39.64
N UNK N 2 -34.91 49.63 -39.89
CA UNK N 2 -36.24 49.91 -39.37
C UNK N 2 -36.37 49.71 -37.83
N UNK N 3 -37.22 50.52 -37.19
CA UNK N 3 -37.47 50.45 -35.75
C UNK N 3 -38.16 49.14 -35.30
N UNK N 4 -38.88 48.46 -36.20
CA UNK N 4 -39.58 47.20 -35.91
C UNK N 4 -38.66 46.06 -35.42
N UNK N 5 -37.35 46.14 -35.72
CA UNK N 5 -36.35 45.21 -35.21
C UNK N 5 -36.32 45.11 -33.66
N UNK N 6 -36.78 46.13 -32.94
CA UNK N 6 -36.91 46.10 -31.48
C UNK N 6 -37.94 45.06 -30.96
N UNK N 7 -38.83 44.55 -31.81
CA UNK N 7 -39.89 43.59 -31.46
C UNK N 7 -40.07 42.45 -32.49
N UNK N 8 -39.19 42.36 -33.49
CA UNK N 8 -39.24 41.33 -34.53
C UNK N 8 -38.91 39.92 -34.01
N UNK N 9 -39.38 38.89 -34.75
CA UNK N 9 -39.24 37.47 -34.39
C UNK N 9 -39.80 37.14 -32.99
N UNK N 10 -39.34 36.05 -32.37
CA UNK N 10 -39.78 35.55 -31.07
C UNK N 10 -39.20 36.34 -29.86
N UNK N 11 -39.19 37.68 -29.94
CA UNK N 11 -38.58 38.56 -28.94
C UNK N 11 -39.14 38.33 -27.53
N UNK N 12 -38.28 37.92 -26.59
CA UNK N 12 -38.65 37.58 -25.21
C UNK N 12 -39.88 36.67 -25.12
N UNK N 13 -39.91 35.60 -25.93
CA UNK N 13 -41.04 34.66 -26.05
C UNK N 13 -41.54 34.10 -24.70
N UNK N 14 -40.66 34.00 -23.69
CA UNK N 14 -41.04 33.58 -22.33
C UNK N 14 -42.16 34.45 -21.73
N UNK N 15 -42.31 35.70 -22.13
CA UNK N 15 -43.39 36.59 -21.68
C UNK N 15 -44.80 36.05 -22.01
N UNK N 16 -44.92 35.13 -22.99
CA UNK N 16 -46.18 34.41 -23.28
C UNK N 16 -46.66 33.51 -22.12
N UNK N 17 -45.75 33.14 -21.20
CA UNK N 17 -46.00 32.39 -19.99
C UNK N 17 -45.04 32.90 -18.91
N UNK N 18 -45.18 34.18 -18.54
CA UNK N 18 -44.08 35.02 -18.02
C UNK N 18 -43.40 34.53 -16.72
N UNK N 19 -44.04 33.70 -15.89
CA UNK N 19 -43.37 33.06 -14.76
C UNK N 19 -42.34 32.02 -15.26
N UNK N 20 -41.14 31.97 -14.69
CA UNK N 20 -40.06 31.10 -15.17
C UNK N 20 -40.47 29.61 -15.23
N UNK N 21 -41.22 29.14 -14.23
CA UNK N 21 -41.81 27.81 -14.22
C UNK N 21 -42.82 27.60 -15.37
N UNK N 22 -43.70 28.58 -15.62
CA UNK N 22 -44.66 28.51 -16.71
C UNK N 22 -43.99 28.54 -18.10
N UNK N 23 -42.94 29.35 -18.28
CA UNK N 23 -42.13 29.33 -19.50
C UNK N 23 -41.48 27.95 -19.73
N UNK N 24 -40.90 27.35 -18.70
CA UNK N 24 -40.35 25.99 -18.80
C UNK N 24 -41.44 24.93 -19.07
N UNK N 25 -42.62 25.06 -18.45
CA UNK N 25 -43.75 24.18 -18.73
C UNK N 25 -44.23 24.33 -20.19
N UNK N 26 -44.28 25.55 -20.71
CA UNK N 26 -44.58 25.82 -22.11
C UNK N 26 -43.52 25.21 -23.04
N UNK N 27 -42.24 25.26 -22.65
CA UNK N 27 -41.17 24.59 -23.38
C UNK N 27 -41.39 23.07 -23.39
N UNK N 28 -41.73 22.45 -22.26
CA UNK N 28 -42.03 21.02 -22.20
C UNK N 28 -43.24 20.65 -23.08
N UNK N 29 -44.30 21.47 -23.07
CA UNK N 29 -45.47 21.26 -23.90
C UNK N 29 -45.13 21.37 -25.41
N UNK N 30 -44.33 22.36 -25.80
CA UNK N 30 -43.86 22.50 -27.17
C UNK N 30 -42.96 21.33 -27.61
N UNK N 31 -42.14 20.81 -26.69
CA UNK N 31 -41.27 19.66 -26.96
C UNK N 31 -42.05 18.35 -27.16
N UNK N 32 -43.12 18.13 -26.40
CA UNK N 32 -44.04 16.99 -26.53
C UNK N 32 -43.31 15.63 -26.60
N UNK N 33 -43.18 15.01 -27.77
CA UNK N 33 -42.45 13.76 -27.96
C UNK N 33 -40.94 13.86 -27.61
N UNK N 34 -40.31 15.03 -27.82
CA UNK N 34 -38.94 15.28 -27.37
C UNK N 34 -38.83 15.39 -25.83
N UNK N 35 -39.96 15.49 -25.14
CA UNK N 35 -40.11 15.44 -23.68
C UNK N 35 -40.93 14.22 -23.21
N UNK N 36 -40.97 13.12 -23.97
CA UNK N 36 -41.82 11.96 -23.71
C UNK N 36 -41.64 11.33 -22.32
N UNK N 37 -40.51 11.53 -21.64
CA UNK N 37 -40.33 11.12 -20.24
C UNK N 37 -41.37 11.78 -19.31
N UNK N 38 -41.70 13.06 -19.54
CA UNK N 38 -42.74 13.75 -18.76
C UNK N 38 -44.14 13.15 -19.00
N UNK N 39 -44.39 12.55 -20.17
CA UNK N 39 -45.60 11.76 -20.42
C UNK N 39 -45.53 10.39 -19.75
N UNK N 40 -44.40 9.68 -19.86
CA UNK N 40 -44.21 8.38 -19.23
C UNK N 40 -44.33 8.44 -17.69
N UNK N 41 -43.97 9.58 -17.07
CA UNK N 41 -44.05 9.81 -15.63
C UNK N 41 -45.46 9.62 -15.03
N UNK N 42 -46.51 9.69 -15.85
CA UNK N 42 -47.89 9.40 -15.42
C UNK N 42 -48.07 7.97 -14.85
N UNK N 43 -47.17 7.04 -15.18
CA UNK N 43 -47.17 5.68 -14.61
C UNK N 43 -47.10 5.69 -13.07
N UNK N 44 -46.48 6.71 -12.46
CA UNK N 44 -46.43 6.85 -11.00
C UNK N 44 -47.83 7.09 -10.39
N UNK N 45 -48.59 8.04 -10.93
CA UNK N 45 -49.96 8.28 -10.50
C UNK N 45 -50.89 7.12 -10.85
N UNK N 46 -50.69 6.47 -12.01
CA UNK N 46 -51.43 5.26 -12.37
C UNK N 46 -51.19 4.12 -11.36
N UNK N 47 -49.97 3.89 -10.92
CA UNK N 47 -49.66 2.91 -9.88
C UNK N 47 -50.28 3.29 -8.53
N UNK N 48 -50.24 4.57 -8.14
CA UNK N 48 -50.90 5.05 -6.93
C UNK N 48 -52.43 4.84 -6.96
N UNK N 49 -53.05 4.88 -8.14
CA UNK N 49 -54.46 4.54 -8.32
C UNK N 49 -54.73 3.03 -8.37
N UNK N 50 -53.80 2.24 -8.94
CA UNK N 50 -53.90 0.78 -9.01
C UNK N 50 -53.75 0.11 -7.63
N UNK N 51 -52.95 0.70 -6.73
CA UNK N 51 -52.85 0.26 -5.34
C UNK N 51 -54.14 0.58 -4.54
N UNK N 52 -54.61 -0.40 -3.76
CA UNK N 52 -55.70 -0.25 -2.80
C UNK N 52 -55.26 0.49 -1.52
N UNK N 53 -56.11 0.48 -0.48
CA UNK N 53 -55.78 0.92 0.88
C UNK N 53 -54.88 -0.11 1.62
N UNK N 54 -53.80 -0.56 0.96
CA UNK N 54 -52.88 -1.62 1.39
C UNK N 54 -51.50 -1.46 0.73
N UNK N 55 -50.49 -2.15 1.24
CA UNK N 55 -49.08 -2.06 0.82
C UNK N 55 -48.75 -2.66 -0.58
N UNK N 56 -49.74 -2.97 -1.42
CA UNK N 56 -49.60 -3.70 -2.68
C UNK N 56 -48.66 -3.03 -3.71
N UNK N 57 -48.44 -1.72 -3.63
CA UNK N 57 -47.51 -0.98 -4.50
C UNK N 57 -46.05 -1.47 -4.38
N UNK N 58 -45.65 -1.96 -3.19
CA UNK N 58 -44.28 -2.39 -2.92
C UNK N 58 -43.80 -3.59 -3.77
N UNK N 59 -44.70 -4.29 -4.45
CA UNK N 59 -44.34 -5.38 -5.38
C UNK N 59 -43.57 -4.90 -6.63
N UNK N 60 -43.67 -3.62 -7.02
CA UNK N 60 -42.98 -3.08 -8.21
C UNK N 60 -42.71 -1.55 -8.23
N UNK N 61 -43.36 -0.75 -7.37
CA UNK N 61 -43.37 0.72 -7.52
C UNK N 61 -41.98 1.39 -7.50
N UNK N 62 -41.01 0.84 -6.77
CA UNK N 62 -39.64 1.34 -6.76
C UNK N 62 -38.96 1.25 -8.14
N UNK N 63 -39.20 0.17 -8.89
CA UNK N 63 -38.66 0.02 -10.24
C UNK N 63 -39.23 1.10 -11.18
N UNK N 64 -40.53 1.36 -11.11
CA UNK N 64 -41.18 2.42 -11.87
C UNK N 64 -40.65 3.81 -11.49
N UNK N 65 -40.56 4.13 -10.20
CA UNK N 65 -40.06 5.41 -9.72
C UNK N 65 -38.61 5.66 -10.17
N UNK N 66 -37.73 4.67 -10.03
CA UNK N 66 -36.33 4.78 -10.47
C UNK N 66 -36.20 4.90 -11.99
N UNK N 67 -36.94 4.10 -12.77
CA UNK N 67 -36.92 4.16 -14.23
C UNK N 67 -37.45 5.51 -14.76
N UNK N 68 -38.54 6.00 -14.18
CA UNK N 68 -39.08 7.32 -14.46
C UNK N 68 -38.05 8.42 -14.12
N UNK N 69 -37.41 8.35 -12.95
CA UNK N 69 -36.39 9.31 -12.55
C UNK N 69 -35.20 9.32 -13.53
N UNK N 70 -34.71 8.15 -13.93
CA UNK N 70 -33.61 8.04 -14.89
C UNK N 70 -33.97 8.64 -16.26
N UNK N 71 -35.15 8.30 -16.80
CA UNK N 71 -35.61 8.85 -18.07
C UNK N 71 -35.78 10.38 -17.98
N UNK N 72 -36.43 10.88 -16.93
CA UNK N 72 -36.63 12.30 -16.70
C UNK N 72 -35.30 13.04 -16.56
N UNK N 73 -34.34 12.48 -15.83
CA UNK N 73 -33.01 13.06 -15.69
C UNK N 73 -32.25 13.12 -17.02
N UNK N 74 -32.31 12.08 -17.85
CA UNK N 74 -31.69 12.09 -19.17
C UNK N 74 -32.28 13.19 -20.05
N UNK N 75 -33.61 13.31 -20.08
CA UNK N 75 -34.32 14.36 -20.79
C UNK N 75 -33.98 15.76 -20.25
N UNK N 76 -33.91 15.93 -18.93
CA UNK N 76 -33.56 17.19 -18.30
C UNK N 76 -32.12 17.60 -18.66
N UNK N 77 -31.17 16.67 -18.61
CA UNK N 77 -29.78 16.92 -19.00
C UNK N 77 -29.70 17.37 -20.46
N UNK N 78 -30.44 16.72 -21.36
CA UNK N 78 -30.55 17.15 -22.74
C UNK N 78 -31.16 18.57 -22.84
N UNK N 79 -32.33 18.79 -22.23
CA UNK N 79 -33.07 20.05 -22.29
C UNK N 79 -32.29 21.23 -21.69
N UNK N 80 -31.42 20.99 -20.71
CA UNK N 80 -30.59 22.00 -20.07
C UNK N 80 -29.39 22.45 -20.92
N UNK N 81 -28.71 21.53 -21.62
CA UNK N 81 -27.35 21.80 -22.11
C UNK N 81 -26.98 21.22 -23.50
N UNK N 82 -27.74 20.27 -24.05
CA UNK N 82 -27.35 19.61 -25.31
C UNK N 82 -27.40 20.52 -26.56
N UNK N 83 -27.93 21.74 -26.44
CA UNK N 83 -28.01 22.74 -27.51
C UNK N 83 -26.65 23.09 -28.14
N UNK N 84 -25.55 22.90 -27.41
CA UNK N 84 -24.18 23.00 -27.93
C UNK N 84 -23.76 21.77 -28.75
N UNK N 85 -24.50 21.46 -29.82
CA UNK N 85 -24.22 20.33 -30.72
C UNK N 85 -24.53 20.69 -32.18
N UNK N 86 -23.80 20.07 -33.10
CA UNK N 86 -23.74 20.39 -34.54
C UNK N 86 -23.28 21.82 -34.87
N UNK N 87 -22.97 22.09 -36.14
CA UNK N 87 -22.41 23.36 -36.59
C UNK N 87 -23.37 24.57 -36.48
N UNK N 88 -24.67 24.37 -36.30
CA UNK N 88 -25.65 25.47 -36.24
C UNK N 88 -25.36 26.49 -35.13
N UNK N 89 -24.86 26.04 -33.98
CA UNK N 89 -24.42 26.93 -32.92
C UNK N 89 -23.20 27.79 -33.34
N UNK N 90 -22.22 27.16 -34.01
CA UNK N 90 -21.07 27.87 -34.56
C UNK N 90 -21.49 28.87 -35.65
N UNK N 91 -22.42 28.49 -36.53
CA UNK N 91 -22.98 29.37 -37.54
C UNK N 91 -23.70 30.59 -36.91
N UNK N 92 -24.50 30.38 -35.86
CA UNK N 92 -25.14 31.48 -35.14
C UNK N 92 -24.11 32.43 -34.50
N UNK N 93 -23.07 31.90 -33.86
CA UNK N 93 -21.98 32.70 -33.32
C UNK N 93 -21.24 33.48 -34.42
N UNK N 94 -20.99 32.87 -35.57
CA UNK N 94 -20.37 33.56 -36.70
C UNK N 94 -21.23 34.70 -37.24
N UNK N 95 -22.54 34.48 -37.39
CA UNK N 95 -23.48 35.52 -37.75
C UNK N 95 -23.50 36.65 -36.71
N UNK N 96 -23.46 36.31 -35.42
CA UNK N 96 -23.39 37.29 -34.34
C UNK N 96 -22.10 38.13 -34.41
N UNK N 97 -20.97 37.52 -34.73
CA UNK N 97 -19.71 38.23 -34.93
C UNK N 97 -19.74 39.15 -36.15
N UNK N 98 -20.35 38.70 -37.26
CA UNK N 98 -20.58 39.55 -38.43
C UNK N 98 -21.52 40.73 -38.11
N UNK N 99 -22.54 40.52 -37.28
CA UNK N 99 -23.39 41.57 -36.74
C UNK N 99 -22.71 42.45 -35.68
N UNK N 100 -21.57 42.01 -35.14
CA UNK N 100 -20.75 42.68 -34.13
C UNK N 100 -21.55 43.16 -32.90
N UNK N 101 -22.54 42.37 -32.46
CA UNK N 101 -23.45 42.74 -31.38
C UNK N 101 -22.69 43.00 -30.06
N UNK N 102 -23.04 44.10 -29.37
CA UNK N 102 -22.34 44.57 -28.17
C UNK N 102 -22.62 43.72 -26.92
N UNK N 103 -21.85 43.96 -25.86
CA UNK N 103 -21.90 43.21 -24.60
C UNK N 103 -23.23 43.33 -23.83
N UNK N 104 -23.93 44.46 -23.97
CA UNK N 104 -25.11 44.80 -23.17
C UNK N 104 -26.36 45.21 -23.99
N UNK N 105 -26.26 45.32 -25.33
CA UNK N 105 -27.34 45.80 -26.19
C UNK N 105 -28.36 44.70 -26.57
N UNK N 106 -29.62 45.09 -26.76
CA UNK N 106 -30.70 44.19 -27.19
C UNK N 106 -30.51 43.59 -28.60
N UNK N 107 -29.53 44.08 -29.37
CA UNK N 107 -29.08 43.41 -30.60
C UNK N 107 -28.69 41.95 -30.35
N UNK N 108 -28.09 41.63 -29.19
CA UNK N 108 -27.81 40.25 -28.79
C UNK N 108 -29.10 39.43 -28.62
N UNK N 109 -30.18 40.02 -28.11
CA UNK N 109 -31.49 39.37 -28.02
C UNK N 109 -32.11 39.16 -29.40
N UNK N 110 -32.03 40.13 -30.30
CA UNK N 110 -32.49 39.97 -31.69
C UNK N 110 -31.72 38.84 -32.41
N UNK N 111 -30.40 38.80 -32.24
CA UNK N 111 -29.57 37.72 -32.76
C UNK N 111 -29.95 36.37 -32.15
N UNK N 112 -30.23 36.31 -30.84
CA UNK N 112 -30.70 35.08 -30.21
C UNK N 112 -32.07 34.63 -30.76
N UNK N 113 -32.99 35.55 -31.04
CA UNK N 113 -34.26 35.21 -31.67
C UNK N 113 -34.03 34.67 -33.10
N UNK N 114 -33.14 35.28 -33.86
CA UNK N 114 -32.72 34.77 -35.17
C UNK N 114 -32.09 33.38 -35.05
N UNK N 115 -31.25 33.16 -34.04
CA UNK N 115 -30.68 31.84 -33.74
C UNK N 115 -31.75 30.82 -33.33
N UNK N 116 -32.81 31.22 -32.63
CA UNK N 116 -33.94 30.35 -32.30
C UNK N 116 -34.69 29.91 -33.55
N UNK N 117 -34.90 30.82 -34.51
CA UNK N 117 -35.42 30.45 -35.82
C UNK N 117 -34.46 29.50 -36.57
N UNK N 118 -33.15 29.72 -36.53
CA UNK N 118 -32.16 28.82 -37.13
C UNK N 118 -32.18 27.43 -36.47
N UNK N 119 -32.34 27.34 -35.15
CA UNK N 119 -32.49 26.09 -34.42
C UNK N 119 -33.78 25.36 -34.82
N UNK N 120 -34.88 26.08 -35.01
CA UNK N 120 -36.12 25.52 -35.56
C UNK N 120 -35.93 25.02 -37.00
N UNK N 121 -35.20 25.75 -37.85
CA UNK N 121 -34.86 25.32 -39.21
C UNK N 121 -33.98 24.06 -39.20
N UNK N 122 -33.08 23.95 -38.24
CA UNK N 122 -32.27 22.75 -37.99
C UNK N 122 -33.06 21.60 -37.30
N UNK N 123 -34.30 21.84 -36.86
CA UNK N 123 -35.12 20.93 -36.06
C UNK N 123 -34.41 20.42 -34.78
N UNK N 124 -33.64 21.30 -34.14
CA UNK N 124 -32.64 20.92 -33.14
C UNK N 124 -33.23 20.23 -31.89
N UNK N 125 -34.35 20.73 -31.37
CA UNK N 125 -35.02 20.18 -30.18
C UNK N 125 -36.54 20.46 -30.19
N UNK N 126 -36.91 21.73 -30.37
CA UNK N 126 -38.28 22.19 -30.59
C UNK N 126 -38.28 23.49 -31.40
N UNK N 127 -39.37 23.75 -32.13
CA UNK N 127 -39.47 24.93 -32.98
C UNK N 127 -39.68 26.25 -32.21
N UNK N 128 -40.16 26.18 -30.96
CA UNK N 128 -40.56 27.36 -30.20
C UNK N 128 -39.37 28.26 -29.80
N UNK N 129 -38.41 27.72 -29.03
CA UNK N 129 -37.17 28.39 -28.65
C UNK N 129 -36.14 27.41 -28.06
N UNK N 130 -34.85 27.56 -28.39
CA UNK N 130 -33.76 26.91 -27.64
C UNK N 130 -33.59 27.52 -26.24
N UNK N 131 -33.90 28.81 -26.11
CA UNK N 131 -34.02 29.55 -24.86
C UNK N 131 -35.05 30.69 -25.04
N UNK N 132 -36.16 30.65 -24.29
CA UNK N 132 -37.30 31.56 -24.47
C UNK N 132 -37.12 32.94 -23.79
N UNK N 133 -36.31 33.03 -22.74
CA UNK N 133 -36.03 34.27 -22.03
C UNK N 133 -34.84 34.99 -22.67
N UNK N 134 -35.04 36.24 -23.12
CA UNK N 134 -34.10 36.96 -23.98
C UNK N 134 -32.70 37.12 -23.37
N UNK N 135 -32.60 37.62 -22.14
CA UNK N 135 -31.33 37.79 -21.43
C UNK N 135 -30.61 36.44 -21.24
N UNK N 136 -31.36 35.38 -20.90
CA UNK N 136 -30.81 34.03 -20.72
C UNK N 136 -30.30 33.44 -22.04
N UNK N 137 -30.99 33.66 -23.16
CA UNK N 137 -30.54 33.20 -24.48
C UNK N 137 -29.23 33.89 -24.91
N UNK N 138 -29.15 35.21 -24.74
CA UNK N 138 -27.91 35.97 -25.00
C UNK N 138 -26.77 35.50 -24.08
N UNK N 139 -27.07 35.31 -22.79
CA UNK N 139 -26.11 34.76 -21.84
C UNK N 139 -25.65 33.34 -22.22
N UNK N 140 -26.51 32.50 -22.76
CA UNK N 140 -26.13 31.16 -23.24
C UNK N 140 -25.17 31.22 -24.43
N UNK N 141 -25.43 32.11 -25.38
CA UNK N 141 -24.49 32.36 -26.48
C UNK N 141 -23.15 32.88 -25.96
N UNK N 142 -23.17 33.83 -25.01
CA UNK N 142 -21.96 34.31 -24.35
C UNK N 142 -21.24 33.20 -23.59
N UNK N 143 -21.97 32.31 -22.91
CA UNK N 143 -21.41 31.16 -22.22
C UNK N 143 -20.73 30.18 -23.19
N UNK N 144 -21.33 29.93 -24.36
CA UNK N 144 -20.71 29.13 -25.42
C UNK N 144 -19.40 29.78 -25.90
N UNK N 145 -19.41 31.09 -26.13
CA UNK N 145 -18.21 31.83 -26.50
C UNK N 145 -17.14 31.78 -25.40
N UNK N 146 -17.52 31.91 -24.13
CA UNK N 146 -16.61 31.79 -23.00
C UNK N 146 -16.03 30.37 -22.89
N UNK N 147 -16.83 29.33 -23.10
CA UNK N 147 -16.36 27.95 -23.12
C UNK N 147 -15.37 27.70 -24.27
N UNK N 148 -15.58 28.31 -25.44
CA UNK N 148 -14.61 28.27 -26.54
C UNK N 148 -13.30 29.03 -26.23
N UNK N 149 -13.38 30.15 -25.52
CA UNK N 149 -12.23 30.99 -25.17
C UNK N 149 -11.36 30.41 -24.03
N UNK N 150 -11.99 29.80 -23.01
CA UNK N 150 -11.30 29.32 -21.80
C UNK N 150 -10.28 28.18 -22.05
N UNK N 151 -10.40 27.46 -23.17
CA UNK N 151 -9.54 26.34 -23.55
C UNK N 151 -8.04 26.71 -23.68
N UNK N 152 -7.71 27.99 -23.88
CA UNK N 152 -6.34 28.48 -24.03
C UNK N 152 -5.47 28.39 -22.75
N UNK N 153 -6.09 28.19 -21.57
CA UNK N 153 -5.39 28.14 -20.28
C UNK N 153 -5.96 27.09 -19.28
N UNK N 154 -6.82 26.19 -19.73
CA UNK N 154 -7.50 25.21 -18.86
C UNK N 154 -6.58 24.12 -18.28
N UNK N 155 -5.44 23.84 -18.92
CA UNK N 155 -4.49 22.80 -18.49
C UNK N 155 -3.85 23.11 -17.14
N UNK N 156 -12.14 20.57 -37.45
CA UNK N 156 -11.76 21.70 -36.60
C UNK N 156 -11.46 22.99 -37.38
N UNK N 157 -11.50 22.98 -38.72
CA UNK N 157 -11.36 24.18 -39.54
C UNK N 157 -12.45 25.21 -39.23
N UNK N 158 -13.69 24.73 -39.02
CA UNK N 158 -14.79 25.54 -38.54
C UNK N 158 -14.51 26.13 -37.14
N UNK N 159 -13.97 25.33 -36.22
CA UNK N 159 -13.59 25.80 -34.89
C UNK N 159 -12.49 26.86 -34.95
N UNK N 160 -11.55 26.78 -35.90
CA UNK N 160 -10.56 27.83 -36.12
C UNK N 160 -11.21 29.15 -36.60
N UNK N 161 -12.18 29.08 -37.51
CA UNK N 161 -12.95 30.27 -37.90
C UNK N 161 -13.74 30.86 -36.72
N UNK N 162 -14.32 30.00 -35.87
CA UNK N 162 -14.96 30.42 -34.64
C UNK N 162 -13.97 31.10 -33.68
N UNK N 163 -12.74 30.59 -33.55
CA UNK N 163 -11.69 31.23 -32.75
C UNK N 163 -11.31 32.62 -33.30
N UNK N 164 -11.19 32.76 -34.63
CA UNK N 164 -10.97 34.05 -35.25
C UNK N 164 -12.13 35.03 -34.97
N UNK N 165 -13.38 34.57 -35.11
CA UNK N 165 -14.55 35.36 -34.75
C UNK N 165 -14.58 35.72 -33.25
N UNK N 166 -14.16 34.81 -32.37
CA UNK N 166 -14.11 35.04 -30.93
C UNK N 166 -13.10 36.12 -30.54
N UNK N 167 -11.96 36.20 -31.23
CA UNK N 167 -11.02 37.31 -31.03
C UNK N 167 -11.67 38.67 -31.34
N UNK N 168 -12.42 38.78 -32.44
CA UNK N 168 -13.18 39.98 -32.76
C UNK N 168 -14.26 40.28 -31.71
N UNK N 169 -15.01 39.26 -31.27
CA UNK N 169 -16.01 39.41 -30.22
C UNK N 169 -15.39 39.89 -28.91
N UNK N 170 -14.21 39.39 -28.52
CA UNK N 170 -13.48 39.87 -27.36
C UNK N 170 -13.05 41.34 -27.50
N UNK N 171 -12.52 41.72 -28.66
CA UNK N 171 -12.15 43.11 -28.93
C UNK N 171 -13.38 44.04 -28.87
N UNK N 172 -14.50 43.61 -29.46
CA UNK N 172 -15.77 44.33 -29.37
C UNK N 172 -16.29 44.42 -27.92
N UNK N 173 -16.14 43.37 -27.11
CA UNK N 173 -16.53 43.38 -25.70
C UNK N 173 -15.67 44.35 -24.89
N UNK N 174 -14.36 44.39 -25.12
CA UNK N 174 -13.46 45.38 -24.51
C UNK N 174 -13.81 46.82 -24.91
N UNK N 175 -14.11 47.05 -26.20
CA UNK N 175 -14.56 48.33 -26.70
C UNK N 175 -15.92 48.76 -26.08
N UNK N 176 -16.87 47.83 -25.97
CA UNK N 176 -18.19 48.08 -25.36
C UNK N 176 -18.08 48.38 -23.86
N UNK N 177 -17.22 47.67 -23.12
CA UNK N 177 -16.96 47.96 -21.72
C UNK N 177 -16.33 49.36 -21.54
N UNK N 178 -15.39 49.74 -22.42
CA UNK N 178 -14.85 51.10 -22.43
C UNK N 178 -15.93 52.14 -22.73
N UNK N 179 -16.74 51.92 -23.78
CA UNK N 179 -17.83 52.81 -24.17
C UNK N 179 -18.90 52.97 -23.08
N UNK N 180 -19.18 51.92 -22.30
CA UNK N 180 -20.12 51.97 -21.18
C UNK N 180 -19.67 52.89 -20.03
N UNK N 181 -18.38 53.25 -19.99
CA UNK N 181 -17.75 54.11 -18.98
C UNK N 181 -16.79 55.11 -19.61
N UNK N 182 -17.18 55.70 -20.75
CA UNK N 182 -16.30 56.43 -21.67
C UNK N 182 -15.57 57.66 -21.08
N UNK N 183 -15.99 58.15 -19.90
CA UNK N 183 -15.24 59.14 -19.15
C UNK N 183 -13.83 58.64 -18.74
N UNK N 184 -13.66 57.33 -18.56
CA UNK N 184 -12.40 56.71 -18.19
C UNK N 184 -11.38 56.67 -19.33
N UNK N 185 -10.09 56.82 -18.99
CA UNK N 185 -8.96 56.52 -19.86
C UNK N 185 -8.70 55.00 -19.94
N UNK N 186 -9.70 54.25 -20.42
CA UNK N 186 -9.71 52.79 -20.42
C UNK N 186 -8.57 52.17 -21.26
N UNK N 187 -8.15 50.95 -20.87
CA UNK N 187 -7.11 50.15 -21.52
C UNK N 187 -5.78 50.91 -21.75
N UNK O 1 -18.82 67.99 -2.36
CA UNK O 1 -18.38 68.11 -0.95
C UNK O 1 -18.42 66.76 -0.24
N UNK O 2 -17.54 66.53 0.73
CA UNK O 2 -17.36 65.22 1.40
C UNK O 2 -18.60 64.71 2.15
N UNK O 3 -19.54 65.57 2.54
CA UNK O 3 -20.80 65.18 3.18
C UNK O 3 -21.67 64.23 2.32
N UNK O 4 -21.44 64.18 1.00
CA UNK O 4 -22.13 63.23 0.11
C UNK O 4 -21.90 61.74 0.47
N UNK O 5 -20.85 61.42 1.23
CA UNK O 5 -20.64 60.07 1.77
C UNK O 5 -21.80 59.59 2.67
N UNK O 6 -22.63 60.48 3.20
CA UNK O 6 -23.86 60.13 3.93
C UNK O 6 -24.90 59.36 3.07
N UNK O 7 -24.78 59.38 1.74
CA UNK O 7 -25.57 58.51 0.87
C UNK O 7 -25.29 57.02 1.10
N UNK O 8 -24.09 56.66 1.57
CA UNK O 8 -23.79 55.37 2.18
C UNK O 8 -23.93 55.39 3.71
N UNK O 9 -23.36 56.39 4.38
CA UNK O 9 -23.26 56.47 5.85
C UNK O 9 -22.71 55.16 6.47
N UNK O 10 -23.19 54.77 7.64
CA UNK O 10 -22.92 53.46 8.25
C UNK O 10 -23.79 52.33 7.63
N UNK O 11 -23.95 52.33 6.30
CA UNK O 11 -25.03 51.66 5.58
C UNK O 11 -26.40 52.13 6.09
N UNK O 12 -26.71 53.40 5.81
CA UNK O 12 -27.75 54.20 6.47
C UNK O 12 -27.52 54.27 8.01
N UNK O 13 -28.60 54.39 8.79
CA UNK O 13 -28.56 54.41 10.26
C UNK O 13 -29.89 53.91 10.85
N UNK O 14 -28.45 52.02 12.94
CA UNK O 14 -27.42 52.57 13.80
C UNK O 14 -26.73 51.52 14.71
N UNK O 15 -26.89 50.24 14.38
CA UNK O 15 -26.36 49.09 15.12
C UNK O 15 -26.17 47.87 14.19
N UNK O 16 -25.38 46.88 14.61
CA UNK O 16 -25.30 45.60 13.90
C UNK O 16 -26.68 44.92 13.79
N UNK O 17 -27.55 45.14 14.79
CA UNK O 17 -28.95 44.73 14.74
C UNK O 17 -29.74 45.43 13.62
N UNK O 18 -29.51 46.73 13.39
CA UNK O 18 -30.12 47.45 12.26
C UNK O 18 -29.60 46.94 10.91
N UNK O 19 -28.32 46.56 10.82
CA UNK O 19 -27.79 45.90 9.62
C UNK O 19 -28.47 44.53 9.38
N UNK O 20 -28.67 43.72 10.43
CA UNK O 20 -29.43 42.48 10.34
C UNK O 20 -30.89 42.73 9.92
N UNK O 21 -31.52 43.80 10.42
CA UNK O 21 -32.85 44.21 9.97
C UNK O 21 -32.84 44.65 8.49
N UNK O 22 -31.79 45.31 8.00
CA UNK O 22 -31.65 45.60 6.57
C UNK O 22 -31.52 44.31 5.75
N UNK O 23 -30.81 43.31 6.26
CA UNK O 23 -30.76 41.98 5.66
C UNK O 23 -32.15 41.29 5.67
N UNK O 24 -32.97 41.50 6.70
CA UNK O 24 -34.37 41.06 6.71
C UNK O 24 -35.22 41.81 5.66
N UNK O 25 -35.01 43.12 5.49
CA UNK O 25 -35.68 43.88 4.43
C UNK O 25 -35.29 43.42 3.02
N UNK O 26 -34.07 42.91 2.86
CA UNK O 26 -33.60 42.24 1.65
C UNK O 26 -34.25 40.86 1.38
N UNK O 27 -35.14 40.36 2.23
CA UNK O 27 -35.91 39.13 1.97
C UNK O 27 -36.78 39.19 0.69
N UNK O 28 -36.94 40.35 0.07
CA UNK O 28 -37.47 40.46 -1.29
C UNK O 28 -36.61 39.66 -2.31
N UNK O 29 -35.28 39.73 -2.20
CA UNK O 29 -34.36 38.86 -2.93
C UNK O 29 -34.12 37.54 -2.18
N UNK O 30 -33.87 37.59 -0.88
CA UNK O 30 -33.73 36.44 0.00
C UNK O 30 -35.11 35.86 0.41
N UNK O 31 -35.91 35.51 -0.58
CA UNK O 31 -37.28 35.03 -0.42
C UNK O 31 -37.40 33.68 0.32
N UNK O 32 -38.60 33.39 0.83
CA UNK O 32 -38.96 32.19 1.60
C UNK O 32 -38.18 31.98 2.92
N UNK O 33 -37.42 32.99 3.37
CA UNK O 33 -36.86 33.02 4.72
C UNK O 33 -37.98 33.13 5.77
N UNK O 34 -37.99 32.23 6.75
CA UNK O 34 -39.10 32.06 7.70
C UNK O 34 -38.67 31.33 8.98
N UNK O 35 -39.50 31.40 10.02
CA UNK O 35 -39.34 30.64 11.26
C UNK O 35 -39.67 29.14 11.12
N UNK O 36 -40.37 28.74 10.05
CA UNK O 36 -40.80 27.37 9.78
C UNK O 36 -40.80 27.04 8.27
N UNK O 37 -41.89 13.00 9.22
CA UNK O 37 -41.86 13.34 10.64
C UNK O 37 -40.59 14.09 11.05
N UNK O 38 -40.58 14.66 12.25
CA UNK O 38 -39.53 15.52 12.81
C UNK O 38 -39.22 16.80 11.99
N UNK O 39 -38.28 17.61 12.47
CA UNK O 39 -37.87 18.88 11.86
C UNK O 39 -36.98 18.67 10.62
N UNK O 40 -37.58 18.25 9.51
CA UNK O 40 -36.91 18.09 8.21
C UNK O 40 -36.36 19.43 7.70
N UNK O 41 -35.18 19.39 7.05
CA UNK O 41 -34.33 20.55 6.77
C UNK O 41 -34.01 21.33 8.06
N UNK O 42 -34.77 22.41 8.35
CA UNK O 42 -34.72 23.19 9.59
C UNK O 42 -33.33 23.76 9.95
N UNK O 43 -33.16 24.25 11.18
CA UNK O 43 -31.92 24.82 11.70
C UNK O 43 -31.30 25.85 10.72
N UNK O 44 -30.04 25.67 10.32
CA UNK O 44 -29.32 26.58 9.42
C UNK O 44 -29.61 26.38 7.91
N UNK O 45 -30.55 25.52 7.50
CA UNK O 45 -30.67 25.03 6.11
C UNK O 45 -30.76 26.13 5.03
N UNK O 46 -31.50 27.23 5.26
CA UNK O 46 -31.64 28.31 4.29
C UNK O 46 -30.29 28.99 3.93
N UNK O 47 -29.30 28.94 4.83
CA UNK O 47 -27.97 29.52 4.61
C UNK O 47 -27.24 28.90 3.41
N UNK O 48 -27.62 27.70 2.96
CA UNK O 48 -27.06 27.06 1.77
C UNK O 48 -27.12 27.97 0.53
N UNK O 49 -28.18 28.76 0.37
CA UNK O 49 -28.19 29.94 -0.49
C UNK O 49 -27.86 31.23 0.28
N UNK O 50 -28.52 31.45 1.42
CA UNK O 50 -28.57 32.76 2.07
C UNK O 50 -27.24 33.24 2.69
N UNK O 51 -26.23 32.39 2.83
CA UNK O 51 -24.88 32.83 3.21
C UNK O 51 -24.32 33.90 2.26
N UNK O 52 -24.78 33.92 1.00
CA UNK O 52 -24.45 34.95 0.03
C UNK O 52 -24.87 36.38 0.47
N UNK O 53 -25.74 36.55 1.46
CA UNK O 53 -26.11 37.86 2.00
C UNK O 53 -24.93 38.59 2.67
N UNK O 54 -24.06 37.87 3.38
CA UNK O 54 -22.77 38.39 3.84
C UNK O 54 -21.65 38.09 2.81
N UNK O 55 -21.63 36.88 2.24
CA UNK O 55 -20.70 36.45 1.21
C UNK O 55 -21.15 36.87 -0.20
N UNK O 56 -21.32 38.17 -0.41
CA UNK O 56 -21.85 38.77 -1.64
C UNK O 56 -20.88 38.76 -2.85
N UNK O 57 -19.98 37.78 -2.92
CA UNK O 57 -19.01 37.62 -4.00
C UNK O 57 -19.66 37.33 -5.36
N UNK O 58 -20.89 36.80 -5.35
CA UNK O 58 -21.74 36.70 -6.53
C UNK O 58 -22.36 38.08 -6.86
N UNK O 59 -21.59 38.92 -7.56
CA UNK O 59 -21.95 40.27 -7.96
C UNK O 59 -21.41 40.63 -9.35
N UNK O 60 -21.98 41.64 -10.01
CA UNK O 60 -21.66 41.99 -11.39
C UNK O 60 -20.19 42.42 -11.58
N UNK O 61 -19.47 41.73 -12.46
CA UNK O 61 -18.06 42.01 -12.74
C UNK O 61 -17.86 43.43 -13.28
N UNK O 62 -18.75 43.88 -14.17
CA UNK O 62 -18.73 45.24 -14.70
C UNK O 62 -18.97 46.29 -13.61
N UNK O 63 -19.84 46.04 -12.63
CA UNK O 63 -20.05 46.95 -11.51
C UNK O 63 -18.81 47.04 -10.60
N UNK O 64 -18.19 45.90 -10.32
CA UNK O 64 -16.92 45.85 -9.58
C UNK O 64 -15.81 46.61 -10.33
N UNK O 65 -15.70 46.42 -11.65
CA UNK O 65 -14.74 47.12 -12.49
C UNK O 65 -15.00 48.64 -12.52
N UNK O 66 -16.26 49.07 -12.65
CA UNK O 66 -16.62 50.48 -12.59
C UNK O 66 -16.28 51.09 -11.22
N UNK O 67 -16.54 50.37 -10.13
CA UNK O 67 -16.15 50.80 -8.79
C UNK O 67 -14.62 50.93 -8.67
N UNK O 68 -13.86 49.97 -9.20
CA UNK O 68 -12.41 50.05 -9.22
C UNK O 68 -11.91 51.23 -10.07
N UNK O 69 -12.52 51.48 -11.23
CA UNK O 69 -12.20 52.63 -12.06
C UNK O 69 -12.47 53.95 -11.33
N UNK O 70 -13.60 54.06 -10.63
CA UNK O 70 -13.91 55.21 -9.78
C UNK O 70 -12.87 55.40 -8.68
N UNK O 71 -12.48 54.32 -7.99
CA UNK O 71 -11.45 54.35 -6.96
C UNK O 71 -10.08 54.79 -7.52
N UNK O 72 -9.71 54.31 -8.71
CA UNK O 72 -8.49 54.72 -9.39
C UNK O 72 -8.53 56.20 -9.81
N UNK O 73 -9.65 56.67 -10.35
CA UNK O 73 -9.86 58.07 -10.71
C UNK O 73 -9.86 59.00 -9.48
N UNK O 74 -10.44 58.56 -8.36
CA UNK O 74 -10.43 59.29 -7.09
C UNK O 74 -9.05 59.28 -6.41
N UNK O 75 -8.29 58.18 -6.57
CA UNK O 75 -6.98 57.95 -5.96
C UNK O 75 -6.96 58.18 -4.43
N UNK O 76 -8.03 57.78 -3.73
CA UNK O 76 -8.24 58.08 -2.31
C UNK O 76 -9.07 57.01 -1.56
N UNK O 77 -8.87 56.91 -0.24
CA UNK O 77 -9.56 55.99 0.67
C UNK O 77 -10.58 56.71 1.57
N UNK O 78 -10.95 56.13 2.71
CA UNK O 78 -11.74 56.76 3.77
C UNK O 78 -13.07 57.39 3.26
N UNK O 79 -13.24 58.70 3.38
CA UNK O 79 -14.43 59.41 2.89
C UNK O 79 -14.67 59.19 1.39
N UNK O 80 -13.62 59.17 0.56
CA UNK O 80 -13.75 58.87 -0.87
C UNK O 80 -14.18 57.42 -1.11
N UNK O 81 -13.72 56.45 -0.30
CA UNK O 81 -14.19 55.07 -0.38
C UNK O 81 -15.68 54.96 -0.01
N UNK O 82 -16.14 55.64 1.03
CA UNK O 82 -17.56 55.70 1.40
C UNK O 82 -18.43 56.36 0.30
N UNK O 83 -17.95 57.43 -0.34
CA UNK O 83 -18.62 58.02 -1.50
C UNK O 83 -18.68 57.05 -2.68
N UNK O 84 -17.56 56.36 -2.98
CA UNK O 84 -17.53 55.31 -4.00
C UNK O 84 -18.47 54.15 -3.67
N UNK O 85 -18.64 53.79 -2.39
CA UNK O 85 -19.59 52.78 -1.95
C UNK O 85 -21.05 53.21 -2.18
N UNK O 86 -21.38 54.48 -1.97
CA UNK O 86 -22.71 55.01 -2.32
C UNK O 86 -22.98 54.88 -3.83
N UNK O 87 -22.00 55.28 -4.65
CA UNK O 87 -22.08 55.11 -6.10
C UNK O 87 -22.19 53.63 -6.50
N UNK O 88 -21.46 52.73 -5.83
CA UNK O 88 -21.55 51.30 -6.06
C UNK O 88 -22.92 50.73 -5.66
N UNK O 89 -23.54 51.22 -4.58
CA UNK O 89 -24.91 50.85 -4.24
C UNK O 89 -25.91 51.32 -5.32
N UNK O 90 -25.74 52.53 -5.87
CA UNK O 90 -26.54 53.00 -6.99
C UNK O 90 -26.34 52.15 -8.26
N UNK O 91 -25.09 51.76 -8.56
CA UNK O 91 -24.77 50.83 -9.65
C UNK O 91 -25.40 49.45 -9.41
N UNK O 92 -25.40 48.94 -8.18
CA UNK O 92 -26.05 47.69 -7.83
C UNK O 92 -27.58 47.77 -8.03
N UNK O 93 -28.20 48.90 -7.68
CA UNK O 93 -29.61 49.14 -7.98
C UNK O 93 -29.86 49.14 -9.51
N UNK O 94 -29.03 49.85 -10.29
CA UNK O 94 -29.13 49.90 -11.74
C UNK O 94 -28.91 48.51 -12.40
N UNK O 95 -28.00 47.72 -11.86
CA UNK O 95 -27.73 46.34 -12.25
C UNK O 95 -28.80 45.33 -11.77
N UNK O 96 -29.77 45.77 -10.94
CA UNK O 96 -30.77 44.93 -10.28
C UNK O 96 -30.14 43.78 -9.45
N UNK O 97 -29.15 44.11 -8.62
CA UNK O 97 -28.55 43.19 -7.66
C UNK O 97 -29.56 42.66 -6.61
N UNK O 98 -29.16 41.64 -5.84
CA UNK O 98 -29.96 41.08 -4.76
C UNK O 98 -30.09 42.08 -3.59
N UNK O 99 -31.16 42.90 -3.66
CA UNK O 99 -31.39 44.12 -2.89
C UNK O 99 -30.31 45.21 -3.07
N UNK O 100 -30.74 46.47 -2.99
CA UNK O 100 -29.87 47.64 -3.16
C UNK O 100 -30.27 48.86 -2.30
N UNK O 101 -31.21 48.70 -1.36
CA UNK O 101 -31.58 49.75 -0.40
C UNK O 101 -30.46 50.08 0.61
N UNK O 102 -29.53 49.14 0.83
CA UNK O 102 -28.29 49.31 1.58
C UNK O 102 -27.19 48.41 1.00
N UNK O 103 -25.92 48.75 1.26
CA UNK O 103 -24.75 47.97 0.90
C UNK O 103 -23.65 48.16 1.94
N UNK O 104 -22.74 47.19 2.08
CA UNK O 104 -21.71 47.17 3.13
C UNK O 104 -22.33 47.37 4.54
N UNK O 105 -21.61 48.03 5.45
CA UNK O 105 -22.01 48.22 6.86
C UNK O 105 -21.50 49.58 7.39
N UNK O 106 -21.10 49.65 8.67
CA UNK O 106 -20.39 50.78 9.26
C UNK O 106 -19.21 51.24 8.37
N UNK O 107 -18.92 52.54 8.30
CA UNK O 107 -18.26 53.16 7.15
C UNK O 107 -16.90 52.56 6.73
N UNK O 108 -16.14 51.99 7.67
CA UNK O 108 -14.90 51.25 7.39
C UNK O 108 -15.10 50.07 6.40
N UNK O 109 -16.29 49.49 6.37
CA UNK O 109 -16.69 48.43 5.44
C UNK O 109 -16.65 48.85 3.96
N UNK O 110 -16.55 50.15 3.65
CA UNK O 110 -16.30 50.61 2.28
C UNK O 110 -15.07 49.93 1.66
N UNK O 111 -13.94 49.89 2.37
CA UNK O 111 -12.83 49.03 1.99
C UNK O 111 -12.94 47.48 2.15
N UNK O 112 -13.92 46.96 2.89
CA UNK O 112 -14.25 45.53 2.90
C UNK O 112 -14.97 45.09 1.61
N UNK O 113 -15.48 46.04 0.81
CA UNK O 113 -15.66 45.85 -0.62
C UNK O 113 -14.38 46.22 -1.40
N UNK O 114 -13.90 47.46 -1.28
CA UNK O 114 -12.90 48.04 -2.19
C UNK O 114 -11.49 47.43 -2.07
N UNK O 115 -10.84 47.60 -0.92
CA UNK O 115 -9.51 47.04 -0.69
C UNK O 115 -9.54 45.50 -0.65
N UNK O 116 -10.64 44.89 -0.21
CA UNK O 116 -10.84 43.44 -0.29
C UNK O 116 -10.86 42.94 -1.74
N UNK O 117 -11.58 43.62 -2.64
CA UNK O 117 -11.53 43.31 -4.06
C UNK O 117 -10.13 43.56 -4.66
N UNK O 118 -9.41 44.60 -4.21
CA UNK O 118 -8.02 44.81 -4.62
C UNK O 118 -7.12 43.65 -4.17
N UNK O 119 -7.30 43.13 -2.95
CA UNK O 119 -6.62 41.94 -2.47
C UNK O 119 -7.01 40.69 -3.28
N UNK O 120 -8.28 40.55 -3.67
CA UNK O 120 -8.73 39.47 -4.55
C UNK O 120 -8.04 39.55 -5.94
N UNK O 121 -7.92 40.75 -6.51
CA UNK O 121 -7.19 40.97 -7.76
C UNK O 121 -5.68 40.67 -7.62
N UNK O 122 -5.09 40.93 -6.44
CA UNK O 122 -3.71 40.58 -6.13
C UNK O 122 -3.49 39.08 -5.88
N UNK O 123 -4.51 38.35 -5.40
CA UNK O 123 -4.48 36.90 -5.29
C UNK O 123 -4.68 36.21 -6.67
N UNK O 124 -5.52 36.78 -7.53
CA UNK O 124 -5.63 36.42 -8.94
C UNK O 124 -4.35 36.71 -9.73
N UNK O 125 -4.27 36.21 -10.97
CA UNK O 125 -3.16 36.42 -11.90
C UNK O 125 -3.68 36.51 -13.35
N UNK O 126 -2.89 37.13 -14.23
CA UNK O 126 -3.28 37.38 -15.63
C UNK O 126 -3.68 36.11 -16.38
N UNK O 127 -8.83 37.69 -13.04
CA UNK O 127 -7.92 38.11 -14.08
C UNK O 127 -7.47 36.97 -15.03
N UNK O 128 -7.93 35.74 -14.77
CA UNK O 128 -7.47 34.52 -15.44
C UNK O 128 -7.84 34.43 -16.93
N UNK O 129 -8.97 35.02 -17.36
CA UNK O 129 -9.46 34.94 -18.75
C UNK O 129 -10.26 36.16 -19.23
N UNK O 130 -10.91 36.91 -18.33
CA UNK O 130 -11.62 38.16 -18.66
C UNK O 130 -10.62 39.30 -18.91
N UNK O 131 -9.95 39.31 -20.05
CA UNK O 131 -8.78 40.14 -20.31
C UNK O 131 -9.04 41.65 -20.14
N UNK O 132 -10.22 42.14 -20.55
CA UNK O 132 -10.59 43.54 -20.37
C UNK O 132 -10.69 43.92 -18.88
N UNK O 133 -11.33 43.06 -18.08
CA UNK O 133 -11.39 43.21 -16.63
C UNK O 133 -10.00 43.09 -15.99
N UNK O 134 -9.18 42.12 -16.42
CA UNK O 134 -7.83 41.90 -15.91
C UNK O 134 -6.94 43.13 -16.09
N UNK O 135 -6.96 43.75 -17.28
CA UNK O 135 -6.21 44.96 -17.58
C UNK O 135 -6.65 46.15 -16.71
N UNK O 136 -7.96 46.39 -16.63
CA UNK O 136 -8.49 47.46 -15.80
C UNK O 136 -8.13 47.23 -14.31
N UNK O 137 -8.25 46.00 -13.83
CA UNK O 137 -7.87 45.61 -12.47
C UNK O 137 -6.38 45.83 -12.22
N UNK O 138 -5.49 45.45 -13.14
CA UNK O 138 -4.06 45.68 -12.99
C UNK O 138 -3.72 47.17 -12.91
N UNK O 139 -4.30 47.98 -13.79
CA UNK O 139 -4.13 49.43 -13.77
C UNK O 139 -4.63 50.05 -12.46
N UNK O 140 -5.81 49.64 -12.00
CA UNK O 140 -6.39 50.09 -10.74
C UNK O 140 -5.54 49.65 -9.54
N UNK O 141 -5.08 48.40 -9.51
CA UNK O 141 -4.24 47.87 -8.43
C UNK O 141 -2.92 48.63 -8.33
N UNK O 142 -2.28 48.94 -9.46
CA UNK O 142 -1.09 49.77 -9.50
C UNK O 142 -1.36 51.18 -8.94
N UNK O 143 -2.45 51.83 -9.38
CA UNK O 143 -2.85 53.14 -8.88
C UNK O 143 -3.08 53.12 -7.36
N UNK O 144 -3.79 52.11 -6.86
CA UNK O 144 -4.04 51.93 -5.44
C UNK O 144 -2.75 51.69 -4.64
N UNK O 145 -1.84 50.87 -5.15
CA UNK O 145 -0.55 50.62 -4.50
C UNK O 145 0.28 51.90 -4.40
N UNK O 146 0.36 52.67 -5.49
CA UNK O 146 1.03 53.95 -5.48
C UNK O 146 0.37 54.94 -4.50
N UNK O 147 -0.97 55.01 -4.49
CA UNK O 147 -1.71 55.89 -3.60
C UNK O 147 -1.48 55.51 -2.13
N UNK O 148 -1.50 54.22 -1.80
CA UNK O 148 -1.23 53.71 -0.46
C UNK O 148 0.19 54.03 0.00
N UNK O 149 1.20 53.85 -0.86
CA UNK O 149 2.58 54.24 -0.55
C UNK O 149 2.70 55.75 -0.28
N UNK O 150 2.06 56.59 -1.10
CA UNK O 150 2.04 58.04 -0.90
C UNK O 150 1.33 58.44 0.41
N UNK O 151 0.19 57.82 0.75
CA UNK O 151 -0.52 58.09 1.99
C UNK O 151 0.29 57.65 3.22
N UNK O 152 0.96 56.50 3.15
CA UNK O 152 1.89 56.06 4.20
C UNK O 152 3.07 57.04 4.35
N UNK O 153 3.68 57.47 3.24
CA UNK O 153 4.74 58.48 3.26
C UNK O 153 4.28 59.81 3.85
N UNK O 154 3.07 60.26 3.54
CA UNK O 154 2.48 61.47 4.11
C UNK O 154 2.16 61.33 5.61
N UNK O 155 1.73 60.15 6.06
CA UNK O 155 1.45 59.87 7.46
C UNK O 155 2.71 59.81 8.35
N UNK O 156 3.88 59.52 7.76
CA UNK O 156 5.15 59.37 8.47
C UNK O 156 6.35 59.84 7.62
N UNK O 157 6.34 61.12 7.22
CA UNK O 157 7.31 61.70 6.27
C UNK O 157 8.78 61.66 6.73
N UNK O 158 9.04 61.45 8.02
CA UNK O 158 10.38 61.26 8.58
C UNK O 158 11.03 59.90 8.24
N UNK O 159 10.25 58.89 7.82
CA UNK O 159 10.76 57.56 7.45
C UNK O 159 11.47 57.56 6.07
N UNK O 160 12.34 56.57 5.85
CA UNK O 160 13.04 56.35 4.58
C UNK O 160 12.14 55.70 3.51
N UNK O 161 11.06 56.40 3.11
CA UNK O 161 10.08 55.92 2.14
C UNK O 161 10.68 55.69 0.74
N UNK O 162 10.16 54.70 0.02
CA UNK O 162 10.59 54.33 -1.34
C UNK O 162 10.34 55.45 -2.37
N UNK P 1 34.91 -37.50 -49.87
CA UNK P 1 35.46 -38.73 -49.26
C UNK P 1 34.93 -38.94 -47.84
N UNK P 2 35.44 -38.21 -46.83
CA UNK P 2 35.05 -38.34 -45.42
C UNK P 2 33.71 -37.64 -45.09
N UNK P 3 32.63 -38.04 -45.77
CA UNK P 3 31.33 -37.36 -45.73
C UNK P 3 30.46 -37.70 -44.50
N UNK P 4 30.68 -38.84 -43.84
CA UNK P 4 29.97 -39.19 -42.62
C UNK P 4 30.31 -38.22 -41.46
N UNK P 5 29.30 -37.86 -40.65
CA UNK P 5 29.43 -36.90 -39.56
C UNK P 5 28.50 -37.24 -38.38
N UNK P 6 28.84 -36.74 -37.18
CA UNK P 6 28.01 -36.78 -35.97
C UNK P 6 27.52 -38.18 -35.53
N UNK P 7 28.21 -39.26 -35.97
CA UNK P 7 27.83 -40.65 -35.76
C UNK P 7 26.37 -41.00 -36.16
N UNK P 8 25.74 -40.21 -37.03
CA UNK P 8 24.30 -40.28 -37.31
C UNK P 8 23.85 -41.62 -37.93
N UNK P 9 24.74 -42.30 -38.66
CA UNK P 9 24.49 -43.60 -39.27
C UNK P 9 24.22 -44.73 -38.25
N UNK P 10 24.62 -44.55 -36.98
CA UNK P 10 24.38 -45.54 -35.93
C UNK P 10 22.90 -45.67 -35.50
N UNK P 11 22.06 -44.69 -35.86
CA UNK P 11 20.69 -44.51 -35.37
C UNK P 11 20.63 -44.38 -33.83
N UNK P 12 20.55 -45.50 -33.10
CA UNK P 12 20.50 -45.55 -31.63
C UNK P 12 19.33 -44.72 -31.04
N UNK P 13 18.12 -44.99 -31.53
CA UNK P 13 16.86 -44.30 -31.27
C UNK P 13 16.85 -42.82 -31.75
N UNK P 14 15.72 -42.13 -31.59
CA UNK P 14 15.62 -40.69 -31.95
C UNK P 14 16.64 -39.84 -31.16
N UNK P 15 16.94 -40.26 -29.93
CA UNK P 15 18.14 -39.89 -29.18
C UNK P 15 18.50 -40.91 -28.08
N UNK P 16 17.53 -41.66 -27.57
CA UNK P 16 17.64 -42.39 -26.30
C UNK P 16 18.85 -43.32 -26.16
N UNK P 17 19.10 -44.24 -27.10
CA UNK P 17 20.22 -45.17 -26.97
C UNK P 17 21.58 -44.49 -27.23
N UNK P 18 21.64 -43.49 -28.10
CA UNK P 18 22.83 -42.65 -28.26
C UNK P 18 23.15 -41.92 -26.95
N UNK P 19 22.13 -41.33 -26.31
CA UNK P 19 22.26 -40.68 -25.01
C UNK P 19 22.66 -41.68 -23.90
N UNK P 20 22.13 -42.91 -23.92
CA UNK P 20 22.54 -43.95 -22.97
C UNK P 20 24.01 -44.34 -23.16
N UNK P 21 24.46 -44.54 -24.40
CA UNK P 21 25.87 -44.81 -24.71
C UNK P 21 26.77 -43.64 -24.25
N UNK P 22 26.33 -42.40 -24.49
CA UNK P 22 27.01 -41.22 -23.99
C UNK P 22 27.08 -41.18 -22.46
N UNK P 23 25.99 -41.48 -21.76
CA UNK P 23 25.98 -41.54 -20.29
C UNK P 23 26.87 -42.65 -19.73
N UNK P 24 27.05 -43.74 -20.46
CA UNK P 24 28.00 -44.81 -20.12
C UNK P 24 29.45 -44.40 -20.42
N UNK P 25 29.69 -43.57 -21.45
CA UNK P 25 31.01 -43.01 -21.74
C UNK P 25 31.41 -41.96 -20.68
N UNK P 26 30.51 -41.02 -20.37
CA UNK P 26 30.55 -40.14 -19.20
C UNK P 26 30.06 -40.89 -17.95
N UNK P 27 30.70 -42.02 -17.61
CA UNK P 27 30.14 -43.13 -16.84
C UNK P 27 29.41 -42.77 -15.53
N UNK P 28 29.86 -41.74 -14.80
CA UNK P 28 29.18 -41.27 -13.59
C UNK P 28 27.71 -40.89 -13.84
N UNK P 29 27.36 -40.41 -15.03
CA UNK P 29 25.99 -40.12 -15.41
C UNK P 29 25.14 -41.40 -15.45
N UNK P 30 25.60 -42.45 -16.14
CA UNK P 30 24.92 -43.75 -16.11
C UNK P 30 24.89 -44.34 -14.70
N UNK P 31 25.98 -44.23 -13.93
CA UNK P 31 26.05 -44.74 -12.57
C UNK P 31 24.99 -44.09 -11.65
N UNK P 32 24.81 -42.77 -11.72
CA UNK P 32 23.80 -42.06 -10.96
C UNK P 32 22.36 -42.48 -11.36
N UNK P 33 22.06 -42.51 -12.66
CA UNK P 33 20.75 -42.93 -13.16
C UNK P 33 20.43 -44.38 -12.76
N UNK P 34 21.42 -45.27 -12.89
CA UNK P 34 21.32 -46.67 -12.48
C UNK P 34 21.08 -46.82 -10.97
N UNK P 35 21.75 -46.04 -10.13
CA UNK P 35 21.56 -46.08 -8.68
C UNK P 35 20.11 -45.71 -8.28
N UNK P 36 19.55 -44.66 -8.86
CA UNK P 36 18.16 -44.25 -8.62
C UNK P 36 17.15 -45.31 -9.09
N UNK P 37 17.32 -45.82 -10.32
CA UNK P 37 16.48 -46.88 -10.86
C UNK P 37 16.55 -48.18 -10.03
N UNK P 38 17.74 -48.59 -9.61
CA UNK P 38 17.95 -49.77 -8.77
C UNK P 38 17.30 -49.61 -7.39
N UNK P 39 17.48 -48.46 -6.73
CA UNK P 39 16.84 -48.17 -5.46
C UNK P 39 15.30 -48.19 -5.58
N UNK P 40 14.75 -47.59 -6.65
CA UNK P 40 13.32 -47.63 -6.94
C UNK P 40 12.80 -49.05 -7.16
N UNK P 41 13.48 -49.85 -7.98
CA UNK P 41 13.13 -51.25 -8.24
C UNK P 41 13.21 -52.11 -6.95
N UNK P 42 14.23 -51.90 -6.12
CA UNK P 42 14.39 -52.60 -4.85
C UNK P 42 13.24 -52.26 -3.88
N UNK P 43 12.90 -50.98 -3.74
CA UNK P 43 11.77 -50.54 -2.93
C UNK P 43 10.45 -51.12 -3.45
N UNK P 44 10.23 -51.12 -4.77
CA UNK P 44 9.03 -51.69 -5.39
C UNK P 44 8.89 -53.21 -5.17
N UNK P 45 9.99 -53.96 -5.20
CA UNK P 45 10.01 -55.38 -4.84
C UNK P 45 9.71 -55.60 -3.35
N UNK P 46 10.29 -54.78 -2.46
CA UNK P 46 10.11 -54.88 -1.01
C UNK P 46 8.71 -54.43 -0.51
N UNK P 47 8.00 -53.62 -1.28
CA UNK P 47 6.73 -52.99 -0.91
C UNK P 47 5.55 -53.94 -0.58
N UNK P 48 5.71 -55.26 -0.74
CA UNK P 48 4.79 -56.22 -0.13
C UNK P 48 4.73 -56.06 1.41
N UNK P 49 5.83 -55.61 2.03
CA UNK P 49 5.87 -55.16 3.42
C UNK P 49 5.54 -53.67 3.51
N UNK P 50 4.55 -53.29 4.32
CA UNK P 50 4.20 -51.89 4.57
C UNK P 50 5.37 -51.08 5.15
N UNK P 51 6.22 -51.72 5.95
CA UNK P 51 7.45 -51.14 6.52
C UNK P 51 8.49 -50.73 5.45
N UNK P 52 8.43 -51.30 4.24
CA UNK P 52 9.15 -50.81 3.06
C UNK P 52 8.31 -49.82 2.23
N UNK P 53 7.03 -50.13 1.98
CA UNK P 53 6.17 -49.37 1.08
C UNK P 53 5.98 -47.90 1.49
N UNK P 54 5.82 -47.62 2.79
CA UNK P 54 5.51 -46.27 3.29
C UNK P 54 6.59 -45.23 2.97
N UNK P 55 7.87 -45.63 2.93
CA UNK P 55 8.99 -44.77 2.56
C UNK P 55 9.34 -44.81 1.05
N UNK P 56 8.79 -45.73 0.27
CA UNK P 56 9.29 -46.10 -1.05
C UNK P 56 9.38 -44.93 -2.05
N UNK P 57 8.28 -44.22 -2.28
CA UNK P 57 8.24 -43.09 -3.23
C UNK P 57 9.15 -41.93 -2.79
N UNK P 58 9.21 -41.66 -1.48
CA UNK P 58 10.03 -40.60 -0.91
C UNK P 58 11.53 -40.91 -1.00
N UNK P 59 11.94 -42.12 -0.61
CA UNK P 59 13.31 -42.57 -0.74
C UNK P 59 13.75 -42.60 -2.21
N UNK P 60 12.84 -43.00 -3.12
CA UNK P 60 13.08 -42.89 -4.56
C UNK P 60 13.26 -41.43 -5.00
N UNK P 61 12.39 -40.50 -4.56
CA UNK P 61 12.49 -39.09 -4.88
C UNK P 61 13.81 -38.45 -4.40
N UNK P 62 14.30 -38.85 -3.22
CA UNK P 62 15.58 -38.37 -2.69
C UNK P 62 16.77 -38.73 -3.61
N UNK P 63 16.70 -39.83 -4.35
CA UNK P 63 17.67 -40.15 -5.42
C UNK P 63 17.32 -39.46 -6.75
N UNK P 64 16.05 -39.52 -7.18
CA UNK P 64 15.62 -39.07 -8.50
C UNK P 64 15.88 -37.58 -8.75
N UNK P 65 15.72 -36.73 -7.73
CA UNK P 65 15.98 -35.29 -7.85
C UNK P 65 17.45 -35.02 -8.21
N UNK P 66 18.39 -35.64 -7.49
CA UNK P 66 19.81 -35.55 -7.78
C UNK P 66 20.15 -36.13 -9.17
N UNK P 67 19.58 -37.29 -9.50
CA UNK P 67 19.79 -37.92 -10.81
C UNK P 67 19.31 -37.03 -11.96
N UNK P 68 18.14 -36.41 -11.85
CA UNK P 68 17.63 -35.48 -12.85
C UNK P 68 18.48 -34.21 -12.96
N UNK P 69 18.93 -33.66 -11.83
CA UNK P 69 19.84 -32.51 -11.81
C UNK P 69 21.15 -32.83 -12.53
N UNK P 70 21.76 -33.97 -12.21
CA UNK P 70 22.94 -34.46 -12.89
C UNK P 70 22.66 -34.68 -14.40
N UNK P 71 21.51 -35.25 -14.74
CA UNK P 71 21.14 -35.49 -16.13
C UNK P 71 21.08 -34.19 -16.93
N UNK P 72 20.52 -33.11 -16.38
CA UNK P 72 20.55 -31.80 -17.02
C UNK P 72 21.99 -31.30 -17.19
N UNK P 73 22.77 -31.32 -16.10
CA UNK P 73 24.15 -30.87 -16.11
C UNK P 73 25.04 -31.68 -17.07
N UNK P 74 24.68 -32.92 -17.37
CA UNK P 74 25.33 -33.75 -18.38
C UNK P 74 24.79 -33.47 -19.79
N UNK P 75 23.52 -33.78 -20.05
CA UNK P 75 22.96 -33.89 -21.39
C UNK P 75 22.42 -32.55 -21.94
N UNK P 76 21.78 -31.73 -21.10
CA UNK P 76 21.20 -30.45 -21.52
C UNK P 76 22.22 -29.30 -21.54
N UNK P 77 23.26 -29.39 -20.70
CA UNK P 77 24.29 -28.38 -20.58
C UNK P 77 25.07 -28.16 -21.89
N UNK P 78 25.49 -26.90 -22.11
CA UNK P 78 26.37 -26.53 -23.21
C UNK P 78 27.80 -27.07 -23.02
N UNK P 79 28.60 -27.04 -24.09
CA UNK P 79 30.05 -27.20 -24.05
C UNK P 79 30.71 -25.93 -23.45
N UNK P 80 30.47 -25.69 -22.16
CA UNK P 80 30.76 -24.43 -21.47
C UNK P 80 32.26 -24.14 -21.25
N UNK P 81 33.13 -25.13 -21.38
CA UNK P 81 34.57 -24.98 -21.21
C UNK P 81 35.20 -24.08 -22.28
N UNK P 82 35.99 -23.08 -21.87
CA UNK P 82 36.60 -22.11 -22.76
C UNK P 82 37.53 -22.75 -23.81
N UNK P 83 38.23 -23.83 -23.47
CA UNK P 83 39.07 -24.56 -24.41
C UNK P 83 38.24 -25.17 -25.55
N UNK P 84 37.15 -25.87 -25.22
CA UNK P 84 36.24 -26.44 -26.21
C UNK P 84 35.59 -25.35 -27.06
N UNK P 85 35.16 -24.26 -26.41
CA UNK P 85 34.60 -23.10 -27.10
C UNK P 85 35.61 -22.50 -28.09
N UNK P 86 36.85 -22.30 -27.65
CA UNK P 86 37.92 -21.78 -28.48
C UNK P 86 38.21 -22.71 -29.67
N UNK P 87 38.27 -24.03 -29.46
CA UNK P 87 38.47 -24.99 -30.53
C UNK P 87 37.35 -24.92 -31.59
N UNK P 88 36.09 -24.88 -31.15
CA UNK P 88 34.95 -24.73 -32.05
C UNK P 88 34.99 -23.39 -32.80
N UNK P 89 35.26 -22.29 -32.09
CA UNK P 89 35.36 -20.96 -32.70
C UNK P 89 36.50 -20.88 -33.72
N UNK P 90 37.66 -21.45 -33.40
CA UNK P 90 38.81 -21.54 -34.29
C UNK P 90 38.47 -22.37 -35.53
N UNK P 91 37.80 -23.50 -35.36
CA UNK P 91 37.35 -24.34 -36.47
C UNK P 91 36.40 -23.56 -37.40
N UNK P 92 35.43 -22.82 -36.85
CA UNK P 92 34.55 -21.96 -37.62
C UNK P 92 35.33 -20.86 -38.36
N UNK P 93 36.23 -20.17 -37.67
CA UNK P 93 37.03 -19.08 -38.26
C UNK P 93 37.92 -19.58 -39.40
N UNK P 94 38.52 -20.75 -39.26
CA UNK P 94 39.32 -21.37 -40.31
C UNK P 94 38.47 -21.89 -41.48
N UNK P 95 37.36 -22.56 -41.20
CA UNK P 95 36.54 -23.20 -42.23
C UNK P 95 35.67 -22.22 -43.03
N UNK P 96 35.13 -21.18 -42.38
CA UNK P 96 34.11 -20.28 -42.94
C UNK P 96 32.90 -21.03 -43.57
N UNK P 97 32.59 -22.22 -43.05
CA UNK P 97 31.58 -23.12 -43.61
C UNK P 97 30.13 -22.68 -43.33
N UNK P 98 29.20 -23.12 -44.18
CA UNK P 98 27.77 -22.88 -44.07
C UNK P 98 26.97 -24.05 -44.70
N UNK P 99 25.66 -24.11 -44.40
CA UNK P 99 24.75 -25.17 -44.80
C UNK P 99 25.22 -26.58 -44.36
N UNK P 100 24.64 -27.65 -44.91
CA UNK P 100 24.92 -29.03 -44.50
C UNK P 100 26.40 -29.44 -44.66
N UNK P 101 27.15 -28.79 -45.55
CA UNK P 101 28.59 -29.00 -45.71
C UNK P 101 29.40 -28.69 -44.42
N UNK P 102 28.86 -27.85 -43.53
CA UNK P 102 29.47 -27.58 -42.23
C UNK P 102 29.48 -28.80 -41.27
N UNK P 103 28.71 -29.86 -41.54
CA UNK P 103 28.69 -31.05 -40.67
C UNK P 103 30.06 -31.74 -40.54
N UNK P 104 30.88 -31.72 -41.60
CA UNK P 104 32.26 -32.21 -41.54
C UNK P 104 33.14 -31.35 -40.60
N UNK P 105 33.03 -30.03 -40.69
CA UNK P 105 33.74 -29.12 -39.78
C UNK P 105 33.26 -29.28 -38.33
N UNK P 106 31.95 -29.49 -38.10
CA UNK P 106 31.43 -29.78 -36.78
C UNK P 106 31.96 -31.12 -36.23
N UNK P 107 32.10 -32.15 -37.08
CA UNK P 107 32.73 -33.41 -36.68
C UNK P 107 34.22 -33.24 -36.33
N UNK P 108 34.94 -32.39 -37.07
CA UNK P 108 36.32 -32.03 -36.72
C UNK P 108 36.39 -31.26 -35.38
N UNK P 109 35.47 -30.33 -35.14
CA UNK P 109 35.35 -29.64 -33.86
C UNK P 109 35.00 -30.62 -32.71
N UNK P 110 34.15 -31.62 -32.96
CA UNK P 110 33.84 -32.66 -31.99
C UNK P 110 35.10 -33.51 -31.66
N UNK P 111 35.89 -33.87 -32.67
CA UNK P 111 37.17 -34.55 -32.46
C UNK P 111 38.17 -33.70 -31.66
N UNK P 112 38.20 -32.38 -31.87
CA UNK P 112 39.01 -31.46 -31.06
C UNK P 112 38.51 -31.39 -29.61
N UNK P 113 37.19 -31.36 -29.40
CA UNK P 113 36.59 -31.42 -28.07
C UNK P 113 36.89 -32.75 -27.35
N UNK P 114 37.03 -33.85 -28.09
CA UNK P 114 37.49 -35.14 -27.57
C UNK P 114 38.95 -35.15 -27.08
N UNK P 115 39.68 -34.03 -27.15
CA UNK P 115 40.89 -33.84 -26.33
C UNK P 115 40.53 -33.74 -24.83
N UNK P 116 39.53 -32.92 -24.50
CA UNK P 116 39.01 -32.78 -23.13
C UNK P 116 38.03 -33.90 -22.75
N UNK P 117 37.16 -34.29 -23.69
CA UNK P 117 36.29 -35.48 -23.63
C UNK P 117 35.43 -35.61 -22.35
N UNK P 118 34.97 -34.50 -21.76
CA UNK P 118 34.11 -34.53 -20.58
C UNK P 118 32.77 -35.25 -20.84
N UNK P 119 32.20 -35.08 -22.04
CA UNK P 119 31.07 -35.87 -22.53
C UNK P 119 31.49 -37.21 -23.19
N UNK P 120 32.70 -37.28 -23.74
CA UNK P 120 33.28 -38.42 -24.49
C UNK P 120 32.50 -38.85 -25.76
N UNK P 121 33.08 -39.75 -26.55
CA UNK P 121 32.45 -40.42 -27.69
C UNK P 121 31.80 -39.49 -28.76
N UNK P 122 32.29 -38.26 -28.88
CA UNK P 122 31.71 -37.18 -29.70
C UNK P 122 30.24 -36.83 -29.37
N UNK P 123 29.74 -37.22 -28.20
CA UNK P 123 28.34 -37.09 -27.81
C UNK P 123 27.85 -35.63 -27.69
N UNK P 124 28.76 -34.68 -27.44
CA UNK P 124 28.44 -33.25 -27.44
C UNK P 124 27.97 -32.72 -28.82
N UNK P 125 28.17 -33.48 -29.90
CA UNK P 125 27.73 -33.15 -31.26
C UNK P 125 27.30 -34.40 -32.05
N UNK P 126 26.55 -35.31 -31.42
CA UNK P 126 25.91 -36.44 -32.11
C UNK P 126 24.66 -36.02 -32.90
N UNK P 127 24.30 -36.81 -33.92
CA UNK P 127 23.24 -36.60 -34.93
C UNK P 127 23.41 -35.32 -35.78
N UNK P 128 23.47 -35.44 -37.11
CA UNK P 128 24.01 -34.38 -37.98
C UNK P 128 23.20 -33.07 -37.96
N UNK P 129 21.87 -33.13 -37.88
CA UNK P 129 21.03 -31.94 -37.75
C UNK P 129 21.26 -31.25 -36.39
N UNK P 130 21.25 -32.02 -35.30
CA UNK P 130 21.52 -31.49 -33.97
C UNK P 130 22.94 -30.93 -33.85
N UNK P 131 23.93 -31.60 -34.43
CA UNK P 131 25.30 -31.13 -34.55
C UNK P 131 25.40 -29.83 -35.36
N UNK P 132 24.68 -29.70 -36.48
CA UNK P 132 24.65 -28.48 -37.28
C UNK P 132 24.09 -27.29 -36.48
N UNK P 133 23.08 -27.50 -35.64
CA UNK P 133 22.60 -26.50 -34.70
C UNK P 133 23.62 -26.22 -33.59
N UNK P 134 24.19 -27.25 -32.97
CA UNK P 134 25.24 -27.16 -31.96
C UNK P 134 26.52 -26.48 -32.48
N UNK P 135 26.71 -26.43 -33.80
CA UNK P 135 27.66 -25.59 -34.50
C UNK P 135 27.05 -24.20 -34.79
N UNK P 136 26.40 -24.02 -35.94
CA UNK P 136 26.06 -22.70 -36.48
C UNK P 136 25.08 -21.92 -35.60
N UNK P 137 23.97 -22.53 -35.17
CA UNK P 137 22.97 -21.86 -34.34
C UNK P 137 23.51 -21.54 -32.93
N UNK P 138 24.26 -22.44 -32.29
CA UNK P 138 24.88 -22.18 -31.00
C UNK P 138 25.94 -21.08 -31.08
N UNK P 139 26.75 -21.06 -32.14
CA UNK P 139 27.68 -19.97 -32.40
C UNK P 139 26.93 -18.64 -32.61
N UNK P 140 25.83 -18.64 -33.38
CA UNK P 140 25.00 -17.47 -33.55
C UNK P 140 24.37 -16.99 -32.22
N UNK P 141 23.98 -17.91 -31.34
CA UNK P 141 23.45 -17.61 -30.02
C UNK P 141 24.52 -17.02 -29.08
N UNK P 142 25.77 -17.47 -29.20
CA UNK P 142 26.90 -16.82 -28.55
C UNK P 142 27.17 -15.42 -29.15
N UNK P 143 26.93 -15.25 -30.46
CA UNK P 143 26.94 -13.96 -31.15
C UNK P 143 25.59 -13.22 -31.03
N UNK P 144 35.73 -10.78 -19.84
CA UNK P 144 37.13 -10.36 -19.82
C UNK P 144 38.05 -11.23 -20.70
N UNK P 145 37.50 -12.26 -21.35
CA UNK P 145 38.20 -13.17 -22.28
C UNK P 145 38.46 -12.50 -23.65
N UNK P 146 39.23 -11.41 -23.65
CA UNK P 146 39.35 -10.50 -24.77
C UNK P 146 39.79 -11.18 -26.07
N UNK P 147 40.76 -12.09 -26.00
CA UNK P 147 41.22 -12.85 -27.16
C UNK P 147 40.10 -13.71 -27.77
N UNK P 148 39.35 -14.44 -26.94
CA UNK P 148 38.22 -15.25 -27.37
C UNK P 148 37.11 -14.37 -27.96
N UNK P 149 36.81 -13.24 -27.33
CA UNK P 149 35.81 -12.29 -27.82
C UNK P 149 36.18 -11.72 -29.21
N UNK P 150 37.46 -11.37 -29.43
CA UNK P 150 37.93 -10.89 -30.71
C UNK P 150 37.83 -11.95 -31.81
N UNK P 151 38.26 -13.18 -31.53
CA UNK P 151 38.12 -14.30 -32.45
C UNK P 151 36.65 -14.57 -32.79
N UNK P 152 35.77 -14.53 -31.79
CA UNK P 152 34.33 -14.68 -32.00
C UNK P 152 33.75 -13.56 -32.88
N UNK P 153 34.16 -12.30 -32.68
CA UNK P 153 33.75 -11.19 -33.52
C UNK P 153 34.17 -11.37 -34.98
N UNK P 154 35.42 -11.80 -35.21
CA UNK P 154 35.91 -12.12 -36.54
C UNK P 154 35.13 -13.28 -37.19
N UNK P 155 34.91 -14.37 -36.45
CA UNK P 155 34.17 -15.52 -36.92
C UNK P 155 32.71 -15.18 -37.26
N UNK P 156 32.03 -14.39 -36.42
CA UNK P 156 30.66 -13.95 -36.67
C UNK P 156 30.54 -13.10 -37.94
N UNK P 157 31.51 -12.22 -38.22
CA UNK P 157 31.53 -11.46 -39.47
C UNK P 157 31.65 -12.38 -40.69
N UNK P 158 32.56 -13.36 -40.65
CA UNK P 158 32.67 -14.36 -41.71
C UNK P 158 31.37 -15.18 -41.85
N UNK P 159 30.75 -15.58 -40.74
CA UNK P 159 29.49 -16.32 -40.76
C UNK P 159 28.35 -15.50 -41.35
N UNK P 160 28.26 -14.21 -41.02
CA UNK P 160 27.28 -13.30 -41.60
C UNK P 160 27.47 -13.13 -43.12
N UNK P 161 28.72 -12.95 -43.57
CA UNK P 161 29.03 -12.85 -44.99
C UNK P 161 28.69 -14.15 -45.74
N UNK P 162 29.03 -15.31 -45.16
CA UNK P 162 28.67 -16.61 -45.71
C UNK P 162 27.15 -16.84 -45.77
N UNK P 163 26.42 -16.43 -44.74
CA UNK P 163 24.95 -16.52 -44.71
C UNK P 163 24.32 -15.63 -45.81
N UNK P 164 24.80 -14.39 -45.98
CA UNK P 164 24.37 -13.53 -47.07
C UNK P 164 24.70 -14.15 -48.45
N UNK P 165 25.88 -14.76 -48.61
CA UNK P 165 26.24 -15.46 -49.84
C UNK P 165 25.34 -16.69 -50.09
N UNK P 166 24.98 -17.45 -49.06
CA UNK P 166 24.06 -18.57 -49.16
C UNK P 166 22.66 -18.11 -49.58
N UNK P 167 22.17 -16.98 -49.07
CA UNK P 167 20.92 -16.37 -49.54
C UNK P 167 21.01 -15.94 -51.01
N UNK P 168 22.10 -15.27 -51.40
CA UNK P 168 22.33 -14.89 -52.79
C UNK P 168 22.37 -16.10 -53.73
N UNK P 169 22.98 -17.21 -53.29
CA UNK P 169 23.01 -18.47 -54.03
C UNK P 169 21.63 -19.15 -54.08
N UNK P 170 20.84 -19.08 -53.01
CA UNK P 170 19.49 -19.64 -52.96
C UNK P 170 18.51 -18.90 -53.91
N UNK P 171 18.71 -17.60 -54.12
CA UNK P 171 17.91 -16.80 -55.06
C UNK P 171 18.73 -15.66 -55.69
N UNK P 172 19.30 -15.89 -56.87
CA UNK P 172 20.17 -14.94 -57.56
C UNK P 172 19.50 -13.61 -57.94
N UNK P 173 18.16 -13.60 -58.03
CA UNK P 173 17.37 -12.39 -58.30
C UNK P 173 17.34 -11.39 -57.12
N UNK P 174 17.72 -11.80 -55.91
CA UNK P 174 17.69 -10.95 -54.72
C UNK P 174 18.73 -9.80 -54.78
N UNK P 175 18.45 -8.70 -54.09
CA UNK P 175 19.39 -7.58 -53.97
C UNK P 175 20.63 -7.94 -53.12
N UNK P 176 20.45 -8.77 -52.09
CA UNK P 176 21.50 -9.31 -51.21
C UNK P 176 22.43 -8.24 -50.61
N UNK P 177 21.92 -7.03 -50.39
CA UNK P 177 22.66 -5.87 -49.88
C UNK P 177 23.24 -6.09 -48.47
N UNK Q 1 52.36 -31.01 -5.90
CA UNK Q 1 52.23 -32.17 -4.99
C UNK Q 1 52.19 -33.53 -5.72
N UNK Q 2 51.35 -33.73 -6.75
CA UNK Q 2 51.14 -35.03 -7.43
C UNK Q 2 52.40 -35.72 -8.02
N UNK Q 3 53.53 -35.01 -8.15
CA UNK Q 3 54.83 -35.60 -8.46
C UNK Q 3 55.36 -36.58 -7.39
N UNK Q 4 54.82 -36.53 -6.16
CA UNK Q 4 55.14 -37.44 -5.06
C UNK Q 4 53.90 -37.90 -4.24
N UNK Q 5 52.88 -37.06 -4.10
CA UNK Q 5 51.62 -37.42 -3.45
C UNK Q 5 50.79 -38.40 -4.30
N UNK Q 6 50.13 -39.36 -3.64
CA UNK Q 6 49.47 -40.48 -4.32
C UNK Q 6 48.19 -40.08 -5.09
N UNK Q 7 47.37 -39.18 -4.52
CA UNK Q 7 46.06 -38.79 -5.02
C UNK Q 7 45.58 -37.47 -4.36
N UNK Q 8 44.53 -36.84 -4.89
CA UNK Q 8 43.89 -35.70 -4.23
C UNK Q 8 43.29 -36.07 -2.86
N UNK Q 9 42.84 -37.31 -2.68
CA UNK Q 9 42.45 -37.84 -1.38
C UNK Q 9 43.62 -37.90 -0.39
N UNK Q 10 44.84 -38.23 -0.85
CA UNK Q 10 46.04 -38.19 -0.02
C UNK Q 10 46.46 -36.74 0.30
N UNK Q 11 46.28 -35.80 -0.63
CA UNK Q 11 46.43 -34.37 -0.34
C UNK Q 11 45.42 -33.90 0.72
N UNK Q 12 44.17 -34.38 0.67
CA UNK Q 12 43.17 -34.14 1.71
C UNK Q 12 43.54 -34.78 3.05
N UNK Q 13 44.13 -35.99 3.05
CA UNK Q 13 44.67 -36.60 4.25
C UNK Q 13 45.80 -35.76 4.86
N UNK Q 14 46.69 -35.19 4.05
CA UNK Q 14 47.71 -34.25 4.50
C UNK Q 14 47.08 -32.96 5.08
N UNK Q 15 45.99 -32.46 4.49
CA UNK Q 15 45.23 -31.33 5.04
C UNK Q 15 44.58 -31.65 6.40
N UNK Q 16 44.12 -32.88 6.62
CA UNK Q 16 43.68 -33.34 7.94
C UNK Q 16 44.87 -33.50 8.91
N UNK Q 17 46.02 -33.98 8.43
CA UNK Q 17 47.25 -34.13 9.19
C UNK Q 17 47.86 -32.79 9.63
N UNK Q 18 47.50 -31.68 8.96
CA UNK Q 18 47.74 -30.31 9.39
C UNK Q 18 46.88 -29.89 10.62
N UNK Q 19 46.70 -30.79 11.58
CA UNK Q 19 45.83 -30.64 12.75
C UNK Q 19 46.19 -29.44 13.66
N UNK Q 20 47.44 -28.95 13.62
CA UNK Q 20 47.82 -27.71 14.30
C UNK Q 20 47.06 -26.48 13.75
N UNK Q 21 46.78 -26.44 12.44
CA UNK Q 21 45.93 -25.42 11.81
C UNK Q 21 44.44 -25.82 11.80
N UNK Q 22 44.12 -27.08 11.51
CA UNK Q 22 42.75 -27.58 11.37
C UNK Q 22 42.01 -27.82 12.71
N UNK Q 23 42.74 -27.88 13.82
CA UNK Q 23 42.23 -28.12 15.18
C UNK Q 23 41.41 -29.41 15.32
N UNK Q 24 40.59 -29.53 16.36
CA UNK Q 24 39.79 -30.72 16.66
C UNK Q 24 38.84 -31.13 15.53
N UNK Q 25 38.46 -30.21 14.64
CA UNK Q 25 37.64 -30.48 13.46
C UNK Q 25 38.30 -31.43 12.44
N UNK Q 26 39.61 -31.68 12.54
CA UNK Q 26 40.32 -32.67 11.72
C UNK Q 26 39.82 -34.12 11.89
N UNK Q 27 39.04 -34.40 12.93
CA UNK Q 27 38.44 -35.71 13.20
C UNK Q 27 37.02 -35.60 13.79
N UNK Q 28 36.22 -36.64 13.63
CA UNK Q 28 34.89 -36.73 14.24
C UNK Q 28 34.95 -36.85 15.78
N UNK Q 29 33.97 -36.31 16.48
CA UNK Q 29 33.75 -36.58 17.90
C UNK Q 29 33.27 -38.04 18.13
N UNK Q 30 33.40 -38.54 19.36
CA UNK Q 30 32.94 -39.87 19.78
C UNK Q 30 33.39 -41.00 18.83
N UNK Q 31 19.81 -38.14 24.34
CA UNK Q 31 19.98 -37.39 23.10
C UNK Q 31 20.87 -36.13 23.26
N UNK Q 32 21.35 -35.83 24.47
CA UNK Q 32 22.29 -34.73 24.71
C UNK Q 32 23.59 -34.93 23.91
N UNK Q 33 24.03 -36.17 23.71
CA UNK Q 33 25.16 -36.50 22.85
C UNK Q 33 24.89 -36.21 21.35
N UNK Q 34 23.66 -36.43 20.88
CA UNK Q 34 23.28 -36.08 19.50
C UNK Q 34 23.22 -34.55 19.30
N UNK Q 35 22.73 -33.81 20.29
CA UNK Q 35 22.79 -32.34 20.28
C UNK Q 35 24.25 -31.82 20.30
N UNK Q 36 25.12 -32.43 21.10
CA UNK Q 36 26.55 -32.13 21.09
C UNK Q 36 27.20 -32.46 19.73
N UNK Q 37 26.82 -33.57 19.09
CA UNK Q 37 27.28 -33.91 17.74
C UNK Q 37 26.81 -32.90 16.69
N UNK Q 38 25.59 -32.35 16.82
CA UNK Q 38 25.10 -31.27 15.95
C UNK Q 38 25.92 -29.98 16.12
N UNK Q 39 26.25 -29.60 17.35
CA UNK Q 39 27.16 -28.49 17.62
C UNK Q 39 28.56 -28.75 17.02
N UNK Q 40 29.10 -29.96 17.18
CA UNK Q 40 30.38 -30.36 16.60
C UNK Q 40 30.37 -30.31 15.06
N UNK Q 41 29.30 -30.77 14.41
CA UNK Q 41 29.14 -30.70 12.96
C UNK Q 41 29.11 -29.24 12.48
N UNK Q 42 28.41 -28.35 13.18
CA UNK Q 42 28.39 -26.92 12.86
C UNK Q 42 29.79 -26.29 13.02
N UNK Q 43 30.51 -26.63 14.10
CA UNK Q 43 31.89 -26.17 14.30
C UNK Q 43 32.82 -26.69 13.20
N UNK Q 44 32.67 -27.95 12.79
CA UNK Q 44 33.43 -28.51 11.67
C UNK Q 44 33.11 -27.82 10.35
N UNK Q 45 31.85 -27.40 10.13
CA UNK Q 45 31.50 -26.60 8.96
C UNK Q 45 32.19 -25.22 9.00
N UNK Q 46 32.22 -24.56 10.15
CA UNK Q 46 32.96 -23.29 10.32
C UNK Q 46 34.47 -23.46 10.08
N UNK Q 47 35.05 -24.54 10.58
CA UNK Q 47 36.44 -24.90 10.33
C UNK Q 47 36.70 -25.19 8.85
N UNK Q 48 35.81 -25.91 8.18
CA UNK Q 48 35.90 -26.16 6.75
C UNK Q 48 35.85 -24.86 5.95
N UNK Q 49 35.00 -23.91 6.34
CA UNK Q 49 34.97 -22.57 5.75
C UNK Q 49 36.31 -21.84 5.96
N UNK Q 50 36.85 -21.88 7.18
CA UNK Q 50 38.18 -21.33 7.47
C UNK Q 50 39.29 -22.02 6.63
N UNK Q 51 39.19 -23.32 6.40
CA UNK Q 51 40.13 -24.07 5.56
C UNK Q 51 40.02 -23.67 4.09
N UNK Q 52 38.80 -23.55 3.56
CA UNK Q 52 38.55 -23.10 2.19
C UNK Q 52 39.03 -21.66 1.92
N UNK Q 53 38.98 -20.80 2.94
CA UNK Q 53 39.40 -19.39 2.86
C UNK Q 53 40.92 -19.17 2.66
N UNK Q 54 41.75 -20.21 2.77
CA UNK Q 54 43.20 -20.15 2.59
C UNK Q 54 43.67 -19.84 1.15
N UNK Q 55 42.75 -19.51 0.24
CA UNK Q 55 43.04 -19.28 -1.18
C UNK Q 55 43.93 -18.05 -1.47
N UNK Q 56 43.99 -17.05 -0.58
CA UNK Q 56 44.72 -15.81 -0.82
C UNK Q 56 45.24 -15.12 0.45
N UNK Q 57 46.31 -14.35 0.28
CA UNK Q 57 46.89 -13.41 1.25
C UNK Q 57 47.74 -12.36 0.51
N UNK Q 58 48.01 -11.20 1.12
CA UNK Q 58 48.75 -10.11 0.48
C UNK Q 58 50.17 -10.54 0.03
N UNK Q 59 50.85 -11.35 0.85
CA UNK Q 59 52.15 -11.91 0.52
C UNK Q 59 52.07 -12.86 -0.69
N UNK Q 60 51.11 -13.78 -0.72
CA UNK Q 60 50.91 -14.68 -1.85
C UNK Q 60 50.57 -13.93 -3.14
N UNK Q 61 49.73 -12.89 -3.05
CA UNK Q 61 49.42 -12.02 -4.17
C UNK Q 61 50.68 -11.31 -4.71
N UNK Q 62 51.50 -10.74 -3.83
CA UNK Q 62 52.77 -10.13 -4.21
C UNK Q 62 53.71 -11.14 -4.86
N UNK Q 63 53.82 -12.35 -4.32
CA UNK Q 63 54.63 -13.42 -4.90
C UNK Q 63 54.16 -13.80 -6.32
N UNK Q 64 52.85 -13.93 -6.54
CA UNK Q 64 52.31 -14.20 -7.88
C UNK Q 64 52.59 -13.05 -8.85
N UNK Q 65 52.42 -11.80 -8.41
CA UNK Q 65 52.72 -10.63 -9.23
C UNK Q 65 54.21 -10.52 -9.58
N UNK Q 66 55.11 -10.86 -8.66
CA UNK Q 66 56.54 -10.94 -8.92
C UNK Q 66 56.86 -12.08 -9.90
N UNK Q 67 56.27 -13.26 -9.70
CA UNK Q 67 56.46 -14.42 -10.56
C UNK Q 67 55.95 -14.18 -12.00
N UNK Q 68 54.94 -13.34 -12.19
CA UNK Q 68 54.39 -12.99 -13.49
C UNK Q 68 55.41 -12.38 -14.48
N UNK Q 69 56.59 -11.97 -14.00
CA UNK Q 69 57.72 -11.59 -14.86
C UNK Q 69 58.24 -12.75 -15.72
N UNK Q 70 57.97 -14.01 -15.36
CA UNK Q 70 58.48 -15.20 -16.04
C UNK Q 70 57.51 -16.40 -16.03
N UNK Q 71 56.88 -16.69 -14.90
CA UNK Q 71 55.84 -17.71 -14.77
C UNK Q 71 54.50 -17.23 -15.36
N UNK Q 72 53.62 -18.17 -15.69
CA UNK Q 72 52.24 -17.91 -16.12
C UNK Q 72 51.30 -19.07 -15.73
N UNK Q 73 50.01 -18.79 -15.57
CA UNK Q 73 48.96 -19.80 -15.43
C UNK Q 73 48.46 -20.37 -16.79
N UNK Q 74 49.16 -20.07 -17.89
CA UNK Q 74 48.79 -20.42 -19.26
C UNK Q 74 48.76 -21.95 -19.52
N UNK Q 75 48.11 -22.35 -20.62
CA UNK Q 75 47.84 -23.75 -20.97
C UNK Q 75 49.10 -24.63 -21.12
N UNK Q 76 50.28 -24.03 -21.32
CA UNK Q 76 51.56 -24.74 -21.34
C UNK Q 76 51.92 -25.39 -19.98
N UNK Q 77 51.48 -24.81 -18.85
CA UNK Q 77 51.72 -25.27 -17.48
C UNK Q 77 53.20 -25.48 -17.07
N UNK Q 78 54.16 -25.01 -17.87
CA UNK Q 78 55.59 -25.29 -17.68
C UNK Q 78 56.15 -24.74 -16.36
N UNK Q 79 55.71 -23.55 -15.95
CA UNK Q 79 56.13 -22.88 -14.72
C UNK Q 79 55.37 -23.33 -13.45
N UNK Q 80 54.45 -24.29 -13.54
CA UNK Q 80 53.61 -24.70 -12.40
C UNK Q 80 54.44 -25.22 -11.21
N UNK Q 81 55.55 -25.92 -11.45
CA UNK Q 81 56.46 -26.36 -10.40
C UNK Q 81 57.15 -25.18 -9.68
N UNK Q 82 57.56 -24.15 -10.43
CA UNK Q 82 58.08 -22.92 -9.83
C UNK Q 82 57.00 -22.20 -9.02
N UNK Q 83 55.78 -22.11 -9.54
CA UNK Q 83 54.64 -21.55 -8.80
C UNK Q 83 54.34 -22.35 -7.52
N UNK Q 84 54.38 -23.68 -7.57
CA UNK Q 84 54.22 -24.54 -6.41
C UNK Q 84 55.35 -24.35 -5.38
N UNK Q 85 56.60 -24.20 -5.82
CA UNK Q 85 57.71 -23.89 -4.93
C UNK Q 85 57.53 -22.51 -4.25
N UNK Q 86 57.07 -21.51 -4.99
CA UNK Q 86 56.74 -20.21 -4.42
C UNK Q 86 55.58 -20.30 -3.41
N UNK Q 87 54.55 -21.09 -3.69
CA UNK Q 87 53.46 -21.35 -2.74
C UNK Q 87 53.98 -22.08 -1.48
N UNK Q 88 54.89 -23.04 -1.64
CA UNK Q 88 55.54 -23.71 -0.51
C UNK Q 88 56.37 -22.71 0.33
N UNK Q 89 57.16 -21.85 -0.30
CA UNK Q 89 57.86 -20.76 0.39
C UNK Q 89 56.90 -19.81 1.12
N UNK Q 90 55.75 -19.50 0.52
CA UNK Q 90 54.72 -18.68 1.18
C UNK Q 90 54.12 -19.33 2.45
N UNK Q 91 54.19 -20.67 2.56
CA UNK Q 91 53.75 -21.41 3.75
C UNK Q 91 54.85 -21.73 4.76
N UNK Q 92 56.09 -21.88 4.30
CA UNK Q 92 57.23 -22.30 5.11
C UNK Q 92 58.16 -21.14 5.52
N UNK Q 93 58.53 -20.28 4.57
CA UNK Q 93 59.39 -19.12 4.82
C UNK Q 93 58.58 -17.92 5.33
N UNK Q 94 57.56 -17.51 4.56
CA UNK Q 94 56.41 -16.80 5.13
C UNK Q 94 55.44 -17.83 5.76
N UNK Q 95 54.38 -17.35 6.42
CA UNK Q 95 53.40 -18.21 7.11
C UNK Q 95 52.09 -18.37 6.31
N UNK Q 96 51.63 -19.61 6.18
CA UNK Q 96 50.31 -19.98 5.65
C UNK Q 96 49.82 -21.30 6.29
N UNK Q 97 48.98 -22.07 5.61
CA UNK Q 97 48.50 -23.37 6.10
C UNK Q 97 49.66 -24.33 6.43
N UNK Q 98 49.48 -25.14 7.47
CA UNK Q 98 50.49 -26.04 8.02
C UNK Q 98 50.69 -27.34 7.18
N UNK Q 99 50.81 -27.19 5.87
CA UNK Q 99 50.89 -28.27 4.88
C UNK Q 99 51.93 -27.99 3.78
N UNK Q 100 52.35 -29.04 3.05
CA UNK Q 100 53.41 -28.96 2.05
C UNK Q 100 53.04 -28.22 0.75
N UNK Q 101 51.75 -28.08 0.43
CA UNK Q 101 51.29 -27.54 -0.86
C UNK Q 101 49.89 -26.89 -0.80
N UNK Q 102 49.60 -26.00 -1.76
CA UNK Q 102 48.29 -25.35 -1.93
C UNK Q 102 47.27 -26.15 -2.77
N UNK Q 103 47.74 -27.07 -3.64
CA UNK Q 103 46.92 -27.86 -4.55
C UNK Q 103 47.56 -29.23 -4.85
N UNK Q 104 46.76 -30.22 -5.25
CA UNK Q 104 47.21 -31.59 -5.53
C UNK Q 104 47.89 -31.73 -6.91
N UNK Q 105 47.11 -31.68 -8.00
CA UNK Q 105 47.59 -31.85 -9.38
C UNK Q 105 48.10 -30.54 -10.00
N UNK Q 106 49.00 -30.62 -10.98
CA UNK Q 106 49.52 -29.44 -11.69
C UNK Q 106 48.42 -28.65 -12.43
N UNK Q 107 47.41 -29.34 -12.97
CA UNK Q 107 46.24 -28.70 -13.54
C UNK Q 107 45.44 -27.90 -12.49
N UNK Q 108 45.26 -28.45 -11.29
CA UNK Q 108 44.61 -27.76 -10.18
C UNK Q 108 45.46 -26.56 -9.68
N UNK Q 109 46.78 -26.70 -9.61
CA UNK Q 109 47.68 -25.59 -9.27
C UNK Q 109 47.61 -24.46 -10.32
N UNK Q 110 47.64 -24.81 -11.60
CA UNK Q 110 47.46 -23.85 -12.69
C UNK Q 110 46.07 -23.19 -12.63
N UNK Q 111 45.02 -23.95 -12.27
CA UNK Q 111 43.68 -23.40 -12.07
C UNK Q 111 43.63 -22.45 -10.85
N UNK Q 112 44.30 -22.75 -9.75
CA UNK Q 112 44.41 -21.84 -8.61
C UNK Q 112 45.14 -20.53 -8.99
N UNK Q 113 46.21 -20.62 -9.78
CA UNK Q 113 46.90 -19.46 -10.33
C UNK Q 113 46.02 -18.67 -11.31
N UNK Q 114 45.28 -19.35 -12.19
CA UNK Q 114 44.33 -18.71 -13.10
C UNK Q 114 43.18 -18.03 -12.34
N UNK Q 115 42.69 -18.65 -11.25
CA UNK Q 115 41.70 -18.05 -10.37
C UNK Q 115 42.25 -16.81 -9.65
N UNK Q 116 43.51 -16.85 -9.19
CA UNK Q 116 44.17 -15.67 -8.66
C UNK Q 116 44.26 -14.55 -9.72
N UNK Q 117 44.62 -14.88 -10.97
CA UNK Q 117 44.62 -13.91 -12.06
C UNK Q 117 43.21 -13.36 -12.37
N UNK Q 118 42.18 -14.19 -12.32
CA UNK Q 118 40.79 -13.76 -12.47
C UNK Q 118 40.35 -12.84 -11.32
N UNK Q 119 40.80 -13.11 -10.09
CA UNK Q 119 40.62 -12.20 -8.97
C UNK Q 119 41.40 -10.88 -9.18
N UNK Q 120 42.59 -10.93 -9.78
CA UNK Q 120 43.39 -9.75 -10.11
C UNK Q 120 42.80 -8.90 -11.25
N UNK Q 121 41.99 -9.49 -12.14
CA UNK Q 121 41.25 -8.79 -13.20
C UNK Q 121 40.07 -7.99 -12.62
N UNK Q 122 40.38 -6.83 -12.00
CA UNK Q 122 39.50 -6.09 -11.10
C UNK Q 122 38.16 -5.60 -11.69
N UNK Q 123 38.03 -5.52 -13.02
CA UNK Q 123 36.79 -5.17 -13.71
C UNK Q 123 35.69 -6.25 -13.59
N UNK Q 124 36.04 -7.49 -13.23
CA UNK Q 124 35.09 -8.60 -13.07
C UNK Q 124 34.06 -8.33 -11.96
N UNK Q 125 41.01 -1.97 -5.35
CA UNK Q 125 42.24 -1.90 -6.13
C UNK Q 125 43.40 -1.17 -5.43
N UNK Q 126 43.21 -0.72 -4.18
CA UNK Q 126 44.15 0.14 -3.46
C UNK Q 126 45.47 -0.53 -3.01
N UNK Q 127 45.57 -1.86 -3.07
CA UNK Q 127 46.77 -2.64 -2.72
C UNK Q 127 47.89 -2.58 -3.78
N UNK Q 128 48.15 -1.39 -4.31
CA UNK Q 128 49.02 -1.07 -5.45
C UNK Q 128 48.59 -1.68 -6.79
N UNK Q 129 48.81 -0.92 -7.87
CA UNK Q 129 48.49 -1.33 -9.24
C UNK Q 129 49.38 -2.45 -9.81
N UNK Q 130 50.41 -2.89 -9.07
CA UNK Q 130 51.27 -4.00 -9.46
C UNK Q 130 50.47 -5.26 -9.82
N UNK Q 131 49.37 -5.51 -9.12
CA UNK Q 131 48.44 -6.59 -9.48
C UNK Q 131 47.84 -6.39 -10.88
N UNK Q 132 47.31 -5.20 -11.18
CA UNK Q 132 46.75 -4.89 -12.51
C UNK Q 132 47.83 -4.92 -13.61
N UNK Q 133 49.05 -4.48 -13.32
CA UNK Q 133 50.17 -4.56 -14.25
C UNK Q 133 50.56 -6.02 -14.55
N UNK Q 134 50.70 -6.86 -13.53
CA UNK Q 134 50.93 -8.28 -13.70
C UNK Q 134 49.78 -8.96 -14.46
N UNK Q 135 48.53 -8.60 -14.18
CA UNK Q 135 47.37 -9.12 -14.90
C UNK Q 135 47.39 -8.72 -16.40
N UNK Q 136 47.77 -7.48 -16.72
CA UNK Q 136 47.93 -7.05 -18.10
C UNK Q 136 49.03 -7.86 -18.81
N UNK Q 137 50.16 -8.11 -18.14
CA UNK Q 137 51.20 -8.99 -18.66
C UNK Q 137 50.67 -10.42 -18.87
N UNK Q 138 49.91 -10.96 -17.92
CA UNK Q 138 49.26 -12.26 -18.04
C UNK Q 138 48.28 -12.31 -19.21
N UNK Q 139 47.51 -11.24 -19.45
CA UNK Q 139 46.60 -11.14 -20.59
C UNK Q 139 47.38 -11.16 -21.93
N UNK Q 140 48.47 -10.40 -22.03
CA UNK Q 140 49.33 -10.44 -23.21
C UNK Q 140 49.94 -11.83 -23.44
N UNK Q 141 50.44 -12.47 -22.38
CA UNK Q 141 50.95 -13.83 -22.42
C UNK Q 141 49.87 -14.85 -22.82
N UNK Q 142 48.65 -14.71 -22.32
CA UNK Q 142 47.52 -15.56 -22.69
C UNK Q 142 47.13 -15.39 -24.17
N UNK Q 143 47.09 -14.14 -24.67
CA UNK Q 143 46.80 -13.87 -26.07
C UNK Q 143 47.87 -14.50 -26.99
N UNK Q 144 49.14 -14.38 -26.62
CA UNK Q 144 50.23 -15.04 -27.31
C UNK Q 144 50.14 -16.58 -27.25
N UNK Q 145 49.80 -17.15 -26.09
CA UNK Q 145 49.62 -18.60 -25.94
C UNK Q 145 48.45 -19.14 -26.78
N UNK Q 146 47.33 -18.41 -26.84
CA UNK Q 146 46.22 -18.74 -27.72
C UNK Q 146 46.63 -18.61 -29.20
N UNK Q 147 47.35 -17.56 -29.58
CA UNK Q 147 47.87 -17.40 -30.93
C UNK Q 147 48.84 -18.54 -31.31
N UNK Q 148 49.66 -19.02 -30.37
CA UNK Q 148 50.51 -20.18 -30.55
C UNK Q 148 49.70 -21.47 -30.71
N UNK Q 149 48.67 -21.68 -29.88
CA UNK Q 149 47.75 -22.81 -30.02
C UNK Q 149 47.01 -22.80 -31.36
N UNK Q 150 46.75 -21.62 -31.91
CA UNK Q 150 46.04 -21.39 -33.18
C UNK Q 150 46.96 -21.03 -34.36
N UNK Q 151 48.27 -21.31 -34.29
CA UNK Q 151 49.27 -20.81 -35.24
C UNK Q 151 49.05 -21.19 -36.73
N UNK Q 152 48.25 -22.23 -36.99
CA UNK Q 152 47.83 -22.64 -38.33
C UNK Q 152 46.85 -21.66 -39.02
N UNK Q 153 46.32 -20.66 -38.31
CA UNK Q 153 45.33 -19.70 -38.80
C UNK Q 153 45.65 -18.25 -38.36
N UNK Q 154 44.95 -17.27 -38.94
CA UNK Q 154 45.05 -15.87 -38.57
C UNK Q 154 44.37 -15.61 -37.20
N UNK Q 155 45.13 -15.74 -36.11
CA UNK Q 155 44.65 -15.45 -34.75
C UNK Q 155 44.32 -13.95 -34.57
N UNK Q 156 43.28 -13.66 -33.78
CA UNK Q 156 42.76 -12.31 -33.55
C UNK Q 156 43.70 -11.42 -32.71
N UNK R 1 58.12 -10.90 28.50
CA UNK R 1 56.74 -11.39 28.30
C UNK R 1 56.74 -12.89 27.96
N UNK R 2 55.61 -13.57 28.17
CA UNK R 2 55.47 -15.00 27.87
C UNK R 2 55.64 -15.32 26.37
N UNK R 3 56.09 -16.55 26.06
CA UNK R 3 56.27 -17.01 24.68
C UNK R 3 54.95 -17.26 23.93
N UNK R 4 53.86 -17.54 24.64
CA UNK R 4 52.51 -17.67 24.09
C UNK R 4 51.74 -16.35 24.17
N UNK R 5 51.18 -15.88 23.05
CA UNK R 5 50.50 -14.59 22.95
C UNK R 5 49.30 -14.45 23.92
N UNK R 6 48.57 -15.54 24.17
CA UNK R 6 47.48 -15.57 25.16
C UNK R 6 47.98 -15.34 26.60
N UNK R 7 49.08 -15.99 27.00
CA UNK R 7 49.69 -15.80 28.31
C UNK R 7 50.26 -14.37 28.48
N UNK R 8 50.88 -13.81 27.44
CA UNK R 8 51.36 -12.43 27.46
C UNK R 8 50.20 -11.41 27.59
N UNK R 9 49.12 -11.60 26.83
CA UNK R 9 47.92 -10.78 26.94
C UNK R 9 47.30 -10.88 28.35
N UNK R 10 47.24 -12.07 28.95
CA UNK R 10 46.78 -12.26 30.32
C UNK R 10 47.69 -11.59 31.36
N UNK R 11 49.01 -11.64 31.17
CA UNK R 11 49.97 -10.93 32.01
C UNK R 11 49.79 -9.40 31.91
N UNK R 12 49.52 -8.87 30.72
CA UNK R 12 49.20 -7.45 30.52
C UNK R 12 47.84 -7.07 31.17
N UNK R 13 46.83 -7.93 31.05
CA UNK R 13 45.49 -7.74 31.62
C UNK R 13 45.45 -7.66 33.16
N UNK R 14 46.57 -7.87 33.84
CA UNK R 14 46.74 -7.51 35.25
C UNK R 14 46.49 -6.01 35.52
N UNK R 15 46.60 -5.16 34.50
CA UNK R 15 46.22 -3.75 34.53
C UNK R 15 45.13 -3.45 33.48
N UNK R 16 44.24 -2.50 33.77
CA UNK R 16 43.22 -2.01 32.85
C UNK R 16 42.70 -0.61 33.24
N UNK R 17 42.26 -0.44 34.50
CA UNK R 17 41.68 0.80 35.02
C UNK R 17 41.87 0.93 36.54
N UNK R 18 28.79 -11.67 39.34
CA UNK R 18 28.34 -12.45 38.18
C UNK R 18 29.26 -12.26 36.96
N UNK R 19 29.29 -13.23 36.04
CA UNK R 19 30.03 -13.15 34.78
C UNK R 19 29.57 -11.97 33.89
N UNK R 20 28.34 -11.50 34.09
CA UNK R 20 27.78 -10.30 33.49
C UNK R 20 28.58 -9.01 33.78
N UNK R 21 29.44 -8.99 34.81
CA UNK R 21 30.37 -7.90 35.06
C UNK R 21 31.34 -7.61 33.90
N UNK R 22 31.52 -8.55 32.97
CA UNK R 22 32.25 -8.31 31.71
C UNK R 22 31.62 -7.19 30.86
N UNK R 23 30.33 -6.90 31.01
CA UNK R 23 29.67 -5.76 30.36
C UNK R 23 30.23 -4.40 30.82
N UNK R 24 30.84 -4.35 32.00
CA UNK R 24 31.55 -3.19 32.54
C UNK R 24 33.07 -3.22 32.26
N UNK R 25 33.57 -4.14 31.40
CA UNK R 25 35.00 -4.35 31.16
C UNK R 25 35.41 -4.56 29.68
N UNK R 26 34.54 -5.05 28.80
CA UNK R 26 34.91 -5.50 27.45
C UNK R 26 35.60 -4.43 26.57
N UNK R 27 35.25 -3.15 26.73
CA UNK R 27 35.83 -2.05 25.97
C UNK R 27 37.26 -1.64 26.43
N UNK R 28 37.74 -2.12 27.58
CA UNK R 28 39.02 -1.69 28.13
C UNK R 28 40.25 -2.20 27.33
N UNK R 29 40.11 -3.28 26.57
CA UNK R 29 41.17 -3.83 25.72
C UNK R 29 41.46 -2.94 24.50
N UNK R 30 40.41 -2.57 23.76
CA UNK R 30 40.45 -1.63 22.64
C UNK R 30 39.07 -0.99 22.41
N UNK R 31 39.04 0.24 21.87
CA UNK R 31 37.83 1.01 21.61
C UNK R 31 38.08 2.14 20.59
N UNK R 32 37.00 2.75 20.09
CA UNK R 32 37.04 3.91 19.19
C UNK R 32 37.63 5.21 19.83
N UNK R 33 37.82 5.22 21.15
CA UNK R 33 38.28 6.35 21.96
C UNK R 33 39.80 6.66 21.87
N UNK R 34 40.46 6.33 20.75
CA UNK R 34 41.89 6.55 20.58
C UNK R 34 42.25 8.05 20.65
N UNK R 35 43.32 8.39 21.37
CA UNK R 35 43.72 9.77 21.62
C UNK R 35 44.29 10.44 20.35
N UNK R 36 43.83 11.66 20.06
CA UNK R 36 44.34 12.46 18.94
C UNK R 36 45.85 12.74 19.09
N UNK R 37 46.33 12.94 20.31
CA UNK R 37 47.77 13.12 20.61
C UNK R 37 48.60 11.88 20.23
N UNK R 38 48.12 10.68 20.54
CA UNK R 38 48.78 9.43 20.16
C UNK R 38 48.78 9.21 18.64
N UNK R 39 47.65 9.50 17.98
CA UNK R 39 47.56 9.47 16.52
C UNK R 39 48.54 10.45 15.85
N UNK R 40 48.65 11.67 16.39
CA UNK R 40 49.61 12.67 15.92
C UNK R 40 51.07 12.22 16.13
N UNK R 41 51.39 11.59 17.27
CA UNK R 41 52.72 11.01 17.52
C UNK R 41 53.05 9.89 16.51
N UNK R 42 52.10 9.00 16.23
CA UNK R 42 52.26 7.99 15.18
C UNK R 42 52.41 8.63 13.79
N UNK R 43 51.65 9.69 13.49
CA UNK R 43 51.77 10.44 12.24
C UNK R 43 53.14 11.14 12.10
N UNK R 44 53.72 11.62 13.20
CA UNK R 44 55.08 12.15 13.21
C UNK R 44 56.12 11.04 12.95
N UNK R 45 55.97 9.87 13.58
CA UNK R 45 56.83 8.71 13.31
C UNK R 45 56.71 8.22 11.84
N UNK R 46 55.52 8.33 11.26
CA UNK R 46 55.26 8.03 9.85
C UNK R 46 55.98 8.99 8.85
N UNK R 47 56.67 10.04 9.32
CA UNK R 47 57.61 10.77 8.47
C UNK R 47 58.76 9.85 7.96
N UNK R 48 59.19 8.89 8.77
CA UNK R 48 60.07 7.80 8.35
C UNK R 48 59.29 6.57 7.84
N UNK R 49 58.27 6.13 8.61
CA UNK R 49 57.41 4.96 8.38
C UNK R 49 58.16 3.61 8.29
N UNK R 50 58.91 3.37 7.21
CA UNK R 50 59.80 2.22 7.02
C UNK R 50 59.15 0.85 7.31
N UNK R 51 57.97 0.59 6.73
CA UNK R 51 57.13 -0.57 7.04
C UNK R 51 57.78 -1.94 6.70
N UNK R 52 58.38 -2.57 7.73
CA UNK R 52 59.10 -3.84 7.65
C UNK R 52 59.20 -4.55 9.03
N UNK R 53 58.17 -4.39 9.87
CA UNK R 53 58.07 -4.81 11.28
C UNK R 53 59.08 -4.19 12.27
N UNK R 54 60.35 -3.98 11.90
CA UNK R 54 61.38 -3.40 12.78
C UNK R 54 61.03 -1.96 13.22
N UNK R 55 60.68 -1.08 12.28
CA UNK R 55 60.24 0.28 12.60
C UNK R 55 58.92 0.31 13.39
N UNK R 56 58.03 -0.68 13.19
CA UNK R 56 56.83 -0.83 14.00
C UNK R 56 57.15 -1.24 15.45
N UNK R 57 58.14 -2.11 15.68
CA UNK R 57 58.63 -2.42 17.03
C UNK R 57 59.30 -1.22 17.71
N UNK R 58 60.09 -0.42 16.97
CA UNK R 58 60.61 0.85 17.46
C UNK R 58 59.48 1.83 17.83
N UNK R 59 58.48 1.96 16.96
CA UNK R 59 57.30 2.77 17.20
C UNK R 59 56.47 2.25 18.39
N UNK R 60 56.41 0.95 18.65
CA UNK R 60 55.72 0.39 19.81
C UNK R 60 56.42 0.78 21.13
N UNK R 61 57.75 0.74 21.19
CA UNK R 61 58.50 1.24 22.35
C UNK R 61 58.25 2.75 22.58
N UNK R 62 58.21 3.53 21.50
CA UNK R 62 57.81 4.93 21.57
C UNK R 62 56.34 5.10 22.00
N UNK R 63 55.42 4.24 21.53
CA UNK R 63 54.00 4.28 21.87
C UNK R 63 53.75 3.93 23.35
N UNK R 64 54.54 3.04 23.94
CA UNK R 64 54.50 2.76 25.37
C UNK R 64 54.83 4.01 26.20
N UNK R 65 55.87 4.76 25.82
CA UNK R 65 56.19 6.04 26.45
C UNK R 65 55.11 7.10 26.17
N UNK R 66 54.66 7.23 24.92
CA UNK R 66 53.66 8.21 24.52
C UNK R 66 52.32 8.02 25.25
N UNK R 67 51.88 6.78 25.49
CA UNK R 67 50.67 6.49 26.25
C UNK R 67 50.75 7.03 27.69
N UNK R 68 51.90 6.87 28.35
CA UNK R 68 52.13 7.42 29.68
C UNK R 68 52.21 8.96 29.64
N UNK R 69 52.88 9.53 28.63
CA UNK R 69 52.96 10.98 28.44
C UNK R 69 51.59 11.62 28.16
N UNK R 70 50.73 10.91 27.43
CA UNK R 70 49.33 11.26 27.19
C UNK R 70 48.41 10.99 28.40
N UNK R 71 48.94 10.39 29.47
CA UNK R 71 48.21 9.92 30.65
C UNK R 71 47.06 8.94 30.32
N UNK R 72 47.16 8.20 29.21
CA UNK R 72 46.21 7.15 28.83
C UNK R 72 46.30 5.95 29.79
N UNK R 73 47.51 5.39 29.94
CA UNK R 73 47.91 4.50 31.03
C UNK R 73 49.45 4.37 31.07
N UNK R 74 50.01 3.90 32.19
CA UNK R 74 51.43 3.50 32.26
C UNK R 74 51.71 2.11 31.64
N UNK R 75 50.68 1.27 31.52
CA UNK R 75 50.74 -0.09 30.97
C UNK R 75 49.35 -0.54 30.49
N UNK R 76 49.30 -1.60 29.68
CA UNK R 76 48.05 -2.24 29.22
C UNK R 76 47.07 -1.30 28.48
N UNK R 77 47.59 -0.50 27.57
CA UNK R 77 46.83 0.39 26.69
C UNK R 77 47.47 0.44 25.28
N UNK R 78 47.59 1.63 24.67
CA UNK R 78 48.03 1.85 23.30
C UNK R 78 49.52 1.55 22.99
N UNK R 79 50.24 0.84 23.86
CA UNK R 79 51.65 0.45 23.65
C UNK R 79 51.85 -0.47 22.42
N UNK R 80 50.85 -1.32 22.13
CA UNK R 80 50.69 -2.03 20.85
C UNK R 80 51.95 -2.75 20.31
N UNK R 81 52.43 -3.77 21.03
CA UNK R 81 53.66 -4.50 20.69
C UNK R 81 53.73 -5.00 19.22
N UNK R 82 54.84 -4.67 18.55
CA UNK R 82 55.23 -5.13 17.20
C UNK R 82 54.10 -5.12 16.14
N UNK R 83 53.49 -6.28 15.86
CA UNK R 83 52.42 -6.43 14.87
C UNK R 83 51.20 -5.54 15.15
N UNK R 84 50.91 -5.22 16.43
CA UNK R 84 49.81 -4.31 16.77
C UNK R 84 50.12 -2.85 16.38
N UNK R 85 51.36 -2.37 16.52
CA UNK R 85 51.76 -1.07 16.00
C UNK R 85 51.70 -1.03 14.47
N UNK R 86 52.10 -2.11 13.79
CA UNK R 86 51.95 -2.23 12.33
C UNK R 86 50.47 -2.20 11.90
N UNK R 87 49.60 -2.89 12.65
CA UNK R 87 48.16 -2.83 12.44
C UNK R 87 47.59 -1.42 12.69
N UNK R 88 48.04 -0.71 13.73
CA UNK R 88 47.65 0.67 13.99
C UNK R 88 48.11 1.61 12.85
N UNK R 89 49.32 1.42 12.34
CA UNK R 89 49.82 2.16 11.18
C UNK R 89 48.98 1.92 9.90
N UNK R 90 48.45 0.71 9.70
CA UNK R 90 47.47 0.44 8.65
C UNK R 90 46.10 1.09 8.97
N UNK R 91 45.61 0.97 10.21
CA UNK R 91 44.33 1.53 10.66
C UNK R 91 44.29 3.06 10.61
N UNK R 92 45.44 3.73 10.66
CA UNK R 92 45.59 5.17 10.49
C UNK R 92 45.16 5.68 9.10
N UNK R 93 44.99 4.79 8.11
CA UNK R 93 44.48 5.15 6.78
C UNK R 93 42.99 5.53 6.82
N UNK R 94 42.70 6.81 7.06
CA UNK R 94 41.34 7.35 7.05
C UNK R 94 40.74 7.46 5.63
N UNK R 95 41.56 7.74 4.62
CA UNK R 95 41.16 7.74 3.21
C UNK R 95 41.12 6.33 2.61
N UNK R 96 40.18 6.10 1.67
CA UNK R 96 40.00 4.83 0.95
C UNK R 96 39.33 5.06 -0.42
N UNK R 97 38.27 18.09 12.57
CA UNK R 97 36.86 17.78 12.40
C UNK R 97 36.51 17.32 10.97
N UNK R 98 37.46 17.36 10.04
CA UNK R 98 37.29 17.03 8.62
C UNK R 98 37.38 15.52 8.29
N UNK R 99 37.49 14.64 9.29
CA UNK R 99 38.02 13.27 9.19
C UNK R 99 37.46 12.42 8.05
N UNK R 100 36.17 12.54 7.72
CA UNK R 100 35.53 11.80 6.62
C UNK R 100 36.02 12.22 5.22
N UNK R 101 36.44 13.47 5.06
CA UNK R 101 37.10 13.98 3.85
C UNK R 101 38.63 13.76 3.92
N UNK R 102 39.27 14.20 5.01
CA UNK R 102 40.70 14.05 5.30
C UNK R 102 41.00 14.24 6.79
N UNK R 103 42.16 13.79 7.28
CA UNK R 103 42.52 13.76 8.71
C UNK R 103 42.83 15.14 9.37
N UNK R 104 42.11 16.22 8.98
CA UNK R 104 42.18 17.57 9.56
C UNK R 104 43.61 18.10 9.66
N UNK R 105 44.08 18.48 10.86
CA UNK R 105 45.45 18.94 11.09
C UNK R 105 46.52 17.90 10.71
N UNK R 106 46.17 16.61 10.69
CA UNK R 106 47.03 15.50 10.26
C UNK R 106 46.79 15.04 8.80
N UNK R 107 45.96 15.74 8.01
CA UNK R 107 45.63 15.33 6.64
C UNK R 107 46.87 15.13 5.74
N UNK R 108 47.80 16.08 5.75
CA UNK R 108 49.03 15.98 4.98
C UNK R 108 49.92 14.82 5.47
N UNK R 109 50.00 14.61 6.78
CA UNK R 109 50.74 13.49 7.35
C UNK R 109 50.12 12.13 6.98
N UNK R 110 48.80 12.01 6.97
CA UNK R 110 48.11 10.82 6.51
C UNK R 110 48.39 10.55 5.02
N UNK R 111 48.30 11.57 4.17
CA UNK R 111 48.64 11.45 2.75
C UNK R 111 50.12 11.05 2.56
N UNK R 112 51.04 11.65 3.32
CA UNK R 112 52.45 11.31 3.30
C UNK R 112 52.70 9.87 3.75
N UNK R 113 52.02 9.38 4.79
CA UNK R 113 52.13 7.99 5.24
C UNK R 113 51.70 7.01 4.14
N UNK R 114 50.61 7.30 3.42
CA UNK R 114 50.18 6.48 2.29
C UNK R 114 51.21 6.50 1.15
N UNK R 115 51.77 7.67 0.82
CA UNK R 115 52.82 7.79 -0.18
C UNK R 115 54.08 7.01 0.23
N UNK R 116 54.49 7.12 1.49
CA UNK R 116 55.60 6.37 2.05
C UNK R 116 55.33 4.85 2.00
N UNK R 117 54.10 4.42 2.31
CA UNK R 117 53.70 3.03 2.19
C UNK R 117 53.81 2.53 0.73
N UNK R 118 53.40 3.33 -0.26
CA UNK R 118 53.54 2.98 -1.67
C UNK R 118 55.02 2.88 -2.10
N UNK R 119 55.87 3.82 -1.68
CA UNK R 119 57.31 3.77 -1.93
C UNK R 119 57.97 2.55 -1.26
N UNK R 120 57.57 2.23 -0.03
CA UNK R 120 58.03 1.03 0.68
C UNK R 120 57.57 -0.25 -0.03
N UNK R 121 56.33 -0.29 -0.56
CA UNK R 121 55.85 -1.40 -1.37
C UNK R 121 56.70 -1.57 -2.63
N UNK R 122 57.05 -0.48 -3.32
CA UNK R 122 57.96 -0.52 -4.46
C UNK R 122 59.37 -1.04 -4.07
N UNK R 123 59.92 -0.59 -2.94
CA UNK R 123 61.21 -1.09 -2.44
C UNK R 123 61.17 -2.59 -2.11
N UNK R 124 60.15 -3.05 -1.38
CA UNK R 124 59.98 -4.46 -1.04
C UNK R 124 59.74 -5.34 -2.27
N UNK R 125 58.97 -4.86 -3.25
CA UNK R 125 58.78 -5.56 -4.52
C UNK R 125 60.09 -5.67 -5.32
N UNK R 126 60.89 -4.60 -5.37
CA UNK R 126 62.21 -4.66 -5.99
C UNK R 126 63.15 -5.61 -5.24
N UNK R 127 63.07 -5.66 -3.91
CA UNK R 127 63.81 -6.64 -3.10
C UNK R 127 63.36 -8.09 -3.38
N UNK R 128 62.07 -8.33 -3.63
CA UNK R 128 61.53 -9.63 -4.00
C UNK R 128 61.93 -10.05 -5.44
N UNK R 129 61.80 -9.15 -6.41
CA UNK R 129 62.13 -9.37 -7.82
C UNK R 129 62.46 -8.06 -8.54
N UNK R 130 63.74 -7.74 -8.65
CA UNK R 130 64.21 -6.48 -9.24
C UNK R 130 64.01 -6.40 -10.77
N UNK R 131 63.93 -7.53 -11.47
CA UNK R 131 63.78 -7.59 -12.93
C UNK R 131 62.35 -7.22 -13.41
N UNK R 132 61.35 -7.37 -12.55
CA UNK R 132 59.96 -7.03 -12.85
C UNK R 132 59.76 -5.51 -12.98
N UNK R 133 58.74 -5.10 -13.74
CA UNK R 133 58.23 -3.73 -13.69
C UNK R 133 57.56 -3.45 -12.33
N UNK R 134 57.64 -2.21 -11.86
CA UNK R 134 57.13 -1.78 -10.56
C UNK R 134 56.52 -0.37 -10.63
N UNK R 135 55.77 0.01 -9.57
CA UNK R 135 55.16 1.33 -9.43
C UNK R 135 56.19 2.47 -9.49
#